data_4MJO
#
_entry.id   4MJO
#
_cell.length_a   65.974
_cell.length_b   286.305
_cell.length_c   83.692
_cell.angle_alpha   90.00
_cell.angle_beta   97.79
_cell.angle_gamma   90.00
#
_symmetry.space_group_name_H-M   'P 1 21 1'
#
loop_
_entity.id
_entity.type
_entity.pdbx_description
1 polymer 'Fructose-1,6-bisphosphatase 1'
2 non-polymer N-({4-bromo-6-[(methylcarbamoyl)amino]pyridin-2-yl}carbamoyl)-5-(2-methoxyethyl)-4-methylthiophene-2-sulfonamide
3 water water
#
_entity_poly.entity_id   1
_entity_poly.type   'polypeptide(L)'
_entity_poly.pdbx_seq_one_letter_code
;MADQAPFDTDVNTLTRFVMEEGRKARGTGELTQLLNSLCTAVKAISSAVRKAGIAHLYGIAGSTNVTGDQVKKLDVLSND
LVMNMLKSSFATCVLVSEEDKHAIIVEPEKRGKYVVCFDPLDGSSNIDCLVSVGTIFGIYRKKSTDEPSEKDALQPGRNL
VAAGYALYGSATMLVLAMDCGVNCFMLDPAIGEFILVDKDVKIKKKGKIYSLNEGYARDFDPAVTEYIQRKKFPPDNSAP
YGARYVGSMVADVHRTLVYGGIFLYPANKKSPNGKLRLLYECNPMAYVMEKAGGMATTGKEAVLDVIPTDIHQRAPVILG
SPDDVLEFLKVYEKHSAQ
;
_entity_poly.pdbx_strand_id   A,B,C,D,E,F,G,H
#
loop_
_chem_comp.id
_chem_comp.type
_chem_comp.name
_chem_comp.formula
2C1 non-polymer N-({4-bromo-6-[(methylcarbamoyl)amino]pyridin-2-yl}carbamoyl)-5-(2-methoxyethyl)-4-methylthiophene-2-sulfonamide 'C16 H20 Br N5 O5 S2'
#
# COMPACT_ATOMS: atom_id res chain seq x y z
N ASP A 10 47.56 -11.32 -21.02
CA ASP A 10 46.93 -12.29 -21.96
C ASP A 10 45.44 -12.49 -21.69
N VAL A 11 44.61 -12.36 -22.73
CA VAL A 11 43.16 -12.48 -22.58
C VAL A 11 42.75 -13.89 -22.13
N ASN A 12 41.67 -13.99 -21.38
CA ASN A 12 41.19 -15.28 -21.00
C ASN A 12 39.68 -15.29 -20.97
N THR A 13 39.13 -16.46 -21.28
CA THR A 13 37.71 -16.68 -21.28
C THR A 13 37.35 -17.77 -20.28
N LEU A 14 36.06 -17.90 -19.99
CA LEU A 14 35.61 -18.84 -19.02
C LEU A 14 36.00 -20.26 -19.43
N THR A 15 35.74 -20.59 -20.69
CA THR A 15 35.93 -21.95 -21.16
C THR A 15 37.42 -22.34 -21.15
N ARG A 16 38.27 -21.41 -21.54
CA ARG A 16 39.69 -21.64 -21.54
C ARG A 16 40.23 -21.71 -20.12
N PHE A 17 39.77 -20.83 -19.24
CA PHE A 17 40.16 -20.84 -17.84
C PHE A 17 39.82 -22.19 -17.21
N VAL A 18 38.59 -22.64 -17.39
CA VAL A 18 38.13 -23.88 -16.78
C VAL A 18 38.95 -25.07 -17.32
N MET A 19 39.15 -25.13 -18.64
CA MET A 19 39.93 -26.22 -19.25
C MET A 19 41.35 -26.25 -18.67
N GLU A 20 41.94 -25.07 -18.53
CA GLU A 20 43.28 -24.91 -18.00
C GLU A 20 43.39 -25.48 -16.58
N GLU A 21 42.44 -25.15 -15.72
CA GLU A 21 42.44 -25.64 -14.33
C GLU A 21 42.12 -27.15 -14.29
N GLY A 22 41.29 -27.61 -15.21
CA GLY A 22 40.99 -29.02 -15.37
C GLY A 22 42.21 -29.84 -15.73
N ARG A 23 43.01 -29.35 -16.67
CA ARG A 23 44.26 -30.00 -17.05
C ARG A 23 45.26 -30.05 -15.90
N LYS A 24 45.44 -28.93 -15.21
CA LYS A 24 46.28 -28.89 -14.01
C LYS A 24 45.89 -29.97 -13.00
N ALA A 25 44.60 -30.09 -12.74
CA ALA A 25 44.10 -31.08 -11.80
C ALA A 25 44.10 -32.49 -12.37
N ARG A 26 44.25 -32.61 -13.67
CA ARG A 26 44.28 -33.92 -14.33
C ARG A 26 42.97 -34.71 -14.19
N GLY A 27 41.83 -34.02 -14.19
CA GLY A 27 40.51 -34.65 -14.10
C GLY A 27 40.08 -35.23 -15.44
N THR A 28 38.96 -35.94 -15.44
CA THR A 28 38.49 -36.62 -16.63
C THR A 28 37.74 -35.70 -17.58
N GLY A 29 37.42 -34.48 -17.13
CA GLY A 29 36.79 -33.47 -17.97
C GLY A 29 35.32 -33.28 -17.77
N GLU A 30 34.74 -34.11 -16.91
CA GLU A 30 33.29 -34.08 -16.66
C GLU A 30 32.84 -32.73 -16.06
N LEU A 31 33.60 -32.19 -15.11
CA LEU A 31 33.27 -30.89 -14.54
C LEU A 31 33.36 -29.75 -15.58
N THR A 32 34.35 -29.83 -16.45
CA THR A 32 34.51 -28.87 -17.52
C THR A 32 33.30 -28.94 -18.48
N GLN A 33 32.83 -30.13 -18.80
CA GLN A 33 31.68 -30.27 -19.69
C GLN A 33 30.43 -29.68 -19.05
N LEU A 34 30.31 -29.86 -17.75
CA LEU A 34 29.21 -29.35 -16.95
C LEU A 34 29.27 -27.84 -16.94
N LEU A 35 30.43 -27.28 -16.65
CA LEU A 35 30.54 -25.81 -16.54
C LEU A 35 30.33 -25.14 -17.90
N ASN A 36 30.84 -25.73 -18.96
CA ASN A 36 30.61 -25.22 -20.28
C ASN A 36 29.12 -25.25 -20.63
N SER A 37 28.44 -26.34 -20.31
CA SER A 37 27.01 -26.44 -20.56
C SER A 37 26.19 -25.38 -19.82
N LEU A 38 26.52 -25.18 -18.55
CA LEU A 38 25.87 -24.20 -17.71
C LEU A 38 26.05 -22.79 -18.28
N CYS A 39 27.26 -22.51 -18.72
CA CYS A 39 27.62 -21.24 -19.31
C CYS A 39 26.79 -20.95 -20.59
N THR A 40 26.60 -21.95 -21.42
CA THR A 40 25.72 -21.83 -22.56
C THR A 40 24.27 -21.49 -22.13
N ALA A 41 23.75 -22.18 -21.12
CA ALA A 41 22.41 -21.88 -20.61
C ALA A 41 22.33 -20.45 -20.08
N VAL A 42 23.38 -20.00 -19.42
CA VAL A 42 23.40 -18.63 -18.85
C VAL A 42 23.33 -17.56 -19.94
N LYS A 43 24.00 -17.81 -21.05
CA LYS A 43 23.95 -16.88 -22.18
C LYS A 43 22.57 -16.83 -22.81
N ALA A 44 21.86 -17.97 -22.82
CA ALA A 44 20.51 -18.06 -23.36
C ALA A 44 19.53 -17.37 -22.44
N ILE A 45 19.77 -17.51 -21.14
CA ILE A 45 18.93 -16.82 -20.16
C ILE A 45 19.12 -15.31 -20.28
N SER A 46 20.38 -14.86 -20.40
CA SER A 46 20.67 -13.46 -20.48
C SER A 46 19.97 -12.84 -21.69
N SER A 47 20.06 -13.50 -22.83
CA SER A 47 19.40 -13.02 -24.04
C SER A 47 17.91 -12.84 -23.84
N ALA A 48 17.26 -13.84 -23.24
CA ALA A 48 15.83 -13.76 -22.96
C ALA A 48 15.48 -12.71 -21.91
N VAL A 49 16.34 -12.57 -20.90
CA VAL A 49 16.13 -11.58 -19.86
C VAL A 49 16.23 -10.14 -20.42
N ARG A 50 17.16 -9.93 -21.35
CA ARG A 50 17.31 -8.60 -22.01
C ARG A 50 16.24 -8.38 -23.11
N LYS A 51 15.35 -9.37 -23.27
CA LYS A 51 14.15 -9.25 -24.14
C LYS A 51 14.38 -9.31 -25.64
N ALA A 52 15.40 -10.06 -26.05
CA ALA A 52 15.64 -10.30 -27.46
C ALA A 52 14.45 -11.01 -28.08
N GLY A 53 13.97 -10.53 -29.21
CA GLY A 53 12.75 -11.05 -29.83
C GLY A 53 11.39 -10.60 -29.26
N ILE A 54 11.38 -9.60 -28.39
CA ILE A 54 10.11 -9.16 -27.82
C ILE A 54 9.17 -8.49 -28.85
N ALA A 55 9.74 -7.82 -29.84
CA ALA A 55 8.95 -7.30 -30.97
C ALA A 55 8.01 -8.36 -31.54
N HIS A 56 8.43 -9.64 -31.54
CA HIS A 56 7.58 -10.73 -32.07
C HIS A 56 6.42 -11.05 -31.13
N LEU A 57 6.64 -10.93 -29.83
CA LEU A 57 5.54 -10.97 -28.87
C LEU A 57 4.50 -9.90 -29.04
N TYR A 58 4.88 -8.73 -29.54
CA TYR A 58 3.98 -7.60 -29.62
C TYR A 58 3.48 -7.37 -31.03
N GLY A 59 3.58 -8.40 -31.88
CA GLY A 59 2.91 -8.41 -33.18
C GLY A 59 3.59 -7.72 -34.34
N ILE A 60 4.92 -7.66 -34.34
CA ILE A 60 5.66 -7.07 -35.46
C ILE A 60 5.44 -7.83 -36.78
N ALA A 61 5.17 -9.13 -36.70
CA ALA A 61 4.82 -9.93 -37.86
C ALA A 61 3.36 -10.35 -37.84
N GLY A 62 2.62 -9.83 -36.87
CA GLY A 62 1.62 -10.62 -36.13
C GLY A 62 0.20 -10.16 -36.34
N VAL A 71 7.04 -17.31 -26.01
CA VAL A 71 5.66 -17.39 -25.52
C VAL A 71 5.66 -17.77 -24.02
N LYS A 72 6.71 -18.47 -23.63
CA LYS A 72 6.93 -19.13 -22.32
C LYS A 72 7.48 -18.18 -21.25
N LYS A 73 6.93 -18.23 -20.02
CA LYS A 73 7.38 -17.36 -18.93
C LYS A 73 8.86 -17.59 -18.56
N LEU A 74 9.43 -16.52 -18.10
CA LEU A 74 10.90 -16.38 -18.04
C LEU A 74 11.58 -17.34 -17.08
N ASP A 75 10.98 -17.52 -15.92
CA ASP A 75 11.55 -18.43 -14.94
C ASP A 75 11.39 -19.89 -15.34
N VAL A 76 10.28 -20.20 -16.02
CA VAL A 76 10.05 -21.55 -16.59
C VAL A 76 11.09 -21.87 -17.68
N LEU A 77 11.30 -20.92 -18.60
CA LEU A 77 12.27 -21.07 -19.70
C LEU A 77 13.68 -21.19 -19.15
N SER A 78 13.96 -20.43 -18.10
CA SER A 78 15.28 -20.42 -17.49
C SER A 78 15.57 -21.77 -16.89
N ASN A 79 14.57 -22.32 -16.23
CA ASN A 79 14.66 -23.66 -15.67
C ASN A 79 14.84 -24.70 -16.77
N ASP A 80 14.05 -24.61 -17.82
CA ASP A 80 14.16 -25.56 -18.94
C ASP A 80 15.56 -25.53 -19.55
N LEU A 81 16.13 -24.35 -19.71
CA LEU A 81 17.45 -24.19 -20.28
C LEU A 81 18.54 -24.88 -19.45
N VAL A 82 18.53 -24.63 -18.14
CA VAL A 82 19.52 -25.22 -17.24
C VAL A 82 19.35 -26.72 -17.18
N MET A 83 18.12 -27.19 -16.95
CA MET A 83 17.81 -28.64 -16.91
C MET A 83 18.29 -29.33 -18.16
N ASN A 84 17.91 -28.78 -19.29
CA ASN A 84 18.26 -29.41 -20.53
C ASN A 84 19.78 -29.38 -20.81
N MET A 85 20.43 -28.25 -20.58
CA MET A 85 21.84 -28.19 -20.82
C MET A 85 22.64 -29.09 -19.87
N LEU A 86 22.22 -29.16 -18.60
CA LEU A 86 22.91 -30.05 -17.65
C LEU A 86 22.66 -31.55 -17.96
N LYS A 87 21.40 -31.93 -18.20
CA LYS A 87 21.12 -33.34 -18.56
C LYS A 87 21.98 -33.79 -19.72
N SER A 88 22.00 -32.99 -20.78
CA SER A 88 22.72 -33.38 -21.99
C SER A 88 24.24 -33.17 -21.89
N SER A 89 24.75 -32.76 -20.72
CA SER A 89 26.21 -32.61 -20.52
C SER A 89 26.88 -33.94 -20.23
N PHE A 90 26.09 -34.97 -19.97
CA PHE A 90 26.59 -36.28 -19.54
C PHE A 90 27.40 -36.24 -18.25
N ALA A 91 27.23 -35.18 -17.45
CA ALA A 91 28.08 -34.98 -16.29
C ALA A 91 27.31 -34.95 -14.97
N THR A 92 26.00 -35.14 -15.02
CA THR A 92 25.17 -34.99 -13.81
C THR A 92 24.29 -36.20 -13.59
N CYS A 93 23.88 -36.42 -12.34
CA CYS A 93 22.97 -37.53 -12.02
C CYS A 93 21.74 -37.05 -11.25
N VAL A 94 21.89 -36.00 -10.45
CA VAL A 94 20.78 -35.45 -9.66
C VAL A 94 20.76 -33.94 -9.80
N LEU A 95 19.59 -33.39 -10.06
CA LEU A 95 19.42 -31.96 -10.24
C LEU A 95 18.30 -31.50 -9.33
N VAL A 96 18.63 -30.51 -8.51
CA VAL A 96 17.64 -29.85 -7.66
C VAL A 96 17.44 -28.43 -8.13
N SER A 97 16.19 -28.06 -8.33
CA SER A 97 15.83 -26.71 -8.76
C SER A 97 14.78 -26.07 -7.87
N GLU A 98 14.91 -24.77 -7.67
CA GLU A 98 13.88 -23.98 -7.02
C GLU A 98 12.51 -24.25 -7.63
N GLU A 99 12.46 -24.43 -8.94
CA GLU A 99 11.20 -24.67 -9.66
C GLU A 99 10.56 -26.05 -9.46
N ASP A 100 11.30 -27.05 -8.98
CA ASP A 100 10.78 -28.43 -8.94
C ASP A 100 10.69 -29.00 -7.54
N LYS A 101 9.54 -29.58 -7.22
CA LYS A 101 9.30 -30.05 -5.89
C LYS A 101 10.21 -31.21 -5.51
N HIS A 102 10.46 -32.11 -6.46
CA HIS A 102 11.36 -33.19 -6.21
C HIS A 102 12.63 -33.04 -7.03
N ALA A 103 13.69 -33.72 -6.57
CA ALA A 103 14.94 -33.78 -7.33
C ALA A 103 14.68 -34.51 -8.61
N ILE A 104 15.40 -34.12 -9.65
CA ILE A 104 15.33 -34.77 -10.93
C ILE A 104 16.48 -35.72 -11.03
N ILE A 105 16.17 -36.97 -11.30
CA ILE A 105 17.16 -38.01 -11.47
C ILE A 105 17.37 -38.19 -12.96
N VAL A 106 18.60 -37.97 -13.41
CA VAL A 106 18.97 -38.03 -14.81
C VAL A 106 18.89 -39.47 -15.35
N GLU A 107 18.32 -39.65 -16.53
CA GLU A 107 18.15 -40.97 -17.13
C GLU A 107 19.52 -41.64 -17.27
N PRO A 108 19.59 -42.98 -17.08
CA PRO A 108 20.83 -43.73 -16.97
C PRO A 108 21.90 -43.45 -18.04
N GLU A 109 21.48 -43.28 -19.29
CA GLU A 109 22.44 -43.13 -20.39
C GLU A 109 23.10 -41.78 -20.41
N LYS A 110 22.61 -40.84 -19.61
CA LYS A 110 23.15 -39.51 -19.56
C LYS A 110 23.80 -39.19 -18.24
N ARG A 111 23.95 -40.19 -17.38
CA ARG A 111 24.35 -39.97 -16.00
C ARG A 111 25.83 -39.76 -15.88
N GLY A 112 26.23 -38.76 -15.10
CA GLY A 112 27.61 -38.52 -14.78
C GLY A 112 27.70 -38.39 -13.28
N LYS A 113 28.85 -37.96 -12.79
CA LYS A 113 29.15 -38.06 -11.36
C LYS A 113 28.72 -36.86 -10.47
N TYR A 114 28.14 -35.80 -11.03
CA TYR A 114 27.85 -34.59 -10.24
C TYR A 114 26.37 -34.35 -9.91
N VAL A 115 26.16 -33.71 -8.76
CA VAL A 115 24.86 -33.24 -8.29
C VAL A 115 24.86 -31.72 -8.36
N VAL A 116 23.81 -31.15 -8.93
CA VAL A 116 23.72 -29.70 -9.09
C VAL A 116 22.42 -29.15 -8.48
N CYS A 117 22.57 -28.16 -7.61
CA CYS A 117 21.45 -27.44 -7.01
C CYS A 117 21.47 -26.02 -7.59
N PHE A 118 20.34 -25.54 -8.09
CA PHE A 118 20.29 -24.21 -8.67
C PHE A 118 18.97 -23.48 -8.52
N ASP A 119 19.05 -22.16 -8.54
CA ASP A 119 17.90 -21.28 -8.71
C ASP A 119 18.09 -20.64 -10.10
N PRO A 120 17.28 -21.07 -11.09
CA PRO A 120 17.48 -20.61 -12.50
C PRO A 120 17.24 -19.11 -12.78
N LEU A 121 16.30 -18.50 -12.07
CA LEU A 121 16.11 -17.06 -12.16
C LEU A 121 15.66 -16.46 -10.84
N ASP A 122 16.63 -16.22 -9.97
CA ASP A 122 16.37 -15.60 -8.69
C ASP A 122 16.04 -14.13 -8.85
N GLY A 123 15.08 -13.69 -8.04
CA GLY A 123 14.61 -12.31 -8.02
C GLY A 123 13.51 -12.04 -9.02
N SER A 124 13.07 -13.09 -9.72
CA SER A 124 12.18 -12.96 -10.88
C SER A 124 10.75 -12.56 -10.53
N SER A 125 10.38 -12.70 -9.27
CA SER A 125 9.07 -12.21 -8.83
C SER A 125 8.90 -10.71 -9.11
N ASN A 126 10.02 -9.98 -9.05
CA ASN A 126 10.03 -8.52 -9.30
C ASN A 126 10.56 -8.11 -10.68
N ILE A 127 10.62 -9.05 -11.62
CA ILE A 127 11.16 -8.76 -12.96
C ILE A 127 10.31 -7.75 -13.80
N ASP A 128 9.05 -7.54 -13.39
CA ASP A 128 8.18 -6.54 -13.99
C ASP A 128 8.74 -5.12 -13.88
N CYS A 129 9.56 -4.84 -12.85
CA CYS A 129 10.16 -3.52 -12.72
C CYS A 129 11.58 -3.48 -13.25
N LEU A 130 12.05 -4.58 -13.86
CA LEU A 130 13.37 -4.66 -14.50
C LEU A 130 14.54 -4.53 -13.52
N VAL A 131 14.29 -4.97 -12.30
CA VAL A 131 15.34 -5.16 -11.31
C VAL A 131 16.30 -6.24 -11.81
N SER A 132 17.58 -6.09 -11.45
CA SER A 132 18.55 -7.16 -11.62
C SER A 132 18.02 -8.52 -11.16
N VAL A 133 18.24 -9.54 -11.98
CA VAL A 133 17.96 -10.92 -11.61
C VAL A 133 19.22 -11.74 -11.82
N GLY A 134 19.18 -13.02 -11.47
CA GLY A 134 20.37 -13.87 -11.55
C GLY A 134 20.09 -15.35 -11.48
N THR A 135 21.14 -16.11 -11.73
CA THR A 135 21.09 -17.56 -11.66
C THR A 135 22.11 -17.97 -10.63
N ILE A 136 21.76 -18.88 -9.72
CA ILE A 136 22.65 -19.33 -8.65
C ILE A 136 22.82 -20.83 -8.76
N PHE A 137 24.03 -21.32 -8.55
CA PHE A 137 24.29 -22.75 -8.69
C PHE A 137 25.37 -23.26 -7.71
N GLY A 138 25.20 -24.51 -7.29
CA GLY A 138 26.17 -25.22 -6.48
C GLY A 138 26.33 -26.63 -6.98
N ILE A 139 27.58 -27.08 -7.02
CA ILE A 139 27.93 -28.36 -7.64
C ILE A 139 28.65 -29.25 -6.64
N TYR A 140 28.14 -30.45 -6.45
CA TYR A 140 28.70 -31.45 -5.53
C TYR A 140 29.07 -32.68 -6.30
N ARG A 141 30.06 -33.41 -5.81
CA ARG A 141 30.32 -34.76 -6.29
C ARG A 141 29.34 -35.72 -5.61
N LYS A 142 28.77 -36.66 -6.37
CA LYS A 142 27.96 -37.72 -5.78
C LYS A 142 28.85 -38.55 -4.88
N LYS A 143 28.43 -38.72 -3.63
CA LYS A 143 29.26 -39.38 -2.59
C LYS A 143 29.06 -40.88 -2.53
N SER A 144 27.82 -41.36 -2.58
CA SER A 144 27.57 -42.77 -2.34
C SER A 144 27.61 -43.48 -3.69
N THR A 145 27.68 -44.80 -3.64
CA THR A 145 27.64 -45.64 -4.83
C THR A 145 26.24 -46.21 -5.07
N ASP A 146 25.26 -45.81 -4.26
CA ASP A 146 23.89 -46.24 -4.48
C ASP A 146 23.30 -45.65 -5.76
N GLU A 147 22.14 -46.18 -6.14
CA GLU A 147 21.33 -45.57 -7.18
C GLU A 147 21.12 -44.11 -6.81
N PRO A 148 21.22 -43.20 -7.80
CA PRO A 148 21.05 -41.81 -7.43
C PRO A 148 19.66 -41.53 -6.90
N SER A 149 19.61 -40.66 -5.91
CA SER A 149 18.35 -40.20 -5.34
C SER A 149 18.49 -38.80 -4.72
N GLU A 150 17.37 -38.26 -4.24
CA GLU A 150 17.32 -36.98 -3.54
C GLU A 150 18.39 -36.86 -2.46
N LYS A 151 18.69 -37.98 -1.81
CA LYS A 151 19.63 -38.01 -0.69
C LYS A 151 21.00 -37.52 -1.08
N ASP A 152 21.36 -37.71 -2.35
CA ASP A 152 22.66 -37.30 -2.82
C ASP A 152 22.84 -35.79 -2.80
N ALA A 153 21.73 -35.05 -2.73
CA ALA A 153 21.78 -33.58 -2.71
C ALA A 153 21.83 -33.02 -1.31
N LEU A 154 21.62 -33.87 -0.31
CA LEU A 154 21.60 -33.42 1.09
C LEU A 154 23.00 -33.48 1.66
N GLN A 155 23.91 -32.73 1.07
CA GLN A 155 25.26 -32.59 1.57
C GLN A 155 25.44 -31.20 2.16
N PRO A 156 26.33 -31.09 3.15
CA PRO A 156 26.65 -29.76 3.65
C PRO A 156 27.41 -28.97 2.62
N GLY A 157 27.24 -27.66 2.64
CA GLY A 157 27.96 -26.77 1.73
C GLY A 157 29.45 -26.96 1.67
N ARG A 158 30.05 -27.42 2.78
CA ARG A 158 31.49 -27.65 2.84
C ARG A 158 31.94 -28.58 1.75
N ASN A 159 31.04 -29.46 1.29
CA ASN A 159 31.37 -30.43 0.24
C ASN A 159 31.32 -29.90 -1.19
N LEU A 160 30.95 -28.63 -1.36
CA LEU A 160 30.90 -28.05 -2.70
C LEU A 160 32.24 -28.14 -3.41
N VAL A 161 32.16 -28.54 -4.66
CA VAL A 161 33.31 -28.59 -5.57
C VAL A 161 33.44 -27.27 -6.29
N ALA A 162 32.30 -26.68 -6.64
CA ALA A 162 32.27 -25.38 -7.30
C ALA A 162 30.93 -24.74 -7.05
N ALA A 163 30.91 -23.41 -7.06
CA ALA A 163 29.64 -22.71 -6.94
C ALA A 163 29.76 -21.32 -7.53
N GLY A 164 28.63 -20.70 -7.81
CA GLY A 164 28.63 -19.32 -8.22
C GLY A 164 27.31 -18.82 -8.74
N TYR A 165 27.36 -17.74 -9.49
CA TYR A 165 26.12 -17.09 -9.95
C TYR A 165 26.36 -16.25 -11.17
N ALA A 166 25.30 -16.08 -11.94
CA ALA A 166 25.29 -15.10 -13.03
C ALA A 166 24.38 -14.01 -12.59
N LEU A 167 24.87 -12.80 -12.70
CA LEU A 167 24.07 -11.59 -12.42
C LEU A 167 23.69 -10.97 -13.76
N TYR A 168 22.39 -10.87 -14.01
CA TYR A 168 21.86 -10.15 -15.19
C TYR A 168 21.52 -8.71 -14.77
N GLY A 169 22.54 -7.87 -14.71
CA GLY A 169 22.41 -6.53 -14.18
C GLY A 169 22.51 -5.53 -15.29
N SER A 170 23.18 -4.40 -15.03
CA SER A 170 23.49 -3.45 -16.06
C SER A 170 24.32 -4.15 -17.16
N ALA A 171 25.13 -5.10 -16.76
CA ALA A 171 25.74 -6.03 -17.69
C ALA A 171 25.60 -7.42 -17.08
N THR A 172 25.96 -8.44 -17.84
CA THR A 172 25.87 -9.81 -17.36
C THR A 172 27.25 -10.29 -16.91
N MET A 173 27.35 -10.74 -15.66
CA MET A 173 28.62 -11.24 -15.10
C MET A 173 28.42 -12.64 -14.51
N LEU A 174 29.39 -13.51 -14.76
CA LEU A 174 29.42 -14.79 -14.10
C LEU A 174 30.53 -14.80 -13.06
N VAL A 175 30.15 -15.15 -11.83
CA VAL A 175 31.11 -15.26 -10.72
C VAL A 175 31.24 -16.74 -10.38
N LEU A 176 32.48 -17.24 -10.47
CA LEU A 176 32.78 -18.66 -10.25
C LEU A 176 33.77 -18.81 -9.10
N ALA A 177 33.34 -19.56 -8.08
CA ALA A 177 34.21 -19.91 -6.96
C ALA A 177 34.53 -21.40 -7.01
N MET A 178 35.81 -21.70 -6.83
CA MET A 178 36.31 -23.07 -6.72
C MET A 178 37.43 -23.05 -5.68
N ASP A 179 38.12 -24.18 -5.52
CA ASP A 179 39.25 -24.24 -4.61
C ASP A 179 40.32 -23.17 -4.89
N CYS A 180 40.58 -22.87 -6.16
CA CYS A 180 41.58 -21.90 -6.54
C CYS A 180 41.20 -20.43 -6.27
N GLY A 181 39.97 -20.19 -5.81
CA GLY A 181 39.50 -18.83 -5.50
C GLY A 181 38.30 -18.39 -6.34
N VAL A 182 38.02 -17.09 -6.28
CA VAL A 182 36.82 -16.53 -6.90
C VAL A 182 37.25 -15.70 -8.10
N ASN A 183 36.62 -15.98 -9.22
CA ASN A 183 36.93 -15.31 -10.49
C ASN A 183 35.67 -14.82 -11.19
N CYS A 184 35.75 -13.60 -11.72
CA CYS A 184 34.62 -12.88 -12.32
C CYS A 184 34.78 -12.69 -13.81
N PHE A 185 33.76 -13.10 -14.56
CA PHE A 185 33.77 -13.08 -16.01
C PHE A 185 32.63 -12.22 -16.55
N MET A 186 32.94 -11.24 -17.41
CA MET A 186 31.91 -10.40 -18.04
C MET A 186 31.49 -10.98 -19.39
N LEU A 187 30.19 -11.10 -19.61
CA LEU A 187 29.71 -11.53 -20.93
C LEU A 187 29.82 -10.39 -21.91
N ASP A 188 30.53 -10.63 -23.01
CA ASP A 188 30.60 -9.69 -24.16
C ASP A 188 29.52 -10.13 -25.14
N PRO A 189 28.40 -9.41 -25.19
CA PRO A 189 27.30 -9.90 -25.99
C PRO A 189 27.55 -9.79 -27.47
N ALA A 190 28.54 -9.01 -27.90
CA ALA A 190 28.91 -8.96 -29.32
C ALA A 190 29.45 -10.29 -29.85
N ILE A 191 30.10 -11.06 -28.98
CA ILE A 191 30.69 -12.33 -29.40
C ILE A 191 30.21 -13.55 -28.60
N GLY A 192 29.44 -13.33 -27.55
CA GLY A 192 28.97 -14.41 -26.70
C GLY A 192 30.10 -15.17 -26.04
N GLU A 193 31.06 -14.44 -25.45
CA GLU A 193 32.10 -15.03 -24.61
C GLU A 193 32.16 -14.36 -23.28
N PHE A 194 32.51 -15.14 -22.29
CA PHE A 194 32.72 -14.65 -20.93
C PHE A 194 34.19 -14.33 -20.76
N ILE A 195 34.50 -13.06 -20.57
CA ILE A 195 35.88 -12.57 -20.52
C ILE A 195 36.28 -12.40 -19.07
N LEU A 196 37.42 -13.00 -18.69
CA LEU A 196 37.91 -12.87 -17.33
C LEU A 196 38.36 -11.43 -17.06
N VAL A 197 37.69 -10.77 -16.13
CA VAL A 197 37.99 -9.37 -15.84
C VAL A 197 38.46 -9.09 -14.40
N ASP A 198 38.19 -10.00 -13.47
CA ASP A 198 38.65 -9.83 -12.08
C ASP A 198 39.14 -11.17 -11.55
N LYS A 199 40.44 -11.26 -11.23
CA LYS A 199 41.07 -12.53 -10.84
C LYS A 199 41.23 -12.65 -9.36
N ASP A 200 40.92 -13.83 -8.83
CA ASP A 200 41.19 -14.17 -7.45
C ASP A 200 40.74 -13.06 -6.52
N VAL A 201 39.46 -12.79 -6.57
CA VAL A 201 38.85 -11.66 -5.87
C VAL A 201 38.73 -11.90 -4.38
N LYS A 202 38.95 -10.82 -3.61
CA LYS A 202 38.88 -10.86 -2.16
C LYS A 202 38.00 -9.72 -1.64
N ILE A 203 37.12 -10.03 -0.68
CA ILE A 203 36.24 -9.03 -0.09
C ILE A 203 37.01 -8.14 0.90
N LYS A 204 36.58 -6.88 1.04
CA LYS A 204 37.11 -6.00 2.07
C LYS A 204 36.92 -6.57 3.49
N LYS A 205 37.90 -6.31 4.35
CA LYS A 205 37.86 -6.74 5.76
C LYS A 205 36.63 -6.16 6.47
N LYS A 206 36.33 -4.90 6.17
CA LYS A 206 35.19 -4.19 6.72
C LYS A 206 34.63 -3.22 5.68
N GLY A 207 33.30 -3.08 5.65
CA GLY A 207 32.63 -2.23 4.68
C GLY A 207 31.85 -1.10 5.33
N LYS A 208 31.03 -0.42 4.53
CA LYS A 208 30.23 0.73 4.99
C LYS A 208 28.76 0.68 4.56
N ILE A 209 28.27 -0.51 4.22
CA ILE A 209 26.91 -0.67 3.75
C ILE A 209 26.30 -1.88 4.41
N TYR A 210 25.07 -1.72 4.88
CA TYR A 210 24.30 -2.87 5.37
C TYR A 210 23.10 -3.03 4.48
N SER A 211 22.65 -4.27 4.34
CA SER A 211 21.61 -4.60 3.39
C SER A 211 20.62 -5.60 3.95
N LEU A 212 19.40 -5.15 4.22
CA LEU A 212 18.27 -6.04 4.55
C LEU A 212 16.97 -5.28 4.36
N ASN A 213 15.85 -6.02 4.35
CA ASN A 213 14.51 -5.43 4.29
C ASN A 213 14.02 -4.90 5.65
N GLU A 214 14.17 -3.61 5.89
CA GLU A 214 13.82 -2.99 7.17
C GLU A 214 12.33 -2.75 7.31
N GLY A 215 11.57 -3.02 6.25
CA GLY A 215 10.13 -2.96 6.35
C GLY A 215 9.54 -3.95 7.34
N TYR A 216 10.27 -5.02 7.63
CA TYR A 216 9.82 -6.04 8.59
C TYR A 216 10.47 -5.85 9.95
N ALA A 217 10.81 -4.60 10.24
CA ALA A 217 11.45 -4.24 11.51
C ALA A 217 10.61 -4.64 12.73
N ARG A 218 9.29 -4.60 12.61
CA ARG A 218 8.42 -4.99 13.71
C ARG A 218 8.59 -6.46 14.10
N ASP A 219 9.09 -7.29 13.18
CA ASP A 219 9.29 -8.74 13.47
C ASP A 219 10.72 -9.13 13.74
N PHE A 220 11.64 -8.16 13.71
CA PHE A 220 13.03 -8.46 13.97
C PHE A 220 13.30 -9.12 15.31
N ASP A 221 14.21 -10.09 15.31
CA ASP A 221 14.89 -10.56 16.51
C ASP A 221 15.56 -9.33 17.16
N PRO A 222 15.62 -9.28 18.49
CA PRO A 222 16.23 -8.09 19.15
C PRO A 222 17.70 -7.89 18.82
N ALA A 223 18.40 -8.97 18.53
CA ALA A 223 19.79 -8.88 18.09
C ALA A 223 19.93 -8.08 16.77
N VAL A 224 19.04 -8.36 15.84
CA VAL A 224 19.03 -7.68 14.57
C VAL A 224 18.67 -6.21 14.80
N THR A 225 17.62 -5.95 15.57
CA THR A 225 17.24 -4.59 15.91
C THR A 225 18.41 -3.80 16.48
N GLU A 226 19.13 -4.37 17.43
CA GLU A 226 20.28 -3.69 18.00
C GLU A 226 21.41 -3.49 16.99
N TYR A 227 21.73 -4.50 16.20
CA TYR A 227 22.82 -4.39 15.23
C TYR A 227 22.54 -3.27 14.24
N ILE A 228 21.33 -3.22 13.72
CA ILE A 228 20.95 -2.18 12.77
C ILE A 228 20.98 -0.79 13.41
N GLN A 229 20.51 -0.70 14.64
CA GLN A 229 20.60 0.51 15.43
C GLN A 229 22.02 1.05 15.47
N ARG A 230 22.99 0.17 15.68
CA ARG A 230 24.39 0.57 15.76
C ARG A 230 24.97 1.02 14.42
N LYS A 231 24.38 0.56 13.32
CA LYS A 231 24.83 0.97 11.99
C LYS A 231 24.38 2.39 11.72
N LYS A 232 23.16 2.72 12.15
CA LYS A 232 22.57 4.07 11.98
C LYS A 232 23.01 5.09 13.04
N PHE A 233 23.17 4.63 14.28
CA PHE A 233 23.49 5.50 15.42
C PHE A 233 24.72 4.92 16.09
N PRO A 234 25.88 5.07 15.44
CA PRO A 234 27.04 4.39 15.99
C PRO A 234 27.40 4.93 17.37
N PRO A 235 27.53 4.05 18.37
CA PRO A 235 27.91 4.49 19.71
C PRO A 235 29.23 5.28 19.73
N ASP A 236 30.23 4.88 18.93
CA ASP A 236 31.55 5.52 18.98
C ASP A 236 31.68 6.76 18.09
N ASN A 237 30.53 7.27 17.68
CA ASN A 237 30.37 8.44 16.83
C ASN A 237 31.05 8.48 15.43
N SER A 238 31.46 7.32 14.95
CA SER A 238 31.98 7.20 13.59
C SER A 238 30.81 7.46 12.66
N ALA A 239 31.08 7.50 11.36
CA ALA A 239 30.03 7.75 10.37
C ALA A 239 29.05 6.58 10.26
N PRO A 240 27.76 6.88 10.07
CA PRO A 240 26.80 5.80 9.87
C PRO A 240 27.04 5.07 8.55
N TYR A 241 26.67 3.80 8.51
CA TYR A 241 26.68 2.99 7.29
C TYR A 241 25.60 3.48 6.33
N GLY A 242 25.81 3.23 5.05
CA GLY A 242 24.77 3.43 4.05
C GLY A 242 23.88 2.20 4.01
N ALA A 243 22.66 2.37 3.52
CA ALA A 243 21.74 1.25 3.33
C ALA A 243 21.45 1.02 1.84
N ARG A 244 21.45 -0.25 1.42
CA ARG A 244 21.05 -0.64 0.05
C ARG A 244 20.34 -1.96 0.11
N TYR A 245 19.18 -2.06 -0.54
CA TYR A 245 18.45 -3.32 -0.59
C TYR A 245 17.67 -3.41 -1.87
N VAL A 246 18.25 -4.14 -2.81
CA VAL A 246 17.68 -4.29 -4.15
C VAL A 246 16.45 -5.17 -4.08
N GLY A 247 16.53 -6.19 -3.23
CA GLY A 247 15.43 -7.13 -3.08
C GLY A 247 15.64 -8.34 -3.97
N SER A 248 16.83 -8.44 -4.54
CA SER A 248 17.17 -9.54 -5.39
C SER A 248 18.54 -9.98 -4.90
N MET A 249 18.59 -11.21 -4.41
CA MET A 249 19.72 -11.67 -3.62
C MET A 249 21.05 -11.61 -4.37
N VAL A 250 21.06 -12.00 -5.66
CA VAL A 250 22.28 -12.01 -6.44
C VAL A 250 22.86 -10.60 -6.55
N ALA A 251 22.01 -9.60 -6.72
CA ALA A 251 22.47 -8.21 -6.83
C ALA A 251 23.00 -7.69 -5.52
N ASP A 252 22.29 -7.99 -4.43
CA ASP A 252 22.71 -7.55 -3.08
C ASP A 252 24.00 -8.23 -2.64
N VAL A 253 24.11 -9.54 -2.89
CA VAL A 253 25.31 -10.28 -2.57
C VAL A 253 26.50 -9.84 -3.43
N HIS A 254 26.26 -9.58 -4.72
CA HIS A 254 27.36 -9.18 -5.56
C HIS A 254 27.90 -7.82 -5.12
N ARG A 255 27.03 -6.88 -4.84
CA ARG A 255 27.46 -5.56 -4.32
C ARG A 255 28.26 -5.71 -3.03
N THR A 256 27.82 -6.64 -2.18
CA THR A 256 28.51 -6.94 -0.96
C THR A 256 29.93 -7.45 -1.25
N LEU A 257 30.07 -8.35 -2.22
CA LEU A 257 31.39 -8.84 -2.61
C LEU A 257 32.29 -7.73 -3.15
N VAL A 258 31.71 -6.87 -3.98
CA VAL A 258 32.45 -5.84 -4.66
C VAL A 258 32.80 -4.64 -3.78
N TYR A 259 31.85 -4.14 -3.00
CA TYR A 259 32.06 -2.94 -2.17
C TYR A 259 32.34 -3.28 -0.70
N GLY A 260 32.08 -4.52 -0.30
CA GLY A 260 32.20 -4.90 1.08
C GLY A 260 30.93 -4.52 1.84
N GLY A 261 30.88 -4.91 3.11
CA GLY A 261 29.71 -4.65 3.95
C GLY A 261 29.01 -5.93 4.39
N ILE A 262 27.70 -5.86 4.61
CA ILE A 262 26.96 -6.97 5.17
C ILE A 262 25.58 -7.10 4.55
N PHE A 263 25.17 -8.35 4.34
CA PHE A 263 23.85 -8.66 3.86
C PHE A 263 23.16 -9.60 4.87
N LEU A 264 21.89 -9.30 5.19
CA LEU A 264 21.15 -10.10 6.15
C LEU A 264 19.77 -10.49 5.64
N TYR A 265 19.46 -11.77 5.74
CA TYR A 265 18.07 -12.24 5.68
C TYR A 265 17.94 -13.19 6.88
N PRO A 266 17.72 -12.60 8.04
CA PRO A 266 17.81 -13.34 9.28
C PRO A 266 16.53 -14.09 9.70
N ALA A 267 16.67 -14.91 10.73
CA ALA A 267 15.55 -15.57 11.41
C ALA A 267 14.79 -14.63 12.37
N ASN A 268 13.47 -14.80 12.48
CA ASN A 268 12.64 -14.09 13.46
C ASN A 268 11.71 -15.11 14.13
N LYS A 269 10.70 -14.66 14.88
CA LYS A 269 9.78 -15.57 15.56
C LYS A 269 8.82 -16.23 14.54
N LYS A 270 8.33 -15.44 13.58
CA LYS A 270 7.48 -15.95 12.48
C LYS A 270 8.22 -16.94 11.57
N SER A 271 9.51 -16.72 11.35
CA SER A 271 10.33 -17.53 10.45
C SER A 271 11.59 -17.95 11.19
N PRO A 272 11.49 -18.96 12.04
CA PRO A 272 12.67 -19.40 12.79
C PRO A 272 13.82 -20.02 11.97
N ASN A 273 13.53 -20.45 10.75
CA ASN A 273 14.55 -20.96 9.85
C ASN A 273 14.88 -20.02 8.70
N GLY A 274 14.51 -18.74 8.84
CA GLY A 274 14.75 -17.80 7.75
C GLY A 274 13.83 -18.02 6.56
N LYS A 275 14.10 -17.32 5.47
CA LYS A 275 13.28 -17.40 4.27
C LYS A 275 14.02 -17.95 3.03
N LEU A 276 15.31 -17.67 2.91
CA LEU A 276 16.09 -18.12 1.74
C LEU A 276 16.39 -19.60 1.83
N ARG A 277 16.59 -20.22 0.67
CA ARG A 277 16.75 -21.68 0.59
C ARG A 277 18.19 -22.08 0.74
N LEU A 278 18.44 -23.12 1.51
CA LEU A 278 19.79 -23.47 1.88
C LEU A 278 20.61 -24.01 0.71
N LEU A 279 20.02 -24.92 -0.04
CA LEU A 279 20.80 -25.66 -1.03
C LEU A 279 21.25 -24.82 -2.23
N TYR A 280 20.36 -23.98 -2.73
CA TYR A 280 20.57 -23.29 -4.01
C TYR A 280 20.49 -21.77 -3.89
N GLU A 281 20.46 -21.25 -2.68
CA GLU A 281 20.64 -19.82 -2.47
C GLU A 281 21.74 -19.58 -1.44
N CYS A 282 21.53 -20.04 -0.20
CA CYS A 282 22.48 -19.74 0.88
C CYS A 282 23.86 -20.41 0.71
N ASN A 283 23.88 -21.70 0.44
CA ASN A 283 25.17 -22.40 0.28
C ASN A 283 26.09 -21.83 -0.83
N PRO A 284 25.59 -21.66 -2.08
CA PRO A 284 26.50 -21.16 -3.10
C PRO A 284 27.05 -19.79 -2.75
N MET A 285 26.23 -18.93 -2.19
CA MET A 285 26.69 -17.59 -1.82
C MET A 285 27.65 -17.60 -0.63
N ALA A 286 27.42 -18.51 0.30
CA ALA A 286 28.35 -18.68 1.39
C ALA A 286 29.70 -19.21 0.89
N TYR A 287 29.67 -20.16 -0.04
CA TYR A 287 30.89 -20.70 -0.60
C TYR A 287 31.71 -19.61 -1.32
N VAL A 288 31.04 -18.82 -2.17
CA VAL A 288 31.67 -17.68 -2.82
C VAL A 288 32.28 -16.71 -1.77
N MET A 289 31.49 -16.32 -0.78
CA MET A 289 31.98 -15.45 0.28
C MET A 289 33.21 -16.02 0.96
N GLU A 290 33.16 -17.29 1.34
CA GLU A 290 34.29 -17.85 2.08
C GLU A 290 35.55 -17.96 1.23
N LYS A 291 35.40 -18.31 -0.05
CA LYS A 291 36.54 -18.33 -0.96
C LYS A 291 37.11 -16.94 -1.24
N ALA A 292 36.30 -15.91 -1.06
CA ALA A 292 36.75 -14.55 -1.19
C ALA A 292 37.26 -13.94 0.15
N GLY A 293 37.37 -14.77 1.19
CA GLY A 293 37.82 -14.32 2.51
C GLY A 293 36.75 -13.63 3.35
N GLY A 294 35.48 -13.91 3.08
CA GLY A 294 34.36 -13.36 3.84
C GLY A 294 33.77 -14.42 4.75
N MET A 295 32.61 -14.12 5.33
CA MET A 295 31.94 -15.03 6.26
C MET A 295 30.47 -15.16 5.95
N ALA A 296 29.88 -16.26 6.38
CA ALA A 296 28.47 -16.49 6.22
C ALA A 296 27.96 -17.37 7.35
N THR A 297 27.03 -16.83 8.12
CA THR A 297 26.52 -17.50 9.32
C THR A 297 25.01 -17.54 9.32
N THR A 298 24.45 -18.51 10.05
CA THR A 298 23.02 -18.54 10.34
C THR A 298 22.72 -17.74 11.61
N GLY A 299 23.77 -17.33 12.31
CA GLY A 299 23.65 -16.89 13.70
C GLY A 299 24.23 -17.95 14.65
N LYS A 300 23.75 -19.18 14.51
CA LYS A 300 24.20 -20.28 15.33
C LYS A 300 25.42 -21.01 14.77
N GLU A 301 25.54 -21.09 13.45
CA GLU A 301 26.67 -21.81 12.84
C GLU A 301 26.95 -21.35 11.42
N ALA A 302 28.09 -21.77 10.87
CA ALA A 302 28.44 -21.46 9.51
C ALA A 302 27.41 -22.10 8.59
N VAL A 303 26.98 -21.36 7.57
CA VAL A 303 25.98 -21.83 6.65
C VAL A 303 26.44 -23.09 5.98
N LEU A 304 27.70 -23.14 5.61
CA LEU A 304 28.28 -24.31 4.97
C LEU A 304 28.34 -25.58 5.85
N ASP A 305 28.17 -25.43 7.18
CA ASP A 305 28.16 -26.59 8.12
C ASP A 305 26.77 -27.17 8.41
N VAL A 306 25.71 -26.53 7.93
CA VAL A 306 24.38 -27.07 8.14
C VAL A 306 24.22 -28.33 7.31
N ILE A 307 23.79 -29.39 7.97
CA ILE A 307 23.51 -30.63 7.26
C ILE A 307 22.03 -30.60 6.91
N PRO A 308 21.71 -30.50 5.63
CA PRO A 308 20.32 -30.47 5.23
C PRO A 308 19.60 -31.80 5.43
N THR A 309 18.31 -31.73 5.71
CA THR A 309 17.44 -32.93 5.75
C THR A 309 16.31 -32.87 4.71
N ASP A 310 16.12 -31.71 4.10
CA ASP A 310 15.12 -31.50 3.06
C ASP A 310 15.73 -30.58 1.99
N ILE A 311 15.50 -30.92 0.72
CA ILE A 311 16.12 -30.15 -0.38
C ILE A 311 15.64 -28.69 -0.53
N HIS A 312 14.42 -28.39 -0.11
CA HIS A 312 13.90 -27.05 -0.16
C HIS A 312 13.89 -26.40 1.22
N GLN A 313 14.70 -26.90 2.13
CA GLN A 313 14.73 -26.31 3.50
C GLN A 313 15.34 -24.90 3.51
N ARG A 314 14.83 -24.07 4.40
CA ARG A 314 15.25 -22.71 4.51
C ARG A 314 16.39 -22.56 5.52
N ALA A 315 17.07 -21.41 5.45
CA ALA A 315 18.11 -21.08 6.40
C ALA A 315 18.24 -19.58 6.58
N PRO A 316 18.48 -19.14 7.81
CA PRO A 316 18.78 -17.71 8.01
C PRO A 316 20.17 -17.47 7.46
N VAL A 317 20.44 -16.25 7.00
CA VAL A 317 21.78 -15.96 6.47
C VAL A 317 22.22 -14.53 6.70
N ILE A 318 23.46 -14.41 7.17
CA ILE A 318 24.12 -13.14 7.40
C ILE A 318 25.51 -13.31 6.84
N LEU A 319 25.86 -12.51 5.85
CA LEU A 319 27.12 -12.70 5.15
C LEU A 319 27.75 -11.39 4.73
N GLY A 320 29.03 -11.48 4.38
CA GLY A 320 29.78 -10.33 3.91
C GLY A 320 31.19 -10.24 4.48
N SER A 321 31.63 -9.00 4.65
CA SER A 321 32.95 -8.72 5.19
C SER A 321 33.10 -9.36 6.56
N PRO A 322 34.27 -9.92 6.86
CA PRO A 322 34.47 -10.62 8.13
C PRO A 322 34.22 -9.74 9.38
N ASP A 323 34.77 -8.54 9.41
CA ASP A 323 34.59 -7.67 10.59
C ASP A 323 33.14 -7.35 10.86
N ASP A 324 32.37 -7.16 9.80
CA ASP A 324 30.96 -6.84 9.96
C ASP A 324 30.16 -8.03 10.46
N VAL A 325 30.42 -9.21 9.91
CA VAL A 325 29.73 -10.41 10.36
C VAL A 325 30.09 -10.73 11.81
N LEU A 326 31.36 -10.55 12.18
CA LEU A 326 31.80 -10.82 13.54
C LEU A 326 31.09 -9.89 14.51
N GLU A 327 30.97 -8.62 14.14
CA GLU A 327 30.26 -7.62 14.97
C GLU A 327 28.80 -7.98 15.14
N PHE A 328 28.18 -8.43 14.08
CA PHE A 328 26.83 -8.95 14.20
C PHE A 328 26.77 -10.14 15.18
N LEU A 329 27.75 -11.05 15.09
CA LEU A 329 27.76 -12.22 15.97
C LEU A 329 27.95 -11.82 17.46
N LYS A 330 28.82 -10.85 17.73
CA LYS A 330 28.96 -10.28 19.10
C LYS A 330 27.58 -9.90 19.67
N VAL A 331 26.83 -9.11 18.91
CA VAL A 331 25.49 -8.69 19.33
C VAL A 331 24.54 -9.88 19.43
N TYR A 332 24.66 -10.84 18.53
CA TYR A 332 23.80 -12.04 18.58
C TYR A 332 24.01 -12.84 19.87
N GLU A 333 25.27 -12.99 20.27
CA GLU A 333 25.66 -13.71 21.49
C GLU A 333 25.13 -13.00 22.75
N LYS A 334 25.22 -11.68 22.76
CA LYS A 334 24.68 -10.86 23.85
C LYS A 334 23.19 -11.13 24.09
N HIS A 335 22.44 -11.47 23.04
CA HIS A 335 21.01 -11.79 23.19
C HIS A 335 20.76 -13.28 23.32
N SER A 336 21.83 -14.04 23.60
CA SER A 336 21.77 -15.46 23.92
C SER A 336 21.36 -16.21 22.71
N ASP B 10 -2.22 -3.75 -32.73
CA ASP B 10 -1.23 -3.27 -33.74
C ASP B 10 0.12 -2.86 -33.13
N VAL B 11 1.22 -3.38 -33.67
CA VAL B 11 2.55 -3.09 -33.14
C VAL B 11 2.90 -1.63 -33.32
N ASN B 12 3.68 -1.10 -32.40
CA ASN B 12 4.12 0.26 -32.49
C ASN B 12 5.48 0.41 -31.91
N THR B 13 6.24 1.33 -32.49
CA THR B 13 7.59 1.62 -32.08
C THR B 13 7.67 3.06 -31.63
N LEU B 14 8.77 3.43 -31.00
CA LEU B 14 8.95 4.77 -30.48
C LEU B 14 8.91 5.83 -31.58
N THR B 15 9.65 5.59 -32.65
CA THR B 15 9.74 6.53 -33.74
C THR B 15 8.39 6.74 -34.43
N ARG B 16 7.66 5.66 -34.67
CA ARG B 16 6.37 5.73 -35.32
C ARG B 16 5.35 6.41 -34.40
N PHE B 17 5.38 6.06 -33.12
CA PHE B 17 4.51 6.69 -32.12
C PHE B 17 4.72 8.22 -32.07
N VAL B 18 5.97 8.65 -31.98
CA VAL B 18 6.29 10.07 -31.90
C VAL B 18 5.84 10.78 -33.17
N MET B 19 6.10 10.21 -34.34
CA MET B 19 5.73 10.83 -35.61
C MET B 19 4.24 11.02 -35.66
N GLU B 20 3.52 10.00 -35.25
CA GLU B 20 2.04 10.06 -35.30
C GLU B 20 1.45 11.10 -34.36
N GLU B 21 2.01 11.27 -33.17
CA GLU B 21 1.60 12.36 -32.28
C GLU B 21 2.03 13.74 -32.80
N GLY B 22 3.21 13.81 -33.42
CA GLY B 22 3.67 15.03 -34.05
C GLY B 22 2.71 15.50 -35.13
N ARG B 23 2.27 14.58 -35.98
CA ARG B 23 1.35 14.92 -37.06
C ARG B 23 0.00 15.40 -36.51
N LYS B 24 -0.53 14.70 -35.52
CA LYS B 24 -1.74 15.13 -34.85
C LYS B 24 -1.64 16.57 -34.38
N ALA B 25 -0.52 16.90 -33.74
CA ALA B 25 -0.31 18.23 -33.19
C ALA B 25 0.05 19.23 -34.26
N ARG B 26 0.40 18.75 -35.45
CA ARG B 26 0.73 19.62 -36.58
C ARG B 26 1.97 20.48 -36.36
N GLY B 27 2.94 19.92 -35.66
CA GLY B 27 4.22 20.61 -35.43
C GLY B 27 5.10 20.57 -36.67
N THR B 28 6.22 21.28 -36.61
CA THR B 28 7.16 21.35 -37.71
C THR B 28 8.10 20.14 -37.83
N GLY B 29 8.15 19.30 -36.80
CA GLY B 29 8.94 18.06 -36.80
C GLY B 29 10.21 18.10 -35.98
N GLU B 30 10.52 19.27 -35.44
CA GLU B 30 11.77 19.44 -34.74
C GLU B 30 11.87 18.57 -33.49
N LEU B 31 10.78 18.47 -32.76
CA LEU B 31 10.77 17.64 -31.56
C LEU B 31 10.92 16.17 -31.92
N THR B 32 10.32 15.76 -33.03
CA THR B 32 10.44 14.39 -33.51
C THR B 32 11.90 14.08 -33.90
N GLN B 33 12.59 15.03 -34.52
CA GLN B 33 13.99 14.83 -34.88
C GLN B 33 14.86 14.69 -33.63
N LEU B 34 14.51 15.48 -32.61
CA LEU B 34 15.19 15.46 -31.32
C LEU B 34 14.98 14.14 -30.63
N LEU B 35 13.74 13.71 -30.55
CA LEU B 35 13.47 12.48 -29.86
C LEU B 35 14.09 11.25 -30.57
N ASN B 36 14.03 11.24 -31.89
CA ASN B 36 14.67 10.18 -32.65
C ASN B 36 16.17 10.16 -32.41
N SER B 37 16.81 11.33 -32.41
CA SER B 37 18.24 11.41 -32.14
C SER B 37 18.62 10.90 -30.74
N LEU B 38 17.84 11.29 -29.75
CA LEU B 38 18.03 10.86 -28.38
C LEU B 38 17.92 9.34 -28.26
N CYS B 39 16.91 8.80 -28.92
CA CYS B 39 16.67 7.36 -28.95
C CYS B 39 17.86 6.58 -29.52
N THR B 40 18.47 7.13 -30.56
CA THR B 40 19.69 6.55 -31.12
C THR B 40 20.81 6.54 -30.08
N ALA B 41 21.01 7.66 -29.40
CA ALA B 41 22.04 7.72 -28.35
C ALA B 41 21.79 6.74 -27.22
N VAL B 42 20.52 6.56 -26.85
CA VAL B 42 20.15 5.62 -25.80
C VAL B 42 20.49 4.17 -26.15
N LYS B 43 20.28 3.81 -27.40
CA LYS B 43 20.64 2.49 -27.88
C LYS B 43 22.14 2.27 -27.89
N ALA B 44 22.91 3.32 -28.15
CA ALA B 44 24.36 3.24 -28.14
C ALA B 44 24.90 3.15 -26.72
N ILE B 45 24.27 3.89 -25.80
CA ILE B 45 24.61 3.80 -24.39
C ILE B 45 24.31 2.38 -23.88
N SER B 46 23.13 1.86 -24.21
CA SER B 46 22.75 0.54 -23.73
C SER B 46 23.78 -0.51 -24.18
N SER B 47 24.17 -0.43 -25.44
CA SER B 47 25.18 -1.34 -25.98
C SER B 47 26.48 -1.30 -25.22
N ALA B 48 26.98 -0.09 -24.95
CA ALA B 48 28.19 0.08 -24.14
C ALA B 48 28.02 -0.34 -22.67
N VAL B 49 26.86 -0.08 -22.10
CA VAL B 49 26.57 -0.49 -20.72
C VAL B 49 26.51 -2.01 -20.55
N ARG B 50 25.96 -2.70 -21.54
CA ARG B 50 25.95 -4.17 -21.54
C ARG B 50 27.30 -4.77 -21.96
N LYS B 51 28.29 -3.91 -22.20
CA LYS B 51 29.68 -4.30 -22.42
C LYS B 51 30.01 -4.95 -23.76
N ALA B 52 29.27 -4.58 -24.79
CA ALA B 52 29.61 -5.03 -26.14
C ALA B 52 31.00 -4.56 -26.53
N GLY B 53 31.83 -5.46 -27.04
CA GLY B 53 33.21 -5.13 -27.40
C GLY B 53 34.24 -5.14 -26.27
N ILE B 54 33.87 -5.60 -25.09
CA ILE B 54 34.81 -5.56 -23.95
C ILE B 54 36.01 -6.50 -24.19
N ALA B 55 35.78 -7.60 -24.91
CA ALA B 55 36.86 -8.48 -25.29
C ALA B 55 38.03 -7.71 -25.91
N HIS B 56 37.74 -6.64 -26.66
CA HIS B 56 38.78 -5.84 -27.30
C HIS B 56 39.54 -5.02 -26.29
N LEU B 57 38.87 -4.56 -25.23
CA LEU B 57 39.55 -3.96 -24.07
C LEU B 57 40.52 -4.88 -23.35
N TYR B 58 40.24 -6.16 -23.36
CA TYR B 58 41.06 -7.12 -22.63
C TYR B 58 42.04 -7.91 -23.52
N GLY B 59 42.30 -7.41 -24.72
CA GLY B 59 43.37 -7.92 -25.57
C GLY B 59 43.09 -9.13 -26.45
N ILE B 60 41.83 -9.31 -26.87
CA ILE B 60 41.47 -10.45 -27.73
C ILE B 60 42.20 -10.40 -29.06
N ALA B 61 42.54 -9.19 -29.52
CA ALA B 61 43.33 -9.02 -30.75
C ALA B 61 44.80 -8.64 -30.50
N GLY B 62 45.31 -8.76 -29.28
CA GLY B 62 46.72 -8.51 -28.96
C GLY B 62 47.06 -7.48 -27.91
N LYS B 73 35.02 6.23 -17.88
CA LYS B 73 34.92 6.32 -19.34
C LYS B 73 33.47 6.14 -19.79
N LEU B 74 32.68 5.25 -19.17
CA LEU B 74 31.29 5.01 -19.59
C LEU B 74 30.39 6.23 -19.49
N ASP B 75 30.53 6.98 -18.40
CA ASP B 75 29.74 8.19 -18.25
C ASP B 75 30.18 9.32 -19.21
N VAL B 76 31.49 9.37 -19.50
CA VAL B 76 32.02 10.32 -20.48
C VAL B 76 31.51 10.00 -21.90
N LEU B 77 31.58 8.73 -22.30
CA LEU B 77 31.06 8.28 -23.59
C LEU B 77 29.56 8.51 -23.69
N SER B 78 28.85 8.29 -22.58
CA SER B 78 27.41 8.45 -22.59
C SER B 78 27.07 9.89 -22.85
N ASN B 79 27.82 10.77 -22.23
CA ASN B 79 27.64 12.18 -22.40
C ASN B 79 27.97 12.59 -23.82
N ASP B 80 29.08 12.10 -24.35
CA ASP B 80 29.47 12.39 -25.74
C ASP B 80 28.40 11.97 -26.73
N LEU B 81 27.81 10.80 -26.50
CA LEU B 81 26.77 10.29 -27.38
C LEU B 81 25.53 11.16 -27.41
N VAL B 82 25.04 11.54 -26.22
CA VAL B 82 23.88 12.42 -26.13
C VAL B 82 24.16 13.80 -26.72
N MET B 83 25.26 14.42 -26.30
CA MET B 83 25.68 15.73 -26.83
C MET B 83 25.75 15.71 -28.35
N ASN B 84 26.44 14.73 -28.89
CA ASN B 84 26.63 14.69 -30.31
C ASN B 84 25.36 14.42 -31.09
N MET B 85 24.55 13.48 -30.61
CA MET B 85 23.28 13.22 -31.28
C MET B 85 22.30 14.38 -31.19
N LEU B 86 22.24 15.06 -30.06
CA LEU B 86 21.38 16.23 -29.97
C LEU B 86 21.88 17.44 -30.78
N LYS B 87 23.17 17.75 -30.73
CA LYS B 87 23.69 18.85 -31.54
C LYS B 87 23.34 18.64 -33.01
N SER B 88 23.60 17.45 -33.51
CA SER B 88 23.42 17.19 -34.94
C SER B 88 21.96 16.97 -35.32
N SER B 89 21.03 17.10 -34.37
CA SER B 89 19.59 16.93 -34.65
C SER B 89 19.01 18.19 -35.24
N PHE B 90 19.78 19.28 -35.20
CA PHE B 90 19.32 20.60 -35.64
C PHE B 90 18.09 21.10 -34.88
N ALA B 91 17.84 20.54 -33.68
CA ALA B 91 16.60 20.82 -32.96
C ALA B 91 16.85 21.46 -31.59
N THR B 92 18.11 21.69 -31.23
CA THR B 92 18.45 22.18 -29.92
C THR B 92 19.34 23.42 -29.97
N CYS B 93 19.33 24.20 -28.91
CA CYS B 93 20.18 25.40 -28.81
C CYS B 93 21.01 25.41 -27.52
N VAL B 94 20.46 24.86 -26.44
CA VAL B 94 21.11 24.83 -25.15
C VAL B 94 21.00 23.43 -24.58
N LEU B 95 22.13 22.91 -24.13
CA LEU B 95 22.18 21.58 -23.54
C LEU B 95 22.83 21.65 -22.16
N VAL B 96 22.11 21.16 -21.14
CA VAL B 96 22.64 21.06 -19.79
C VAL B 96 22.85 19.61 -19.42
N SER B 97 24.04 19.29 -18.94
CA SER B 97 24.39 17.95 -18.59
C SER B 97 24.98 17.89 -17.19
N GLU B 98 24.65 16.84 -16.47
CA GLU B 98 25.28 16.53 -15.20
C GLU B 98 26.81 16.62 -15.33
N GLU B 99 27.34 16.20 -16.47
CA GLU B 99 28.80 16.14 -16.69
C GLU B 99 29.47 17.47 -16.94
N ASP B 100 28.72 18.50 -17.28
CA ASP B 100 29.34 19.78 -17.69
C ASP B 100 28.98 20.95 -16.78
N LYS B 101 30.01 21.69 -16.37
CA LYS B 101 29.83 22.74 -15.37
C LYS B 101 28.97 23.87 -15.93
N HIS B 102 29.14 24.19 -17.21
CA HIS B 102 28.28 25.17 -17.85
C HIS B 102 27.42 24.56 -18.91
N ALA B 103 26.34 25.26 -19.22
CA ALA B 103 25.49 24.88 -20.32
C ALA B 103 26.31 24.93 -21.60
N ILE B 104 25.98 24.05 -22.53
CA ILE B 104 26.59 24.02 -23.85
C ILE B 104 25.64 24.74 -24.80
N ILE B 105 26.17 25.76 -25.47
CA ILE B 105 25.42 26.51 -26.43
C ILE B 105 25.76 25.93 -27.80
N VAL B 106 24.74 25.45 -28.51
CA VAL B 106 24.92 24.83 -29.83
C VAL B 106 25.35 25.86 -30.90
N GLU B 107 26.33 25.49 -31.74
CA GLU B 107 26.86 26.38 -32.79
C GLU B 107 25.72 26.82 -33.73
N PRO B 108 25.78 28.06 -34.21
CA PRO B 108 24.63 28.71 -34.88
C PRO B 108 23.98 27.92 -36.00
N GLU B 109 24.78 27.21 -36.79
CA GLU B 109 24.21 26.54 -37.96
C GLU B 109 23.43 25.30 -37.59
N LYS B 110 23.53 24.86 -36.33
CA LYS B 110 22.87 23.65 -35.90
C LYS B 110 21.76 23.93 -34.92
N ARG B 111 21.45 25.18 -34.76
CA ARG B 111 20.63 25.61 -33.69
C ARG B 111 19.13 25.41 -34.02
N GLY B 112 18.38 24.86 -33.08
CA GLY B 112 16.94 24.71 -33.20
C GLY B 112 16.29 25.31 -31.96
N LYS B 113 15.00 25.07 -31.77
CA LYS B 113 14.24 25.76 -30.76
C LYS B 113 14.17 25.14 -29.35
N TYR B 114 14.80 23.98 -29.09
CA TYR B 114 14.62 23.31 -27.80
C TYR B 114 15.84 23.36 -26.88
N VAL B 115 15.56 23.34 -25.58
CA VAL B 115 16.57 23.24 -24.52
C VAL B 115 16.43 21.85 -23.89
N VAL B 116 17.54 21.16 -23.70
CA VAL B 116 17.55 19.81 -23.13
C VAL B 116 18.47 19.69 -21.93
N CYS B 117 17.91 19.21 -20.83
CA CYS B 117 18.66 18.95 -19.60
C CYS B 117 18.67 17.46 -19.40
N PHE B 118 19.85 16.90 -19.15
CA PHE B 118 19.98 15.45 -18.99
C PHE B 118 21.08 14.99 -18.04
N ASP B 119 20.86 13.82 -17.46
CA ASP B 119 21.89 13.06 -16.79
C ASP B 119 22.16 11.81 -17.68
N PRO B 120 23.32 11.77 -18.36
CA PRO B 120 23.56 10.73 -19.38
C PRO B 120 23.68 9.33 -18.83
N LEU B 121 24.23 9.21 -17.62
CA LEU B 121 24.34 7.90 -16.99
C LEU B 121 24.22 8.00 -15.49
N ASP B 122 22.98 8.13 -15.02
CA ASP B 122 22.70 8.21 -13.61
C ASP B 122 22.95 6.87 -12.94
N GLY B 123 23.51 6.95 -11.73
CA GLY B 123 23.80 5.79 -10.90
C GLY B 123 25.17 5.20 -11.19
N SER B 124 25.92 5.84 -12.08
CA SER B 124 27.15 5.26 -12.64
C SER B 124 28.32 5.21 -11.67
N SER B 125 28.25 5.96 -10.58
CA SER B 125 29.29 5.86 -9.56
C SER B 125 29.38 4.44 -8.98
N ASN B 126 28.25 3.73 -8.98
CA ASN B 126 28.17 2.33 -8.51
C ASN B 126 28.12 1.28 -9.61
N ILE B 127 28.49 1.64 -10.84
CA ILE B 127 28.43 0.70 -11.97
C ILE B 127 29.41 -0.50 -11.85
N ASP B 128 30.38 -0.40 -10.94
CA ASP B 128 31.33 -1.48 -10.64
C ASP B 128 30.63 -2.72 -10.10
N CYS B 129 29.48 -2.54 -9.46
CA CYS B 129 28.72 -3.68 -8.96
C CYS B 129 27.55 -4.07 -9.88
N LEU B 130 27.45 -3.44 -11.06
CA LEU B 130 26.48 -3.80 -12.12
C LEU B 130 25.06 -3.54 -11.71
N VAL B 131 24.91 -2.55 -10.85
CA VAL B 131 23.59 -2.02 -10.48
C VAL B 131 22.99 -1.39 -11.74
N SER B 132 21.66 -1.45 -11.83
CA SER B 132 20.92 -0.71 -12.85
C SER B 132 21.41 0.72 -12.92
N VAL B 133 21.60 1.21 -14.14
CA VAL B 133 21.85 2.62 -14.38
C VAL B 133 20.80 3.15 -15.37
N GLY B 134 20.82 4.46 -15.65
CA GLY B 134 19.85 5.03 -16.56
C GLY B 134 20.24 6.38 -17.11
N THR B 135 19.45 6.84 -18.05
CA THR B 135 19.61 8.15 -18.64
C THR B 135 18.31 8.93 -18.35
N ILE B 136 18.42 10.18 -17.91
CA ILE B 136 17.25 11.01 -17.58
C ILE B 136 17.29 12.26 -18.44
N PHE B 137 16.14 12.70 -18.95
CA PHE B 137 16.10 13.87 -19.80
C PHE B 137 14.82 14.67 -19.59
N GLY B 138 14.95 15.99 -19.77
CA GLY B 138 13.84 16.92 -19.83
C GLY B 138 14.03 17.92 -20.96
N ILE B 139 12.96 18.21 -21.66
CA ILE B 139 12.97 19.02 -22.85
C ILE B 139 12.03 20.21 -22.72
N TYR B 140 12.58 21.41 -22.91
CA TYR B 140 11.84 22.67 -22.83
C TYR B 140 11.92 23.40 -24.17
N ARG B 141 10.91 24.18 -24.47
CA ARG B 141 10.99 25.12 -25.55
C ARG B 141 11.76 26.36 -25.08
N LYS B 142 12.65 26.86 -25.92
CA LYS B 142 13.39 28.08 -25.60
C LYS B 142 12.52 29.26 -25.31
N LYS B 143 12.91 30.07 -24.29
CA LYS B 143 12.18 31.19 -23.63
C LYS B 143 11.93 32.38 -24.57
N SER B 144 13.00 33.00 -25.04
CA SER B 144 12.93 34.22 -25.84
C SER B 144 13.61 34.00 -27.21
N THR B 145 13.66 35.05 -28.03
CA THR B 145 14.38 35.02 -29.31
C THR B 145 15.80 35.56 -29.13
N ASP B 146 16.19 35.88 -27.89
CA ASP B 146 17.54 36.38 -27.63
C ASP B 146 18.55 35.31 -27.95
N GLU B 147 19.81 35.72 -27.98
CA GLU B 147 20.92 34.81 -28.08
C GLU B 147 20.75 33.73 -27.00
N PRO B 148 20.89 32.46 -27.38
CA PRO B 148 20.77 31.41 -26.38
C PRO B 148 21.83 31.49 -25.29
N SER B 149 21.42 31.19 -24.06
CA SER B 149 22.33 31.18 -22.93
C SER B 149 21.82 30.23 -21.85
N GLU B 150 22.62 30.07 -20.79
CA GLU B 150 22.27 29.27 -19.63
C GLU B 150 20.88 29.59 -19.11
N LYS B 151 20.49 30.86 -19.21
CA LYS B 151 19.21 31.35 -18.66
C LYS B 151 18.02 30.62 -19.25
N ASP B 152 18.18 30.17 -20.48
CA ASP B 152 17.09 29.46 -21.17
C ASP B 152 16.76 28.12 -20.53
N ALA B 153 17.68 27.57 -19.74
CA ALA B 153 17.47 26.31 -19.03
C ALA B 153 16.88 26.48 -17.65
N LEU B 154 16.82 27.70 -17.15
CA LEU B 154 16.27 27.98 -15.82
C LEU B 154 14.77 28.20 -15.87
N GLN B 155 14.05 27.18 -16.32
CA GLN B 155 12.60 27.21 -16.33
C GLN B 155 12.06 26.26 -15.26
N PRO B 156 10.88 26.55 -14.70
CA PRO B 156 10.23 25.58 -13.85
C PRO B 156 9.82 24.34 -14.64
N GLY B 157 9.82 23.19 -13.98
CA GLY B 157 9.36 21.95 -14.56
C GLY B 157 8.01 21.97 -15.24
N ARG B 158 7.10 22.83 -14.78
CA ARG B 158 5.76 22.99 -15.38
C ARG B 158 5.86 23.27 -16.85
N ASN B 159 6.95 23.91 -17.28
CA ASN B 159 7.14 24.24 -18.71
C ASN B 159 7.61 23.09 -19.60
N LEU B 160 7.88 21.94 -19.02
CA LEU B 160 8.35 20.80 -19.81
C LEU B 160 7.41 20.44 -20.92
N VAL B 161 7.96 20.26 -22.09
CA VAL B 161 7.24 19.81 -23.26
C VAL B 161 7.26 18.27 -23.32
N ALA B 162 8.39 17.67 -22.93
CA ALA B 162 8.51 16.21 -22.83
C ALA B 162 9.61 15.85 -21.86
N ALA B 163 9.50 14.69 -21.25
CA ALA B 163 10.51 14.23 -20.31
C ALA B 163 10.45 12.73 -20.15
N GLY B 164 11.53 12.16 -19.65
CA GLY B 164 11.56 10.73 -19.39
C GLY B 164 12.91 10.14 -19.07
N TYR B 165 13.03 8.85 -19.24
CA TYR B 165 14.26 8.19 -18.88
C TYR B 165 14.39 6.87 -19.62
N ALA B 166 15.64 6.44 -19.77
CA ALA B 166 15.92 5.08 -20.16
C ALA B 166 16.49 4.39 -18.94
N LEU B 167 15.97 3.21 -18.65
CA LEU B 167 16.51 2.35 -17.60
C LEU B 167 17.31 1.21 -18.25
N TYR B 168 18.59 1.10 -17.92
CA TYR B 168 19.43 -0.03 -18.33
C TYR B 168 19.44 -1.03 -17.16
N GLY B 169 18.37 -1.81 -17.09
CA GLY B 169 18.19 -2.78 -16.03
C GLY B 169 18.41 -4.18 -16.53
N SER B 170 17.59 -5.11 -16.04
CA SER B 170 17.62 -6.48 -16.58
C SER B 170 17.31 -6.45 -18.08
N ALA B 171 16.46 -5.51 -18.49
CA ALA B 171 16.30 -5.15 -19.88
C ALA B 171 16.34 -3.64 -19.98
N THR B 172 16.39 -3.10 -21.19
CA THR B 172 16.43 -1.63 -21.42
C THR B 172 15.05 -1.09 -21.81
N MET B 173 14.55 -0.13 -21.05
CA MET B 173 13.24 0.44 -21.30
C MET B 173 13.36 1.93 -21.39
N LEU B 174 12.64 2.53 -22.33
CA LEU B 174 12.47 3.96 -22.38
C LEU B 174 11.06 4.36 -21.95
N VAL B 175 11.00 5.29 -21.01
CA VAL B 175 9.75 5.81 -20.53
C VAL B 175 9.66 7.25 -21.00
N LEU B 176 8.58 7.57 -21.73
CA LEU B 176 8.37 8.91 -22.31
C LEU B 176 7.07 9.50 -21.85
N ALA B 177 7.16 10.67 -21.21
CA ALA B 177 5.99 11.41 -20.76
C ALA B 177 5.86 12.68 -21.59
N MET B 178 4.63 12.92 -22.05
CA MET B 178 4.28 14.16 -22.76
C MET B 178 2.85 14.52 -22.33
N ASP B 179 2.26 15.55 -22.97
CA ASP B 179 0.88 15.93 -22.68
C ASP B 179 -0.10 14.77 -22.80
N CYS B 180 0.11 13.90 -23.81
CA CYS B 180 -0.78 12.74 -24.04
C CYS B 180 -0.68 11.61 -22.99
N GLY B 181 0.25 11.73 -22.04
CA GLY B 181 0.46 10.74 -20.99
C GLY B 181 1.83 10.09 -21.01
N VAL B 182 1.93 8.99 -20.27
CA VAL B 182 3.17 8.27 -20.11
C VAL B 182 3.10 6.96 -20.90
N ASN B 183 4.14 6.71 -21.69
CA ASN B 183 4.25 5.50 -22.49
C ASN B 183 5.61 4.83 -22.34
N CYS B 184 5.60 3.50 -22.25
CA CYS B 184 6.79 2.70 -22.00
C CYS B 184 7.16 1.85 -23.18
N PHE B 185 8.42 1.93 -23.57
CA PHE B 185 8.95 1.23 -24.74
C PHE B 185 10.13 0.32 -24.34
N MET B 186 10.06 -0.96 -24.70
CA MET B 186 11.14 -1.89 -24.44
C MET B 186 12.08 -1.94 -25.64
N LEU B 187 13.38 -1.81 -25.41
CA LEU B 187 14.35 -2.06 -26.46
C LEU B 187 14.47 -3.55 -26.77
N ASP B 188 14.23 -3.92 -28.03
CA ASP B 188 14.46 -5.29 -28.51
C ASP B 188 15.86 -5.25 -29.10
N PRO B 189 16.84 -5.79 -28.36
CA PRO B 189 18.19 -5.71 -28.84
C PRO B 189 18.47 -6.55 -30.09
N ALA B 190 17.64 -7.54 -30.41
CA ALA B 190 17.79 -8.29 -31.67
C ALA B 190 17.65 -7.40 -32.92
N ILE B 191 16.82 -6.34 -32.83
CA ILE B 191 16.58 -5.47 -33.98
C ILE B 191 16.85 -3.99 -33.73
N GLY B 192 17.16 -3.63 -32.48
CA GLY B 192 17.43 -2.22 -32.13
C GLY B 192 16.25 -1.31 -32.33
N GLU B 193 15.09 -1.76 -31.87
CA GLU B 193 13.91 -0.96 -31.94
C GLU B 193 13.23 -0.91 -30.58
N PHE B 194 12.66 0.24 -30.24
CA PHE B 194 11.89 0.41 -29.02
C PHE B 194 10.42 0.08 -29.27
N ILE B 195 9.93 -0.99 -28.66
CA ILE B 195 8.59 -1.51 -28.92
C ILE B 195 7.67 -0.99 -27.82
N LEU B 196 6.54 -0.39 -28.20
CA LEU B 196 5.56 0.09 -27.21
C LEU B 196 4.90 -1.08 -26.49
N VAL B 197 5.11 -1.17 -25.18
CA VAL B 197 4.60 -2.31 -24.41
C VAL B 197 3.63 -1.93 -23.28
N ASP B 198 3.63 -0.67 -22.86
CA ASP B 198 2.65 -0.19 -21.86
C ASP B 198 2.14 1.18 -22.22
N LYS B 199 0.83 1.29 -22.47
CA LYS B 199 0.25 2.54 -23.00
C LYS B 199 -0.42 3.35 -21.91
N ASP B 200 -0.20 4.65 -21.93
CA ASP B 200 -0.93 5.58 -21.08
C ASP B 200 -0.98 5.09 -19.67
N VAL B 201 0.20 4.91 -19.12
CA VAL B 201 0.39 4.29 -17.83
C VAL B 201 -0.03 5.20 -16.70
N LYS B 202 -0.63 4.58 -15.70
CA LYS B 202 -1.08 5.27 -14.51
C LYS B 202 -0.61 4.55 -13.26
N ILE B 203 -0.07 5.32 -12.31
CA ILE B 203 0.46 4.77 -11.05
C ILE B 203 -0.69 4.35 -10.13
N LYS B 204 -0.49 3.32 -9.31
CA LYS B 204 -1.46 2.95 -8.28
C LYS B 204 -1.74 4.12 -7.34
N LYS B 205 -2.99 4.21 -6.91
CA LYS B 205 -3.44 5.23 -5.96
C LYS B 205 -2.61 5.14 -4.67
N LYS B 206 -2.35 3.91 -4.23
CA LYS B 206 -1.59 3.63 -3.02
C LYS B 206 -0.78 2.35 -3.19
N GLY B 207 0.42 2.34 -2.67
CA GLY B 207 1.32 1.19 -2.78
C GLY B 207 1.69 0.59 -1.44
N LYS B 208 2.68 -0.29 -1.45
CA LYS B 208 3.12 -1.04 -0.26
C LYS B 208 4.63 -1.08 -0.08
N ILE B 209 5.34 -0.16 -0.73
CA ILE B 209 6.79 -0.10 -0.65
C ILE B 209 7.21 1.33 -0.43
N TYR B 210 8.15 1.53 0.51
CA TYR B 210 8.78 2.84 0.65
C TYR B 210 10.26 2.68 0.31
N SER B 211 10.86 3.74 -0.20
CA SER B 211 12.22 3.67 -0.72
C SER B 211 13.02 4.90 -0.36
N LEU B 212 14.00 4.73 0.53
CA LEU B 212 14.97 5.76 0.82
C LEU B 212 16.18 5.14 1.51
N ASN B 213 17.28 5.90 1.57
CA ASN B 213 18.48 5.50 2.27
C ASN B 213 18.34 5.73 3.79
N GLU B 214 17.99 4.69 4.53
CA GLU B 214 17.77 4.81 6.00
C GLU B 214 19.06 4.90 6.79
N GLY B 215 20.19 4.75 6.11
CA GLY B 215 21.48 4.91 6.75
C GLY B 215 21.73 6.31 7.27
N TYR B 216 21.01 7.28 6.72
CA TYR B 216 21.12 8.65 7.15
C TYR B 216 20.05 9.01 8.19
N ALA B 217 19.53 8.01 8.89
CA ALA B 217 18.41 8.20 9.83
C ALA B 217 18.76 9.21 10.93
N ARG B 218 20.02 9.28 11.32
CA ARG B 218 20.44 10.21 12.32
C ARG B 218 20.27 11.65 11.89
N ASP B 219 20.23 11.88 10.59
CA ASP B 219 20.09 13.24 10.09
C ASP B 219 18.67 13.57 9.64
N PHE B 220 17.73 12.63 9.74
CA PHE B 220 16.37 12.88 9.26
C PHE B 220 15.66 14.04 9.94
N ASP B 221 14.93 14.81 9.14
CA ASP B 221 13.89 15.73 9.59
C ASP B 221 12.90 14.89 10.42
N PRO B 222 12.34 15.44 11.49
CA PRO B 222 11.43 14.65 12.33
C PRO B 222 10.17 14.17 11.59
N ALA B 223 9.74 14.92 10.58
CA ALA B 223 8.63 14.51 9.72
C ALA B 223 8.93 13.19 8.96
N VAL B 224 10.14 13.10 8.43
CA VAL B 224 10.58 11.88 7.77
C VAL B 224 10.65 10.73 8.78
N THR B 225 11.29 10.98 9.92
CA THR B 225 11.37 9.95 10.97
C THR B 225 9.99 9.40 11.30
N GLU B 226 9.03 10.28 11.52
CA GLU B 226 7.70 9.84 11.88
C GLU B 226 7.04 9.09 10.74
N TYR B 227 7.16 9.61 9.51
CA TYR B 227 6.53 8.93 8.37
C TYR B 227 7.04 7.49 8.19
N ILE B 228 8.36 7.32 8.27
CA ILE B 228 8.95 5.99 8.16
C ILE B 228 8.52 5.06 9.30
N GLN B 229 8.47 5.60 10.51
CA GLN B 229 7.96 4.88 11.65
C GLN B 229 6.58 4.30 11.36
N ARG B 230 5.72 5.09 10.73
CA ARG B 230 4.36 4.67 10.43
C ARG B 230 4.28 3.61 9.36
N LYS B 231 5.31 3.54 8.52
CA LYS B 231 5.36 2.50 7.48
C LYS B 231 5.73 1.16 8.10
N LYS B 232 6.62 1.18 9.09
CA LYS B 232 7.05 -0.04 9.80
C LYS B 232 6.10 -0.48 10.92
N PHE B 233 5.51 0.50 11.61
CA PHE B 233 4.65 0.25 12.77
C PHE B 233 3.32 0.96 12.55
N PRO B 234 2.48 0.41 11.68
CA PRO B 234 1.30 1.17 11.29
C PRO B 234 0.31 1.32 12.43
N PRO B 235 -0.08 2.56 12.74
CA PRO B 235 -1.04 2.79 13.83
C PRO B 235 -2.36 2.04 13.63
N ASP B 236 -2.85 1.94 12.40
CA ASP B 236 -4.18 1.36 12.13
C ASP B 236 -4.19 -0.16 11.95
N ASN B 237 -3.12 -0.82 12.40
CA ASN B 237 -3.10 -2.30 12.39
C ASN B 237 -3.02 -2.98 11.01
N SER B 238 -2.77 -2.21 9.95
CA SER B 238 -2.56 -2.77 8.59
C SER B 238 -1.15 -3.34 8.49
N ALA B 239 -0.85 -4.02 7.38
CA ALA B 239 0.45 -4.65 7.19
C ALA B 239 1.53 -3.60 6.98
N PRO B 240 2.73 -3.83 7.55
CA PRO B 240 3.85 -2.92 7.27
C PRO B 240 4.28 -2.93 5.81
N TYR B 241 4.77 -1.79 5.34
CA TYR B 241 5.30 -1.65 3.98
C TYR B 241 6.60 -2.42 3.85
N GLY B 242 6.91 -2.86 2.63
CA GLY B 242 8.23 -3.39 2.32
C GLY B 242 9.17 -2.24 2.06
N ALA B 243 10.48 -2.52 2.20
CA ALA B 243 11.51 -1.52 1.87
C ALA B 243 12.37 -1.97 0.67
N ARG B 244 12.66 -1.05 -0.25
CA ARG B 244 13.56 -1.30 -1.36
C ARG B 244 14.33 -0.03 -1.62
N TYR B 245 15.64 -0.15 -1.77
CA TYR B 245 16.47 1.00 -2.13
C TYR B 245 17.68 0.52 -2.92
N VAL B 246 17.58 0.66 -4.24
CA VAL B 246 18.64 0.25 -5.18
C VAL B 246 19.85 1.19 -5.07
N GLY B 247 19.59 2.49 -4.91
CA GLY B 247 20.65 3.48 -4.80
C GLY B 247 20.92 4.08 -6.15
N SER B 248 20.05 3.79 -7.09
CA SER B 248 20.13 4.35 -8.41
C SER B 248 18.73 4.86 -8.71
N MET B 249 18.61 6.16 -8.91
CA MET B 249 17.33 6.84 -8.93
C MET B 249 16.37 6.36 -10.00
N VAL B 250 16.87 6.12 -11.21
CA VAL B 250 16.03 5.64 -12.30
C VAL B 250 15.39 4.27 -11.96
N ALA B 251 16.15 3.38 -11.31
CA ALA B 251 15.63 2.09 -10.94
C ALA B 251 14.59 2.18 -9.82
N ASP B 252 14.87 3.01 -8.82
CA ASP B 252 13.93 3.19 -7.73
C ASP B 252 12.64 3.86 -8.20
N VAL B 253 12.77 4.90 -9.02
CA VAL B 253 11.62 5.61 -9.54
C VAL B 253 10.79 4.74 -10.46
N HIS B 254 11.45 3.93 -11.29
CA HIS B 254 10.71 3.09 -12.20
C HIS B 254 9.93 2.01 -11.47
N ARG B 255 10.54 1.41 -10.45
CA ARG B 255 9.81 0.47 -9.61
C ARG B 255 8.59 1.13 -8.95
N THR B 256 8.77 2.39 -8.52
CA THR B 256 7.71 3.14 -7.90
C THR B 256 6.55 3.35 -8.90
N LEU B 257 6.88 3.69 -10.14
CA LEU B 257 5.84 3.81 -11.19
C LEU B 257 5.10 2.50 -11.42
N VAL B 258 5.85 1.41 -11.47
CA VAL B 258 5.33 0.12 -11.87
C VAL B 258 4.57 -0.59 -10.73
N TYR B 259 5.10 -0.56 -9.52
CA TYR B 259 4.48 -1.26 -8.38
C TYR B 259 3.73 -0.31 -7.46
N GLY B 260 3.95 0.99 -7.61
CA GLY B 260 3.36 1.97 -6.72
C GLY B 260 4.24 2.14 -5.50
N GLY B 261 3.87 3.08 -4.63
CA GLY B 261 4.57 3.28 -3.38
C GLY B 261 5.16 4.67 -3.34
N ILE B 262 6.25 4.81 -2.60
CA ILE B 262 6.82 6.12 -2.37
C ILE B 262 8.33 6.08 -2.40
N PHE B 263 8.93 7.12 -2.99
CA PHE B 263 10.38 7.29 -3.04
C PHE B 263 10.73 8.64 -2.42
N LEU B 264 11.75 8.63 -1.56
CA LEU B 264 12.16 9.85 -0.84
C LEU B 264 13.66 10.06 -0.88
N TYR B 265 14.06 11.27 -1.29
CA TYR B 265 15.43 11.76 -1.03
C TYR B 265 15.23 13.16 -0.46
N PRO B 266 14.94 13.21 0.84
CA PRO B 266 14.45 14.42 1.44
C PRO B 266 15.55 15.35 1.93
N ALA B 267 15.14 16.56 2.34
CA ALA B 267 16.04 17.54 2.96
C ALA B 267 16.30 17.18 4.43
N ASN B 268 17.52 17.45 4.89
CA ASN B 268 17.92 17.31 6.30
C ASN B 268 18.69 18.59 6.75
N LYS B 269 19.37 18.55 7.88
CA LYS B 269 20.15 19.71 8.35
C LYS B 269 21.36 19.92 7.47
N LYS B 270 22.06 18.82 7.20
CA LYS B 270 23.29 18.83 6.39
C LYS B 270 23.03 19.26 4.93
N SER B 271 21.85 18.89 4.40
CA SER B 271 21.48 19.16 3.02
C SER B 271 20.09 19.80 2.96
N PRO B 272 19.99 21.12 3.23
CA PRO B 272 18.66 21.75 3.33
C PRO B 272 17.92 21.82 2.00
N ASN B 273 18.66 21.66 0.90
CA ASN B 273 18.09 21.63 -0.43
C ASN B 273 18.12 20.23 -1.04
N GLY B 274 18.26 19.20 -0.21
CA GLY B 274 18.33 17.84 -0.73
C GLY B 274 19.66 17.56 -1.43
N LYS B 275 19.75 16.40 -2.07
CA LYS B 275 20.96 15.98 -2.78
C LYS B 275 20.77 15.87 -4.31
N LEU B 276 19.59 15.46 -4.76
CA LEU B 276 19.37 15.24 -6.19
C LEU B 276 19.26 16.59 -6.94
N ARG B 277 19.55 16.57 -8.23
CA ARG B 277 19.59 17.79 -9.04
C ARG B 277 18.25 18.11 -9.64
N LEU B 278 17.86 19.36 -9.57
CA LEU B 278 16.50 19.72 -9.93
C LEU B 278 16.24 19.57 -11.43
N LEU B 279 17.15 20.08 -12.25
CA LEU B 279 16.88 20.23 -13.67
C LEU B 279 16.80 18.90 -14.44
N TYR B 280 17.73 18.00 -14.14
CA TYR B 280 17.90 16.79 -14.92
C TYR B 280 17.75 15.51 -14.11
N GLU B 281 17.30 15.61 -12.85
CA GLU B 281 16.91 14.42 -12.08
C GLU B 281 15.48 14.61 -11.53
N CYS B 282 15.27 15.63 -10.69
CA CYS B 282 13.98 15.80 -10.02
C CYS B 282 12.85 16.19 -10.99
N ASN B 283 13.08 17.18 -11.85
CA ASN B 283 12.01 17.66 -12.73
C ASN B 283 11.49 16.59 -13.71
N PRO B 284 12.40 15.95 -14.49
CA PRO B 284 11.87 14.91 -15.36
C PRO B 284 11.07 13.79 -14.65
N MET B 285 11.53 13.35 -13.47
CA MET B 285 10.84 12.29 -12.75
C MET B 285 9.51 12.77 -12.18
N ALA B 286 9.45 14.03 -11.77
CA ALA B 286 8.22 14.63 -11.29
C ALA B 286 7.22 14.77 -12.42
N TYR B 287 7.69 15.20 -13.59
CA TYR B 287 6.81 15.30 -14.77
C TYR B 287 6.22 13.94 -15.15
N VAL B 288 7.06 12.91 -15.22
CA VAL B 288 6.58 11.54 -15.48
C VAL B 288 5.54 11.13 -14.43
N MET B 289 5.85 11.33 -13.16
CA MET B 289 4.92 11.00 -12.08
C MET B 289 3.61 11.70 -12.26
N GLU B 290 3.65 13.00 -12.52
CA GLU B 290 2.39 13.76 -12.59
C GLU B 290 1.56 13.36 -13.77
N LYS B 291 2.21 13.09 -14.89
CA LYS B 291 1.46 12.61 -16.04
C LYS B 291 0.88 11.20 -15.84
N ALA B 292 1.48 10.44 -14.92
CA ALA B 292 0.95 9.11 -14.58
C ALA B 292 -0.07 9.14 -13.45
N GLY B 293 -0.47 10.34 -13.03
CA GLY B 293 -1.41 10.51 -11.93
C GLY B 293 -0.81 10.32 -10.54
N GLY B 294 0.49 10.53 -10.43
CA GLY B 294 1.17 10.51 -9.16
C GLY B 294 1.47 11.92 -8.68
N MET B 295 2.32 12.02 -7.66
CA MET B 295 2.71 13.33 -7.10
C MET B 295 4.18 13.43 -6.86
N ALA B 296 4.67 14.65 -6.78
CA ALA B 296 6.07 14.90 -6.47
C ALA B 296 6.22 16.25 -5.79
N THR B 297 6.76 16.22 -4.58
CA THR B 297 6.83 17.40 -3.73
C THR B 297 8.24 17.55 -3.17
N THR B 298 8.60 18.78 -2.82
CA THR B 298 9.83 19.03 -2.05
C THR B 298 9.53 18.94 -0.56
N GLY B 299 8.24 18.83 -0.21
CA GLY B 299 7.75 19.09 1.17
C GLY B 299 7.03 20.41 1.26
N LYS B 300 7.67 21.46 0.80
CA LYS B 300 7.07 22.79 0.80
C LYS B 300 6.24 23.08 -0.49
N GLU B 301 6.60 22.50 -1.63
CA GLU B 301 5.85 22.77 -2.86
C GLU B 301 6.04 21.66 -3.87
N ALA B 302 5.24 21.70 -4.93
CA ALA B 302 5.43 20.80 -6.07
C ALA B 302 6.80 21.03 -6.72
N VAL B 303 7.50 19.93 -7.02
CA VAL B 303 8.84 20.01 -7.61
C VAL B 303 8.79 20.83 -8.90
N LEU B 304 7.74 20.60 -9.68
CA LEU B 304 7.58 21.28 -10.93
C LEU B 304 7.35 22.80 -10.82
N ASP B 305 7.03 23.31 -9.63
CA ASP B 305 6.83 24.76 -9.41
C ASP B 305 8.08 25.50 -8.94
N VAL B 306 9.16 24.79 -8.65
CA VAL B 306 10.37 25.44 -8.22
C VAL B 306 10.97 26.18 -9.39
N ILE B 307 11.26 27.46 -9.20
CA ILE B 307 11.92 28.26 -10.23
C ILE B 307 13.43 28.22 -9.97
N PRO B 308 14.18 27.56 -10.86
CA PRO B 308 15.61 27.41 -10.62
C PRO B 308 16.36 28.71 -10.82
N THR B 309 17.47 28.87 -10.11
CA THR B 309 18.38 30.02 -10.30
C THR B 309 19.79 29.58 -10.69
N ASP B 310 20.06 28.28 -10.58
CA ASP B 310 21.34 27.69 -10.94
C ASP B 310 21.10 26.31 -11.59
N ILE B 311 21.78 26.02 -12.68
CA ILE B 311 21.49 24.82 -13.46
C ILE B 311 21.83 23.51 -12.75
N HIS B 312 22.76 23.54 -11.82
CA HIS B 312 23.11 22.36 -11.02
C HIS B 312 22.53 22.40 -9.60
N GLN B 313 21.50 23.21 -9.39
CA GLN B 313 20.96 23.33 -8.05
C GLN B 313 20.25 22.04 -7.63
N ARG B 314 20.29 21.78 -6.33
CA ARG B 314 19.68 20.61 -5.76
C ARG B 314 18.24 20.84 -5.30
N ALA B 315 17.51 19.76 -5.07
CA ALA B 315 16.16 19.83 -4.55
C ALA B 315 15.79 18.58 -3.74
N PRO B 316 15.07 18.75 -2.60
CA PRO B 316 14.52 17.59 -1.94
C PRO B 316 13.42 17.01 -2.80
N VAL B 317 13.19 15.70 -2.71
CA VAL B 317 12.11 15.09 -3.48
C VAL B 317 11.44 13.92 -2.78
N ILE B 318 10.11 13.93 -2.83
CA ILE B 318 9.29 12.86 -2.35
C ILE B 318 8.25 12.62 -3.42
N LEU B 319 8.23 11.42 -3.99
CA LEU B 319 7.33 11.15 -5.10
C LEU B 319 6.76 9.75 -5.08
N GLY B 320 5.69 9.56 -5.85
CA GLY B 320 5.07 8.26 -6.00
C GLY B 320 3.56 8.32 -6.04
N SER B 321 2.95 7.25 -5.52
CA SER B 321 1.49 7.13 -5.43
C SER B 321 0.88 8.30 -4.67
N PRO B 322 -0.28 8.82 -5.12
CA PRO B 322 -0.85 10.03 -4.54
C PRO B 322 -1.20 9.89 -3.05
N ASP B 323 -1.84 8.80 -2.68
CA ASP B 323 -2.19 8.58 -1.29
C ASP B 323 -0.98 8.56 -0.38
N ASP B 324 0.11 7.95 -0.85
CA ASP B 324 1.32 7.87 -0.04
C ASP B 324 1.99 9.24 0.12
N VAL B 325 2.07 10.00 -0.95
CA VAL B 325 2.66 11.34 -0.87
C VAL B 325 1.81 12.28 -0.01
N LEU B 326 0.48 12.17 -0.12
CA LEU B 326 -0.44 12.99 0.65
C LEU B 326 -0.31 12.68 2.13
N GLU B 327 -0.20 11.40 2.46
CA GLU B 327 0.07 10.98 3.84
C GLU B 327 1.39 11.54 4.35
N PHE B 328 2.43 11.50 3.53
CA PHE B 328 3.70 12.12 3.91
C PHE B 328 3.51 13.62 4.17
N LEU B 329 2.74 14.28 3.32
CA LEU B 329 2.51 15.70 3.48
C LEU B 329 1.72 16.05 4.74
N LYS B 330 0.71 15.24 5.06
CA LYS B 330 0.03 15.39 6.33
C LYS B 330 1.02 15.42 7.49
N VAL B 331 1.90 14.44 7.56
CA VAL B 331 2.91 14.39 8.62
C VAL B 331 3.85 15.58 8.54
N TYR B 332 4.21 15.99 7.32
CA TYR B 332 5.11 17.15 7.16
C TYR B 332 4.47 18.42 7.75
N GLU B 333 3.19 18.62 7.49
CA GLU B 333 2.44 19.77 7.99
C GLU B 333 2.30 19.79 9.52
N LYS B 334 2.07 18.62 10.10
CA LYS B 334 2.03 18.46 11.54
C LYS B 334 3.35 18.95 12.18
N HIS B 335 4.47 18.80 11.50
CA HIS B 335 5.74 19.26 12.05
C HIS B 335 6.06 20.70 11.63
N SER B 336 5.07 21.38 11.04
CA SER B 336 5.06 22.81 10.78
C SER B 336 5.92 23.15 9.60
N ASP C 10 19.03 -34.27 -29.26
CA ASP C 10 19.78 -33.54 -28.20
C ASP C 10 20.68 -32.43 -28.77
N VAL C 11 20.55 -31.22 -28.23
CA VAL C 11 21.29 -30.08 -28.74
C VAL C 11 22.79 -30.28 -28.54
N ASN C 12 23.56 -29.73 -29.45
CA ASN C 12 24.99 -29.77 -29.31
C ASN C 12 25.62 -28.51 -29.84
N THR C 13 26.75 -28.16 -29.25
CA THR C 13 27.51 -27.00 -29.62
C THR C 13 28.88 -27.42 -30.06
N LEU C 14 29.61 -26.50 -30.68
CA LEU C 14 30.93 -26.81 -31.16
C LEU C 14 31.83 -27.27 -30.02
N THR C 15 31.83 -26.50 -28.94
CA THR C 15 32.78 -26.72 -27.88
C THR C 15 32.52 -28.07 -27.22
N ARG C 16 31.25 -28.39 -27.02
CA ARG C 16 30.84 -29.64 -26.40
C ARG C 16 31.14 -30.82 -27.34
N PHE C 17 30.89 -30.63 -28.63
CA PHE C 17 31.21 -31.63 -29.64
C PHE C 17 32.71 -31.96 -29.70
N VAL C 18 33.55 -30.93 -29.74
CA VAL C 18 34.98 -31.12 -29.78
C VAL C 18 35.50 -31.80 -28.50
N MET C 19 35.03 -31.35 -27.33
CA MET C 19 35.43 -31.96 -26.05
C MET C 19 35.08 -33.43 -26.00
N GLU C 20 33.89 -33.74 -26.46
CA GLU C 20 33.36 -35.09 -26.51
C GLU C 20 34.22 -36.00 -27.38
N GLU C 21 34.64 -35.53 -28.55
CA GLU C 21 35.49 -36.32 -29.45
C GLU C 21 36.91 -36.42 -28.92
N GLY C 22 37.36 -35.36 -28.25
CA GLY C 22 38.65 -35.37 -27.58
C GLY C 22 38.73 -36.44 -26.50
N ARG C 23 37.68 -36.55 -25.70
CA ARG C 23 37.64 -37.56 -24.63
C ARG C 23 37.65 -38.97 -25.20
N LYS C 24 36.83 -39.20 -26.21
CA LYS C 24 36.77 -40.49 -26.89
C LYS C 24 38.16 -40.89 -27.40
N ALA C 25 38.90 -39.95 -27.98
CA ALA C 25 40.25 -40.22 -28.47
C ALA C 25 41.29 -40.26 -27.37
N ARG C 26 40.93 -39.78 -26.18
CA ARG C 26 41.83 -39.79 -25.02
C ARG C 26 43.07 -38.93 -25.20
N GLY C 27 42.95 -37.83 -25.92
CA GLY C 27 44.06 -36.90 -26.10
C GLY C 27 44.29 -36.03 -24.86
N THR C 28 45.35 -35.22 -24.90
CA THR C 28 45.73 -34.37 -23.79
C THR C 28 44.97 -33.06 -23.71
N GLY C 29 44.23 -32.71 -24.78
CA GLY C 29 43.36 -31.54 -24.78
C GLY C 29 43.87 -30.34 -25.54
N GLU C 30 45.08 -30.43 -26.03
CA GLU C 30 45.70 -29.35 -26.78
C GLU C 30 44.91 -28.95 -28.04
N LEU C 31 44.44 -29.93 -28.81
CA LEU C 31 43.68 -29.62 -30.00
C LEU C 31 42.34 -28.96 -29.65
N THR C 32 41.72 -29.42 -28.55
CA THR C 32 40.48 -28.81 -28.06
C THR C 32 40.70 -27.35 -27.65
N GLN C 33 41.82 -27.06 -27.03
CA GLN C 33 42.14 -25.67 -26.63
C GLN C 33 42.34 -24.79 -27.86
N LEU C 34 42.96 -25.37 -28.87
CA LEU C 34 43.19 -24.69 -30.13
C LEU C 34 41.87 -24.40 -30.81
N LEU C 35 41.02 -25.41 -30.92
CA LEU C 35 39.77 -25.24 -31.65
C LEU C 35 38.83 -24.25 -30.95
N ASN C 36 38.80 -24.32 -29.63
CA ASN C 36 38.02 -23.36 -28.86
C ASN C 36 38.53 -21.94 -29.09
N SER C 37 39.84 -21.76 -29.09
CA SER C 37 40.42 -20.45 -29.30
C SER C 37 40.05 -19.91 -30.66
N LEU C 38 40.14 -20.76 -31.67
CA LEU C 38 39.85 -20.40 -33.04
C LEU C 38 38.39 -19.99 -33.21
N CYS C 39 37.54 -20.75 -32.57
CA CYS C 39 36.12 -20.44 -32.53
C CYS C 39 35.82 -19.06 -31.93
N THR C 40 36.50 -18.70 -30.85
CA THR C 40 36.35 -17.37 -30.27
C THR C 40 36.75 -16.30 -31.28
N ALA C 41 37.90 -16.50 -31.95
CA ALA C 41 38.35 -15.53 -32.95
C ALA C 41 37.32 -15.40 -34.10
N VAL C 42 36.71 -16.50 -34.48
CA VAL C 42 35.73 -16.51 -35.58
C VAL C 42 34.50 -15.69 -35.24
N LYS C 43 34.09 -15.80 -33.98
CA LYS C 43 32.95 -15.01 -33.54
C LYS C 43 33.27 -13.52 -33.57
N ALA C 44 34.52 -13.17 -33.26
CA ALA C 44 34.93 -11.76 -33.21
C ALA C 44 35.04 -11.21 -34.61
N ILE C 45 35.50 -12.06 -35.53
CA ILE C 45 35.59 -11.70 -36.93
C ILE C 45 34.19 -11.47 -37.49
N SER C 46 33.27 -12.38 -37.19
CA SER C 46 31.89 -12.28 -37.66
C SER C 46 31.26 -10.97 -37.20
N SER C 47 31.44 -10.64 -35.93
CA SER C 47 30.93 -9.39 -35.41
C SER C 47 31.46 -8.15 -36.15
N ALA C 48 32.76 -8.10 -36.38
CA ALA C 48 33.37 -7.00 -37.14
C ALA C 48 32.96 -7.00 -38.62
N VAL C 49 32.81 -8.20 -39.22
CA VAL C 49 32.34 -8.29 -40.60
C VAL C 49 30.90 -7.78 -40.80
N ARG C 50 30.02 -8.06 -39.85
CA ARG C 50 28.63 -7.59 -39.88
C ARG C 50 28.53 -6.13 -39.45
N LYS C 51 29.68 -5.52 -39.18
CA LYS C 51 29.81 -4.06 -38.96
C LYS C 51 29.28 -3.53 -37.63
N ALA C 52 29.33 -4.38 -36.61
CA ALA C 52 29.01 -3.95 -35.24
C ALA C 52 29.94 -2.82 -34.86
N GLY C 53 29.39 -1.74 -34.33
CA GLY C 53 30.22 -0.60 -33.95
C GLY C 53 30.64 0.34 -35.08
N ILE C 54 30.07 0.19 -36.26
CA ILE C 54 30.40 1.09 -37.35
C ILE C 54 29.92 2.54 -37.11
N ALA C 55 28.80 2.69 -36.40
CA ALA C 55 28.35 4.00 -35.98
C ALA C 55 29.47 4.81 -35.33
N HIS C 56 30.36 4.16 -34.59
CA HIS C 56 31.46 4.85 -33.92
C HIS C 56 32.52 5.32 -34.93
N LEU C 57 32.73 4.54 -35.98
CA LEU C 57 33.56 4.95 -37.06
C LEU C 57 33.00 6.18 -37.83
N TYR C 58 31.70 6.40 -37.84
CA TYR C 58 31.09 7.48 -38.56
C TYR C 58 30.65 8.63 -37.64
N GLY C 59 31.20 8.68 -36.42
CA GLY C 59 31.09 9.87 -35.58
C GLY C 59 29.85 10.01 -34.73
N ILE C 60 29.24 8.88 -34.34
CA ILE C 60 28.08 8.93 -33.46
C ILE C 60 28.40 9.57 -32.09
N ALA C 61 29.65 9.46 -31.64
CA ALA C 61 30.08 10.11 -30.40
C ALA C 61 31.01 11.29 -30.65
N GLY C 62 31.12 11.78 -31.88
CA GLY C 62 32.14 12.81 -32.16
C GLY C 62 33.43 12.21 -32.69
N LYS C 73 41.12 -1.79 -39.95
CA LYS C 73 41.06 -2.48 -41.24
C LYS C 73 40.80 -3.99 -41.16
N LEU C 74 39.82 -4.46 -41.91
CA LEU C 74 39.17 -5.73 -41.56
C LEU C 74 40.04 -6.99 -41.64
N ASP C 75 40.79 -7.11 -42.72
CA ASP C 75 41.62 -8.28 -42.90
C ASP C 75 42.80 -8.28 -41.92
N VAL C 76 43.29 -7.08 -41.59
CA VAL C 76 44.35 -6.91 -40.58
C VAL C 76 43.86 -7.32 -39.19
N LEU C 77 42.69 -6.83 -38.81
CA LEU C 77 42.06 -7.19 -37.53
C LEU C 77 41.75 -8.67 -37.45
N SER C 78 41.30 -9.25 -38.57
CA SER C 78 40.95 -10.65 -38.61
C SER C 78 42.21 -11.47 -38.33
N ASN C 79 43.31 -11.07 -38.95
CA ASN C 79 44.56 -11.73 -38.76
C ASN C 79 45.03 -11.60 -37.34
N ASP C 80 44.95 -10.40 -36.78
CA ASP C 80 45.35 -10.17 -35.40
C ASP C 80 44.56 -11.04 -34.45
N LEU C 81 43.27 -11.16 -34.70
CA LEU C 81 42.42 -11.97 -33.83
C LEU C 81 42.84 -13.45 -33.82
N VAL C 82 43.04 -14.03 -35.01
CA VAL C 82 43.41 -15.43 -35.14
C VAL C 82 44.80 -15.65 -34.55
N MET C 83 45.78 -14.81 -34.94
CA MET C 83 47.15 -14.89 -34.40
C MET C 83 47.15 -14.87 -32.90
N ASN C 84 46.48 -13.88 -32.35
CA ASN C 84 46.50 -13.74 -30.91
C ASN C 84 45.80 -14.88 -30.19
N MET C 85 44.63 -15.30 -30.68
CA MET C 85 43.91 -16.38 -30.02
C MET C 85 44.67 -17.70 -30.12
N LEU C 86 45.32 -17.97 -31.26
CA LEU C 86 46.12 -19.19 -31.39
C LEU C 86 47.40 -19.15 -30.57
N LYS C 87 48.14 -18.05 -30.61
CA LYS C 87 49.34 -17.95 -29.79
C LYS C 87 49.03 -18.22 -28.31
N SER C 88 48.01 -17.57 -27.80
CA SER C 88 47.69 -17.70 -26.38
C SER C 88 46.94 -18.98 -26.04
N SER C 89 46.75 -19.87 -27.01
CA SER C 89 46.12 -21.16 -26.75
C SER C 89 47.11 -22.18 -26.13
N PHE C 90 48.41 -21.84 -26.16
CA PHE C 90 49.47 -22.74 -25.75
C PHE C 90 49.48 -24.04 -26.56
N ALA C 91 48.87 -24.06 -27.75
CA ALA C 91 48.72 -25.29 -28.50
C ALA C 91 49.42 -25.26 -29.87
N THR C 92 50.09 -24.16 -30.20
CA THR C 92 50.68 -24.01 -31.53
C THR C 92 52.16 -23.64 -31.46
N CYS C 93 52.90 -23.91 -32.53
CA CYS C 93 54.31 -23.50 -32.61
C CYS C 93 54.64 -22.71 -33.86
N VAL C 94 53.92 -23.01 -34.95
CA VAL C 94 54.14 -22.33 -36.22
C VAL C 94 52.78 -21.91 -36.82
N LEU C 95 52.69 -20.65 -37.24
CA LEU C 95 51.47 -20.11 -37.81
C LEU C 95 51.77 -19.47 -39.17
N VAL C 96 51.08 -19.96 -40.19
CA VAL C 96 51.19 -19.40 -41.53
C VAL C 96 49.89 -18.73 -41.88
N SER C 97 50.00 -17.48 -42.33
CA SER C 97 48.86 -16.66 -42.67
C SER C 97 49.02 -16.03 -44.05
N GLU C 98 47.91 -15.95 -44.77
CA GLU C 98 47.84 -15.22 -46.03
C GLU C 98 48.42 -13.82 -45.88
N GLU C 99 48.20 -13.20 -44.73
CA GLU C 99 48.67 -11.84 -44.45
C GLU C 99 50.14 -11.67 -44.14
N ASP C 100 50.86 -12.75 -43.83
CA ASP C 100 52.28 -12.62 -43.45
C ASP C 100 53.23 -13.31 -44.42
N LYS C 101 54.28 -12.60 -44.79
CA LYS C 101 55.21 -13.10 -45.76
C LYS C 101 55.99 -14.32 -45.24
N HIS C 102 56.35 -14.31 -43.96
CA HIS C 102 57.00 -15.45 -43.34
C HIS C 102 56.10 -16.11 -42.32
N ALA C 103 56.39 -17.37 -42.03
CA ALA C 103 55.73 -18.07 -40.95
C ALA C 103 56.05 -17.39 -39.65
N ILE C 104 55.08 -17.41 -38.75
CA ILE C 104 55.26 -16.88 -37.41
C ILE C 104 55.62 -18.04 -36.49
N ILE C 105 56.75 -17.90 -35.82
CA ILE C 105 57.21 -18.89 -34.85
C ILE C 105 56.79 -18.41 -33.48
N VAL C 106 55.95 -19.20 -32.81
CA VAL C 106 55.44 -18.86 -31.50
C VAL C 106 56.58 -18.82 -30.45
N GLU C 107 56.59 -17.79 -29.63
CA GLU C 107 57.60 -17.65 -28.57
C GLU C 107 57.58 -18.91 -27.66
N PRO C 108 58.76 -19.31 -27.16
CA PRO C 108 58.96 -20.61 -26.49
C PRO C 108 57.97 -20.94 -25.38
N GLU C 109 57.60 -19.94 -24.58
CA GLU C 109 56.78 -20.17 -23.39
C GLU C 109 55.33 -20.48 -23.76
N LYS C 110 54.96 -20.25 -25.02
CA LYS C 110 53.59 -20.47 -25.48
C LYS C 110 53.49 -21.59 -26.51
N ARG C 111 54.58 -22.32 -26.71
CA ARG C 111 54.66 -23.29 -27.79
C ARG C 111 53.92 -24.56 -27.48
N GLY C 112 53.14 -25.04 -28.43
CA GLY C 112 52.47 -26.34 -28.32
C GLY C 112 52.79 -27.12 -29.56
N LYS C 113 52.09 -28.23 -29.76
CA LYS C 113 52.51 -29.19 -30.77
C LYS C 113 51.89 -29.05 -32.17
N TYR C 114 51.02 -28.06 -32.40
CA TYR C 114 50.33 -27.91 -33.71
C TYR C 114 50.82 -26.75 -34.58
N VAL C 115 50.73 -26.98 -35.88
CA VAL C 115 51.01 -25.99 -36.92
C VAL C 115 49.67 -25.63 -37.54
N VAL C 116 49.42 -24.33 -37.72
CA VAL C 116 48.17 -23.86 -38.31
C VAL C 116 48.40 -22.92 -39.49
N CYS C 117 47.79 -23.27 -40.62
CA CYS C 117 47.82 -22.46 -41.83
C CYS C 117 46.42 -21.90 -42.04
N PHE C 118 46.31 -20.59 -42.23
CA PHE C 118 45.00 -19.99 -42.39
C PHE C 118 44.95 -18.78 -43.30
N ASP C 119 43.76 -18.55 -43.86
CA ASP C 119 43.41 -17.29 -44.51
C ASP C 119 42.36 -16.63 -43.63
N PRO C 120 42.71 -15.56 -42.90
CA PRO C 120 41.82 -15.01 -41.88
C PRO C 120 40.56 -14.38 -42.45
N LEU C 121 40.67 -13.78 -43.63
CA LEU C 121 39.49 -13.24 -44.30
C LEU C 121 39.57 -13.36 -45.80
N ASP C 122 39.24 -14.55 -46.29
CA ASP C 122 39.23 -14.83 -47.71
C ASP C 122 38.08 -14.13 -48.41
N GLY C 123 38.37 -13.60 -49.60
CA GLY C 123 37.42 -12.90 -50.44
C GLY C 123 37.35 -11.42 -50.11
N SER C 124 38.20 -10.97 -49.19
CA SER C 124 38.08 -9.61 -48.59
C SER C 124 38.47 -8.47 -49.53
N SER C 125 39.17 -8.79 -50.62
CA SER C 125 39.45 -7.76 -51.62
C SER C 125 38.15 -7.17 -52.20
N ASN C 126 37.09 -7.98 -52.26
CA ASN C 126 35.76 -7.59 -52.77
C ASN C 126 34.73 -7.27 -51.66
N ILE C 127 35.17 -7.06 -50.42
CA ILE C 127 34.24 -6.81 -49.31
C ILE C 127 33.45 -5.49 -49.43
N ASP C 128 33.92 -4.59 -50.30
CA ASP C 128 33.25 -3.33 -50.59
C ASP C 128 31.85 -3.55 -51.15
N CYS C 129 31.63 -4.69 -51.79
CA CYS C 129 30.30 -5.00 -52.33
C CYS C 129 29.50 -5.95 -51.44
N LEU C 130 30.05 -6.26 -50.25
CA LEU C 130 29.37 -7.06 -49.23
C LEU C 130 29.13 -8.49 -49.66
N VAL C 131 30.01 -8.98 -50.50
CA VAL C 131 30.04 -10.36 -50.89
C VAL C 131 30.40 -11.17 -49.66
N SER C 132 29.86 -12.38 -49.58
CA SER C 132 30.27 -13.37 -48.59
C SER C 132 31.78 -13.45 -48.49
N VAL C 133 32.29 -13.45 -47.28
CA VAL C 133 33.69 -13.69 -47.02
C VAL C 133 33.79 -14.86 -46.05
N GLY C 134 35.01 -15.29 -45.73
CA GLY C 134 35.20 -16.43 -44.83
C GLY C 134 36.60 -16.56 -44.28
N THR C 135 36.74 -17.48 -43.35
CA THR C 135 38.03 -17.80 -42.73
C THR C 135 38.31 -19.27 -43.01
N ILE C 136 39.52 -19.59 -43.47
CA ILE C 136 39.86 -20.96 -43.83
C ILE C 136 41.02 -21.36 -42.94
N PHE C 137 41.02 -22.59 -42.47
CA PHE C 137 42.12 -23.06 -41.62
C PHE C 137 42.44 -24.54 -41.87
N GLY C 138 43.71 -24.87 -41.74
CA GLY C 138 44.20 -26.25 -41.70
C GLY C 138 45.17 -26.44 -40.53
N ILE C 139 45.03 -27.57 -39.84
CA ILE C 139 45.81 -27.85 -38.64
C ILE C 139 46.60 -29.15 -38.81
N TYR C 140 47.91 -29.05 -38.62
CA TYR C 140 48.82 -30.18 -38.73
C TYR C 140 49.50 -30.40 -37.37
N ARG C 141 49.89 -31.64 -37.10
CA ARG C 141 50.81 -31.92 -35.98
C ARG C 141 52.23 -31.63 -36.45
N LYS C 142 53.02 -30.96 -35.62
CA LYS C 142 54.42 -30.75 -35.93
C LYS C 142 55.06 -32.12 -36.05
N LYS C 143 55.70 -32.34 -37.18
CA LYS C 143 56.22 -33.66 -37.53
C LYS C 143 57.71 -33.86 -37.22
N SER C 144 58.51 -32.82 -37.40
CA SER C 144 59.93 -32.92 -37.16
C SER C 144 60.19 -32.63 -35.69
N THR C 145 61.34 -33.08 -35.19
CA THR C 145 61.76 -32.80 -33.82
C THR C 145 62.69 -31.59 -33.77
N ASP C 146 62.93 -30.96 -34.91
CA ASP C 146 63.81 -29.76 -34.95
C ASP C 146 63.16 -28.57 -34.27
N GLU C 147 63.94 -27.52 -34.07
CA GLU C 147 63.40 -26.25 -33.56
C GLU C 147 62.37 -25.81 -34.56
N PRO C 148 61.25 -25.19 -34.11
CA PRO C 148 60.21 -24.94 -35.10
C PRO C 148 60.63 -23.96 -36.14
N SER C 149 60.23 -24.21 -37.38
CA SER C 149 60.52 -23.29 -38.47
C SER C 149 59.45 -23.39 -39.55
N GLU C 150 59.59 -22.57 -40.58
CA GLU C 150 58.73 -22.59 -41.74
C GLU C 150 58.54 -24.00 -42.31
N LYS C 151 59.60 -24.80 -42.25
CA LYS C 151 59.60 -26.17 -42.80
C LYS C 151 58.47 -27.02 -42.25
N ASP C 152 58.08 -26.73 -41.01
CA ASP C 152 57.09 -27.54 -40.36
C ASP C 152 55.71 -27.38 -40.99
N ALA C 153 55.53 -26.30 -41.75
CA ALA C 153 54.27 -26.05 -42.42
C ALA C 153 54.22 -26.66 -43.81
N LEU C 154 55.35 -27.14 -44.31
CA LEU C 154 55.42 -27.69 -45.67
C LEU C 154 55.08 -29.17 -45.64
N GLN C 155 53.89 -29.52 -45.18
CA GLN C 155 53.44 -30.90 -45.19
C GLN C 155 52.38 -31.06 -46.24
N PRO C 156 52.27 -32.25 -46.82
CA PRO C 156 51.14 -32.49 -47.68
C PRO C 156 49.81 -32.47 -46.90
N GLY C 157 48.74 -32.06 -47.57
CA GLY C 157 47.41 -32.07 -47.01
C GLY C 157 46.94 -33.37 -46.38
N ARG C 158 47.43 -34.51 -46.87
CA ARG C 158 47.12 -35.82 -46.29
C ARG C 158 47.37 -35.84 -44.80
N ASN C 159 48.34 -35.03 -44.35
CA ASN C 159 48.73 -35.03 -42.92
C ASN C 159 47.84 -34.20 -42.02
N LEU C 160 46.85 -33.53 -42.60
CA LEU C 160 45.92 -32.72 -41.81
C LEU C 160 45.22 -33.50 -40.73
N VAL C 161 45.22 -32.94 -39.54
CA VAL C 161 44.53 -33.49 -38.38
C VAL C 161 43.09 -32.94 -38.32
N ALA C 162 42.94 -31.68 -38.70
CA ALA C 162 41.63 -31.04 -38.78
C ALA C 162 41.70 -29.85 -39.73
N ALA C 163 40.58 -29.54 -40.35
CA ALA C 163 40.51 -28.41 -41.27
C ALA C 163 39.09 -27.95 -41.41
N GLY C 164 38.93 -26.72 -41.87
CA GLY C 164 37.60 -26.22 -42.16
C GLY C 164 37.53 -24.76 -42.47
N TYR C 165 36.34 -24.20 -42.31
CA TYR C 165 36.15 -22.81 -42.62
C TYR C 165 34.97 -22.22 -41.89
N ALA C 166 35.01 -20.90 -41.72
CA ALA C 166 33.83 -20.13 -41.32
C ALA C 166 33.38 -19.31 -42.52
N LEU C 167 32.09 -19.41 -42.86
CA LEU C 167 31.50 -18.62 -43.91
C LEU C 167 30.69 -17.50 -43.27
N TYR C 168 31.06 -16.25 -43.57
CA TYR C 168 30.29 -15.07 -43.13
C TYR C 168 29.35 -14.69 -44.26
N GLY C 169 28.23 -15.41 -44.35
CA GLY C 169 27.29 -15.25 -45.44
C GLY C 169 26.02 -14.61 -44.96
N SER C 170 24.86 -15.08 -45.45
CA SER C 170 23.58 -14.59 -44.95
C SER C 170 23.51 -14.88 -43.48
N ALA C 171 24.14 -15.98 -43.07
CA ALA C 171 24.40 -16.26 -41.65
C ALA C 171 25.84 -16.74 -41.56
N THR C 172 26.34 -16.90 -40.35
CA THR C 172 27.69 -17.38 -40.15
C THR C 172 27.66 -18.87 -39.80
N MET C 173 28.38 -19.68 -40.56
CA MET C 173 28.48 -21.11 -40.30
C MET C 173 29.95 -21.53 -40.20
N LEU C 174 30.25 -22.41 -39.26
CA LEU C 174 31.55 -23.05 -39.19
C LEU C 174 31.45 -24.50 -39.64
N VAL C 175 32.31 -24.86 -40.58
CA VAL C 175 32.36 -26.23 -41.11
C VAL C 175 33.67 -26.83 -40.66
N LEU C 176 33.56 -27.95 -39.93
CA LEU C 176 34.73 -28.61 -39.35
C LEU C 176 34.83 -30.03 -39.86
N ALA C 177 35.97 -30.34 -40.48
CA ALA C 177 36.28 -31.70 -40.92
C ALA C 177 37.39 -32.26 -40.07
N MET C 178 37.18 -33.49 -39.62
CA MET C 178 38.19 -34.28 -38.92
C MET C 178 38.03 -35.74 -39.35
N ASP C 179 38.75 -36.66 -38.71
CA ASP C 179 38.66 -38.06 -39.08
C ASP C 179 37.25 -38.60 -38.99
N CYS C 180 36.50 -38.13 -38.01
CA CYS C 180 35.13 -38.57 -37.79
C CYS C 180 34.13 -38.04 -38.83
N GLY C 181 34.58 -37.17 -39.75
CA GLY C 181 33.72 -36.64 -40.81
C GLY C 181 33.57 -35.11 -40.77
N VAL C 182 32.58 -34.62 -41.51
CA VAL C 182 32.36 -33.20 -41.67
C VAL C 182 31.08 -32.84 -40.91
N ASN C 183 31.19 -31.80 -40.08
CA ASN C 183 30.08 -31.30 -39.27
C ASN C 183 29.95 -29.77 -39.40
N CYS C 184 28.70 -29.32 -39.53
CA CYS C 184 28.37 -27.92 -39.76
C CYS C 184 27.65 -27.28 -38.57
N PHE C 185 28.17 -26.12 -38.12
CA PHE C 185 27.70 -25.42 -36.93
C PHE C 185 27.29 -24.00 -37.27
N MET C 186 26.04 -23.63 -36.93
CA MET C 186 25.54 -22.29 -37.21
C MET C 186 25.80 -21.39 -35.99
N LEU C 187 26.36 -20.22 -36.20
CA LEU C 187 26.46 -19.26 -35.12
C LEU C 187 25.11 -18.62 -34.85
N ASP C 188 24.65 -18.74 -33.61
CA ASP C 188 23.46 -18.05 -33.13
C ASP C 188 23.93 -16.76 -32.50
N PRO C 189 23.75 -15.65 -33.21
CA PRO C 189 24.34 -14.41 -32.70
C PRO C 189 23.62 -13.86 -31.48
N ALA C 190 22.42 -14.31 -31.17
CA ALA C 190 21.73 -13.93 -29.95
C ALA C 190 22.49 -14.40 -28.69
N ILE C 191 23.20 -15.53 -28.77
CA ILE C 191 23.91 -16.09 -27.60
C ILE C 191 25.41 -16.36 -27.82
N GLY C 192 25.89 -16.17 -29.05
CA GLY C 192 27.29 -16.39 -29.38
C GLY C 192 27.72 -17.82 -29.17
N GLU C 193 26.92 -18.74 -29.66
CA GLU C 193 27.26 -20.15 -29.62
C GLU C 193 27.10 -20.81 -31.00
N PHE C 194 27.96 -21.77 -31.31
CA PHE C 194 27.89 -22.50 -32.57
C PHE C 194 27.08 -23.75 -32.33
N ILE C 195 25.92 -23.84 -32.98
CA ILE C 195 24.96 -24.90 -32.79
C ILE C 195 25.13 -25.92 -33.91
N LEU C 196 25.30 -27.17 -33.55
CA LEU C 196 25.43 -28.24 -34.57
C LEU C 196 24.09 -28.43 -35.31
N VAL C 197 24.09 -28.18 -36.62
CA VAL C 197 22.86 -28.27 -37.40
C VAL C 197 22.91 -29.31 -38.52
N ASP C 198 24.09 -29.75 -38.93
CA ASP C 198 24.22 -30.78 -39.97
C ASP C 198 25.33 -31.76 -39.59
N LYS C 199 24.97 -33.01 -39.36
CA LYS C 199 25.93 -34.00 -38.86
C LYS C 199 26.47 -34.89 -39.95
N ASP C 200 27.78 -35.13 -39.92
CA ASP C 200 28.39 -36.12 -40.75
C ASP C 200 27.90 -35.97 -42.19
N VAL C 201 28.17 -34.79 -42.74
CA VAL C 201 27.68 -34.37 -44.03
C VAL C 201 28.42 -35.06 -45.19
N LYS C 202 27.65 -35.39 -46.22
CA LYS C 202 28.16 -36.03 -47.40
C LYS C 202 27.66 -35.31 -48.64
N ILE C 203 28.57 -35.07 -49.56
CA ILE C 203 28.26 -34.37 -50.79
C ILE C 203 27.50 -35.30 -51.73
N LYS C 204 26.63 -34.74 -52.56
CA LYS C 204 25.99 -35.52 -53.63
C LYS C 204 27.00 -36.19 -54.56
N LYS C 205 26.66 -37.39 -55.01
CA LYS C 205 27.47 -38.13 -55.99
C LYS C 205 27.69 -37.34 -57.27
N LYS C 206 26.64 -36.67 -57.73
CA LYS C 206 26.69 -35.83 -58.91
C LYS C 206 25.76 -34.60 -58.74
N GLY C 207 26.20 -33.44 -59.22
CA GLY C 207 25.43 -32.21 -59.09
C GLY C 207 25.00 -31.62 -60.43
N LYS C 208 24.49 -30.38 -60.38
CA LYS C 208 23.97 -29.69 -61.57
C LYS C 208 24.45 -28.25 -61.69
N ILE C 209 25.57 -27.92 -61.04
CA ILE C 209 26.13 -26.58 -61.09
C ILE C 209 27.63 -26.65 -61.29
N TYR C 210 28.15 -25.83 -62.18
CA TYR C 210 29.60 -25.71 -62.33
C TYR C 210 29.94 -24.28 -61.96
N SER C 211 31.15 -24.09 -61.44
CA SER C 211 31.55 -22.81 -60.91
C SER C 211 32.99 -22.51 -61.26
N LEU C 212 33.18 -21.53 -62.16
CA LEU C 212 34.49 -20.96 -62.41
C LEU C 212 34.35 -19.59 -63.07
N ASN C 213 35.44 -18.81 -63.06
CA ASN C 213 35.52 -17.51 -63.76
C ASN C 213 35.72 -17.73 -65.26
N GLU C 214 34.64 -17.70 -66.04
CA GLU C 214 34.72 -17.93 -67.50
C GLU C 214 35.30 -16.72 -68.23
N GLY C 215 35.57 -15.63 -67.50
CA GLY C 215 36.23 -14.46 -68.09
C GLY C 215 37.66 -14.73 -68.55
N TYR C 216 38.28 -15.79 -68.02
CA TYR C 216 39.60 -16.19 -68.46
C TYR C 216 39.53 -17.29 -69.51
N ALA C 217 38.41 -17.40 -70.22
CA ALA C 217 38.22 -18.45 -71.25
C ALA C 217 39.29 -18.45 -72.34
N ARG C 218 39.79 -17.26 -72.69
CA ARG C 218 40.84 -17.16 -73.69
C ARG C 218 42.13 -17.84 -73.29
N ASP C 219 42.34 -18.04 -71.99
CA ASP C 219 43.56 -18.68 -71.49
C ASP C 219 43.34 -20.13 -71.09
N PHE C 220 42.12 -20.64 -71.17
CA PHE C 220 41.85 -22.01 -70.76
C PHE C 220 42.70 -23.04 -71.46
N ASP C 221 43.17 -24.01 -70.70
CA ASP C 221 43.73 -25.16 -71.36
C ASP C 221 42.53 -25.90 -72.06
N PRO C 222 42.82 -26.67 -73.12
CA PRO C 222 41.75 -27.27 -73.95
C PRO C 222 40.88 -28.29 -73.23
N ALA C 223 41.42 -28.97 -72.22
CA ALA C 223 40.62 -29.84 -71.34
C ALA C 223 39.48 -29.11 -70.58
N VAL C 224 39.81 -27.93 -70.03
CA VAL C 224 38.81 -27.10 -69.38
C VAL C 224 37.79 -26.63 -70.38
N THR C 225 38.26 -26.11 -71.51
CA THR C 225 37.34 -25.63 -72.56
C THR C 225 36.35 -26.74 -72.91
N GLU C 226 36.83 -27.95 -73.12
CA GLU C 226 35.95 -29.03 -73.51
C GLU C 226 34.98 -29.39 -72.40
N TYR C 227 35.48 -29.45 -71.16
CA TYR C 227 34.62 -29.84 -70.04
C TYR C 227 33.48 -28.86 -69.87
N ILE C 228 33.78 -27.57 -69.93
CA ILE C 228 32.75 -26.55 -69.83
C ILE C 228 31.74 -26.62 -70.99
N GLN C 229 32.23 -26.85 -72.21
CA GLN C 229 31.37 -27.04 -73.39
C GLN C 229 30.36 -28.15 -73.12
N ARG C 230 30.80 -29.23 -72.49
CA ARG C 230 29.91 -30.36 -72.20
C ARG C 230 28.87 -30.05 -71.12
N LYS C 231 29.15 -29.08 -70.26
CA LYS C 231 28.20 -28.69 -69.24
C LYS C 231 27.09 -27.86 -69.85
N LYS C 232 27.43 -27.02 -70.82
CA LYS C 232 26.45 -26.19 -71.53
C LYS C 232 25.72 -26.91 -72.67
N PHE C 233 26.42 -27.80 -73.35
CA PHE C 233 25.90 -28.49 -74.53
C PHE C 233 26.11 -29.99 -74.32
N PRO C 234 25.29 -30.60 -73.45
CA PRO C 234 25.57 -31.98 -73.07
C PRO C 234 25.37 -32.94 -74.23
N PRO C 235 26.38 -33.78 -74.51
CA PRO C 235 26.29 -34.72 -75.62
C PRO C 235 25.10 -35.67 -75.47
N ASP C 236 24.81 -36.10 -74.26
CA ASP C 236 23.78 -37.13 -74.04
C ASP C 236 22.36 -36.56 -73.90
N ASN C 237 22.17 -35.31 -74.30
CA ASN C 237 20.84 -34.69 -74.27
C ASN C 237 20.14 -34.53 -72.91
N SER C 238 20.93 -34.58 -71.84
CA SER C 238 20.46 -34.19 -70.50
C SER C 238 20.45 -32.67 -70.38
N ALA C 239 19.89 -32.16 -69.28
CA ALA C 239 19.75 -30.72 -69.08
C ALA C 239 21.11 -30.10 -68.84
N PRO C 240 21.31 -28.88 -69.34
CA PRO C 240 22.57 -28.20 -69.07
C PRO C 240 22.71 -27.84 -67.61
N TYR C 241 23.93 -27.82 -67.12
CA TYR C 241 24.24 -27.38 -65.76
C TYR C 241 24.01 -25.88 -65.63
N GLY C 242 23.68 -25.46 -64.41
CA GLY C 242 23.60 -24.04 -64.08
C GLY C 242 25.01 -23.57 -63.79
N ALA C 243 25.22 -22.27 -63.91
CA ALA C 243 26.48 -21.66 -63.54
C ALA C 243 26.32 -20.74 -62.33
N ARG C 244 27.26 -20.81 -61.41
CA ARG C 244 27.35 -19.85 -60.29
C ARG C 244 28.81 -19.56 -60.02
N TYR C 245 29.16 -18.30 -59.85
CA TYR C 245 30.51 -17.92 -59.43
C TYR C 245 30.45 -16.64 -58.62
N VAL C 246 30.53 -16.79 -57.29
CA VAL C 246 30.50 -15.69 -56.34
C VAL C 246 31.79 -14.87 -56.40
N GLY C 247 32.91 -15.58 -56.56
CA GLY C 247 34.22 -14.93 -56.65
C GLY C 247 34.85 -14.89 -55.27
N SER C 248 34.28 -15.62 -54.34
CA SER C 248 34.80 -15.75 -53.01
C SER C 248 34.77 -17.25 -52.73
N MET C 249 35.96 -17.82 -52.52
CA MET C 249 36.13 -19.24 -52.54
C MET C 249 35.28 -19.98 -51.49
N VAL C 250 35.22 -19.44 -50.29
CA VAL C 250 34.49 -20.10 -49.21
C VAL C 250 33.01 -20.25 -49.59
N ALA C 251 32.46 -19.22 -50.23
CA ALA C 251 31.07 -19.24 -50.62
C ALA C 251 30.82 -20.23 -51.74
N ASP C 252 31.71 -20.25 -52.72
CA ASP C 252 31.57 -21.16 -53.87
C ASP C 252 31.76 -22.61 -53.46
N VAL C 253 32.75 -22.86 -52.60
CA VAL C 253 32.99 -24.19 -52.10
C VAL C 253 31.84 -24.68 -51.18
N HIS C 254 31.32 -23.80 -50.35
CA HIS C 254 30.27 -24.21 -49.45
C HIS C 254 29.00 -24.57 -50.22
N ARG C 255 28.65 -23.77 -51.22
CA ARG C 255 27.52 -24.10 -52.09
C ARG C 255 27.73 -25.47 -52.77
N THR C 256 28.98 -25.72 -53.18
CA THR C 256 29.33 -26.97 -53.80
C THR C 256 29.07 -28.10 -52.83
N LEU C 257 29.48 -27.93 -51.58
CA LEU C 257 29.26 -28.97 -50.55
C LEU C 257 27.78 -29.23 -50.33
N VAL C 258 27.03 -28.17 -50.29
CA VAL C 258 25.64 -28.23 -49.93
C VAL C 258 24.74 -28.68 -51.08
N TYR C 259 24.95 -28.14 -52.28
CA TYR C 259 24.10 -28.48 -53.45
C TYR C 259 24.74 -29.50 -54.38
N GLY C 260 26.04 -29.75 -54.21
CA GLY C 260 26.76 -30.63 -55.11
C GLY C 260 27.22 -29.87 -56.33
N GLY C 261 27.97 -30.54 -57.19
CA GLY C 261 28.48 -29.91 -58.40
C GLY C 261 29.99 -29.81 -58.40
N ILE C 262 30.52 -28.81 -59.08
CA ILE C 262 31.95 -28.71 -59.30
C ILE C 262 32.45 -27.27 -59.28
N PHE C 263 33.61 -27.09 -58.68
CA PHE C 263 34.27 -25.81 -58.61
C PHE C 263 35.66 -25.95 -59.20
N LEU C 264 36.02 -24.97 -60.01
CA LEU C 264 37.30 -24.98 -60.70
C LEU C 264 38.00 -23.64 -60.60
N TYR C 265 39.28 -23.68 -60.21
CA TYR C 265 40.19 -22.57 -60.47
C TYR C 265 41.48 -23.15 -61.07
N PRO C 266 41.53 -23.24 -62.42
CA PRO C 266 42.65 -23.85 -63.14
C PRO C 266 43.73 -22.84 -63.42
N ALA C 267 44.84 -23.28 -64.00
CA ALA C 267 45.91 -22.38 -64.48
C ALA C 267 45.50 -21.52 -65.72
N ASN C 268 46.00 -20.28 -65.75
CA ASN C 268 45.83 -19.34 -66.88
C ASN C 268 47.18 -18.66 -67.17
N LYS C 269 47.20 -17.61 -68.00
CA LYS C 269 48.46 -16.96 -68.38
C LYS C 269 49.02 -16.15 -67.24
N LYS C 270 48.13 -15.44 -66.56
CA LYS C 270 48.49 -14.68 -65.37
C LYS C 270 48.95 -15.54 -64.19
N SER C 271 48.37 -16.74 -64.07
CA SER C 271 48.64 -17.67 -62.95
C SER C 271 48.97 -19.05 -63.49
N PRO C 272 50.21 -19.26 -63.96
CA PRO C 272 50.56 -20.56 -64.57
C PRO C 272 50.61 -21.74 -63.58
N ASN C 273 50.68 -21.45 -62.28
CA ASN C 273 50.56 -22.48 -61.21
C ASN C 273 49.20 -22.51 -60.49
N GLY C 274 48.20 -21.93 -61.13
CA GLY C 274 46.88 -21.80 -60.55
C GLY C 274 47.04 -20.54 -59.72
N LYS C 275 45.94 -20.08 -59.17
CA LYS C 275 45.90 -18.81 -58.48
C LYS C 275 45.73 -19.00 -56.98
N LEU C 276 44.96 -20.01 -56.58
CA LEU C 276 44.68 -20.23 -55.17
C LEU C 276 45.86 -20.85 -54.41
N ARG C 277 45.93 -20.60 -53.12
CA ARG C 277 47.12 -20.93 -52.33
C ARG C 277 46.95 -22.30 -51.79
N LEU C 278 48.00 -23.10 -51.88
CA LEU C 278 47.88 -24.51 -51.53
C LEU C 278 47.65 -24.75 -50.04
N LEU C 279 48.42 -24.06 -49.20
CA LEU C 279 48.45 -24.40 -47.78
C LEU C 279 47.17 -24.06 -47.04
N TYR C 280 46.64 -22.88 -47.33
CA TYR C 280 45.55 -22.31 -46.49
C TYR C 280 44.30 -21.99 -47.31
N GLU C 281 44.25 -22.43 -48.56
CA GLU C 281 43.03 -22.37 -49.35
C GLU C 281 42.73 -23.77 -49.91
N CYS C 282 43.61 -24.31 -50.75
CA CYS C 282 43.31 -25.54 -51.48
C CYS C 282 43.30 -26.75 -50.56
N ASN C 283 44.29 -26.88 -49.68
CA ASN C 283 44.32 -28.07 -48.81
C ASN C 283 43.11 -28.21 -47.84
N PRO C 284 42.77 -27.16 -47.08
CA PRO C 284 41.64 -27.30 -46.18
C PRO C 284 40.35 -27.63 -46.90
N MET C 285 40.13 -27.03 -48.05
CA MET C 285 38.90 -27.32 -48.81
C MET C 285 38.91 -28.70 -49.39
N ALA C 286 40.09 -29.16 -49.82
CA ALA C 286 40.23 -30.52 -50.33
C ALA C 286 39.98 -31.53 -49.22
N TYR C 287 40.49 -31.25 -48.02
CA TYR C 287 40.29 -32.15 -46.90
C TYR C 287 38.82 -32.25 -46.55
N VAL C 288 38.14 -31.10 -46.46
CA VAL C 288 36.70 -31.08 -46.22
C VAL C 288 35.99 -31.91 -47.30
N MET C 289 36.32 -31.67 -48.55
CA MET C 289 35.68 -32.38 -49.65
C MET C 289 35.87 -33.86 -49.53
N GLU C 290 37.10 -34.28 -49.29
CA GLU C 290 37.37 -35.71 -49.21
C GLU C 290 36.67 -36.37 -48.04
N LYS C 291 36.61 -35.69 -46.90
CA LYS C 291 35.89 -36.26 -45.75
C LYS C 291 34.37 -36.29 -45.96
N ALA C 292 33.86 -35.45 -46.85
CA ALA C 292 32.46 -35.47 -47.23
C ALA C 292 32.18 -36.42 -48.42
N GLY C 293 33.18 -37.20 -48.83
CA GLY C 293 33.03 -38.14 -49.93
C GLY C 293 33.11 -37.51 -51.31
N GLY C 294 33.79 -36.36 -51.41
CA GLY C 294 33.99 -35.66 -52.65
C GLY C 294 35.41 -35.85 -53.09
N MET C 295 35.82 -35.08 -54.10
CA MET C 295 37.17 -35.17 -54.64
C MET C 295 37.79 -33.79 -54.83
N ALA C 296 39.12 -33.75 -54.89
CA ALA C 296 39.84 -32.53 -55.18
C ALA C 296 41.16 -32.85 -55.87
N THR C 297 41.34 -32.32 -57.09
CA THR C 297 42.49 -32.62 -57.93
C THR C 297 43.12 -31.35 -58.52
N THR C 298 44.41 -31.43 -58.84
CA THR C 298 45.09 -30.37 -59.57
C THR C 298 44.93 -30.59 -61.05
N GLY C 299 44.40 -31.77 -61.43
CA GLY C 299 44.48 -32.28 -62.79
C GLY C 299 45.47 -33.42 -62.86
N LYS C 300 46.69 -33.19 -62.36
CA LYS C 300 47.74 -34.20 -62.34
C LYS C 300 47.68 -35.11 -61.12
N GLU C 301 47.25 -34.60 -59.98
CA GLU C 301 47.22 -35.41 -58.75
C GLU C 301 46.22 -34.85 -57.74
N ALA C 302 45.95 -35.62 -56.71
CA ALA C 302 45.14 -35.16 -55.60
C ALA C 302 45.83 -33.98 -54.93
N VAL C 303 45.04 -32.96 -54.60
CA VAL C 303 45.57 -31.75 -53.99
C VAL C 303 46.28 -32.09 -52.71
N LEU C 304 45.68 -33.00 -51.95
CA LEU C 304 46.25 -33.42 -50.68
C LEU C 304 47.58 -34.15 -50.80
N ASP C 305 47.97 -34.60 -52.02
CA ASP C 305 49.25 -35.31 -52.24
C ASP C 305 50.39 -34.39 -52.67
N VAL C 306 50.11 -33.13 -52.92
CA VAL C 306 51.16 -32.21 -53.30
C VAL C 306 52.04 -31.94 -52.11
N ILE C 307 53.35 -32.10 -52.30
CA ILE C 307 54.29 -31.77 -51.26
C ILE C 307 54.75 -30.35 -51.51
N PRO C 308 54.37 -29.42 -50.61
CA PRO C 308 54.76 -28.02 -50.81
C PRO C 308 56.25 -27.78 -50.60
N THR C 309 56.79 -26.79 -51.31
CA THR C 309 58.16 -26.32 -51.11
C THR C 309 58.22 -24.86 -50.66
N ASP C 310 57.10 -24.15 -50.75
CA ASP C 310 57.00 -22.73 -50.40
C ASP C 310 55.64 -22.48 -49.78
N ILE C 311 55.60 -21.74 -48.69
CA ILE C 311 54.35 -21.61 -47.90
C ILE C 311 53.23 -20.86 -48.59
N HIS C 312 53.60 -19.95 -49.49
CA HIS C 312 52.62 -19.19 -50.27
C HIS C 312 52.49 -19.72 -51.70
N GLN C 313 52.91 -20.96 -51.95
CA GLN C 313 52.83 -21.50 -53.30
C GLN C 313 51.36 -21.70 -53.74
N ARG C 314 51.13 -21.51 -55.02
CA ARG C 314 49.82 -21.68 -55.62
C ARG C 314 49.61 -23.09 -56.17
N ALA C 315 48.36 -23.41 -56.42
CA ALA C 315 47.98 -24.70 -56.95
C ALA C 315 46.71 -24.57 -57.78
N PRO C 316 46.67 -25.22 -58.95
CA PRO C 316 45.36 -25.41 -59.57
C PRO C 316 44.43 -26.31 -58.76
N VAL C 317 43.11 -26.11 -58.87
CA VAL C 317 42.16 -26.92 -58.12
C VAL C 317 40.85 -27.13 -58.85
N ILE C 318 40.41 -28.37 -58.83
CA ILE C 318 39.11 -28.77 -59.31
C ILE C 318 38.52 -29.68 -58.23
N LEU C 319 37.36 -29.29 -57.67
CA LEU C 319 36.78 -30.06 -56.57
C LEU C 319 35.29 -30.12 -56.62
N GLY C 320 34.72 -31.05 -55.87
CA GLY C 320 33.28 -31.18 -55.74
C GLY C 320 32.81 -32.61 -55.72
N SER C 321 31.62 -32.81 -56.28
CA SER C 321 31.00 -34.13 -56.37
C SER C 321 31.92 -35.09 -57.13
N PRO C 322 32.03 -36.35 -56.68
CA PRO C 322 32.92 -37.29 -57.28
C PRO C 322 32.67 -37.51 -58.77
N ASP C 323 31.43 -37.73 -59.17
CA ASP C 323 31.13 -38.01 -60.59
C ASP C 323 31.53 -36.87 -61.49
N ASP C 324 31.33 -35.65 -61.01
CA ASP C 324 31.69 -34.48 -61.78
C ASP C 324 33.21 -34.32 -61.91
N VAL C 325 33.95 -34.51 -60.82
CA VAL C 325 35.41 -34.42 -60.87
C VAL C 325 36.01 -35.54 -61.73
N LEU C 326 35.47 -36.75 -61.64
CA LEU C 326 35.92 -37.89 -62.44
C LEU C 326 35.69 -37.65 -63.93
N GLU C 327 34.53 -37.11 -64.27
CA GLU C 327 34.24 -36.67 -65.65
C GLU C 327 35.23 -35.62 -66.14
N PHE C 328 35.56 -34.63 -65.30
CA PHE C 328 36.57 -33.67 -65.67
C PHE C 328 37.91 -34.39 -65.93
N LEU C 329 38.25 -35.34 -65.09
CA LEU C 329 39.53 -36.06 -65.22
C LEU C 329 39.60 -36.93 -66.50
N LYS C 330 38.50 -37.60 -66.84
CA LYS C 330 38.38 -38.24 -68.16
C LYS C 330 38.77 -37.32 -69.31
N VAL C 331 38.18 -36.14 -69.34
CA VAL C 331 38.49 -35.16 -70.38
C VAL C 331 39.94 -34.71 -70.26
N TYR C 332 40.44 -34.55 -69.03
CA TYR C 332 41.83 -34.12 -68.84
C TYR C 332 42.81 -35.13 -69.45
N GLU C 333 42.53 -36.41 -69.21
CA GLU C 333 43.35 -37.54 -69.70
C GLU C 333 43.36 -37.61 -71.24
N LYS C 334 42.20 -37.37 -71.84
CA LYS C 334 42.08 -37.28 -73.29
C LYS C 334 43.02 -36.23 -73.89
N HIS C 335 43.28 -35.14 -73.16
CA HIS C 335 44.21 -34.11 -73.64
C HIS C 335 45.63 -34.30 -73.12
N SER C 336 45.92 -35.48 -72.57
CA SER C 336 47.26 -35.94 -72.17
C SER C 336 47.67 -35.31 -70.88
N ASP D 10 29.43 15.16 -40.20
CA ASP D 10 28.27 14.91 -39.29
C ASP D 10 27.60 13.55 -39.53
N VAL D 11 27.43 12.76 -38.47
CA VAL D 11 26.81 11.43 -38.59
C VAL D 11 25.37 11.55 -39.05
N ASN D 12 24.90 10.57 -39.82
CA ASN D 12 23.53 10.59 -40.24
C ASN D 12 22.98 9.18 -40.27
N THR D 13 21.69 9.08 -39.99
CA THR D 13 20.97 7.82 -40.01
C THR D 13 19.85 7.90 -41.02
N LEU D 14 19.28 6.75 -41.34
CA LEU D 14 18.27 6.67 -42.36
C LEU D 14 17.08 7.49 -41.98
N THR D 15 16.65 7.33 -40.75
CA THR D 15 15.45 8.00 -40.28
C THR D 15 15.61 9.53 -40.28
N ARG D 16 16.76 10.00 -39.83
CA ARG D 16 17.08 11.42 -39.80
C ARG D 16 17.25 11.97 -41.22
N PHE D 17 17.90 11.22 -42.08
CA PHE D 17 18.03 11.61 -43.50
C PHE D 17 16.67 11.77 -44.19
N VAL D 18 15.79 10.78 -44.04
CA VAL D 18 14.50 10.81 -44.67
C VAL D 18 13.68 11.97 -44.13
N MET D 19 13.68 12.18 -42.82
CA MET D 19 12.92 13.27 -42.20
C MET D 19 13.38 14.60 -42.76
N GLU D 20 14.68 14.73 -42.90
CA GLU D 20 15.32 15.96 -43.37
C GLU D 20 14.91 16.29 -44.81
N GLU D 21 14.87 15.27 -45.67
CA GLU D 21 14.42 15.45 -47.06
C GLU D 21 12.91 15.68 -47.12
N GLY D 22 12.17 15.02 -46.25
CA GLY D 22 10.74 15.26 -46.13
C GLY D 22 10.41 16.70 -45.77
N ARG D 23 11.13 17.27 -44.81
CA ARG D 23 10.93 18.68 -44.41
C ARG D 23 11.30 19.66 -45.54
N LYS D 24 12.41 19.43 -46.22
CA LYS D 24 12.75 20.20 -47.41
C LYS D 24 11.63 20.23 -48.42
N ALA D 25 11.07 19.07 -48.71
CA ALA D 25 10.00 18.94 -49.68
C ALA D 25 8.65 19.42 -49.14
N ARG D 26 8.57 19.62 -47.83
CA ARG D 26 7.36 20.11 -47.20
C ARG D 26 6.17 19.17 -47.33
N GLY D 27 6.42 17.86 -47.30
CA GLY D 27 5.37 16.86 -47.43
C GLY D 27 4.66 16.65 -46.13
N THR D 28 3.62 15.82 -46.15
CA THR D 28 2.78 15.62 -44.98
C THR D 28 3.34 14.59 -44.00
N GLY D 29 4.35 13.85 -44.42
CA GLY D 29 5.03 12.86 -43.53
C GLY D 29 4.69 11.40 -43.76
N GLU D 30 3.73 11.16 -44.63
CA GLU D 30 3.29 9.82 -44.91
C GLU D 30 4.42 8.93 -45.47
N LEU D 31 5.22 9.47 -46.38
CA LEU D 31 6.30 8.67 -46.97
C LEU D 31 7.35 8.35 -45.92
N THR D 32 7.60 9.31 -45.02
CA THR D 32 8.55 9.13 -43.96
C THR D 32 8.08 8.03 -43.00
N GLN D 33 6.79 7.99 -42.71
CA GLN D 33 6.25 6.93 -41.86
C GLN D 33 6.40 5.55 -42.52
N LEU D 34 6.18 5.52 -43.82
CA LEU D 34 6.29 4.30 -44.62
C LEU D 34 7.74 3.83 -44.65
N LEU D 35 8.67 4.73 -44.91
CA LEU D 35 10.05 4.33 -45.00
C LEU D 35 10.60 3.89 -43.66
N ASN D 36 10.21 4.58 -42.59
CA ASN D 36 10.58 4.14 -41.26
C ASN D 36 10.04 2.75 -40.95
N SER D 37 8.78 2.50 -41.29
CA SER D 37 8.16 1.21 -41.05
C SER D 37 8.86 0.06 -41.79
N LEU D 38 9.18 0.32 -43.04
CA LEU D 38 9.92 -0.60 -43.90
C LEU D 38 11.29 -0.93 -43.31
N CYS D 39 11.95 0.10 -42.82
CA CYS D 39 13.25 -0.03 -42.21
C CYS D 39 13.22 -0.94 -40.95
N THR D 40 12.18 -0.79 -40.14
CA THR D 40 11.97 -1.66 -39.00
C THR D 40 11.78 -3.12 -39.43
N ALA D 41 10.97 -3.34 -40.47
CA ALA D 41 10.82 -4.70 -41.01
C ALA D 41 12.17 -5.30 -41.53
N VAL D 42 12.98 -4.45 -42.17
CA VAL D 42 14.25 -4.90 -42.72
C VAL D 42 15.20 -5.36 -41.62
N LYS D 43 15.20 -4.63 -40.51
CA LYS D 43 16.03 -5.02 -39.39
C LYS D 43 15.59 -6.36 -38.79
N ALA D 44 14.28 -6.63 -38.79
CA ALA D 44 13.72 -7.86 -38.28
C ALA D 44 14.02 -9.02 -39.22
N ILE D 45 13.97 -8.77 -40.51
CA ILE D 45 14.35 -9.76 -41.50
C ILE D 45 15.84 -10.10 -41.35
N SER D 46 16.69 -9.07 -41.22
CA SER D 46 18.12 -9.28 -41.10
C SER D 46 18.43 -10.17 -39.89
N SER D 47 17.80 -9.87 -38.76
CA SER D 47 17.98 -10.68 -37.56
C SER D 47 17.64 -12.16 -37.75
N ALA D 48 16.52 -12.41 -38.41
CA ALA D 48 16.09 -13.77 -38.71
C ALA D 48 16.99 -14.43 -39.73
N VAL D 49 17.46 -13.66 -40.71
CA VAL D 49 18.33 -14.21 -41.76
C VAL D 49 19.67 -14.62 -41.18
N ARG D 50 20.19 -13.85 -40.22
CA ARG D 50 21.46 -14.17 -39.56
C ARG D 50 21.28 -15.27 -38.51
N LYS D 51 20.06 -15.79 -38.39
CA LYS D 51 19.73 -16.95 -37.54
C LYS D 51 19.73 -16.73 -36.02
N ALA D 52 19.39 -15.51 -35.60
CA ALA D 52 19.20 -15.23 -34.17
C ALA D 52 18.12 -16.12 -33.61
N GLY D 53 18.37 -16.76 -32.48
CA GLY D 53 17.40 -17.70 -31.87
C GLY D 53 17.35 -19.11 -32.45
N ILE D 54 18.28 -19.46 -33.33
CA ILE D 54 18.27 -20.79 -33.94
C ILE D 54 18.50 -21.90 -32.90
N ALA D 55 19.27 -21.61 -31.86
CA ALA D 55 19.47 -22.56 -30.76
C ALA D 55 18.14 -23.11 -30.23
N HIS D 56 17.11 -22.27 -30.23
CA HIS D 56 15.80 -22.70 -29.74
C HIS D 56 15.14 -23.65 -30.69
N LEU D 57 15.37 -23.46 -31.97
CA LEU D 57 14.89 -24.40 -32.95
C LEU D 57 15.56 -25.77 -32.86
N TYR D 58 16.76 -25.85 -32.31
CA TYR D 58 17.51 -27.11 -32.23
C TYR D 58 17.50 -27.68 -30.82
N GLY D 59 16.56 -27.25 -29.98
CA GLY D 59 16.28 -27.88 -28.69
C GLY D 59 17.15 -27.49 -27.48
N ILE D 60 17.67 -26.26 -27.46
CA ILE D 60 18.48 -25.81 -26.35
C ILE D 60 17.69 -25.77 -25.04
N ALA D 61 16.39 -25.57 -25.13
CA ALA D 61 15.51 -25.62 -23.95
C ALA D 61 14.65 -26.88 -23.90
N GLY D 62 14.96 -27.92 -24.67
CA GLY D 62 14.12 -29.15 -24.66
C GLY D 62 13.32 -29.24 -25.98
N LYS D 72 8.18 -21.34 -38.58
CA LYS D 72 7.84 -20.48 -39.71
C LYS D 72 9.01 -20.26 -40.67
N LYS D 73 8.77 -20.53 -41.95
CA LYS D 73 9.74 -20.32 -42.99
C LYS D 73 10.15 -18.89 -43.23
N LEU D 74 11.39 -18.73 -43.66
CA LEU D 74 12.02 -17.40 -43.71
C LEU D 74 11.38 -16.42 -44.67
N ASP D 75 11.04 -16.88 -45.86
CA ASP D 75 10.39 -16.02 -46.82
C ASP D 75 8.95 -15.64 -46.42
N VAL D 76 8.26 -16.58 -45.76
CA VAL D 76 6.90 -16.34 -45.23
C VAL D 76 6.95 -15.27 -44.14
N LEU D 77 7.88 -15.43 -43.21
CA LEU D 77 8.06 -14.47 -42.11
C LEU D 77 8.44 -13.11 -42.65
N SER D 78 9.31 -13.11 -43.65
CA SER D 78 9.81 -11.86 -44.23
C SER D 78 8.62 -11.12 -44.83
N ASN D 79 7.75 -11.85 -45.49
CA ASN D 79 6.54 -11.29 -46.08
C ASN D 79 5.60 -10.77 -45.02
N ASP D 80 5.37 -11.55 -43.98
CA ASP D 80 4.53 -11.13 -42.85
C ASP D 80 5.05 -9.83 -42.21
N LEU D 81 6.36 -9.73 -42.04
CA LEU D 81 6.97 -8.54 -41.44
C LEU D 81 6.73 -7.27 -42.25
N VAL D 82 6.98 -7.35 -43.56
CA VAL D 82 6.78 -6.22 -44.45
C VAL D 82 5.31 -5.84 -44.56
N MET D 83 4.45 -6.82 -44.83
CA MET D 83 3.00 -6.62 -44.87
C MET D 83 2.50 -5.94 -43.60
N ASN D 84 2.83 -6.51 -42.47
CA ASN D 84 2.33 -5.96 -41.21
C ASN D 84 2.87 -4.56 -40.92
N MET D 85 4.16 -4.33 -41.13
CA MET D 85 4.72 -3.02 -40.86
C MET D 85 4.15 -1.96 -41.81
N LEU D 86 3.97 -2.30 -43.08
CA LEU D 86 3.39 -1.34 -44.03
C LEU D 86 1.91 -1.07 -43.76
N LYS D 87 1.12 -2.11 -43.50
CA LYS D 87 -0.29 -1.90 -43.17
C LYS D 87 -0.45 -0.96 -42.00
N SER D 88 0.28 -1.24 -40.92
CA SER D 88 0.16 -0.43 -39.74
C SER D 88 0.89 0.93 -39.81
N SER D 89 1.49 1.27 -40.96
CA SER D 89 2.12 2.59 -41.13
C SER D 89 1.10 3.68 -41.43
N PHE D 90 -0.14 3.31 -41.74
CA PHE D 90 -1.19 4.24 -42.17
C PHE D 90 -0.83 5.02 -43.45
N ALA D 91 0.11 4.49 -44.23
CA ALA D 91 0.62 5.22 -45.39
C ALA D 91 0.42 4.48 -46.73
N THR D 92 -0.23 3.33 -46.71
CA THR D 92 -0.38 2.53 -47.91
C THR D 92 -1.82 2.14 -48.15
N CYS D 93 -2.15 1.83 -49.40
CA CYS D 93 -3.49 1.35 -49.76
C CYS D 93 -3.46 0.01 -50.54
N VAL D 94 -2.41 -0.20 -51.31
CA VAL D 94 -2.25 -1.42 -52.10
C VAL D 94 -0.83 -1.96 -51.97
N LEU D 95 -0.72 -3.25 -51.72
CA LEU D 95 0.56 -3.89 -51.50
C LEU D 95 0.65 -5.10 -52.43
N VAL D 96 1.68 -5.11 -53.27
CA VAL D 96 1.97 -6.24 -54.13
C VAL D 96 3.23 -6.94 -53.67
N SER D 97 3.14 -8.25 -53.48
CA SER D 97 4.26 -9.06 -53.02
C SER D 97 4.51 -10.25 -53.94
N GLU D 98 5.78 -10.59 -54.13
CA GLU D 98 6.19 -11.81 -54.78
C GLU D 98 5.45 -13.03 -54.20
N GLU D 99 5.22 -13.02 -52.90
CA GLU D 99 4.55 -14.11 -52.21
C GLU D 99 3.03 -14.23 -52.40
N ASP D 100 2.35 -13.17 -52.87
CA ASP D 100 0.89 -13.19 -52.93
C ASP D 100 0.33 -13.08 -54.35
N LYS D 101 -0.62 -13.96 -54.68
CA LYS D 101 -1.15 -14.05 -56.03
C LYS D 101 -1.89 -12.79 -56.43
N HIS D 102 -2.63 -12.22 -55.50
CA HIS D 102 -3.32 -10.97 -55.74
C HIS D 102 -2.74 -9.85 -54.89
N ALA D 103 -3.00 -8.61 -55.33
CA ALA D 103 -2.64 -7.44 -54.55
C ALA D 103 -3.44 -7.45 -53.29
N ILE D 104 -2.82 -6.95 -52.22
CA ILE D 104 -3.46 -6.82 -50.94
C ILE D 104 -3.97 -5.39 -50.84
N ILE D 105 -5.27 -5.26 -50.58
CA ILE D 105 -5.91 -3.98 -50.39
C ILE D 105 -6.03 -3.74 -48.89
N VAL D 106 -5.40 -2.67 -48.43
CA VAL D 106 -5.38 -2.32 -47.02
C VAL D 106 -6.77 -1.94 -46.53
N GLU D 107 -7.14 -2.43 -45.35
CA GLU D 107 -8.41 -2.08 -44.74
C GLU D 107 -8.58 -0.57 -44.65
N PRO D 108 -9.82 -0.09 -44.83
CA PRO D 108 -10.10 1.36 -44.91
C PRO D 108 -9.50 2.26 -43.83
N GLU D 109 -9.52 1.82 -42.58
CA GLU D 109 -9.13 2.69 -41.48
C GLU D 109 -7.60 2.85 -41.41
N LYS D 110 -6.87 2.04 -42.21
CA LYS D 110 -5.41 2.11 -42.22
C LYS D 110 -4.87 2.63 -43.55
N ARG D 111 -5.75 3.11 -44.42
CA ARG D 111 -5.38 3.42 -45.80
C ARG D 111 -4.66 4.75 -45.91
N GLY D 112 -3.56 4.77 -46.65
CA GLY D 112 -2.83 6.00 -46.93
C GLY D 112 -2.63 6.05 -48.43
N LYS D 113 -1.80 6.99 -48.89
CA LYS D 113 -1.76 7.32 -50.31
C LYS D 113 -0.75 6.56 -51.19
N TYR D 114 0.04 5.65 -50.62
CA TYR D 114 1.08 4.94 -51.40
C TYR D 114 0.80 3.46 -51.73
N VAL D 115 1.32 3.06 -52.89
CA VAL D 115 1.26 1.68 -53.40
C VAL D 115 2.68 1.13 -53.33
N VAL D 116 2.83 -0.06 -52.77
CA VAL D 116 4.16 -0.65 -52.58
C VAL D 116 4.24 -2.03 -53.20
N CYS D 117 5.23 -2.20 -54.07
CA CYS D 117 5.53 -3.51 -54.67
C CYS D 117 6.86 -4.01 -54.12
N PHE D 118 6.89 -5.25 -53.64
CA PHE D 118 8.12 -5.74 -53.02
C PHE D 118 8.35 -7.24 -53.19
N ASP D 119 9.62 -7.62 -53.13
CA ASP D 119 10.05 -9.01 -52.95
C ASP D 119 10.70 -9.09 -51.57
N PRO D 120 10.04 -9.73 -50.61
CA PRO D 120 10.48 -9.68 -49.22
C PRO D 120 11.80 -10.38 -48.97
N LEU D 121 12.05 -11.46 -49.70
CA LEU D 121 13.33 -12.17 -49.55
C LEU D 121 13.78 -12.78 -50.87
N ASP D 122 14.35 -11.95 -51.71
CA ASP D 122 14.85 -12.38 -52.97
C ASP D 122 16.12 -13.21 -52.81
N GLY D 123 16.21 -14.25 -53.64
CA GLY D 123 17.32 -15.17 -53.65
C GLY D 123 17.16 -16.32 -52.66
N SER D 124 16.00 -16.38 -52.00
CA SER D 124 15.78 -17.28 -50.86
C SER D 124 15.67 -18.77 -51.25
N SER D 125 15.43 -19.05 -52.55
CA SER D 125 15.52 -20.35 -53.24
C SER D 125 16.81 -21.10 -52.78
N ASN D 126 17.88 -20.31 -52.72
CA ASN D 126 19.23 -20.81 -52.45
C ASN D 126 19.78 -20.49 -51.06
N ILE D 127 18.91 -20.15 -50.11
CA ILE D 127 19.36 -19.74 -48.77
C ILE D 127 20.00 -20.87 -47.97
N ASP D 128 19.78 -22.12 -48.40
CA ASP D 128 20.42 -23.31 -47.81
C ASP D 128 21.94 -23.26 -47.88
N CYS D 129 22.48 -22.59 -48.89
CA CYS D 129 23.94 -22.45 -49.01
C CYS D 129 24.45 -21.10 -48.47
N LEU D 130 23.58 -20.31 -47.83
CA LEU D 130 23.95 -19.06 -47.14
C LEU D 130 24.47 -17.99 -48.08
N VAL D 131 23.98 -18.04 -49.32
CA VAL D 131 24.19 -17.00 -50.30
C VAL D 131 23.52 -15.73 -49.79
N SER D 132 24.10 -14.58 -50.13
CA SER D 132 23.46 -13.28 -49.94
C SER D 132 22.01 -13.28 -50.42
N VAL D 133 21.11 -12.75 -49.60
CA VAL D 133 19.72 -12.55 -49.98
C VAL D 133 19.40 -11.08 -49.76
N GLY D 134 18.20 -10.67 -50.15
CA GLY D 134 17.83 -9.28 -50.04
C GLY D 134 16.35 -9.02 -50.16
N THR D 135 15.98 -7.79 -49.88
CA THR D 135 14.59 -7.34 -49.95
C THR D 135 14.58 -6.22 -50.98
N ILE D 136 13.61 -6.23 -51.89
CA ILE D 136 13.53 -5.20 -52.97
C ILE D 136 12.18 -4.53 -52.85
N PHE D 137 12.15 -3.21 -53.02
CA PHE D 137 10.89 -2.48 -52.89
C PHE D 137 10.81 -1.31 -53.86
N GLY D 138 9.60 -1.04 -54.31
CA GLY D 138 9.26 0.14 -55.12
C GLY D 138 7.99 0.78 -54.61
N ILE D 139 8.01 2.11 -54.51
CA ILE D 139 6.91 2.88 -53.92
C ILE D 139 6.35 3.88 -54.94
N TYR D 140 5.04 3.79 -55.16
CA TYR D 140 4.31 4.68 -56.07
C TYR D 140 3.26 5.43 -55.31
N ARG D 141 2.92 6.63 -55.80
CA ARG D 141 1.74 7.34 -55.32
C ARG D 141 0.51 6.79 -56.02
N LYS D 142 -0.56 6.55 -55.28
CA LYS D 142 -1.82 6.15 -55.89
C LYS D 142 -2.27 7.31 -56.78
N LYS D 143 -2.59 7.00 -58.03
CA LYS D 143 -2.93 8.03 -59.04
C LYS D 143 -4.41 8.49 -59.10
N SER D 144 -5.36 7.59 -58.93
CA SER D 144 -6.79 7.94 -58.98
C SER D 144 -7.41 8.02 -57.58
N THR D 145 -8.63 8.56 -57.49
CA THR D 145 -9.40 8.62 -56.24
C THR D 145 -10.39 7.46 -56.14
N ASP D 146 -10.36 6.53 -57.08
CA ASP D 146 -11.23 5.36 -57.00
C ASP D 146 -10.90 4.48 -55.84
N GLU D 147 -11.80 3.56 -55.55
CA GLU D 147 -11.55 2.51 -54.61
C GLU D 147 -10.23 1.84 -55.00
N PRO D 148 -9.37 1.58 -54.01
CA PRO D 148 -8.08 1.00 -54.37
C PRO D 148 -8.26 -0.39 -54.93
N SER D 149 -7.45 -0.71 -55.93
CA SER D 149 -7.45 -2.02 -56.51
C SER D 149 -6.07 -2.37 -57.12
N GLU D 150 -5.95 -3.61 -57.61
CA GLU D 150 -4.74 -4.08 -58.28
C GLU D 150 -4.27 -3.10 -59.39
N LYS D 151 -5.21 -2.42 -60.02
CA LYS D 151 -4.91 -1.48 -61.12
C LYS D 151 -3.98 -0.36 -60.70
N ASP D 152 -4.04 0.01 -59.43
CA ASP D 152 -3.21 1.09 -58.92
C ASP D 152 -1.70 0.75 -58.90
N ALA D 153 -1.39 -0.54 -58.96
CA ALA D 153 -0.01 -1.01 -59.01
C ALA D 153 0.56 -1.12 -60.42
N LEU D 154 -0.29 -1.01 -61.44
CA LEU D 154 0.14 -1.18 -62.83
C LEU D 154 0.61 0.15 -63.40
N GLN D 155 1.61 0.74 -62.77
CA GLN D 155 2.20 1.97 -63.24
C GLN D 155 3.58 1.71 -63.81
N PRO D 156 4.03 2.54 -64.75
CA PRO D 156 5.38 2.35 -65.26
C PRO D 156 6.37 2.77 -64.20
N GLY D 157 7.54 2.16 -64.21
CA GLY D 157 8.62 2.50 -63.30
C GLY D 157 8.98 3.97 -63.22
N ARG D 158 8.77 4.71 -64.32
CA ARG D 158 9.01 6.16 -64.34
C ARG D 158 8.28 6.86 -63.22
N ASN D 159 7.15 6.32 -62.80
CA ASN D 159 6.32 6.96 -61.76
C ASN D 159 6.77 6.70 -60.32
N LEU D 160 7.82 5.92 -60.15
CA LEU D 160 8.32 5.66 -58.84
C LEU D 160 8.67 6.95 -58.10
N VAL D 161 8.25 6.99 -56.85
CA VAL D 161 8.58 8.06 -55.92
C VAL D 161 9.82 7.70 -55.14
N ALA D 162 9.97 6.42 -54.79
CA ALA D 162 11.19 5.91 -54.15
C ALA D 162 11.34 4.43 -54.37
N ALA D 163 12.57 3.96 -54.35
CA ALA D 163 12.81 2.53 -54.54
C ALA D 163 14.15 2.14 -53.97
N GLY D 164 14.33 0.86 -53.75
CA GLY D 164 15.64 0.36 -53.31
C GLY D 164 15.66 -1.07 -52.82
N TYR D 165 16.65 -1.39 -52.03
CA TYR D 165 16.81 -2.75 -51.56
C TYR D 165 17.62 -2.80 -50.30
N ALA D 166 17.40 -3.86 -49.55
CA ALA D 166 18.30 -4.25 -48.49
C ALA D 166 19.04 -5.49 -48.93
N LEU D 167 20.37 -5.46 -48.79
CA LEU D 167 21.20 -6.61 -49.05
C LEU D 167 21.65 -7.22 -47.72
N TYR D 168 21.29 -8.48 -47.49
CA TYR D 168 21.75 -9.25 -46.32
C TYR D 168 22.97 -10.05 -46.71
N GLY D 169 24.12 -9.37 -46.71
CA GLY D 169 25.35 -9.94 -47.24
C GLY D 169 26.32 -10.19 -46.12
N SER D 170 27.61 -9.93 -46.36
CA SER D 170 28.61 -10.00 -45.31
C SER D 170 28.23 -9.01 -44.20
N ALA D 171 27.57 -7.93 -44.60
CA ALA D 171 26.86 -7.07 -43.66
C ALA D 171 25.54 -6.72 -44.30
N THR D 172 24.69 -6.01 -43.57
CA THR D 172 23.39 -5.61 -44.08
C THR D 172 23.42 -4.14 -44.48
N MET D 173 23.04 -3.87 -45.74
CA MET D 173 23.03 -2.51 -46.26
C MET D 173 21.70 -2.20 -46.91
N LEU D 174 21.23 -0.98 -46.69
CA LEU D 174 20.03 -0.49 -47.36
C LEU D 174 20.42 0.55 -48.36
N VAL D 175 19.99 0.34 -49.59
CA VAL D 175 20.24 1.29 -50.68
C VAL D 175 18.91 1.93 -51.04
N LEU D 176 18.86 3.25 -50.97
CA LEU D 176 17.64 4.04 -51.18
C LEU D 176 17.86 5.04 -52.30
N ALA D 177 17.02 4.93 -53.32
CA ALA D 177 17.01 5.87 -54.43
C ALA D 177 15.73 6.68 -54.40
N MET D 178 15.89 8.00 -54.56
CA MET D 178 14.78 8.95 -54.68
C MET D 178 15.23 10.00 -55.68
N ASP D 179 14.42 11.05 -55.84
CA ASP D 179 14.78 12.15 -56.74
C ASP D 179 16.13 12.78 -56.44
N CYS D 180 16.47 12.88 -55.15
CA CYS D 180 17.73 13.46 -54.72
C CYS D 180 18.97 12.59 -54.97
N GLY D 181 18.76 11.35 -55.45
CA GLY D 181 19.87 10.43 -55.78
C GLY D 181 19.84 9.13 -55.01
N VAL D 182 20.96 8.42 -55.05
CA VAL D 182 21.09 7.13 -54.43
C VAL D 182 21.99 7.25 -53.21
N ASN D 183 21.52 6.74 -52.08
CA ASN D 183 22.25 6.77 -50.81
C ASN D 183 22.27 5.40 -50.15
N CYS D 184 23.42 5.04 -49.61
CA CYS D 184 23.66 3.73 -49.00
C CYS D 184 23.86 3.82 -47.50
N PHE D 185 23.09 2.99 -46.76
CA PHE D 185 23.09 2.96 -45.30
C PHE D 185 23.47 1.57 -44.77
N MET D 186 24.46 1.51 -43.88
CA MET D 186 24.91 0.24 -43.27
C MET D 186 24.21 0.02 -41.95
N LEU D 187 23.63 -1.16 -41.76
CA LEU D 187 23.03 -1.48 -40.49
C LEU D 187 24.11 -1.80 -39.47
N ASP D 188 24.13 -1.07 -38.35
CA ASP D 188 25.02 -1.35 -37.22
C ASP D 188 24.22 -2.22 -36.27
N PRO D 189 24.50 -3.52 -36.25
CA PRO D 189 23.67 -4.39 -35.46
C PRO D 189 23.84 -4.20 -33.96
N ALA D 190 24.91 -3.54 -33.52
CA ALA D 190 25.07 -3.22 -32.09
C ALA D 190 24.00 -2.27 -31.56
N ILE D 191 23.49 -1.39 -32.42
CA ILE D 191 22.49 -0.41 -32.00
C ILE D 191 21.21 -0.42 -32.83
N GLY D 192 21.19 -1.19 -33.90
CA GLY D 192 20.01 -1.27 -34.76
C GLY D 192 19.68 0.04 -35.44
N GLU D 193 20.71 0.71 -35.98
CA GLU D 193 20.52 1.90 -36.78
C GLU D 193 21.18 1.73 -38.11
N PHE D 194 20.58 2.34 -39.13
CA PHE D 194 21.17 2.42 -40.43
C PHE D 194 21.98 3.71 -40.55
N ILE D 195 23.29 3.57 -40.72
CA ILE D 195 24.22 4.70 -40.77
C ILE D 195 24.54 5.02 -42.22
N LEU D 196 24.40 6.29 -42.59
CA LEU D 196 24.73 6.72 -43.94
C LEU D 196 26.23 6.66 -44.18
N VAL D 197 26.64 5.83 -45.12
CA VAL D 197 28.05 5.62 -45.37
C VAL D 197 28.50 5.96 -46.79
N ASP D 198 27.58 6.03 -47.75
CA ASP D 198 27.90 6.44 -49.13
C ASP D 198 26.83 7.38 -49.65
N LYS D 199 27.21 8.62 -49.94
CA LYS D 199 26.26 9.65 -50.34
C LYS D 199 26.22 9.87 -51.85
N ASP D 200 25.01 9.98 -52.39
CA ASP D 200 24.80 10.38 -53.77
C ASP D 200 25.68 9.60 -54.70
N VAL D 201 25.53 8.29 -54.65
CA VAL D 201 26.44 7.40 -55.35
C VAL D 201 26.16 7.33 -56.87
N LYS D 202 27.24 7.21 -57.63
CA LYS D 202 27.20 7.21 -59.11
C LYS D 202 28.00 6.04 -59.65
N ILE D 203 27.42 5.33 -60.60
CA ILE D 203 28.05 4.14 -61.16
C ILE D 203 29.15 4.55 -62.12
N LYS D 204 30.19 3.74 -62.25
CA LYS D 204 31.21 3.96 -63.26
C LYS D 204 30.62 4.00 -64.66
N LYS D 205 31.20 4.83 -65.49
CA LYS D 205 30.84 4.94 -66.91
C LYS D 205 30.96 3.59 -67.64
N LYS D 206 32.03 2.87 -67.34
CA LYS D 206 32.32 1.57 -67.91
C LYS D 206 33.03 0.70 -66.88
N GLY D 207 32.70 -0.58 -66.86
CA GLY D 207 33.25 -1.54 -65.89
C GLY D 207 34.04 -2.65 -66.55
N LYS D 208 34.38 -3.67 -65.77
CA LYS D 208 35.20 -4.78 -66.22
C LYS D 208 34.64 -6.16 -65.79
N ILE D 209 33.36 -6.22 -65.47
CA ILE D 209 32.72 -7.45 -65.03
C ILE D 209 31.39 -7.61 -65.72
N TYR D 210 31.12 -8.79 -66.23
CA TYR D 210 29.81 -9.11 -66.76
C TYR D 210 29.22 -10.22 -65.91
N SER D 211 27.89 -10.24 -65.79
CA SER D 211 27.21 -11.09 -64.85
C SER D 211 25.93 -11.66 -65.42
N LEU D 212 25.94 -12.96 -65.71
CA LEU D 212 24.75 -13.69 -66.09
C LEU D 212 25.01 -15.20 -65.93
N ASN D 213 23.93 -15.98 -65.94
CA ASN D 213 24.02 -17.42 -65.88
C ASN D 213 24.37 -18.02 -67.25
N GLU D 214 25.66 -18.31 -67.47
CA GLU D 214 26.13 -18.85 -68.74
C GLU D 214 25.81 -20.32 -68.93
N GLY D 215 25.27 -20.96 -67.91
CA GLY D 215 24.84 -22.35 -68.04
C GLY D 215 23.72 -22.54 -69.03
N TYR D 216 22.95 -21.49 -69.31
CA TYR D 216 21.88 -21.52 -70.31
C TYR D 216 22.31 -21.00 -71.67
N ALA D 217 23.61 -21.12 -71.95
CA ALA D 217 24.20 -20.63 -73.20
C ALA D 217 23.57 -21.26 -74.45
N ARG D 218 23.13 -22.50 -74.34
CA ARG D 218 22.43 -23.16 -75.42
C ARG D 218 21.15 -22.45 -75.83
N ASP D 219 20.52 -21.71 -74.92
CA ASP D 219 19.24 -21.04 -75.19
C ASP D 219 19.39 -19.56 -75.41
N PHE D 220 20.61 -19.05 -75.36
CA PHE D 220 20.81 -17.63 -75.62
C PHE D 220 20.29 -17.16 -76.97
N ASP D 221 19.71 -15.97 -76.96
CA ASP D 221 19.55 -15.17 -78.14
C ASP D 221 20.95 -14.96 -78.76
N PRO D 222 21.05 -14.94 -80.10
CA PRO D 222 22.36 -14.70 -80.72
C PRO D 222 23.04 -13.37 -80.37
N ALA D 223 22.26 -12.35 -80.07
CA ALA D 223 22.81 -11.07 -79.59
C ALA D 223 23.59 -11.23 -78.27
N VAL D 224 23.01 -12.01 -77.37
CA VAL D 224 23.62 -12.26 -76.08
C VAL D 224 24.89 -13.09 -76.30
N THR D 225 24.78 -14.15 -77.10
CA THR D 225 25.94 -14.96 -77.43
C THR D 225 27.08 -14.09 -77.93
N GLU D 226 26.80 -13.20 -78.89
CA GLU D 226 27.85 -12.37 -79.45
C GLU D 226 28.41 -11.43 -78.40
N TYR D 227 27.54 -10.83 -77.60
CA TYR D 227 28.01 -9.82 -76.64
C TYR D 227 28.97 -10.47 -75.65
N ILE D 228 28.59 -11.62 -75.13
CA ILE D 228 29.42 -12.34 -74.16
C ILE D 228 30.75 -12.78 -74.79
N GLN D 229 30.70 -13.25 -76.04
CA GLN D 229 31.90 -13.53 -76.81
C GLN D 229 32.90 -12.37 -76.82
N ARG D 230 32.41 -11.17 -77.00
CA ARG D 230 33.25 -9.97 -77.05
C ARG D 230 33.84 -9.60 -75.70
N LYS D 231 33.18 -10.04 -74.62
CA LYS D 231 33.69 -9.79 -73.27
C LYS D 231 34.86 -10.71 -72.97
N LYS D 232 34.78 -11.95 -73.45
CA LYS D 232 35.84 -12.94 -73.28
C LYS D 232 36.98 -12.83 -74.32
N PHE D 233 36.63 -12.46 -75.55
CA PHE D 233 37.58 -12.43 -76.65
C PHE D 233 37.46 -11.08 -77.30
N PRO D 234 38.01 -10.05 -76.65
CA PRO D 234 37.78 -8.72 -77.15
C PRO D 234 38.44 -8.52 -78.50
N PRO D 235 37.67 -8.03 -79.48
CA PRO D 235 38.23 -7.83 -80.83
C PRO D 235 39.44 -6.90 -80.82
N ASP D 236 39.42 -5.87 -79.99
CA ASP D 236 40.51 -4.91 -79.99
C ASP D 236 41.64 -5.44 -79.12
N ASN D 237 42.54 -4.59 -78.61
CA ASN D 237 43.67 -5.14 -77.86
C ASN D 237 43.36 -4.96 -76.38
N SER D 238 42.13 -5.15 -75.92
CA SER D 238 41.96 -4.99 -74.48
C SER D 238 41.80 -6.25 -73.64
N ALA D 239 41.88 -6.08 -72.32
CA ALA D 239 41.78 -7.20 -71.40
C ALA D 239 40.36 -7.74 -71.36
N PRO D 240 40.21 -9.06 -71.27
CA PRO D 240 38.89 -9.62 -71.09
C PRO D 240 38.25 -9.22 -69.77
N TYR D 241 36.92 -9.12 -69.78
CA TYR D 241 36.14 -8.85 -68.57
C TYR D 241 36.20 -10.05 -67.61
N GLY D 242 36.04 -9.79 -66.32
CA GLY D 242 35.87 -10.85 -65.35
C GLY D 242 34.41 -11.24 -65.31
N ALA D 243 34.16 -12.47 -64.84
CA ALA D 243 32.77 -12.95 -64.69
C ALA D 243 32.43 -13.16 -63.22
N ARG D 244 31.24 -12.72 -62.81
CA ARG D 244 30.70 -13.01 -61.47
C ARG D 244 29.20 -13.25 -61.60
N TYR D 245 28.70 -14.32 -60.97
CA TYR D 245 27.26 -14.55 -60.93
C TYR D 245 26.92 -15.25 -59.65
N VAL D 246 26.41 -14.47 -58.69
CA VAL D 246 26.04 -14.98 -57.38
C VAL D 246 24.76 -15.83 -57.50
N GLY D 247 23.83 -15.40 -58.33
CA GLY D 247 22.56 -16.11 -58.50
C GLY D 247 21.50 -15.53 -57.62
N SER D 248 21.81 -14.39 -57.03
CA SER D 248 20.88 -13.68 -56.20
C SER D 248 20.95 -12.26 -56.68
N MET D 249 19.83 -11.76 -57.18
CA MET D 249 19.78 -10.53 -57.93
C MET D 249 20.29 -9.29 -57.15
N VAL D 250 19.90 -9.17 -55.89
CA VAL D 250 20.32 -8.05 -55.09
C VAL D 250 21.82 -7.98 -54.95
N ALA D 251 22.45 -9.14 -54.77
CA ALA D 251 23.91 -9.19 -54.63
C ALA D 251 24.62 -8.85 -55.93
N ASP D 252 24.12 -9.40 -57.03
CA ASP D 252 24.72 -9.12 -58.35
C ASP D 252 24.52 -7.67 -58.75
N VAL D 253 23.33 -7.14 -58.54
CA VAL D 253 23.06 -5.74 -58.86
C VAL D 253 23.85 -4.78 -57.97
N HIS D 254 23.97 -5.10 -56.68
CA HIS D 254 24.74 -4.24 -55.79
C HIS D 254 26.22 -4.19 -56.17
N ARG D 255 26.81 -5.33 -56.52
CA ARG D 255 28.19 -5.37 -57.02
C ARG D 255 28.33 -4.53 -58.27
N THR D 256 27.32 -4.59 -59.13
CA THR D 256 27.33 -3.85 -60.37
C THR D 256 27.35 -2.37 -60.05
N LEU D 257 26.53 -1.94 -59.09
CA LEU D 257 26.51 -0.53 -58.67
C LEU D 257 27.86 -0.09 -58.13
N VAL D 258 28.46 -0.93 -57.30
CA VAL D 258 29.63 -0.57 -56.58
C VAL D 258 30.89 -0.63 -57.44
N TYR D 259 31.05 -1.68 -58.23
CA TYR D 259 32.25 -1.88 -59.06
C TYR D 259 32.08 -1.50 -60.52
N GLY D 260 30.83 -1.30 -60.94
CA GLY D 260 30.52 -1.07 -62.33
C GLY D 260 30.37 -2.38 -63.08
N GLY D 261 30.01 -2.29 -64.36
CA GLY D 261 29.92 -3.46 -65.21
C GLY D 261 28.51 -3.67 -65.68
N ILE D 262 28.14 -4.92 -65.93
CA ILE D 262 26.86 -5.20 -66.53
C ILE D 262 26.24 -6.47 -65.95
N PHE D 263 24.93 -6.43 -65.75
CA PHE D 263 24.17 -7.58 -65.31
C PHE D 263 23.07 -7.89 -66.31
N LEU D 264 22.90 -9.17 -66.64
CA LEU D 264 21.94 -9.58 -67.65
C LEU D 264 21.10 -10.75 -67.19
N TYR D 265 19.79 -10.60 -67.30
CA TYR D 265 18.87 -11.73 -67.27
C TYR D 265 17.95 -11.50 -68.48
N PRO D 266 18.48 -11.88 -69.65
CA PRO D 266 17.82 -11.52 -70.90
C PRO D 266 16.68 -12.45 -71.37
N ALA D 267 16.00 -12.01 -72.41
CA ALA D 267 14.98 -12.82 -73.09
C ALA D 267 15.64 -13.82 -74.04
N ASN D 268 15.01 -14.99 -74.18
CA ASN D 268 15.41 -15.99 -75.19
C ASN D 268 14.16 -16.47 -75.94
N LYS D 269 14.25 -17.55 -76.72
CA LYS D 269 13.07 -18.07 -77.42
C LYS D 269 12.11 -18.72 -76.44
N LYS D 270 12.65 -19.49 -75.49
CA LYS D 270 11.86 -20.16 -74.45
C LYS D 270 11.16 -19.19 -73.49
N SER D 271 11.81 -18.07 -73.20
CA SER D 271 11.31 -17.04 -72.27
C SER D 271 11.35 -15.67 -72.93
N PRO D 272 10.34 -15.36 -73.77
CA PRO D 272 10.39 -14.12 -74.57
C PRO D 272 10.22 -12.85 -73.75
N ASN D 273 9.70 -13.00 -72.54
CA ASN D 273 9.57 -11.88 -71.62
C ASN D 273 10.53 -11.94 -70.45
N GLY D 274 11.60 -12.71 -70.59
CA GLY D 274 12.54 -12.87 -69.46
C GLY D 274 12.01 -13.71 -68.31
N LYS D 275 12.76 -13.76 -67.20
CA LYS D 275 12.35 -14.52 -65.97
C LYS D 275 12.06 -13.61 -64.77
N LEU D 276 12.75 -12.48 -64.65
CA LEU D 276 12.58 -11.62 -63.47
C LEU D 276 11.28 -10.85 -63.55
N ARG D 277 10.75 -10.46 -62.39
CA ARG D 277 9.45 -9.80 -62.32
C ARG D 277 9.58 -8.30 -62.46
N LEU D 278 8.70 -7.68 -63.24
CA LEU D 278 8.85 -6.28 -63.57
C LEU D 278 8.61 -5.35 -62.38
N LEU D 279 7.54 -5.59 -61.64
CA LEU D 279 7.11 -4.62 -60.66
C LEU D 279 8.03 -4.51 -59.43
N TYR D 280 8.48 -5.64 -58.92
CA TYR D 280 9.18 -5.69 -57.65
C TYR D 280 10.60 -6.27 -57.75
N GLU D 281 11.10 -6.47 -58.96
CA GLU D 281 12.52 -6.81 -59.16
C GLU D 281 13.11 -5.83 -60.18
N CYS D 282 12.62 -5.82 -61.41
CA CYS D 282 13.25 -5.05 -62.50
C CYS D 282 13.11 -3.55 -62.35
N ASN D 283 11.90 -3.09 -62.06
CA ASN D 283 11.68 -1.65 -61.86
C ASN D 283 12.50 -0.99 -60.73
N PRO D 284 12.44 -1.53 -59.50
CA PRO D 284 13.24 -0.87 -58.44
C PRO D 284 14.73 -0.81 -58.77
N MET D 285 15.27 -1.89 -59.34
CA MET D 285 16.69 -1.91 -59.68
C MET D 285 17.02 -0.98 -60.82
N ALA D 286 16.10 -0.87 -61.77
CA ALA D 286 16.27 0.07 -62.87
C ALA D 286 16.23 1.51 -62.37
N TYR D 287 15.32 1.80 -61.46
CA TYR D 287 15.25 3.12 -60.85
C TYR D 287 16.54 3.47 -60.11
N VAL D 288 17.02 2.56 -59.28
CA VAL D 288 18.31 2.75 -58.61
C VAL D 288 19.45 3.03 -59.61
N MET D 289 19.54 2.18 -60.62
CA MET D 289 20.54 2.35 -61.66
C MET D 289 20.44 3.70 -62.31
N GLU D 290 19.24 4.10 -62.71
CA GLU D 290 19.11 5.34 -63.43
C GLU D 290 19.45 6.52 -62.54
N LYS D 291 19.07 6.47 -61.28
CA LYS D 291 19.42 7.57 -60.39
C LYS D 291 20.91 7.63 -60.11
N ALA D 292 21.60 6.51 -60.31
CA ALA D 292 23.02 6.45 -60.14
C ALA D 292 23.77 6.74 -61.43
N GLY D 293 23.05 7.17 -62.46
CA GLY D 293 23.65 7.45 -63.76
C GLY D 293 23.98 6.22 -64.60
N GLY D 294 23.29 5.11 -64.34
CA GLY D 294 23.40 3.90 -65.13
C GLY D 294 22.20 3.73 -66.03
N MET D 295 22.07 2.54 -66.64
CA MET D 295 21.01 2.27 -67.58
C MET D 295 20.40 0.93 -67.31
N ALA D 296 19.16 0.77 -67.78
CA ALA D 296 18.48 -0.47 -67.67
C ALA D 296 17.48 -0.64 -68.81
N THR D 297 17.66 -1.71 -69.58
CA THR D 297 16.89 -1.91 -70.80
C THR D 297 16.35 -3.31 -70.85
N THR D 298 15.26 -3.48 -71.58
CA THR D 298 14.75 -4.82 -71.89
C THR D 298 15.42 -5.36 -73.15
N GLY D 299 16.16 -4.51 -73.84
CA GLY D 299 16.57 -4.76 -75.23
C GLY D 299 15.78 -3.87 -76.20
N LYS D 300 14.47 -3.87 -76.09
CA LYS D 300 13.61 -3.04 -76.93
C LYS D 300 13.36 -1.62 -76.34
N GLU D 301 13.31 -1.49 -75.03
CA GLU D 301 13.04 -0.18 -74.40
C GLU D 301 13.57 -0.12 -72.97
N ALA D 302 13.58 1.08 -72.40
CA ALA D 302 13.90 1.27 -70.99
C ALA D 302 12.93 0.50 -70.13
N VAL D 303 13.45 -0.18 -69.11
CA VAL D 303 12.63 -0.97 -68.22
C VAL D 303 11.57 -0.08 -67.61
N LEU D 304 11.97 1.11 -67.23
CA LEU D 304 11.06 2.06 -66.55
C LEU D 304 9.91 2.57 -67.44
N ASP D 305 9.98 2.36 -68.75
CA ASP D 305 8.92 2.77 -69.68
C ASP D 305 7.90 1.67 -69.98
N VAL D 306 8.13 0.44 -69.52
CA VAL D 306 7.18 -0.62 -69.77
C VAL D 306 5.92 -0.34 -68.95
N ILE D 307 4.77 -0.35 -69.61
CA ILE D 307 3.49 -0.19 -68.94
C ILE D 307 2.97 -1.59 -68.61
N PRO D 308 2.93 -1.94 -67.33
CA PRO D 308 2.51 -3.30 -66.97
C PRO D 308 1.00 -3.53 -67.18
N THR D 309 0.62 -4.75 -67.48
CA THR D 309 -0.79 -5.17 -67.56
C THR D 309 -1.14 -6.27 -66.53
N ASP D 310 -0.13 -6.85 -65.91
CA ASP D 310 -0.28 -7.87 -64.90
C ASP D 310 0.78 -7.63 -63.81
N ILE D 311 0.39 -7.75 -62.55
CA ILE D 311 1.30 -7.44 -61.45
C ILE D 311 2.49 -8.38 -61.31
N HIS D 312 2.35 -9.62 -61.76
CA HIS D 312 3.44 -10.60 -61.71
C HIS D 312 4.05 -10.82 -63.07
N GLN D 313 3.88 -9.87 -63.98
CA GLN D 313 4.45 -10.03 -65.31
C GLN D 313 5.99 -9.93 -65.30
N ARG D 314 6.60 -10.69 -66.20
CA ARG D 314 8.04 -10.76 -66.29
C ARG D 314 8.60 -9.72 -67.27
N ALA D 315 9.91 -9.49 -67.18
CA ALA D 315 10.60 -8.61 -68.08
C ALA D 315 12.06 -9.02 -68.25
N PRO D 316 12.55 -8.97 -69.48
CA PRO D 316 14.00 -9.11 -69.64
C PRO D 316 14.69 -7.90 -69.02
N VAL D 317 15.91 -8.07 -68.52
CA VAL D 317 16.64 -6.94 -68.01
C VAL D 317 18.17 -7.03 -68.25
N ILE D 318 18.72 -5.89 -68.69
CA ILE D 318 20.15 -5.70 -68.88
C ILE D 318 20.44 -4.34 -68.30
N LEU D 319 21.29 -4.30 -67.28
CA LEU D 319 21.54 -3.07 -66.57
C LEU D 319 22.97 -2.94 -66.15
N GLY D 320 23.34 -1.71 -65.80
CA GLY D 320 24.66 -1.41 -65.26
C GLY D 320 25.24 -0.11 -65.75
N SER D 321 26.56 -0.11 -65.89
CA SER D 321 27.29 1.02 -66.45
C SER D 321 26.76 1.40 -67.83
N PRO D 322 26.70 2.70 -68.13
CA PRO D 322 26.09 3.15 -69.39
C PRO D 322 26.83 2.64 -70.63
N ASP D 323 28.16 2.75 -70.66
CA ASP D 323 28.91 2.31 -71.83
C ASP D 323 28.70 0.83 -72.12
N ASP D 324 28.61 0.03 -71.07
CA ASP D 324 28.43 -1.40 -71.25
C ASP D 324 27.04 -1.74 -71.78
N VAL D 325 26.02 -1.10 -71.22
CA VAL D 325 24.65 -1.31 -71.70
C VAL D 325 24.50 -0.84 -73.17
N LEU D 326 25.12 0.29 -73.51
CA LEU D 326 25.04 0.83 -74.86
C LEU D 326 25.67 -0.14 -75.84
N GLU D 327 26.82 -0.68 -75.46
CA GLU D 327 27.49 -1.65 -76.28
C GLU D 327 26.64 -2.89 -76.49
N PHE D 328 25.98 -3.34 -75.43
CA PHE D 328 25.05 -4.45 -75.58
C PHE D 328 23.92 -4.10 -76.57
N LEU D 329 23.42 -2.87 -76.49
CA LEU D 329 22.35 -2.45 -77.38
C LEU D 329 22.76 -2.40 -78.83
N LYS D 330 23.95 -1.89 -79.08
CA LYS D 330 24.50 -1.97 -80.40
C LYS D 330 24.49 -3.37 -81.02
N VAL D 331 24.98 -4.36 -80.29
CA VAL D 331 24.92 -5.74 -80.73
C VAL D 331 23.49 -6.24 -80.86
N TYR D 332 22.61 -5.84 -79.94
CA TYR D 332 21.19 -6.25 -80.02
C TYR D 332 20.55 -5.77 -81.32
N GLU D 333 20.82 -4.52 -81.68
CA GLU D 333 20.26 -3.97 -82.92
C GLU D 333 20.78 -4.67 -84.18
N LYS D 334 22.05 -5.02 -84.17
CA LYS D 334 22.67 -5.77 -85.27
C LYS D 334 21.94 -7.08 -85.54
N HIS D 335 21.36 -7.68 -84.51
CA HIS D 335 20.55 -8.87 -84.70
C HIS D 335 19.04 -8.61 -84.80
N SER D 336 18.62 -7.34 -84.89
CA SER D 336 17.08 -7.08 -84.89
C SER D 336 16.41 -7.17 -86.27
N ASP E 10 -40.00 28.75 33.21
CA ASP E 10 -40.33 27.47 32.54
C ASP E 10 -39.15 26.86 31.77
N VAL E 11 -38.84 25.59 32.03
CA VAL E 11 -37.71 24.94 31.36
C VAL E 11 -37.95 24.84 29.88
N ASN E 12 -36.89 24.87 29.11
CA ASN E 12 -37.02 24.73 27.69
C ASN E 12 -35.82 23.98 27.11
N THR E 13 -36.07 23.24 26.04
CA THR E 13 -35.08 22.48 25.34
C THR E 13 -34.96 22.96 23.92
N LEU E 14 -33.92 22.54 23.24
CA LEU E 14 -33.68 22.96 21.87
C LEU E 14 -34.84 22.56 20.98
N THR E 15 -35.28 21.33 21.09
CA THR E 15 -36.26 20.79 20.18
C THR E 15 -37.59 21.51 20.38
N ARG E 16 -37.94 21.73 21.64
CA ARG E 16 -39.17 22.40 21.96
C ARG E 16 -39.12 23.88 21.53
N PHE E 17 -37.97 24.52 21.76
CA PHE E 17 -37.78 25.90 21.34
C PHE E 17 -37.95 26.05 19.83
N VAL E 18 -37.29 25.18 19.07
CA VAL E 18 -37.33 25.25 17.61
C VAL E 18 -38.75 25.00 17.10
N MET E 19 -39.44 24.01 17.66
CA MET E 19 -40.83 23.70 17.26
C MET E 19 -41.74 24.88 17.50
N GLU E 20 -41.55 25.52 18.64
CA GLU E 20 -42.32 26.68 19.07
C GLU E 20 -42.15 27.87 18.11
N GLU E 21 -40.93 28.16 17.71
CA GLU E 21 -40.66 29.20 16.73
C GLU E 21 -41.15 28.82 15.32
N GLY E 22 -41.05 27.54 14.99
CA GLY E 22 -41.58 27.03 13.75
C GLY E 22 -43.09 27.25 13.63
N ARG E 23 -43.82 26.95 14.70
CA ARG E 23 -45.26 27.14 14.71
C ARG E 23 -45.64 28.62 14.57
N LYS E 24 -44.97 29.49 15.32
CA LYS E 24 -45.17 30.91 15.19
C LYS E 24 -45.03 31.37 13.75
N ALA E 25 -43.98 30.91 13.09
CA ALA E 25 -43.72 31.27 11.71
C ALA E 25 -44.64 30.55 10.73
N ARG E 26 -45.31 29.49 11.20
CA ARG E 26 -46.25 28.74 10.37
C ARG E 26 -45.58 28.04 9.19
N GLY E 27 -44.33 27.61 9.38
CA GLY E 27 -43.59 26.89 8.34
C GLY E 27 -44.03 25.45 8.20
N THR E 28 -43.49 24.77 7.20
CA THR E 28 -43.89 23.40 6.89
C THR E 28 -43.20 22.37 7.77
N GLY E 29 -42.16 22.78 8.50
CA GLY E 29 -41.47 21.91 9.46
C GLY E 29 -40.13 21.38 9.00
N GLU E 30 -39.77 21.69 7.76
CA GLU E 30 -38.53 21.20 7.18
C GLU E 30 -37.30 21.70 7.95
N LEU E 31 -37.28 22.97 8.32
CA LEU E 31 -36.14 23.50 9.06
C LEU E 31 -36.03 22.86 10.46
N THR E 32 -37.17 22.59 11.08
CA THR E 32 -37.21 21.93 12.36
C THR E 32 -36.64 20.52 12.25
N GLN E 33 -36.98 19.81 11.20
CA GLN E 33 -36.49 18.43 10.99
C GLN E 33 -34.97 18.45 10.80
N LEU E 34 -34.49 19.45 10.07
CA LEU E 34 -33.08 19.66 9.85
C LEU E 34 -32.36 19.98 11.16
N LEU E 35 -32.88 20.92 11.93
CA LEU E 35 -32.19 21.32 13.16
C LEU E 35 -32.20 20.18 14.19
N ASN E 36 -33.31 19.45 14.30
CA ASN E 36 -33.36 18.28 15.18
C ASN E 36 -32.30 17.25 14.75
N SER E 37 -32.19 17.00 13.46
CA SER E 37 -31.24 16.02 12.96
C SER E 37 -29.83 16.41 13.29
N LEU E 38 -29.52 17.69 13.09
CA LEU E 38 -28.19 18.24 13.38
C LEU E 38 -27.84 18.10 14.85
N CYS E 39 -28.82 18.39 15.69
CA CYS E 39 -28.70 18.27 17.11
C CYS E 39 -28.37 16.82 17.56
N THR E 40 -29.00 15.83 16.94
CA THR E 40 -28.68 14.45 17.18
C THR E 40 -27.22 14.14 16.80
N ALA E 41 -26.77 14.63 15.65
CA ALA E 41 -25.40 14.42 15.23
C ALA E 41 -24.42 15.07 16.22
N VAL E 42 -24.77 16.24 16.72
CA VAL E 42 -23.90 16.97 17.66
C VAL E 42 -23.71 16.19 18.95
N LYS E 43 -24.79 15.59 19.44
CA LYS E 43 -24.70 14.77 20.63
C LYS E 43 -23.81 13.53 20.43
N ALA E 44 -23.83 12.96 19.22
CA ALA E 44 -23.02 11.80 18.88
C ALA E 44 -21.56 12.19 18.73
N ILE E 45 -21.31 13.36 18.17
CA ILE E 45 -19.95 13.92 18.08
C ILE E 45 -19.40 14.19 19.49
N SER E 46 -20.21 14.79 20.37
CA SER E 46 -19.80 15.10 21.72
C SER E 46 -19.39 13.83 22.44
N SER E 47 -20.21 12.80 22.33
CA SER E 47 -19.90 11.53 22.98
C SER E 47 -18.55 10.99 22.54
N ALA E 48 -18.31 11.02 21.23
CA ALA E 48 -17.05 10.50 20.67
C ALA E 48 -15.86 11.38 21.06
N VAL E 49 -16.10 12.69 21.08
CA VAL E 49 -15.05 13.64 21.47
C VAL E 49 -14.64 13.46 22.94
N ARG E 50 -15.60 13.19 23.82
CA ARG E 50 -15.30 12.95 25.23
C ARG E 50 -14.77 11.53 25.46
N LYS E 51 -14.60 10.78 24.36
CA LYS E 51 -13.92 9.46 24.36
C LYS E 51 -14.71 8.31 24.99
N ALA E 52 -16.03 8.36 24.89
CA ALA E 52 -16.87 7.23 25.32
C ALA E 52 -16.51 5.98 24.51
N GLY E 53 -16.32 4.86 25.17
CA GLY E 53 -15.91 3.63 24.50
C GLY E 53 -14.44 3.50 24.12
N ILE E 54 -13.59 4.37 24.61
CA ILE E 54 -12.16 4.31 24.25
C ILE E 54 -11.49 3.06 24.84
N ALA E 55 -11.99 2.61 25.98
CA ALA E 55 -11.53 1.34 26.55
C ALA E 55 -11.53 0.20 25.53
N HIS E 56 -12.52 0.21 24.63
CA HIS E 56 -12.63 -0.83 23.59
C HIS E 56 -11.56 -0.69 22.55
N LEU E 57 -11.19 0.54 22.24
CA LEU E 57 -10.06 0.80 21.37
C LEU E 57 -8.70 0.37 21.94
N TYR E 58 -8.57 0.29 23.26
CA TYR E 58 -7.32 -0.10 23.90
C TYR E 58 -7.33 -1.56 24.43
N GLY E 59 -8.25 -2.38 23.93
CA GLY E 59 -8.24 -3.82 24.18
C GLY E 59 -8.86 -4.33 25.49
N ILE E 60 -9.84 -3.63 26.05
CA ILE E 60 -10.51 -4.08 27.28
C ILE E 60 -11.21 -5.42 27.09
N ALA E 61 -11.65 -5.71 25.87
CA ALA E 61 -12.25 -7.01 25.54
C ALA E 61 -11.34 -7.83 24.64
N GLY E 62 -10.15 -7.31 24.40
CA GLY E 62 -9.55 -7.39 23.07
C GLY E 62 -8.41 -8.37 23.00
N VAL E 71 -12.04 1.92 14.32
CA VAL E 71 -11.16 2.05 13.17
C VAL E 71 -11.08 3.51 12.70
N LYS E 72 -12.12 4.28 13.04
CA LYS E 72 -12.40 5.55 12.40
C LYS E 72 -11.92 6.85 13.11
N LYS E 73 -11.16 7.69 12.39
CA LYS E 73 -10.69 8.98 12.95
C LYS E 73 -11.85 9.96 13.21
N LEU E 74 -11.60 10.81 14.19
CA LEU E 74 -12.65 11.63 14.79
C LEU E 74 -13.31 12.63 13.85
N ASP E 75 -12.51 13.30 13.04
CA ASP E 75 -13.06 14.27 12.11
C ASP E 75 -13.81 13.61 10.96
N VAL E 76 -13.37 12.41 10.56
CA VAL E 76 -14.06 11.59 9.54
C VAL E 76 -15.43 11.11 10.06
N LEU E 77 -15.46 10.60 11.29
CA LEU E 77 -16.70 10.17 11.93
C LEU E 77 -17.66 11.34 12.13
N SER E 78 -17.11 12.49 12.51
CA SER E 78 -17.90 13.67 12.73
C SER E 78 -18.57 14.09 11.45
N ASN E 79 -17.81 14.09 10.38
CA ASN E 79 -18.35 14.39 9.07
C ASN E 79 -19.42 13.38 8.67
N ASP E 80 -19.16 12.08 8.86
CA ASP E 80 -20.15 11.03 8.53
C ASP E 80 -21.45 11.24 9.28
N LEU E 81 -21.34 11.59 10.55
CA LEU E 81 -22.50 11.79 11.36
C LEU E 81 -23.39 12.92 10.84
N VAL E 82 -22.79 14.07 10.57
CA VAL E 82 -23.52 15.22 10.09
C VAL E 82 -24.11 14.95 8.71
N MET E 83 -23.28 14.47 7.77
CA MET E 83 -23.74 14.09 6.41
C MET E 83 -24.94 13.14 6.47
N ASN E 84 -24.81 12.09 7.26
CA ASN E 84 -25.87 11.12 7.33
C ASN E 84 -27.14 11.66 7.95
N MET E 85 -27.01 12.39 9.07
CA MET E 85 -28.18 12.90 9.74
C MET E 85 -28.87 13.95 8.92
N LEU E 86 -28.11 14.79 8.23
CA LEU E 86 -28.73 15.78 7.31
C LEU E 86 -29.38 15.14 6.06
N LYS E 87 -28.69 14.20 5.41
CA LYS E 87 -29.28 13.53 4.25
C LYS E 87 -30.61 12.92 4.60
N SER E 88 -30.64 12.19 5.70
CA SER E 88 -31.85 11.47 6.08
C SER E 88 -32.90 12.34 6.74
N SER E 89 -32.66 13.64 6.84
CA SER E 89 -33.67 14.57 7.38
C SER E 89 -34.74 14.93 6.36
N PHE E 90 -34.50 14.59 5.09
CA PHE E 90 -35.36 14.99 3.97
C PHE E 90 -35.50 16.50 3.82
N ALA E 91 -34.58 17.25 4.36
CA ALA E 91 -34.71 18.71 4.41
C ALA E 91 -33.57 19.44 3.66
N THR E 92 -32.65 18.71 3.06
CA THR E 92 -31.47 19.33 2.44
C THR E 92 -31.31 18.86 0.98
N CYS E 93 -30.61 19.65 0.16
CA CYS E 93 -30.30 19.27 -1.23
C CYS E 93 -28.80 19.36 -1.54
N VAL E 94 -28.11 20.31 -0.90
CA VAL E 94 -26.69 20.52 -1.12
C VAL E 94 -25.97 20.67 0.23
N LEU E 95 -24.87 19.93 0.39
CA LEU E 95 -24.12 19.94 1.61
C LEU E 95 -22.67 20.23 1.26
N VAL E 96 -22.14 21.28 1.88
CA VAL E 96 -20.72 21.61 1.78
C VAL E 96 -20.02 21.35 3.12
N SER E 97 -18.92 20.62 3.07
CA SER E 97 -18.16 20.27 4.26
C SER E 97 -16.69 20.59 4.07
N GLU E 98 -16.07 21.07 5.14
CA GLU E 98 -14.64 21.22 5.20
C GLU E 98 -13.93 19.96 4.72
N GLU E 99 -14.49 18.79 5.04
CA GLU E 99 -13.87 17.50 4.70
C GLU E 99 -13.97 17.07 3.25
N ASP E 100 -14.87 17.69 2.47
CA ASP E 100 -15.10 17.23 1.10
C ASP E 100 -14.74 18.29 0.05
N LYS E 101 -13.99 17.86 -0.95
CA LYS E 101 -13.52 18.74 -1.98
C LYS E 101 -14.67 19.37 -2.78
N HIS E 102 -15.70 18.57 -3.07
CA HIS E 102 -16.86 19.07 -3.80
C HIS E 102 -18.09 19.05 -2.91
N ALA E 103 -19.08 19.84 -3.30
CA ALA E 103 -20.36 19.81 -2.64
C ALA E 103 -20.98 18.46 -2.85
N ILE E 104 -21.76 18.02 -1.86
CA ILE E 104 -22.51 16.79 -1.96
C ILE E 104 -23.93 17.14 -2.33
N ILE E 105 -24.40 16.52 -3.40
CA ILE E 105 -25.74 16.71 -3.87
C ILE E 105 -26.54 15.54 -3.37
N VAL E 106 -27.56 15.82 -2.57
CA VAL E 106 -28.40 14.81 -1.98
C VAL E 106 -29.23 14.06 -3.04
N GLU E 107 -29.29 12.73 -2.93
CA GLU E 107 -30.04 11.91 -3.86
C GLU E 107 -31.51 12.39 -3.92
N PRO E 108 -32.13 12.32 -5.11
CA PRO E 108 -33.44 12.93 -5.37
C PRO E 108 -34.54 12.63 -4.36
N GLU E 109 -34.63 11.39 -3.90
CA GLU E 109 -35.76 10.99 -3.02
C GLU E 109 -35.62 11.57 -1.62
N LYS E 110 -34.47 12.15 -1.28
CA LYS E 110 -34.22 12.69 0.04
C LYS E 110 -34.08 14.19 0.02
N ARG E 111 -34.36 14.80 -1.11
CA ARG E 111 -34.06 16.21 -1.31
C ARG E 111 -35.08 17.10 -0.65
N GLY E 112 -34.61 18.10 0.06
CA GLY E 112 -35.46 19.14 0.63
C GLY E 112 -34.92 20.47 0.20
N LYS E 113 -35.43 21.54 0.78
CA LYS E 113 -35.19 22.89 0.26
C LYS E 113 -33.95 23.63 0.80
N TYR E 114 -33.19 23.05 1.72
CA TYR E 114 -32.08 23.76 2.35
C TYR E 114 -30.68 23.35 1.90
N VAL E 115 -29.77 24.33 1.92
CA VAL E 115 -28.34 24.13 1.67
C VAL E 115 -27.60 24.33 3.00
N VAL E 116 -26.71 23.41 3.34
CA VAL E 116 -25.99 23.47 4.60
C VAL E 116 -24.49 23.43 4.36
N CYS E 117 -23.79 24.42 4.91
CA CYS E 117 -22.31 24.48 4.92
C CYS E 117 -21.83 24.26 6.36
N PHE E 118 -20.87 23.34 6.56
CA PHE E 118 -20.41 23.03 7.90
C PHE E 118 -18.96 22.59 7.99
N ASP E 119 -18.38 22.85 9.16
CA ASP E 119 -17.10 22.28 9.56
C ASP E 119 -17.45 21.32 10.71
N PRO E 120 -17.42 20.01 10.44
CA PRO E 120 -17.87 19.01 11.42
C PRO E 120 -17.06 18.94 12.74
N LEU E 121 -15.76 19.16 12.66
CA LEU E 121 -14.93 19.21 13.84
C LEU E 121 -13.80 20.21 13.69
N ASP E 122 -14.12 21.48 13.90
CA ASP E 122 -13.15 22.56 13.84
C ASP E 122 -12.20 22.51 15.01
N GLY E 123 -10.93 22.76 14.72
CA GLY E 123 -9.86 22.76 15.71
C GLY E 123 -9.23 21.40 15.90
N SER E 124 -9.66 20.42 15.11
CA SER E 124 -9.34 19.01 15.37
C SER E 124 -7.91 18.62 15.04
N SER E 125 -7.21 19.47 14.29
CA SER E 125 -5.79 19.27 14.08
C SER E 125 -5.02 19.20 15.42
N ASN E 126 -5.50 19.94 16.42
CA ASN E 126 -4.87 20.00 17.74
C ASN E 126 -5.59 19.20 18.83
N ILE E 127 -6.46 18.27 18.43
CA ILE E 127 -7.21 17.48 19.41
C ILE E 127 -6.36 16.54 20.26
N ASP E 128 -5.11 16.29 19.82
CA ASP E 128 -4.14 15.49 20.60
C ASP E 128 -3.85 16.10 21.96
N CYS E 129 -3.99 17.42 22.09
CA CYS E 129 -3.75 18.09 23.38
C CYS E 129 -5.04 18.39 24.12
N LEU E 130 -6.17 17.89 23.61
CA LEU E 130 -7.48 18.01 24.26
C LEU E 130 -7.97 19.44 24.40
N VAL E 131 -7.55 20.28 23.46
CA VAL E 131 -8.09 21.62 23.29
C VAL E 131 -9.57 21.50 22.92
N SER E 132 -10.35 22.49 23.33
CA SER E 132 -11.73 22.64 22.89
C SER E 132 -11.83 22.51 21.37
N VAL E 133 -12.82 21.75 20.91
CA VAL E 133 -13.15 21.66 19.50
C VAL E 133 -14.63 21.95 19.35
N GLY E 134 -15.10 22.02 18.11
CA GLY E 134 -16.47 22.42 17.85
C GLY E 134 -16.96 22.07 16.47
N THR E 135 -18.26 22.28 16.28
CA THR E 135 -18.90 22.07 14.99
C THR E 135 -19.53 23.40 14.60
N ILE E 136 -19.35 23.83 13.36
CA ILE E 136 -19.88 25.09 12.88
C ILE E 136 -20.82 24.80 11.71
N PHE E 137 -21.94 25.51 11.64
CA PHE E 137 -22.89 25.28 10.56
C PHE E 137 -23.58 26.56 10.14
N GLY E 138 -23.91 26.63 8.86
CA GLY E 138 -24.73 27.70 8.26
C GLY E 138 -25.76 27.09 7.31
N ILE E 139 -26.98 27.59 7.39
CA ILE E 139 -28.12 27.05 6.66
C ILE E 139 -28.72 28.12 5.77
N TYR E 140 -28.82 27.82 4.49
CA TYR E 140 -29.43 28.70 3.48
C TYR E 140 -30.62 28.02 2.85
N ARG E 141 -31.59 28.80 2.39
CA ARG E 141 -32.66 28.30 1.50
C ARG E 141 -32.09 28.23 0.09
N LYS E 142 -32.38 27.15 -0.61
CA LYS E 142 -32.01 27.04 -2.02
C LYS E 142 -32.79 28.13 -2.77
N LYS E 143 -32.10 28.92 -3.57
CA LYS E 143 -32.70 30.10 -4.24
C LYS E 143 -33.40 29.84 -5.57
N SER E 144 -32.85 28.97 -6.40
CA SER E 144 -33.44 28.69 -7.72
C SER E 144 -34.17 27.37 -7.69
N THR E 145 -34.93 27.08 -8.74
CA THR E 145 -35.61 25.81 -8.90
C THR E 145 -34.84 24.86 -9.81
N ASP E 146 -33.63 25.26 -10.21
CA ASP E 146 -32.80 24.38 -11.04
C ASP E 146 -32.32 23.17 -10.29
N GLU E 147 -31.79 22.22 -11.04
CA GLU E 147 -31.09 21.11 -10.51
C GLU E 147 -30.11 21.61 -9.46
N PRO E 148 -30.11 20.98 -8.27
CA PRO E 148 -29.16 21.44 -7.26
C PRO E 148 -27.71 21.22 -7.69
N SER E 149 -26.87 22.19 -7.36
CA SER E 149 -25.46 22.11 -7.65
C SER E 149 -24.66 22.94 -6.65
N GLU E 150 -23.35 22.89 -6.80
CA GLU E 150 -22.41 23.66 -5.99
C GLU E 150 -22.78 25.14 -5.93
N LYS E 151 -23.33 25.65 -7.03
CA LYS E 151 -23.70 27.05 -7.14
C LYS E 151 -24.67 27.50 -6.08
N ASP E 152 -25.52 26.60 -5.62
CA ASP E 152 -26.52 26.93 -4.64
C ASP E 152 -25.92 27.29 -3.28
N ALA E 153 -24.65 26.90 -3.06
CA ALA E 153 -23.94 27.20 -1.80
C ALA E 153 -23.17 28.50 -1.87
N LEU E 154 -23.06 29.08 -3.06
CA LEU E 154 -22.30 30.34 -3.22
C LEU E 154 -23.19 31.53 -2.99
N GLN E 155 -23.77 31.63 -1.80
CA GLN E 155 -24.59 32.75 -1.43
C GLN E 155 -23.82 33.60 -0.44
N PRO E 156 -24.07 34.91 -0.45
CA PRO E 156 -23.54 35.71 0.65
C PRO E 156 -24.17 35.34 2.00
N GLY E 157 -23.40 35.50 3.06
CA GLY E 157 -23.87 35.26 4.41
C GLY E 157 -25.16 35.97 4.80
N ARG E 158 -25.45 37.12 4.21
CA ARG E 158 -26.69 37.85 4.46
C ARG E 158 -27.91 36.98 4.23
N ASN E 159 -27.79 36.00 3.34
CA ASN E 159 -28.90 35.09 3.05
C ASN E 159 -29.14 33.95 4.05
N LEU E 160 -28.30 33.85 5.08
CA LEU E 160 -28.46 32.81 6.10
C LEU E 160 -29.81 32.84 6.78
N VAL E 161 -30.42 31.68 6.88
CA VAL E 161 -31.69 31.50 7.56
C VAL E 161 -31.40 31.15 9.03
N ALA E 162 -30.36 30.37 9.26
CA ALA E 162 -29.94 29.99 10.61
C ALA E 162 -28.48 29.58 10.60
N ALA E 163 -27.81 29.81 11.72
CA ALA E 163 -26.41 29.47 11.82
C ALA E 163 -26.03 29.30 13.26
N GLY E 164 -24.93 28.61 13.49
CA GLY E 164 -24.41 28.49 14.82
C GLY E 164 -23.28 27.49 14.99
N TYR E 165 -23.08 27.07 16.22
CA TYR E 165 -22.01 26.15 16.50
C TYR E 165 -22.27 25.35 17.76
N ALA E 166 -21.62 24.20 17.84
CA ALA E 166 -21.50 23.46 19.07
C ALA E 166 -20.07 23.55 19.52
N LEU E 167 -19.89 23.92 20.78
CA LEU E 167 -18.59 23.94 21.43
C LEU E 167 -18.46 22.72 22.34
N TYR E 168 -17.46 21.87 22.07
CA TYR E 168 -17.13 20.75 22.94
C TYR E 168 -16.02 21.18 23.86
N GLY E 169 -16.40 21.89 24.92
CA GLY E 169 -15.42 22.51 25.83
C GLY E 169 -15.42 21.79 27.16
N SER E 170 -15.28 22.52 28.26
CA SER E 170 -15.45 21.92 29.59
C SER E 170 -16.84 21.31 29.71
N ALA E 171 -17.81 21.90 29.03
CA ALA E 171 -19.10 21.27 28.78
C ALA E 171 -19.45 21.49 27.32
N THR E 172 -20.53 20.88 26.86
CA THR E 172 -20.96 21.00 25.47
C THR E 172 -22.13 21.97 25.36
N MET E 173 -21.98 22.98 24.52
CA MET E 173 -23.01 24.01 24.35
C MET E 173 -23.32 24.19 22.88
N LEU E 174 -24.58 24.35 22.57
CA LEU E 174 -24.99 24.69 21.23
C LEU E 174 -25.50 26.12 21.20
N VAL E 175 -24.95 26.89 20.26
CA VAL E 175 -25.33 28.30 20.09
C VAL E 175 -26.04 28.40 18.76
N LEU E 176 -27.28 28.90 18.79
CA LEU E 176 -28.14 28.96 17.62
C LEU E 176 -28.60 30.38 17.40
N ALA E 177 -28.28 30.89 16.21
CA ALA E 177 -28.70 32.22 15.80
C ALA E 177 -29.70 32.11 14.68
N MET E 178 -30.79 32.85 14.81
CA MET E 178 -31.81 32.96 13.78
C MET E 178 -32.32 34.40 13.82
N ASP E 179 -33.37 34.69 13.06
CA ASP E 179 -33.94 36.04 13.05
C ASP E 179 -34.34 36.52 14.45
N CYS E 180 -34.85 35.61 15.27
CA CYS E 180 -35.29 35.94 16.62
C CYS E 180 -34.16 36.22 17.62
N GLY E 181 -32.92 36.06 17.19
CA GLY E 181 -31.76 36.31 18.03
C GLY E 181 -30.91 35.08 18.29
N VAL E 182 -30.05 35.21 19.29
CA VAL E 182 -29.07 34.20 19.61
C VAL E 182 -29.45 33.56 20.93
N ASN E 183 -29.48 32.22 20.91
CA ASN E 183 -29.84 31.41 22.08
C ASN E 183 -28.87 30.28 22.33
N CYS E 184 -28.52 30.09 23.61
CA CYS E 184 -27.49 29.16 24.03
C CYS E 184 -28.07 28.00 24.85
N PHE E 185 -27.73 26.77 24.43
CA PHE E 185 -28.28 25.54 24.98
C PHE E 185 -27.15 24.64 25.50
N MET E 186 -27.22 24.26 26.78
CA MET E 186 -26.21 23.39 27.37
C MET E 186 -26.65 21.93 27.23
N LEU E 187 -25.77 21.07 26.74
CA LEU E 187 -26.08 19.64 26.73
C LEU E 187 -25.96 19.06 28.12
N ASP E 188 -27.05 18.46 28.63
CA ASP E 188 -27.05 17.70 29.89
C ASP E 188 -26.79 16.26 29.52
N PRO E 189 -25.55 15.80 29.73
CA PRO E 189 -25.22 14.45 29.25
C PRO E 189 -25.89 13.33 30.05
N ALA E 190 -26.42 13.61 31.23
CA ALA E 190 -27.25 12.64 31.95
C ALA E 190 -28.55 12.22 31.22
N ILE E 191 -29.14 13.12 30.45
CA ILE E 191 -30.38 12.83 29.74
C ILE E 191 -30.31 13.03 28.22
N GLY E 192 -29.20 13.59 27.73
CA GLY E 192 -29.06 13.87 26.31
C GLY E 192 -30.08 14.86 25.81
N GLU E 193 -30.27 15.96 26.54
CA GLU E 193 -31.06 17.10 26.07
C GLU E 193 -30.27 18.38 26.11
N PHE E 194 -30.56 19.26 25.17
CA PHE E 194 -30.01 20.60 25.16
C PHE E 194 -30.97 21.54 25.90
N ILE E 195 -30.52 22.08 27.03
CA ILE E 195 -31.33 22.90 27.91
C ILE E 195 -31.03 24.35 27.63
N LEU E 196 -32.06 25.15 27.38
CA LEU E 196 -31.88 26.56 27.14
C LEU E 196 -31.43 27.27 28.41
N VAL E 197 -30.24 27.85 28.39
CA VAL E 197 -29.67 28.48 29.57
C VAL E 197 -29.36 29.99 29.40
N ASP E 198 -29.26 30.48 28.17
CA ASP E 198 -29.06 31.92 27.94
C ASP E 198 -29.91 32.37 26.77
N LYS E 199 -30.84 33.28 27.04
CA LYS E 199 -31.83 33.70 26.03
C LYS E 199 -31.50 35.03 25.38
N ASP E 200 -31.65 35.09 24.06
CA ASP E 200 -31.55 36.32 23.33
C ASP E 200 -30.30 37.09 23.73
N VAL E 201 -29.16 36.45 23.55
CA VAL E 201 -27.88 36.92 24.04
C VAL E 201 -27.34 38.08 23.21
N LYS E 202 -26.74 39.02 23.92
CA LYS E 202 -26.18 40.22 23.31
C LYS E 202 -24.76 40.43 23.79
N ILE E 203 -23.88 40.75 22.86
CA ILE E 203 -22.45 40.94 23.18
C ILE E 203 -22.25 42.31 23.83
N LYS E 204 -21.26 42.42 24.70
CA LYS E 204 -20.88 43.72 25.25
C LYS E 204 -20.50 44.72 24.16
N LYS E 205 -20.83 45.99 24.39
CA LYS E 205 -20.49 47.08 23.48
C LYS E 205 -18.97 47.16 23.26
N LYS E 206 -18.24 46.97 24.35
CA LYS E 206 -16.80 47.00 24.34
C LYS E 206 -16.25 46.00 25.36
N GLY E 207 -15.16 45.32 25.01
CA GLY E 207 -14.54 44.32 25.87
C GLY E 207 -13.13 44.66 26.29
N LYS E 208 -12.43 43.68 26.87
CA LYS E 208 -11.09 43.87 27.41
C LYS E 208 -10.12 42.74 27.05
N ILE E 209 -10.45 42.00 26.00
CA ILE E 209 -9.60 40.91 25.55
C ILE E 209 -9.45 40.96 24.03
N TYR E 210 -8.23 40.82 23.53
CA TYR E 210 -7.99 40.68 22.08
C TYR E 210 -7.42 39.30 21.84
N SER E 211 -7.71 38.74 20.67
CA SER E 211 -7.41 37.34 20.40
C SER E 211 -6.93 37.14 18.98
N LEU E 212 -5.64 36.85 18.83
CA LEU E 212 -5.06 36.45 17.55
C LEU E 212 -3.73 35.77 17.79
N ASN E 213 -3.24 35.09 16.75
CA ASN E 213 -1.92 34.45 16.80
C ASN E 213 -0.81 35.46 16.53
N GLU E 214 -0.18 35.94 17.60
CA GLU E 214 0.86 36.97 17.48
C GLU E 214 2.21 36.40 17.02
N GLY E 215 2.29 35.07 16.90
CA GLY E 215 3.48 34.44 16.37
C GLY E 215 3.77 34.79 14.92
N TYR E 216 2.76 35.25 14.20
CA TYR E 216 2.93 35.74 12.84
C TYR E 216 3.06 37.24 12.73
N ALA E 217 3.56 37.87 13.80
CA ALA E 217 3.70 39.31 13.86
C ALA E 217 4.60 39.89 12.75
N ARG E 218 5.63 39.15 12.34
CA ARG E 218 6.54 39.63 11.28
C ARG E 218 5.77 39.77 9.96
N ASP E 219 4.64 39.10 9.80
CA ASP E 219 3.86 39.21 8.56
C ASP E 219 2.65 40.10 8.65
N PHE E 220 2.38 40.69 9.81
CA PHE E 220 1.22 41.55 9.97
C PHE E 220 1.19 42.73 9.00
N ASP E 221 0.00 43.00 8.49
CA ASP E 221 -0.35 44.27 7.91
C ASP E 221 -0.05 45.37 8.95
N PRO E 222 0.43 46.56 8.52
CA PRO E 222 0.73 47.62 9.50
C PRO E 222 -0.47 48.10 10.33
N ALA E 223 -1.67 48.03 9.76
CA ALA E 223 -2.91 48.32 10.52
C ALA E 223 -3.11 47.40 11.75
N VAL E 224 -2.85 46.12 11.54
CA VAL E 224 -2.94 45.14 12.60
C VAL E 224 -1.86 45.42 13.64
N THR E 225 -0.62 45.61 13.17
CA THR E 225 0.50 45.92 14.08
C THR E 225 0.13 47.13 14.96
N GLU E 226 -0.39 48.20 14.37
CA GLU E 226 -0.75 49.36 15.14
C GLU E 226 -1.90 49.07 16.11
N TYR E 227 -2.93 48.35 15.65
CA TYR E 227 -4.08 48.09 16.52
C TYR E 227 -3.67 47.31 17.77
N ILE E 228 -2.87 46.27 17.58
CA ILE E 228 -2.40 45.46 18.69
C ILE E 228 -1.51 46.27 19.64
N GLN E 229 -0.64 47.09 19.09
CA GLN E 229 0.15 48.05 19.87
C GLN E 229 -0.73 48.88 20.82
N ARG E 230 -1.86 49.35 20.33
CA ARG E 230 -2.76 50.16 21.12
C ARG E 230 -3.48 49.39 22.21
N LYS E 231 -3.59 48.07 22.02
CA LYS E 231 -4.21 47.22 23.04
C LYS E 231 -3.26 47.01 24.21
N LYS E 232 -1.98 46.86 23.89
CA LYS E 232 -0.94 46.71 24.91
C LYS E 232 -0.45 48.02 25.54
N PHE E 233 -0.38 49.08 24.72
CA PHE E 233 0.13 50.39 25.16
C PHE E 233 -0.91 51.43 24.85
N PRO E 234 -2.00 51.46 25.63
CA PRO E 234 -3.09 52.36 25.26
C PRO E 234 -2.71 53.84 25.34
N PRO E 235 -2.94 54.58 24.25
CA PRO E 235 -2.63 56.01 24.24
C PRO E 235 -3.36 56.79 25.35
N ASP E 236 -4.61 56.46 25.63
CA ASP E 236 -5.42 57.24 26.58
C ASP E 236 -5.27 56.83 28.05
N ASN E 237 -4.20 56.10 28.36
CA ASN E 237 -3.89 55.69 29.72
C ASN E 237 -5.01 54.88 30.47
N SER E 238 -5.86 54.19 29.70
CA SER E 238 -6.72 53.11 30.23
C SER E 238 -5.89 51.83 30.40
N ALA E 239 -6.49 50.82 31.02
CA ALA E 239 -5.81 49.53 31.27
C ALA E 239 -5.57 48.76 29.98
N PRO E 240 -4.44 48.08 29.88
CA PRO E 240 -4.21 47.25 28.69
C PRO E 240 -5.19 46.08 28.64
N TYR E 241 -5.52 45.66 27.43
CA TYR E 241 -6.34 44.46 27.21
C TYR E 241 -5.58 43.21 27.60
N GLY E 242 -6.32 42.18 27.98
CA GLY E 242 -5.75 40.84 28.15
C GLY E 242 -5.67 40.16 26.80
N ALA E 243 -4.79 39.17 26.70
CA ALA E 243 -4.69 38.36 25.48
C ALA E 243 -5.13 36.91 25.75
N ARG E 244 -5.91 36.35 24.83
CA ARG E 244 -6.26 34.92 24.86
C ARG E 244 -6.32 34.37 23.44
N TYR E 245 -5.69 33.24 23.20
CA TYR E 245 -5.74 32.61 21.89
C TYR E 245 -5.63 31.11 22.03
N VAL E 246 -6.79 30.46 21.97
CA VAL E 246 -6.88 29.03 22.14
C VAL E 246 -6.34 28.32 20.90
N GLY E 247 -6.63 28.88 19.74
CA GLY E 247 -6.17 28.29 18.48
C GLY E 247 -7.26 27.44 17.87
N SER E 248 -8.44 27.54 18.43
CA SER E 248 -9.58 26.79 17.98
C SER E 248 -10.69 27.81 17.91
N MET E 249 -11.16 28.04 16.71
CA MET E 249 -11.98 29.19 16.42
C MET E 249 -13.26 29.25 17.24
N VAL E 250 -13.92 28.10 17.39
CA VAL E 250 -15.19 28.06 18.11
C VAL E 250 -14.99 28.52 19.55
N ALA E 251 -13.88 28.11 20.17
CA ALA E 251 -13.61 28.46 21.55
C ALA E 251 -13.30 29.94 21.67
N ASP E 252 -12.49 30.46 20.75
CA ASP E 252 -12.12 31.87 20.77
C ASP E 252 -13.33 32.76 20.50
N VAL E 253 -14.15 32.37 19.53
CA VAL E 253 -15.35 33.14 19.19
C VAL E 253 -16.39 33.08 20.29
N HIS E 254 -16.55 31.92 20.91
CA HIS E 254 -17.51 31.82 22.01
C HIS E 254 -17.11 32.69 23.20
N ARG E 255 -15.85 32.68 23.57
CA ARG E 255 -15.36 33.54 24.63
C ARG E 255 -15.61 34.99 24.30
N THR E 256 -15.43 35.33 23.03
CA THR E 256 -15.65 36.68 22.53
C THR E 256 -17.10 37.06 22.72
N LEU E 257 -18.00 36.15 22.39
CA LEU E 257 -19.43 36.40 22.59
C LEU E 257 -19.76 36.62 24.07
N VAL E 258 -19.18 35.79 24.91
CA VAL E 258 -19.57 35.73 26.29
C VAL E 258 -18.93 36.85 27.09
N TYR E 259 -17.64 37.12 26.88
CA TYR E 259 -16.93 38.12 27.67
C TYR E 259 -16.76 39.43 26.92
N GLY E 260 -17.02 39.43 25.63
CA GLY E 260 -16.80 40.60 24.81
C GLY E 260 -15.35 40.66 24.38
N GLY E 261 -15.02 41.64 23.53
CA GLY E 261 -13.67 41.80 23.03
C GLY E 261 -13.61 41.61 21.54
N ILE E 262 -12.45 41.17 21.05
CA ILE E 262 -12.21 41.12 19.61
C ILE E 262 -11.37 39.91 19.22
N PHE E 263 -11.72 39.32 18.08
CA PHE E 263 -11.00 38.18 17.54
C PHE E 263 -10.58 38.50 16.13
N LEU E 264 -9.33 38.18 15.79
CA LEU E 264 -8.77 38.53 14.50
C LEU E 264 -8.02 37.36 13.88
N TYR E 265 -8.35 37.07 12.63
CA TYR E 265 -7.52 36.23 11.78
C TYR E 265 -7.42 37.00 10.45
N PRO E 266 -6.52 37.98 10.42
CA PRO E 266 -6.54 38.97 9.36
C PRO E 266 -5.71 38.56 8.15
N ALA E 267 -5.82 39.36 7.11
CA ALA E 267 -5.03 39.17 5.90
C ALA E 267 -3.61 39.74 6.10
N ASN E 268 -2.63 39.08 5.48
CA ASN E 268 -1.24 39.57 5.43
C ASN E 268 -0.73 39.50 3.96
N LYS E 269 0.59 39.64 3.74
CA LYS E 269 1.15 39.55 2.39
C LYS E 269 1.10 38.10 1.88
N LYS E 270 1.48 37.17 2.76
CA LYS E 270 1.49 35.73 2.48
C LYS E 270 0.08 35.15 2.23
N SER E 271 -0.92 35.68 2.94
CA SER E 271 -2.31 35.23 2.85
C SER E 271 -3.23 36.44 2.62
N PRO E 272 -3.33 36.93 1.36
CA PRO E 272 -4.11 38.15 1.10
C PRO E 272 -5.63 37.96 1.27
N ASN E 273 -6.08 36.71 1.28
CA ASN E 273 -7.48 36.37 1.54
C ASN E 273 -7.70 35.73 2.91
N GLY E 274 -6.74 35.90 3.82
CA GLY E 274 -6.86 35.28 5.14
C GLY E 274 -6.66 33.78 5.09
N LYS E 275 -6.92 33.10 6.21
CA LYS E 275 -6.76 31.66 6.32
C LYS E 275 -8.08 30.90 6.56
N LEU E 276 -9.01 31.51 7.28
CA LEU E 276 -10.27 30.84 7.62
C LEU E 276 -11.20 30.79 6.41
N ARG E 277 -12.09 29.79 6.41
CA ARG E 277 -12.94 29.53 5.25
C ARG E 277 -14.22 30.34 5.36
N LEU E 278 -14.65 30.92 4.25
CA LEU E 278 -15.76 31.85 4.30
C LEU E 278 -17.10 31.18 4.57
N LEU E 279 -17.37 30.08 3.88
CA LEU E 279 -18.70 29.49 3.93
C LEU E 279 -19.09 28.87 5.24
N TYR E 280 -18.15 28.13 5.83
CA TYR E 280 -18.46 27.28 6.98
C TYR E 280 -17.62 27.61 8.22
N GLU E 281 -16.89 28.72 8.19
CA GLU E 281 -16.24 29.23 9.39
C GLU E 281 -16.62 30.70 9.57
N CYS E 282 -16.26 31.56 8.64
CA CYS E 282 -16.45 33.01 8.81
C CYS E 282 -17.91 33.44 8.79
N ASN E 283 -18.68 32.97 7.82
CA ASN E 283 -20.08 33.39 7.72
C ASN E 283 -20.92 33.03 8.94
N PRO E 284 -20.90 31.76 9.37
CA PRO E 284 -21.76 31.43 10.52
C PRO E 284 -21.40 32.26 11.74
N MET E 285 -20.11 32.47 11.97
CA MET E 285 -19.68 33.23 13.14
C MET E 285 -20.01 34.70 13.02
N ALA E 286 -19.94 35.21 11.81
CA ALA E 286 -20.35 36.58 11.54
C ALA E 286 -21.87 36.75 11.76
N TYR E 287 -22.65 35.77 11.31
CA TYR E 287 -24.10 35.83 11.51
C TYR E 287 -24.45 35.83 13.01
N VAL E 288 -23.84 34.91 13.77
CA VAL E 288 -24.04 34.85 15.22
C VAL E 288 -23.69 36.21 15.85
N MET E 289 -22.52 36.73 15.50
CA MET E 289 -22.08 38.02 16.02
C MET E 289 -23.07 39.11 15.71
N GLU E 290 -23.51 39.20 14.46
CA GLU E 290 -24.41 40.30 14.10
C GLU E 290 -25.75 40.16 14.79
N LYS E 291 -26.28 38.96 14.94
CA LYS E 291 -27.54 38.78 15.65
C LYS E 291 -27.41 39.07 17.16
N ALA E 292 -26.20 39.00 17.67
CA ALA E 292 -25.93 39.35 19.05
C ALA E 292 -25.58 40.83 19.24
N GLY E 293 -25.70 41.62 18.17
CA GLY E 293 -25.34 43.03 18.20
C GLY E 293 -23.85 43.32 18.12
N GLY E 294 -23.09 42.40 17.53
CA GLY E 294 -21.65 42.57 17.32
C GLY E 294 -21.38 42.87 15.85
N MET E 295 -20.12 42.84 15.45
CA MET E 295 -19.73 43.11 14.09
C MET E 295 -18.72 42.09 13.58
N ALA E 296 -18.62 42.00 12.26
CA ALA E 296 -17.65 41.12 11.62
C ALA E 296 -17.26 41.64 10.23
N THR E 297 -15.97 41.93 10.05
CA THR E 297 -15.47 42.59 8.86
C THR E 297 -14.28 41.86 8.32
N THR E 298 -14.05 42.02 7.02
CA THR E 298 -12.81 41.55 6.39
C THR E 298 -11.73 42.62 6.47
N GLY E 299 -12.11 43.81 6.92
CA GLY E 299 -11.32 45.02 6.74
C GLY E 299 -11.95 45.92 5.67
N LYS E 300 -12.23 45.34 4.51
CA LYS E 300 -12.82 46.09 3.40
C LYS E 300 -14.35 46.10 3.44
N GLU E 301 -14.95 45.02 3.93
CA GLU E 301 -16.42 44.95 3.95
C GLU E 301 -16.91 43.97 5.00
N ALA E 302 -18.21 44.01 5.28
CA ALA E 302 -18.84 43.05 6.15
C ALA E 302 -18.65 41.64 5.57
N VAL E 303 -18.29 40.70 6.43
CA VAL E 303 -18.08 39.33 6.01
C VAL E 303 -19.31 38.79 5.32
N LEU E 304 -20.48 39.13 5.86
CA LEU E 304 -21.75 38.64 5.34
C LEU E 304 -22.08 39.19 3.97
N ASP E 305 -21.39 40.24 3.51
CA ASP E 305 -21.62 40.82 2.16
C ASP E 305 -20.70 40.24 1.07
N VAL E 306 -19.72 39.41 1.43
CA VAL E 306 -18.83 38.82 0.43
C VAL E 306 -19.60 37.79 -0.38
N ILE E 307 -19.56 37.95 -1.70
CA ILE E 307 -20.20 37.01 -2.61
C ILE E 307 -19.15 35.98 -2.97
N PRO E 308 -19.33 34.74 -2.50
CA PRO E 308 -18.33 33.71 -2.79
C PRO E 308 -18.34 33.30 -4.26
N THR E 309 -17.18 32.88 -4.76
CA THR E 309 -17.06 32.27 -6.10
C THR E 309 -16.52 30.84 -6.05
N ASP E 310 -16.03 30.43 -4.88
CA ASP E 310 -15.51 29.06 -4.66
C ASP E 310 -15.91 28.62 -3.24
N ILE E 311 -16.39 27.37 -3.10
CA ILE E 311 -16.94 26.90 -1.81
C ILE E 311 -15.91 26.78 -0.67
N HIS E 312 -14.64 26.57 -1.02
CA HIS E 312 -13.56 26.50 -0.03
C HIS E 312 -12.72 27.78 0.02
N GLN E 313 -13.28 28.88 -0.49
CA GLN E 313 -12.50 30.14 -0.51
C GLN E 313 -12.30 30.68 0.92
N ARG E 314 -11.16 31.34 1.11
CA ARG E 314 -10.79 31.92 2.38
C ARG E 314 -11.24 33.36 2.50
N ALA E 315 -11.24 33.86 3.74
CA ALA E 315 -11.58 35.24 4.00
C ALA E 315 -10.86 35.74 5.27
N PRO E 316 -10.36 36.99 5.24
CA PRO E 316 -9.88 37.58 6.48
C PRO E 316 -11.06 37.86 7.38
N VAL E 317 -10.86 37.85 8.68
CA VAL E 317 -11.97 38.12 9.59
C VAL E 317 -11.52 38.81 10.88
N ILE E 318 -12.29 39.85 11.24
CA ILE E 318 -12.14 40.57 12.49
C ILE E 318 -13.53 40.74 13.06
N LEU E 319 -13.77 40.21 14.27
CA LEU E 319 -15.12 40.20 14.80
C LEU E 319 -15.13 40.40 16.31
N GLY E 320 -16.30 40.75 16.81
CA GLY E 320 -16.51 40.88 18.24
C GLY E 320 -17.40 42.06 18.62
N SER E 321 -17.08 42.64 19.77
CA SER E 321 -17.78 43.81 20.27
C SER E 321 -17.73 44.94 19.25
N PRO E 322 -18.83 45.70 19.10
CA PRO E 322 -18.90 46.75 18.07
C PRO E 322 -17.84 47.85 18.23
N ASP E 323 -17.66 48.36 19.44
CA ASP E 323 -16.67 49.40 19.66
C ASP E 323 -15.26 48.95 19.31
N ASP E 324 -14.93 47.70 19.62
CA ASP E 324 -13.60 47.20 19.35
C ASP E 324 -13.36 47.02 17.83
N VAL E 325 -14.36 46.48 17.14
CA VAL E 325 -14.24 46.32 15.69
C VAL E 325 -14.18 47.69 14.98
N LEU E 326 -14.98 48.65 15.44
CA LEU E 326 -14.98 50.00 14.87
C LEU E 326 -13.62 50.69 15.06
N GLU E 327 -13.04 50.55 16.25
CA GLU E 327 -11.70 51.04 16.53
C GLU E 327 -10.67 50.40 15.60
N PHE E 328 -10.76 49.09 15.39
CA PHE E 328 -9.87 48.42 14.42
C PHE E 328 -10.06 49.00 13.01
N LEU E 329 -11.31 49.26 12.63
CA LEU E 329 -11.58 49.85 11.31
C LEU E 329 -11.04 51.28 11.15
N LYS E 330 -11.16 52.11 12.18
CA LYS E 330 -10.50 53.44 12.21
C LYS E 330 -9.02 53.32 11.85
N VAL E 331 -8.30 52.44 12.54
CA VAL E 331 -6.89 52.21 12.24
C VAL E 331 -6.69 51.65 10.83
N TYR E 332 -7.57 50.76 10.39
CA TYR E 332 -7.45 50.18 9.06
C TYR E 332 -7.55 51.26 7.97
N GLU E 333 -8.50 52.19 8.15
CA GLU E 333 -8.72 53.33 7.22
C GLU E 333 -7.52 54.28 7.17
N LYS E 334 -6.94 54.55 8.33
CA LYS E 334 -5.72 55.35 8.43
C LYS E 334 -4.58 54.78 7.55
N HIS E 335 -4.52 53.46 7.39
CA HIS E 335 -3.48 52.85 6.54
C HIS E 335 -3.96 52.62 5.12
N SER E 336 -5.09 53.25 4.77
CA SER E 336 -5.62 53.36 3.42
C SER E 336 -6.31 52.09 3.03
N ASP F 10 -1.58 -5.21 26.25
CA ASP F 10 -2.51 -5.50 27.40
C ASP F 10 -3.11 -4.23 28.01
N VAL F 11 -4.44 -4.20 28.15
CA VAL F 11 -5.12 -3.00 28.62
C VAL F 11 -4.70 -2.71 30.06
N ASN F 12 -4.69 -1.44 30.42
CA ASN F 12 -4.37 -1.09 31.79
C ASN F 12 -5.18 0.11 32.21
N THR F 13 -5.52 0.13 33.48
CA THR F 13 -6.25 1.21 34.08
C THR F 13 -5.42 1.87 35.15
N LEU F 14 -5.84 3.04 35.60
CA LEU F 14 -5.09 3.79 36.60
C LEU F 14 -4.92 2.97 37.87
N THR F 15 -6.00 2.40 38.34
CA THR F 15 -5.99 1.72 39.63
C THR F 15 -5.08 0.49 39.58
N ARG F 16 -5.16 -0.25 38.48
CA ARG F 16 -4.36 -1.44 38.30
C ARG F 16 -2.88 -1.05 38.15
N PHE F 17 -2.61 0.00 37.39
CA PHE F 17 -1.25 0.49 37.22
C PHE F 17 -0.63 0.90 38.55
N VAL F 18 -1.34 1.69 39.33
CA VAL F 18 -0.84 2.13 40.61
C VAL F 18 -0.60 0.95 41.55
N MET F 19 -1.55 0.00 41.63
CA MET F 19 -1.39 -1.19 42.49
C MET F 19 -0.14 -1.97 42.12
N GLU F 20 0.07 -2.12 40.83
CA GLU F 20 1.19 -2.85 40.27
C GLU F 20 2.52 -2.22 40.65
N GLU F 21 2.62 -0.90 40.58
CA GLU F 21 3.82 -0.18 40.99
C GLU F 21 3.99 -0.21 42.53
N GLY F 22 2.88 -0.16 43.25
CA GLY F 22 2.90 -0.24 44.69
C GLY F 22 3.50 -1.54 45.14
N ARG F 23 3.08 -2.64 44.52
CA ARG F 23 3.57 -3.98 44.87
C ARG F 23 5.07 -4.10 44.58
N LYS F 24 5.48 -3.63 43.41
CA LYS F 24 6.89 -3.59 43.08
C LYS F 24 7.69 -2.91 44.17
N ALA F 25 7.22 -1.75 44.61
CA ALA F 25 7.93 -0.95 45.61
C ALA F 25 7.76 -1.52 47.00
N ARG F 26 6.82 -2.44 47.17
CA ARG F 26 6.55 -3.07 48.48
C ARG F 26 6.08 -2.15 49.57
N GLY F 27 5.32 -1.12 49.21
CA GLY F 27 4.79 -0.20 50.20
C GLY F 27 3.62 -0.81 50.92
N THR F 28 3.11 -0.10 51.93
CA THR F 28 2.01 -0.59 52.74
C THR F 28 0.64 -0.40 52.10
N GLY F 29 0.58 0.36 51.01
CA GLY F 29 -0.67 0.58 50.24
C GLY F 29 -1.35 1.92 50.45
N GLU F 30 -0.81 2.71 51.36
CA GLU F 30 -1.39 4.00 51.70
C GLU F 30 -1.43 4.97 50.50
N LEU F 31 -0.35 5.03 49.72
CA LEU F 31 -0.33 5.88 48.53
C LEU F 31 -1.34 5.42 47.46
N THR F 32 -1.50 4.11 47.33
CA THR F 32 -2.49 3.56 46.44
C THR F 32 -3.91 3.95 46.88
N GLN F 33 -4.19 3.92 48.17
CA GLN F 33 -5.52 4.28 48.68
C GLN F 33 -5.81 5.73 48.40
N LEU F 34 -4.78 6.56 48.57
CA LEU F 34 -4.85 7.99 48.33
C LEU F 34 -5.10 8.26 46.86
N LEU F 35 -4.32 7.65 45.98
CA LEU F 35 -4.49 7.89 44.54
C LEU F 35 -5.84 7.40 44.05
N ASN F 36 -6.31 6.26 44.54
CA ASN F 36 -7.63 5.76 44.16
C ASN F 36 -8.74 6.70 44.61
N SER F 37 -8.63 7.21 45.83
CA SER F 37 -9.59 8.17 46.34
C SER F 37 -9.63 9.45 45.49
N LEU F 38 -8.47 9.96 45.13
CA LEU F 38 -8.34 11.17 44.32
C LEU F 38 -8.96 10.99 42.95
N CYS F 39 -8.70 9.83 42.39
CA CYS F 39 -9.26 9.44 41.12
C CYS F 39 -10.81 9.44 41.15
N THR F 40 -11.38 8.92 42.22
CA THR F 40 -12.83 8.96 42.40
C THR F 40 -13.34 10.41 42.43
N ALA F 41 -12.66 11.27 43.18
CA ALA F 41 -13.06 12.66 43.22
C ALA F 41 -12.96 13.33 41.83
N VAL F 42 -11.94 13.01 41.08
CA VAL F 42 -11.75 13.56 39.75
C VAL F 42 -12.90 13.19 38.82
N LYS F 43 -13.36 11.95 38.92
CA LYS F 43 -14.47 11.50 38.08
C LYS F 43 -15.76 12.24 38.44
N ALA F 44 -15.91 12.55 39.72
CA ALA F 44 -17.10 13.29 40.19
C ALA F 44 -17.04 14.76 39.76
N ILE F 45 -15.82 15.34 39.77
CA ILE F 45 -15.62 16.71 39.28
C ILE F 45 -15.89 16.77 37.79
N SER F 46 -15.39 15.80 37.03
CA SER F 46 -15.61 15.75 35.59
C SER F 46 -17.08 15.71 35.27
N SER F 47 -17.81 14.85 35.94
CA SER F 47 -19.25 14.77 35.74
C SER F 47 -19.96 16.11 35.96
N ALA F 48 -19.63 16.79 37.06
CA ALA F 48 -20.23 18.10 37.36
C ALA F 48 -19.78 19.17 36.36
N VAL F 49 -18.54 19.10 35.93
CA VAL F 49 -18.00 20.08 34.99
C VAL F 49 -18.67 19.96 33.62
N ARG F 50 -18.96 18.72 33.21
CA ARG F 50 -19.67 18.50 31.93
C ARG F 50 -21.19 18.75 32.07
N LYS F 51 -21.62 19.16 33.25
CA LYS F 51 -22.99 19.63 33.53
C LYS F 51 -24.07 18.56 33.62
N ALA F 52 -23.69 17.36 34.08
CA ALA F 52 -24.67 16.30 34.34
C ALA F 52 -25.65 16.77 35.37
N GLY F 53 -26.94 16.60 35.11
CA GLY F 53 -27.98 17.06 36.03
C GLY F 53 -28.37 18.54 35.97
N ILE F 54 -27.86 19.26 34.98
CA ILE F 54 -28.16 20.68 34.90
C ILE F 54 -29.65 20.94 34.62
N ALA F 55 -30.28 20.01 33.91
CA ALA F 55 -31.72 20.10 33.69
C ALA F 55 -32.50 20.32 34.99
N HIS F 56 -32.01 19.76 36.08
CA HIS F 56 -32.67 19.89 37.38
C HIS F 56 -32.49 21.29 37.92
N LEU F 57 -31.34 21.90 37.66
CA LEU F 57 -31.14 23.32 37.98
C LEU F 57 -32.10 24.24 37.26
N TYR F 58 -32.52 23.88 36.07
CA TYR F 58 -33.31 24.78 35.23
C TYR F 58 -34.77 24.39 35.23
N GLY F 59 -35.18 23.59 36.23
CA GLY F 59 -36.60 23.35 36.50
C GLY F 59 -37.30 22.25 35.73
N ILE F 60 -36.59 21.22 35.32
CA ILE F 60 -37.21 20.12 34.58
C ILE F 60 -38.27 19.40 35.43
N ALA F 61 -38.11 19.42 36.76
CA ALA F 61 -39.08 18.85 37.68
C ALA F 61 -39.88 19.90 38.44
N GLY F 62 -39.86 21.16 38.03
CA GLY F 62 -40.62 22.22 38.73
C GLY F 62 -39.88 23.25 39.55
N LYS F 73 -20.02 27.86 42.82
CA LYS F 73 -20.49 26.58 43.33
C LYS F 73 -19.64 25.44 42.81
N LEU F 74 -19.27 25.41 41.54
CA LEU F 74 -18.45 24.30 40.98
C LEU F 74 -17.09 24.14 41.65
N ASP F 75 -16.41 25.26 41.92
CA ASP F 75 -15.13 25.19 42.59
C ASP F 75 -15.23 24.79 44.07
N VAL F 76 -16.33 25.18 44.71
CA VAL F 76 -16.63 24.78 46.09
C VAL F 76 -16.90 23.28 46.15
N LEU F 77 -17.75 22.78 45.25
CA LEU F 77 -18.06 21.34 45.19
C LEU F 77 -16.82 20.53 44.87
N SER F 78 -15.98 21.08 44.00
CA SER F 78 -14.77 20.38 43.60
C SER F 78 -13.87 20.22 44.81
N ASN F 79 -13.75 21.29 45.58
CA ASN F 79 -12.97 21.27 46.78
C ASN F 79 -13.53 20.31 47.80
N ASP F 80 -14.84 20.33 48.00
CA ASP F 80 -15.49 19.41 48.93
C ASP F 80 -15.22 17.97 48.56
N LEU F 81 -15.31 17.66 47.27
CA LEU F 81 -15.07 16.29 46.78
C LEU F 81 -13.67 15.81 47.11
N VAL F 82 -12.67 16.64 46.79
CA VAL F 82 -11.28 16.25 47.02
C VAL F 82 -11.02 16.12 48.51
N MET F 83 -11.38 17.14 49.30
CA MET F 83 -11.22 17.12 50.77
C MET F 83 -11.82 15.86 51.36
N ASN F 84 -13.07 15.59 51.00
CA ASN F 84 -13.74 14.49 51.58
C ASN F 84 -13.15 13.15 51.17
N MET F 85 -12.87 12.99 49.88
CA MET F 85 -12.27 11.73 49.43
C MET F 85 -10.88 11.49 50.01
N LEU F 86 -10.07 12.54 50.12
CA LEU F 86 -8.75 12.37 50.75
C LEU F 86 -8.85 12.10 52.27
N LYS F 87 -9.67 12.84 52.99
CA LYS F 87 -9.81 12.61 54.45
C LYS F 87 -10.17 11.17 54.72
N SER F 88 -11.17 10.68 54.00
CA SER F 88 -11.66 9.34 54.25
C SER F 88 -10.80 8.26 53.64
N SER F 89 -9.66 8.62 53.06
CA SER F 89 -8.74 7.61 52.51
C SER F 89 -7.87 6.99 53.57
N PHE F 90 -7.86 7.59 54.77
CA PHE F 90 -6.98 7.21 55.86
C PHE F 90 -5.48 7.31 55.51
N ALA F 91 -5.14 8.10 54.50
CA ALA F 91 -3.78 8.15 54.00
C ALA F 91 -3.13 9.53 54.12
N THR F 92 -3.88 10.52 54.63
CA THR F 92 -3.39 11.88 54.65
C THR F 92 -3.41 12.46 56.05
N CYS F 93 -2.58 13.48 56.30
CA CYS F 93 -2.60 14.20 57.59
C CYS F 93 -2.76 15.72 57.42
N VAL F 94 -2.24 16.26 56.32
CA VAL F 94 -2.32 17.68 56.05
C VAL F 94 -2.75 17.91 54.60
N LEU F 95 -3.71 18.79 54.41
CA LEU F 95 -4.26 19.08 53.09
C LEU F 95 -4.23 20.60 52.88
N VAL F 96 -3.56 21.02 51.81
CA VAL F 96 -3.56 22.40 51.41
C VAL F 96 -4.35 22.55 50.11
N SER F 97 -5.29 23.49 50.11
CA SER F 97 -6.12 23.78 48.95
C SER F 97 -6.09 25.26 48.59
N GLU F 98 -6.12 25.53 47.29
CA GLU F 98 -6.32 26.88 46.77
C GLU F 98 -7.53 27.55 47.46
N GLU F 99 -8.58 26.78 47.74
CA GLU F 99 -9.80 27.31 48.34
C GLU F 99 -9.75 27.61 49.84
N ASP F 100 -8.76 27.09 50.58
CA ASP F 100 -8.70 27.29 52.03
C ASP F 100 -7.51 28.09 52.52
N LYS F 101 -7.78 29.09 53.36
CA LYS F 101 -6.76 30.02 53.83
C LYS F 101 -5.69 29.32 54.68
N HIS F 102 -6.10 28.36 55.49
CA HIS F 102 -5.15 27.58 56.26
C HIS F 102 -5.15 26.14 55.81
N ALA F 103 -4.07 25.43 56.12
CA ALA F 103 -3.98 24.01 55.89
C ALA F 103 -5.02 23.34 56.74
N ILE F 104 -5.56 22.23 56.23
CA ILE F 104 -6.52 21.42 56.93
C ILE F 104 -5.74 20.28 57.55
N ILE F 105 -5.88 20.14 58.87
CA ILE F 105 -5.24 19.05 59.60
C ILE F 105 -6.30 17.97 59.80
N VAL F 106 -6.02 16.78 59.28
CA VAL F 106 -6.97 15.65 59.33
C VAL F 106 -7.16 15.16 60.77
N GLU F 107 -8.41 14.91 61.17
CA GLU F 107 -8.72 14.46 62.50
C GLU F 107 -7.93 13.14 62.77
N PRO F 108 -7.48 12.97 64.01
CA PRO F 108 -6.56 11.87 64.39
C PRO F 108 -6.89 10.46 63.91
N GLU F 109 -8.17 10.08 63.94
CA GLU F 109 -8.55 8.71 63.61
C GLU F 109 -8.48 8.43 62.13
N LYS F 110 -8.31 9.47 61.32
CA LYS F 110 -8.24 9.30 59.89
C LYS F 110 -6.85 9.62 59.33
N ARG F 111 -5.88 9.81 60.20
CA ARG F 111 -4.59 10.34 59.79
C ARG F 111 -3.71 9.27 59.17
N GLY F 112 -3.09 9.59 58.05
CA GLY F 112 -2.10 8.74 57.42
C GLY F 112 -0.85 9.56 57.19
N LYS F 113 0.09 9.02 56.44
CA LYS F 113 1.42 9.63 56.36
C LYS F 113 1.67 10.68 55.29
N TYR F 114 0.67 11.01 54.45
CA TYR F 114 0.92 11.93 53.30
C TYR F 114 0.33 13.32 53.44
N VAL F 115 1.02 14.28 52.83
CA VAL F 115 0.58 15.67 52.73
C VAL F 115 0.20 15.91 51.28
N VAL F 116 -0.95 16.53 51.06
CA VAL F 116 -1.43 16.80 49.70
C VAL F 116 -1.76 18.28 49.50
N CYS F 117 -1.18 18.87 48.45
CA CYS F 117 -1.46 20.24 48.03
C CYS F 117 -2.18 20.17 46.69
N PHE F 118 -3.30 20.89 46.58
CA PHE F 118 -4.08 20.84 45.33
C PHE F 118 -4.85 22.11 45.02
N ASP F 119 -5.11 22.25 43.72
CA ASP F 119 -6.05 23.24 43.20
C ASP F 119 -7.19 22.42 42.62
N PRO F 120 -8.35 22.41 43.29
CA PRO F 120 -9.45 21.53 42.88
C PRO F 120 -10.07 21.84 41.52
N LEU F 121 -10.12 23.11 41.16
CA LEU F 121 -10.60 23.50 39.84
C LEU F 121 -9.91 24.73 39.29
N ASP F 122 -8.74 24.51 38.76
CA ASP F 122 -7.97 25.57 38.17
C ASP F 122 -8.58 26.05 36.85
N GLY F 123 -8.55 27.37 36.66
CA GLY F 123 -9.07 28.03 35.48
C GLY F 123 -10.53 28.35 35.61
N SER F 124 -11.10 28.07 36.77
CA SER F 124 -12.56 28.15 36.97
C SER F 124 -13.15 29.55 37.00
N SER F 125 -12.32 30.56 37.18
CA SER F 125 -12.80 31.93 37.09
C SER F 125 -13.39 32.24 35.70
N ASN F 126 -12.86 31.56 34.67
CA ASN F 126 -13.31 31.71 33.27
C ASN F 126 -14.24 30.57 32.78
N ILE F 127 -14.80 29.78 33.70
CA ILE F 127 -15.64 28.63 33.32
C ILE F 127 -16.95 29.03 32.62
N ASP F 128 -17.34 30.31 32.75
CA ASP F 128 -18.53 30.88 32.08
C ASP F 128 -18.41 30.79 30.56
N CYS F 129 -17.20 30.79 30.03
CA CYS F 129 -17.01 30.64 28.58
C CYS F 129 -16.69 29.20 28.17
N LEU F 130 -16.72 28.26 29.11
CA LEU F 130 -16.52 26.82 28.84
C LEU F 130 -15.11 26.49 28.36
N VAL F 131 -14.15 27.28 28.79
CA VAL F 131 -12.75 26.99 28.63
C VAL F 131 -12.41 25.72 29.42
N SER F 132 -11.45 24.95 28.90
CA SER F 132 -10.85 23.84 29.65
C SER F 132 -10.49 24.25 31.08
N VAL F 133 -10.82 23.39 32.04
CA VAL F 133 -10.40 23.57 33.43
C VAL F 133 -9.70 22.29 33.87
N GLY F 134 -9.18 22.28 35.09
CA GLY F 134 -8.44 21.12 35.55
C GLY F 134 -8.20 21.10 37.05
N THR F 135 -7.68 19.96 37.52
CA THR F 135 -7.38 19.75 38.93
C THR F 135 -5.87 19.44 38.97
N ILE F 136 -5.16 20.08 39.90
CA ILE F 136 -3.71 19.91 40.03
C ILE F 136 -3.43 19.43 41.43
N PHE F 137 -2.50 18.48 41.56
CA PHE F 137 -2.19 17.92 42.87
C PHE F 137 -0.69 17.55 43.00
N GLY F 138 -0.16 17.72 44.23
CA GLY F 138 1.16 17.31 44.61
C GLY F 138 1.12 16.60 45.96
N ILE F 139 1.84 15.48 46.04
CA ILE F 139 1.80 14.59 47.19
C ILE F 139 3.20 14.44 47.77
N TYR F 140 3.31 14.73 49.07
CA TYR F 140 4.56 14.61 49.81
C TYR F 140 4.39 13.63 50.94
N ARG F 141 5.48 12.97 51.34
CA ARG F 141 5.52 12.23 52.61
C ARG F 141 5.75 13.22 53.74
N LYS F 142 5.01 13.05 54.82
CA LYS F 142 5.23 13.87 56.01
C LYS F 142 6.62 13.56 56.48
N LYS F 143 7.40 14.60 56.70
CA LYS F 143 8.79 14.47 57.04
C LYS F 143 9.13 14.44 58.55
N SER F 144 8.48 15.26 59.38
CA SER F 144 8.81 15.25 60.79
C SER F 144 7.86 14.27 61.48
N THR F 145 8.18 13.92 62.73
CA THR F 145 7.35 13.04 63.54
C THR F 145 6.45 13.83 64.51
N ASP F 146 6.52 15.16 64.50
CA ASP F 146 5.70 15.95 65.41
C ASP F 146 4.25 15.92 64.96
N GLU F 147 3.40 16.52 65.77
CA GLU F 147 2.00 16.69 65.45
C GLU F 147 1.92 17.36 64.07
N PRO F 148 1.01 16.88 63.21
CA PRO F 148 0.92 17.52 61.90
C PRO F 148 0.51 19.00 61.96
N SER F 149 1.13 19.80 61.09
CA SER F 149 0.82 21.21 60.98
C SER F 149 1.12 21.73 59.57
N GLU F 150 0.80 23.01 59.35
CA GLU F 150 1.06 23.69 58.09
C GLU F 150 2.50 23.46 57.64
N LYS F 151 3.43 23.37 58.59
CA LYS F 151 4.90 23.25 58.32
C LYS F 151 5.15 22.11 57.40
N ASP F 152 4.36 21.05 57.56
CA ASP F 152 4.59 19.80 56.86
C ASP F 152 4.34 19.93 55.35
N ALA F 153 3.64 21.00 54.93
CA ALA F 153 3.43 21.29 53.52
C ALA F 153 4.51 22.18 52.91
N LEU F 154 5.38 22.76 53.73
CA LEU F 154 6.38 23.71 53.24
C LEU F 154 7.65 22.96 52.86
N GLN F 155 7.52 22.03 51.94
CA GLN F 155 8.66 21.29 51.44
C GLN F 155 8.96 21.74 50.05
N PRO F 156 10.23 21.63 49.64
CA PRO F 156 10.55 21.93 48.24
C PRO F 156 9.99 20.87 47.33
N GLY F 157 9.64 21.28 46.12
CA GLY F 157 9.12 20.35 45.13
C GLY F 157 9.95 19.10 44.91
N ARG F 158 11.26 19.18 45.12
CA ARG F 158 12.16 18.03 44.95
C ARG F 158 11.69 16.86 45.77
N ASN F 159 11.00 17.12 46.88
CA ASN F 159 10.53 16.05 47.78
C ASN F 159 9.26 15.34 47.36
N LEU F 160 8.67 15.79 46.25
CA LEU F 160 7.44 15.20 45.79
C LEU F 160 7.59 13.69 45.54
N VAL F 161 6.62 12.95 46.03
CA VAL F 161 6.53 11.52 45.81
C VAL F 161 5.71 11.25 44.56
N ALA F 162 4.68 12.06 44.34
CA ALA F 162 3.85 11.96 43.13
C ALA F 162 3.17 13.27 42.87
N ALA F 163 2.88 13.54 41.62
CA ALA F 163 2.19 14.76 41.27
C ALA F 163 1.51 14.60 39.93
N GLY F 164 0.53 15.46 39.66
CA GLY F 164 -0.10 15.47 38.36
C GLY F 164 -1.34 16.32 38.26
N TYR F 165 -2.17 16.03 37.26
CA TYR F 165 -3.33 16.85 37.01
C TYR F 165 -4.36 16.09 36.22
N ALA F 166 -5.60 16.53 36.38
CA ALA F 166 -6.67 16.13 35.51
C ALA F 166 -7.04 17.32 34.67
N LEU F 167 -7.14 17.10 33.36
CA LEU F 167 -7.61 18.11 32.44
C LEU F 167 -9.02 17.77 32.02
N TYR F 168 -9.96 18.69 32.28
CA TYR F 168 -11.31 18.57 31.80
C TYR F 168 -11.43 19.36 30.52
N GLY F 169 -10.98 18.74 29.43
CA GLY F 169 -10.93 19.39 28.13
C GLY F 169 -12.00 18.86 27.21
N SER F 170 -11.66 18.72 25.94
CA SER F 170 -12.55 18.03 25.00
C SER F 170 -12.82 16.58 25.50
N ALA F 171 -11.85 16.00 26.16
CA ALA F 171 -12.08 14.80 26.96
C ALA F 171 -11.38 15.02 28.29
N THR F 172 -11.57 14.10 29.22
CA THR F 172 -10.92 14.18 30.50
C THR F 172 -9.72 13.25 30.54
N MET F 173 -8.55 13.80 30.87
CA MET F 173 -7.34 13.02 31.01
C MET F 173 -6.69 13.26 32.35
N LEU F 174 -6.15 12.20 32.95
CA LEU F 174 -5.33 12.32 34.14
C LEU F 174 -3.88 12.04 33.79
N VAL F 175 -3.01 12.96 34.20
CA VAL F 175 -1.59 12.82 33.96
C VAL F 175 -0.95 12.63 35.32
N LEU F 176 -0.22 11.52 35.47
CA LEU F 176 0.40 11.15 36.74
C LEU F 176 1.90 11.01 36.56
N ALA F 177 2.65 11.78 37.33
CA ALA F 177 4.11 11.69 37.36
C ALA F 177 4.58 11.11 38.70
N MET F 178 5.49 10.14 38.62
CA MET F 178 6.14 9.55 39.79
C MET F 178 7.56 9.27 39.42
N ASP F 179 8.30 8.58 40.29
CA ASP F 179 9.67 8.19 39.99
C ASP F 179 9.82 7.40 38.70
N CYS F 180 8.87 6.51 38.42
CA CYS F 180 8.90 5.69 37.21
C CYS F 180 8.63 6.46 35.90
N GLY F 181 8.27 7.75 35.99
CA GLY F 181 7.98 8.57 34.82
C GLY F 181 6.59 9.16 34.79
N VAL F 182 6.21 9.66 33.60
CA VAL F 182 4.92 10.30 33.38
C VAL F 182 4.01 9.42 32.53
N ASN F 183 2.79 9.20 33.04
CA ASN F 183 1.80 8.34 32.38
C ASN F 183 0.46 9.02 32.29
N CYS F 184 -0.15 8.90 31.10
CA CYS F 184 -1.42 9.60 30.76
C CYS F 184 -2.59 8.66 30.62
N PHE F 185 -3.67 8.96 31.32
CA PHE F 185 -4.85 8.10 31.40
C PHE F 185 -6.09 8.85 30.93
N MET F 186 -6.80 8.30 29.96
CA MET F 186 -8.03 8.92 29.47
C MET F 186 -9.26 8.37 30.22
N LEU F 187 -10.12 9.24 30.71
CA LEU F 187 -11.37 8.80 31.32
C LEU F 187 -12.36 8.37 30.26
N ASP F 188 -12.81 7.10 30.33
CA ASP F 188 -13.86 6.58 29.45
C ASP F 188 -15.15 6.79 30.22
N PRO F 189 -15.91 7.83 29.86
CA PRO F 189 -17.12 8.13 30.65
C PRO F 189 -18.23 7.09 30.52
N ALA F 190 -18.18 6.21 29.52
CA ALA F 190 -19.12 5.09 29.45
C ALA F 190 -18.99 4.10 30.62
N ILE F 191 -17.79 3.93 31.15
CA ILE F 191 -17.55 2.96 32.24
C ILE F 191 -16.89 3.57 33.49
N GLY F 192 -16.51 4.83 33.42
CA GLY F 192 -15.88 5.50 34.56
C GLY F 192 -14.56 4.90 34.96
N GLU F 193 -13.74 4.62 33.99
CA GLU F 193 -12.45 4.10 34.25
C GLU F 193 -11.39 4.92 33.50
N PHE F 194 -10.23 5.07 34.11
CA PHE F 194 -9.10 5.76 33.50
C PHE F 194 -8.25 4.74 32.77
N ILE F 195 -8.19 4.84 31.45
CA ILE F 195 -7.47 3.88 30.60
C ILE F 195 -6.11 4.46 30.27
N LEU F 196 -5.05 3.67 30.50
CA LEU F 196 -3.70 4.10 30.15
C LEU F 196 -3.52 4.17 28.64
N VAL F 197 -3.25 5.37 28.13
CA VAL F 197 -3.13 5.58 26.68
C VAL F 197 -1.76 6.08 26.21
N ASP F 198 -0.94 6.65 27.11
CA ASP F 198 0.41 7.12 26.75
C ASP F 198 1.36 6.79 27.87
N LYS F 199 2.33 5.93 27.58
CA LYS F 199 3.23 5.41 28.61
C LYS F 199 4.56 6.12 28.61
N ASP F 200 5.05 6.42 29.81
CA ASP F 200 6.40 6.94 29.98
C ASP F 200 6.70 8.06 28.99
N VAL F 201 5.89 9.10 29.07
CA VAL F 201 5.91 10.20 28.13
C VAL F 201 7.10 11.13 28.31
N LYS F 202 7.62 11.60 27.17
CA LYS F 202 8.78 12.48 27.15
C LYS F 202 8.50 13.66 26.27
N ILE F 203 8.85 14.85 26.75
CA ILE F 203 8.61 16.08 26.00
C ILE F 203 9.65 16.26 24.90
N LYS F 204 9.27 16.90 23.80
CA LYS F 204 10.21 17.20 22.72
C LYS F 204 11.37 18.04 23.25
N LYS F 205 12.56 17.80 22.70
CA LYS F 205 13.77 18.57 23.03
C LYS F 205 13.56 20.07 22.74
N LYS F 206 12.91 20.36 21.62
CA LYS F 206 12.58 21.72 21.22
C LYS F 206 11.23 21.76 20.48
N GLY F 207 10.45 22.81 20.73
CA GLY F 207 9.13 22.96 20.15
C GLY F 207 9.02 24.18 19.28
N LYS F 208 7.79 24.51 18.89
CA LYS F 208 7.49 25.60 17.95
C LYS F 208 6.33 26.50 18.42
N ILE F 209 6.02 26.45 19.71
CA ILE F 209 4.91 27.24 20.26
C ILE F 209 5.35 27.89 21.55
N TYR F 210 5.06 29.18 21.69
CA TYR F 210 5.28 29.86 22.97
C TYR F 210 3.94 30.32 23.50
N SER F 211 3.82 30.38 24.81
CA SER F 211 2.54 30.56 25.45
C SER F 211 2.64 31.45 26.67
N LEU F 212 2.11 32.67 26.54
CA LEU F 212 1.95 33.60 27.66
C LEU F 212 0.95 34.67 27.28
N ASN F 213 0.48 35.38 28.28
CA ASN F 213 -0.41 36.54 28.08
C ASN F 213 0.39 37.78 27.64
N GLU F 214 0.41 38.07 26.34
CA GLU F 214 1.15 39.23 25.81
C GLU F 214 0.44 40.56 26.06
N GLY F 215 -0.77 40.51 26.60
CA GLY F 215 -1.49 41.73 26.98
C GLY F 215 -0.81 42.53 28.09
N TYR F 216 0.04 41.88 28.87
CA TYR F 216 0.80 42.53 29.92
C TYR F 216 2.21 42.93 29.41
N ALA F 217 2.37 43.10 28.09
CA ALA F 217 3.67 43.39 27.48
C ALA F 217 4.30 44.66 28.04
N ARG F 218 3.48 45.64 28.38
CA ARG F 218 3.98 46.90 28.89
C ARG F 218 4.68 46.71 30.25
N ASP F 219 4.39 45.62 30.96
CA ASP F 219 5.02 45.36 32.24
C ASP F 219 6.12 44.33 32.19
N PHE F 220 6.39 43.77 31.02
CA PHE F 220 7.40 42.72 30.91
C PHE F 220 8.77 43.17 31.40
N ASP F 221 9.43 42.26 32.08
CA ASP F 221 10.87 42.30 32.28
C ASP F 221 11.53 42.36 30.89
N PRO F 222 12.64 43.09 30.74
CA PRO F 222 13.28 43.17 29.42
C PRO F 222 13.74 41.82 28.86
N ALA F 223 14.12 40.90 29.73
CA ALA F 223 14.49 39.54 29.30
C ALA F 223 13.33 38.85 28.57
N VAL F 224 12.13 39.01 29.12
CA VAL F 224 10.93 38.41 28.53
C VAL F 224 10.65 39.09 27.19
N THR F 225 10.70 40.42 27.19
CA THR F 225 10.48 41.16 25.95
C THR F 225 11.41 40.65 24.88
N GLU F 226 12.69 40.51 25.20
CA GLU F 226 13.66 40.08 24.20
C GLU F 226 13.38 38.64 23.76
N TYR F 227 13.08 37.76 24.70
CA TYR F 227 12.84 36.35 24.36
C TYR F 227 11.65 36.17 23.41
N ILE F 228 10.56 36.86 23.70
CA ILE F 228 9.40 36.85 22.82
C ILE F 228 9.69 37.45 21.43
N GLN F 229 10.43 38.55 21.39
CA GLN F 229 10.92 39.11 20.13
C GLN F 229 11.64 38.09 19.25
N ARG F 230 12.48 37.28 19.87
CA ARG F 230 13.23 36.25 19.15
C ARG F 230 12.34 35.11 18.63
N LYS F 231 11.18 34.91 19.24
CA LYS F 231 10.26 33.88 18.79
C LYS F 231 9.55 34.32 17.55
N LYS F 232 9.22 35.61 17.49
CA LYS F 232 8.56 36.20 16.34
C LYS F 232 9.53 36.56 15.21
N PHE F 233 10.74 37.00 15.56
CA PHE F 233 11.73 37.48 14.58
C PHE F 233 13.06 36.77 14.82
N PRO F 234 13.17 35.50 14.39
CA PRO F 234 14.31 34.69 14.84
C PRO F 234 15.69 35.07 14.25
N PRO F 235 16.77 35.16 15.10
CA PRO F 235 18.17 35.53 14.70
C PRO F 235 19.07 34.44 14.12
N ASP F 236 18.46 33.37 13.65
CA ASP F 236 19.13 32.28 12.99
C ASP F 236 18.42 31.85 11.69
N ASN F 237 17.72 32.77 11.00
CA ASN F 237 16.68 32.48 10.00
C ASN F 237 15.92 31.13 10.03
N SER F 238 15.46 30.67 11.22
CA SER F 238 14.41 29.63 11.32
C SER F 238 13.00 30.23 11.28
N ALA F 239 11.99 29.36 11.19
CA ALA F 239 10.58 29.79 11.14
C ALA F 239 10.13 30.37 12.48
N PRO F 240 9.27 31.40 12.45
CA PRO F 240 8.73 31.92 13.72
C PRO F 240 7.84 30.92 14.44
N TYR F 241 7.86 30.98 15.76
CA TYR F 241 7.01 30.14 16.60
C TYR F 241 5.55 30.57 16.45
N GLY F 242 4.62 29.62 16.68
CA GLY F 242 3.21 29.94 16.83
C GLY F 242 2.96 30.38 18.25
N ALA F 243 1.86 31.10 18.45
CA ALA F 243 1.42 31.49 19.79
C ALA F 243 0.11 30.82 20.18
N ARG F 244 0.01 30.35 21.42
CA ARG F 244 -1.23 29.83 21.97
C ARG F 244 -1.30 30.22 23.45
N TYR F 245 -2.44 30.73 23.87
CA TYR F 245 -2.65 31.01 25.28
C TYR F 245 -4.13 30.85 25.62
N VAL F 246 -4.45 29.72 26.25
CA VAL F 246 -5.83 29.37 26.66
C VAL F 246 -6.25 30.23 27.84
N GLY F 247 -5.33 30.47 28.76
CA GLY F 247 -5.62 31.24 29.95
C GLY F 247 -5.99 30.33 31.09
N SER F 248 -5.79 29.04 30.89
CA SER F 248 -6.05 28.06 31.90
C SER F 248 -4.82 27.22 31.93
N MET F 249 -4.16 27.21 33.07
CA MET F 249 -2.83 26.66 33.17
C MET F 249 -2.73 25.17 32.79
N VAL F 250 -3.68 24.37 33.24
CA VAL F 250 -3.63 22.94 32.96
C VAL F 250 -3.69 22.67 31.45
N ALA F 251 -4.49 23.44 30.73
CA ALA F 251 -4.62 23.29 29.30
C ALA F 251 -3.36 23.72 28.58
N ASP F 252 -2.79 24.86 29.00
CA ASP F 252 -1.54 25.36 28.40
C ASP F 252 -0.35 24.47 28.67
N VAL F 253 -0.23 24.00 29.90
CA VAL F 253 0.83 23.09 30.27
C VAL F 253 0.70 21.73 29.56
N HIS F 254 -0.52 21.21 29.49
CA HIS F 254 -0.70 19.92 28.84
C HIS F 254 -0.35 19.99 27.35
N ARG F 255 -0.77 21.07 26.67
CA ARG F 255 -0.38 21.26 25.27
C ARG F 255 1.16 21.33 25.12
N THR F 256 1.79 21.96 26.11
CA THR F 256 3.24 22.09 26.11
C THR F 256 3.88 20.70 26.23
N LEU F 257 3.35 19.86 27.11
CA LEU F 257 3.85 18.49 27.25
C LEU F 257 3.70 17.69 25.95
N VAL F 258 2.55 17.86 25.32
CA VAL F 258 2.17 17.03 24.19
C VAL F 258 2.81 17.48 22.89
N TYR F 259 2.79 18.77 22.62
CA TYR F 259 3.36 19.31 21.38
C TYR F 259 4.78 19.88 21.55
N GLY F 260 5.22 20.08 22.79
CA GLY F 260 6.49 20.73 23.05
C GLY F 260 6.31 22.24 23.03
N GLY F 261 7.39 22.94 23.36
CA GLY F 261 7.38 24.40 23.35
C GLY F 261 7.62 24.95 24.74
N ILE F 262 7.07 26.14 25.01
CA ILE F 262 7.37 26.83 26.23
C ILE F 262 6.16 27.56 26.75
N PHE F 263 6.01 27.54 28.07
CA PHE F 263 4.97 28.26 28.76
C PHE F 263 5.58 29.20 29.80
N LEU F 264 5.07 30.43 29.84
CA LEU F 264 5.61 31.46 30.74
C LEU F 264 4.51 32.20 31.49
N TYR F 265 4.65 32.27 32.80
CA TYR F 265 3.93 33.24 33.62
C TYR F 265 5.00 33.87 34.51
N PRO F 266 5.72 34.85 33.93
CA PRO F 266 6.95 35.34 34.56
C PRO F 266 6.74 36.47 35.55
N ALA F 267 7.81 36.82 36.25
CA ALA F 267 7.80 37.94 37.17
C ALA F 267 7.95 39.27 36.40
N ASN F 268 7.30 40.32 36.89
CA ASN F 268 7.43 41.70 36.36
C ASN F 268 7.64 42.67 37.56
N LYS F 269 7.54 43.98 37.34
CA LYS F 269 7.72 44.97 38.43
C LYS F 269 6.50 44.91 39.38
N LYS F 270 5.30 44.82 38.80
CA LYS F 270 4.04 44.74 39.57
C LYS F 270 3.90 43.44 40.36
N SER F 271 4.44 42.35 39.82
CA SER F 271 4.36 41.02 40.44
C SER F 271 5.75 40.39 40.52
N PRO F 272 6.56 40.80 41.50
CA PRO F 272 7.95 40.32 41.55
C PRO F 272 8.09 38.82 41.89
N ASN F 273 7.03 38.24 42.45
CA ASN F 273 6.99 36.80 42.77
C ASN F 273 6.05 36.05 41.80
N GLY F 274 5.72 36.66 40.65
CA GLY F 274 4.81 36.00 39.72
C GLY F 274 3.37 35.99 40.23
N LYS F 275 2.49 35.27 39.53
CA LYS F 275 1.07 35.17 39.90
C LYS F 275 0.64 33.77 40.32
N LEU F 276 1.22 32.74 39.71
CA LEU F 276 0.81 31.36 40.00
C LEU F 276 1.36 30.89 41.35
N ARG F 277 0.67 29.93 41.95
CA ARG F 277 0.97 29.52 43.31
C ARG F 277 1.98 28.40 43.30
N LEU F 278 2.95 28.45 44.21
CA LEU F 278 4.06 27.52 44.17
C LEU F 278 3.67 26.08 44.54
N LEU F 279 2.92 25.92 45.62
CA LEU F 279 2.68 24.60 46.17
C LEU F 279 1.79 23.69 45.32
N TYR F 280 0.71 24.25 44.80
CA TYR F 280 -0.32 23.47 44.13
C TYR F 280 -0.57 23.90 42.66
N GLU F 281 0.28 24.75 42.09
CA GLU F 281 0.26 25.02 40.66
C GLU F 281 1.66 24.81 40.08
N CYS F 282 2.64 25.59 40.52
CA CYS F 282 3.98 25.53 39.92
C CYS F 282 4.73 24.23 40.20
N ASN F 283 4.75 23.79 41.46
CA ASN F 283 5.49 22.56 41.78
C ASN F 283 5.00 21.29 41.04
N PRO F 284 3.70 20.98 41.12
CA PRO F 284 3.26 19.76 40.44
C PRO F 284 3.59 19.79 38.94
N MET F 285 3.44 20.95 38.30
CA MET F 285 3.68 21.03 36.89
C MET F 285 5.16 20.90 36.58
N ALA F 286 5.97 21.46 37.46
CA ALA F 286 7.41 21.38 37.31
C ALA F 286 7.87 19.93 37.48
N TYR F 287 7.29 19.25 38.46
CA TYR F 287 7.60 17.83 38.66
C TYR F 287 7.24 16.97 37.43
N VAL F 288 6.04 17.17 36.92
CA VAL F 288 5.63 16.49 35.68
C VAL F 288 6.62 16.80 34.57
N MET F 289 6.92 18.07 34.36
CA MET F 289 7.86 18.48 33.30
C MET F 289 9.20 17.79 33.47
N GLU F 290 9.73 17.81 34.69
CA GLU F 290 11.08 17.25 34.87
C GLU F 290 11.09 15.74 34.67
N LYS F 291 10.05 15.05 35.13
CA LYS F 291 9.97 13.61 34.89
C LYS F 291 9.80 13.28 33.40
N ALA F 292 9.29 14.24 32.62
CA ALA F 292 9.13 14.05 31.19
C ALA F 292 10.35 14.50 30.42
N GLY F 293 11.42 14.85 31.13
CA GLY F 293 12.65 15.33 30.50
C GLY F 293 12.59 16.79 30.05
N GLY F 294 11.71 17.58 30.67
CA GLY F 294 11.62 19.01 30.41
C GLY F 294 12.24 19.80 31.54
N MET F 295 11.99 21.11 31.55
CA MET F 295 12.56 21.99 32.58
C MET F 295 11.52 22.95 33.11
N ALA F 296 11.79 23.48 34.30
CA ALA F 296 10.91 24.49 34.91
C ALA F 296 11.70 25.39 35.86
N THR F 297 11.69 26.69 35.58
CA THR F 297 12.55 27.64 36.26
C THR F 297 11.77 28.85 36.67
N THR F 298 12.25 29.54 37.70
CA THR F 298 11.69 30.85 38.09
C THR F 298 12.40 31.94 37.37
N GLY F 299 13.48 31.58 36.66
CA GLY F 299 14.45 32.57 36.17
C GLY F 299 15.73 32.48 36.99
N LYS F 300 15.61 32.56 38.31
CA LYS F 300 16.79 32.45 39.16
C LYS F 300 17.13 31.04 39.58
N GLU F 301 16.15 30.14 39.68
CA GLU F 301 16.43 28.77 40.09
C GLU F 301 15.34 27.81 39.62
N ALA F 302 15.60 26.52 39.76
CA ALA F 302 14.58 25.50 39.48
C ALA F 302 13.41 25.64 40.42
N VAL F 303 12.20 25.54 39.88
CA VAL F 303 10.99 25.73 40.66
C VAL F 303 10.97 24.74 41.80
N LEU F 304 11.40 23.51 41.51
CA LEU F 304 11.45 22.47 42.52
C LEU F 304 12.43 22.70 43.66
N ASP F 305 13.37 23.65 43.50
CA ASP F 305 14.36 23.96 44.57
C ASP F 305 13.95 25.11 45.48
N VAL F 306 12.84 25.77 45.17
CA VAL F 306 12.38 26.84 46.03
C VAL F 306 11.87 26.24 47.33
N ILE F 307 12.37 26.77 48.44
CA ILE F 307 11.90 26.35 49.77
C ILE F 307 10.80 27.30 50.17
N PRO F 308 9.56 26.81 50.20
CA PRO F 308 8.46 27.71 50.55
C PRO F 308 8.50 28.15 52.01
N THR F 309 7.99 29.35 52.27
CA THR F 309 7.77 29.84 53.64
C THR F 309 6.30 30.13 53.95
N ASP F 310 5.46 30.14 52.92
CA ASP F 310 4.01 30.37 53.06
C ASP F 310 3.27 29.46 52.07
N ILE F 311 2.19 28.83 52.51
CA ILE F 311 1.51 27.83 51.67
C ILE F 311 0.81 28.38 50.42
N HIS F 312 0.40 29.65 50.46
CA HIS F 312 -0.18 30.32 49.32
C HIS F 312 0.80 31.29 48.64
N GLN F 313 2.11 31.09 48.84
CA GLN F 313 3.10 31.94 48.16
C GLN F 313 3.15 31.74 46.63
N ARG F 314 3.42 32.82 45.92
CA ARG F 314 3.48 32.81 44.48
C ARG F 314 4.87 32.53 43.98
N ALA F 315 4.96 32.19 42.71
CA ALA F 315 6.24 31.96 42.06
C ALA F 315 6.18 32.25 40.55
N PRO F 316 7.22 32.90 40.00
CA PRO F 316 7.30 33.02 38.53
C PRO F 316 7.57 31.64 37.98
N VAL F 317 7.12 31.39 36.76
CA VAL F 317 7.38 30.09 36.15
C VAL F 317 7.56 30.17 34.64
N ILE F 318 8.60 29.46 34.16
CA ILE F 318 8.87 29.26 32.78
C ILE F 318 9.19 27.79 32.60
N LEU F 319 8.42 27.08 31.78
CA LEU F 319 8.58 25.66 31.67
C LEU F 319 8.33 25.15 30.29
N GLY F 320 8.79 23.93 30.05
CA GLY F 320 8.57 23.27 28.77
C GLY F 320 9.76 22.46 28.27
N SER F 321 9.89 22.43 26.95
CA SER F 321 11.02 21.76 26.29
C SER F 321 12.34 22.31 26.78
N PRO F 322 13.34 21.43 26.97
CA PRO F 322 14.63 21.86 27.53
C PRO F 322 15.34 22.94 26.71
N ASP F 323 15.43 22.76 25.38
CA ASP F 323 16.11 23.75 24.55
C ASP F 323 15.48 25.12 24.64
N ASP F 324 14.14 25.15 24.72
CA ASP F 324 13.44 26.43 24.77
C ASP F 324 13.63 27.13 26.11
N VAL F 325 13.57 26.38 27.20
CA VAL F 325 13.81 26.94 28.52
C VAL F 325 15.26 27.42 28.67
N LEU F 326 16.21 26.65 28.13
CA LEU F 326 17.63 27.01 28.21
C LEU F 326 17.87 28.29 27.44
N GLU F 327 17.25 28.41 26.27
CA GLU F 327 17.34 29.64 25.48
C GLU F 327 16.78 30.84 26.24
N PHE F 328 15.65 30.65 26.91
CA PHE F 328 15.11 31.72 27.73
C PHE F 328 16.11 32.12 28.82
N LEU F 329 16.74 31.11 29.43
CA LEU F 329 17.67 31.37 30.49
C LEU F 329 18.91 32.13 30.02
N LYS F 330 19.44 31.75 28.85
CA LYS F 330 20.55 32.50 28.24
C LYS F 330 20.18 33.98 28.13
N VAL F 331 19.00 34.31 27.61
CA VAL F 331 18.56 35.71 27.55
C VAL F 331 18.38 36.32 28.94
N TYR F 332 17.87 35.54 29.89
CA TYR F 332 17.66 36.04 31.26
C TYR F 332 18.99 36.42 31.93
N GLU F 333 19.99 35.55 31.76
CA GLU F 333 21.29 35.69 32.36
C GLU F 333 22.07 36.83 31.71
N LYS F 334 21.87 37.07 30.42
CA LYS F 334 22.35 38.26 29.75
C LYS F 334 21.84 39.56 30.39
N HIS F 335 20.58 39.60 30.81
CA HIS F 335 20.03 40.83 31.38
C HIS F 335 20.34 40.92 32.87
N SER F 336 21.11 39.96 33.39
CA SER F 336 21.63 39.92 34.74
C SER F 336 20.63 39.26 35.63
N ASP G 10 -32.31 3.25 6.93
CA ASP G 10 -32.13 4.65 7.43
C ASP G 10 -32.49 4.80 8.90
N VAL G 11 -31.60 5.39 9.67
CA VAL G 11 -31.80 5.54 11.12
C VAL G 11 -32.99 6.43 11.42
N ASN G 12 -33.68 6.16 12.51
CA ASN G 12 -34.77 6.99 12.90
C ASN G 12 -34.83 7.08 14.40
N THR G 13 -35.29 8.22 14.87
CA THR G 13 -35.44 8.49 16.28
C THR G 13 -36.88 8.76 16.59
N LEU G 14 -37.21 8.77 17.88
CA LEU G 14 -38.59 9.01 18.28
C LEU G 14 -39.09 10.35 17.74
N THR G 15 -38.30 11.39 17.93
CA THR G 15 -38.76 12.74 17.70
C THR G 15 -39.00 12.92 16.22
N ARG G 16 -38.11 12.38 15.44
CA ARG G 16 -38.20 12.47 14.00
C ARG G 16 -39.35 11.62 13.48
N PHE G 17 -39.53 10.44 14.03
CA PHE G 17 -40.67 9.60 13.70
C PHE G 17 -42.02 10.29 13.98
N VAL G 18 -42.18 10.84 15.19
CA VAL G 18 -43.40 11.52 15.58
C VAL G 18 -43.67 12.74 14.68
N MET G 19 -42.65 13.57 14.42
CA MET G 19 -42.80 14.72 13.56
C MET G 19 -43.25 14.32 12.17
N GLU G 20 -42.65 13.26 11.65
CA GLU G 20 -42.93 12.73 10.33
C GLU G 20 -44.38 12.26 10.19
N GLU G 21 -44.90 11.55 11.19
CA GLU G 21 -46.30 11.16 11.21
C GLU G 21 -47.25 12.38 11.42
N GLY G 22 -46.82 13.34 12.22
CA GLY G 22 -47.56 14.58 12.42
C GLY G 22 -47.74 15.37 11.14
N ARG G 23 -46.68 15.50 10.35
CA ARG G 23 -46.74 16.17 9.06
C ARG G 23 -47.65 15.45 8.07
N LYS G 24 -47.53 14.12 7.99
CA LYS G 24 -48.42 13.32 7.17
C LYS G 24 -49.86 13.61 7.49
N ALA G 25 -50.19 13.64 8.78
CA ALA G 25 -51.55 13.88 9.23
C ALA G 25 -51.96 15.33 9.13
N ARG G 26 -51.00 16.22 8.95
CA ARG G 26 -51.28 17.65 8.84
C ARG G 26 -51.90 18.26 10.08
N GLY G 27 -51.51 17.78 11.26
CA GLY G 27 -51.98 18.33 12.53
C GLY G 27 -51.28 19.61 12.89
N THR G 28 -51.71 20.25 13.97
CA THR G 28 -51.16 21.54 14.38
C THR G 28 -49.86 21.43 15.16
N GLY G 29 -49.52 20.22 15.61
CA GLY G 29 -48.26 19.98 16.31
C GLY G 29 -48.34 19.83 17.82
N GLU G 30 -49.53 20.03 18.37
CA GLU G 30 -49.73 19.91 19.81
C GLU G 30 -49.37 18.51 20.34
N LEU G 31 -49.77 17.45 19.63
CA LEU G 31 -49.48 16.08 20.09
C LEU G 31 -47.98 15.78 20.01
N THR G 32 -47.32 16.30 18.97
CA THR G 32 -45.88 16.20 18.84
C THR G 32 -45.15 16.93 19.99
N GLN G 33 -45.63 18.11 20.38
CA GLN G 33 -45.02 18.84 21.54
C GLN G 33 -45.17 18.06 22.83
N LEU G 34 -46.34 17.44 22.99
CA LEU G 34 -46.64 16.62 24.14
C LEU G 34 -45.73 15.40 24.16
N LEU G 35 -45.63 14.68 23.06
CA LEU G 35 -44.84 13.45 23.04
C LEU G 35 -43.37 13.74 23.24
N ASN G 36 -42.88 14.81 22.65
CA ASN G 36 -41.49 15.22 22.86
C ASN G 36 -41.24 15.54 24.34
N SER G 37 -42.17 16.24 24.97
CA SER G 37 -42.05 16.59 26.37
C SER G 37 -42.01 15.35 27.26
N LEU G 38 -42.88 14.41 26.97
CA LEU G 38 -42.96 13.17 27.70
C LEU G 38 -41.68 12.36 27.58
N CYS G 39 -41.16 12.32 26.37
CA CYS G 39 -39.91 11.66 26.08
C CYS G 39 -38.74 12.25 26.90
N THR G 40 -38.68 13.58 27.04
CA THR G 40 -37.69 14.22 27.88
C THR G 40 -37.84 13.77 29.35
N ALA G 41 -39.06 13.77 29.85
CA ALA G 41 -39.28 13.30 31.23
C ALA G 41 -38.85 11.83 31.41
N VAL G 42 -39.12 11.00 30.43
CA VAL G 42 -38.74 9.57 30.49
C VAL G 42 -37.23 9.37 30.60
N LYS G 43 -36.49 10.18 29.88
CA LYS G 43 -35.02 10.12 29.94
C LYS G 43 -34.50 10.55 31.28
N ALA G 44 -35.19 11.49 31.91
CA ALA G 44 -34.81 11.97 33.24
C ALA G 44 -35.13 10.94 34.31
N ILE G 45 -36.27 10.27 34.15
CA ILE G 45 -36.66 9.18 35.03
C ILE G 45 -35.68 8.04 34.93
N SER G 46 -35.31 7.67 33.72
CA SER G 46 -34.36 6.59 33.50
C SER G 46 -33.04 6.86 34.19
N SER G 47 -32.55 8.08 34.03
CA SER G 47 -31.30 8.48 34.69
C SER G 47 -31.37 8.34 36.21
N ALA G 48 -32.46 8.81 36.80
CA ALA G 48 -32.66 8.68 38.25
C ALA G 48 -32.87 7.21 38.70
N VAL G 49 -33.57 6.45 37.88
CA VAL G 49 -33.79 5.03 38.17
C VAL G 49 -32.48 4.22 38.15
N ARG G 50 -31.59 4.53 37.22
CA ARG G 50 -30.30 3.86 37.15
C ARG G 50 -29.32 4.42 38.21
N LYS G 51 -29.82 5.35 39.05
CA LYS G 51 -29.10 5.89 40.23
C LYS G 51 -27.95 6.89 39.96
N ALA G 52 -28.01 7.63 38.87
CA ALA G 52 -26.99 8.64 38.55
C ALA G 52 -27.00 9.64 39.68
N GLY G 53 -25.81 9.94 40.20
CA GLY G 53 -25.69 10.89 41.30
C GLY G 53 -25.94 10.33 42.70
N ILE G 54 -26.06 9.02 42.83
CA ILE G 54 -26.27 8.42 44.13
C ILE G 54 -25.08 8.61 45.08
N ALA G 55 -23.87 8.62 44.54
CA ALA G 55 -22.70 8.94 45.33
C ALA G 55 -22.88 10.22 46.18
N HIS G 56 -23.63 11.21 45.66
CA HIS G 56 -23.87 12.45 46.37
C HIS G 56 -24.84 12.22 47.53
N LEU G 57 -25.79 11.32 47.35
CA LEU G 57 -26.62 10.89 48.47
C LEU G 57 -25.87 10.24 49.61
N TYR G 58 -24.78 9.58 49.30
CA TYR G 58 -24.07 8.80 50.30
C TYR G 58 -22.81 9.51 50.78
N GLY G 59 -22.74 10.83 50.55
CA GLY G 59 -21.71 11.66 51.17
C GLY G 59 -20.36 11.74 50.50
N ILE G 60 -20.29 11.60 49.18
CA ILE G 60 -19.03 11.69 48.47
C ILE G 60 -18.41 13.10 48.60
N ALA G 61 -19.25 14.11 48.79
CA ALA G 61 -18.77 15.48 49.01
C ALA G 61 -18.94 15.95 50.45
N GLY G 62 -19.17 15.04 51.41
CA GLY G 62 -19.20 15.38 52.85
C GLY G 62 -20.45 15.09 53.64
N LYS G 73 -37.73 11.11 46.90
CA LYS G 73 -38.28 9.77 46.62
C LYS G 73 -38.54 9.58 45.13
N LEU G 74 -38.23 8.39 44.63
CA LEU G 74 -38.17 8.16 43.17
C LEU G 74 -39.49 8.28 42.46
N ASP G 75 -40.54 7.76 43.06
CA ASP G 75 -41.87 7.86 42.47
C ASP G 75 -42.45 9.28 42.54
N VAL G 76 -42.10 10.02 43.60
CA VAL G 76 -42.42 11.45 43.70
C VAL G 76 -41.71 12.30 42.63
N LEU G 77 -40.41 12.09 42.45
CA LEU G 77 -39.63 12.80 41.43
C LEU G 77 -40.12 12.46 40.03
N SER G 78 -40.47 11.19 39.82
CA SER G 78 -40.92 10.74 38.54
C SER G 78 -42.21 11.45 38.20
N ASN G 79 -43.08 11.55 39.19
CA ASN G 79 -44.33 12.26 39.02
C ASN G 79 -44.12 13.74 38.75
N ASP G 80 -43.25 14.38 39.52
CA ASP G 80 -42.90 15.80 39.30
C ASP G 80 -42.38 16.03 37.87
N LEU G 81 -41.53 15.14 37.40
CA LEU G 81 -40.97 15.26 36.05
C LEU G 81 -42.04 15.24 34.96
N VAL G 82 -42.94 14.24 35.03
CA VAL G 82 -43.98 14.10 34.03
C VAL G 82 -44.97 15.27 34.11
N MET G 83 -45.44 15.58 35.31
CA MET G 83 -46.34 16.73 35.55
C MET G 83 -45.76 18.00 34.99
N ASN G 84 -44.52 18.27 35.34
CA ASN G 84 -43.91 19.51 34.90
C ASN G 84 -43.69 19.56 33.40
N MET G 85 -43.21 18.47 32.82
CA MET G 85 -42.93 18.46 31.38
C MET G 85 -44.22 18.54 30.59
N LEU G 86 -45.27 17.90 31.06
CA LEU G 86 -46.58 17.99 30.36
C LEU G 86 -47.24 19.38 30.52
N LYS G 87 -47.27 19.92 31.73
CA LYS G 87 -47.83 21.25 31.93
C LYS G 87 -47.18 22.27 31.00
N SER G 88 -45.86 22.30 30.98
CA SER G 88 -45.15 23.29 30.21
C SER G 88 -45.10 22.96 28.71
N SER G 89 -45.76 21.89 28.27
CA SER G 89 -45.82 21.56 26.85
C SER G 89 -46.87 22.41 26.10
N PHE G 90 -47.72 23.10 26.86
CA PHE G 90 -48.87 23.85 26.31
C PHE G 90 -49.86 22.97 25.54
N ALA G 91 -49.82 21.65 25.79
CA ALA G 91 -50.62 20.72 24.99
C ALA G 91 -51.66 19.93 25.82
N THR G 92 -51.74 20.20 27.13
CA THR G 92 -52.62 19.44 28.01
C THR G 92 -53.55 20.34 28.85
N CYS G 93 -54.67 19.79 29.30
CA CYS G 93 -55.61 20.51 30.20
C CYS G 93 -55.93 19.75 31.50
N VAL G 94 -55.90 18.41 31.43
CA VAL G 94 -56.18 17.56 32.58
C VAL G 94 -55.15 16.44 32.65
N LEU G 95 -54.61 16.24 33.84
CA LEU G 95 -53.58 15.21 34.05
C LEU G 95 -54.00 14.34 35.23
N VAL G 96 -54.11 13.04 34.98
CA VAL G 96 -54.40 12.07 36.02
C VAL G 96 -53.17 11.24 36.28
N SER G 97 -52.79 11.14 37.55
CA SER G 97 -51.63 10.39 37.97
C SER G 97 -51.95 9.41 39.11
N GLU G 98 -51.35 8.23 39.05
CA GLU G 98 -51.37 7.27 40.13
C GLU G 98 -51.05 7.93 41.46
N GLU G 99 -50.12 8.89 41.44
CA GLU G 99 -49.70 9.61 42.65
C GLU G 99 -50.65 10.64 43.21
N ASP G 100 -51.61 11.11 42.43
CA ASP G 100 -52.49 12.19 42.91
C ASP G 100 -53.93 11.75 43.06
N LYS G 101 -54.52 12.11 44.19
CA LYS G 101 -55.88 11.67 44.48
C LYS G 101 -56.90 12.30 43.51
N HIS G 102 -56.70 13.56 43.16
CA HIS G 102 -57.58 14.24 42.23
C HIS G 102 -56.85 14.55 40.93
N ALA G 103 -57.61 14.74 39.86
CA ALA G 103 -57.05 15.14 38.61
C ALA G 103 -56.44 16.51 38.79
N ILE G 104 -55.37 16.78 38.05
CA ILE G 104 -54.73 18.08 38.04
C ILE G 104 -55.25 18.83 36.82
N ILE G 105 -55.80 20.01 37.07
CA ILE G 105 -56.30 20.89 36.03
C ILE G 105 -55.21 21.92 35.73
N VAL G 106 -54.72 21.92 34.49
CA VAL G 106 -53.66 22.80 34.06
C VAL G 106 -54.13 24.27 34.10
N GLU G 107 -53.29 25.16 34.63
CA GLU G 107 -53.62 26.59 34.69
C GLU G 107 -53.92 27.12 33.27
N PRO G 108 -54.86 28.07 33.17
CA PRO G 108 -55.42 28.50 31.88
C PRO G 108 -54.41 28.86 30.79
N GLU G 109 -53.32 29.52 31.16
CA GLU G 109 -52.38 30.05 30.17
C GLU G 109 -51.55 28.93 29.53
N LYS G 110 -51.60 27.73 30.11
CA LYS G 110 -50.82 26.61 29.62
C LYS G 110 -51.69 25.51 29.04
N ARG G 111 -52.98 25.77 28.90
CA ARG G 111 -53.95 24.74 28.56
C ARG G 111 -53.92 24.39 27.09
N GLY G 112 -53.90 23.11 26.79
CA GLY G 112 -53.99 22.63 25.42
C GLY G 112 -55.10 21.62 25.39
N LYS G 113 -55.21 20.91 24.27
CA LYS G 113 -56.41 20.11 24.03
C LYS G 113 -56.38 18.65 24.50
N TYR G 114 -55.28 18.17 25.10
CA TYR G 114 -55.18 16.76 25.47
C TYR G 114 -55.32 16.47 26.99
N VAL G 115 -55.88 15.29 27.29
CA VAL G 115 -55.96 14.73 28.63
C VAL G 115 -54.98 13.57 28.71
N VAL G 116 -54.19 13.51 29.79
CA VAL G 116 -53.17 12.46 29.94
C VAL G 116 -53.33 11.75 31.26
N CYS G 117 -53.42 10.43 31.19
CA CYS G 117 -53.46 9.57 32.36
C CYS G 117 -52.16 8.78 32.40
N PHE G 118 -51.47 8.78 33.54
CA PHE G 118 -50.21 8.07 33.62
C PHE G 118 -49.90 7.49 34.99
N ASP G 119 -49.07 6.45 34.98
CA ASP G 119 -48.42 5.93 36.17
C ASP G 119 -46.93 6.23 35.98
N PRO G 120 -46.40 7.22 36.72
CA PRO G 120 -45.04 7.70 36.48
C PRO G 120 -43.94 6.68 36.79
N LEU G 121 -44.15 5.84 37.79
CA LEU G 121 -43.20 4.76 38.07
C LEU G 121 -43.89 3.51 38.58
N ASP G 122 -44.41 2.74 37.66
CA ASP G 122 -45.07 1.49 37.97
C ASP G 122 -44.09 0.43 38.41
N GLY G 123 -44.50 -0.33 39.42
CA GLY G 123 -43.70 -1.41 40.00
C GLY G 123 -42.78 -0.91 41.10
N SER G 124 -42.86 0.38 41.44
CA SER G 124 -41.88 1.04 42.30
C SER G 124 -41.95 0.66 43.78
N SER G 125 -43.07 0.06 44.20
CA SER G 125 -43.15 -0.48 45.54
C SER G 125 -42.07 -1.54 45.80
N ASN G 126 -41.67 -2.26 44.74
CA ASN G 126 -40.60 -3.30 44.80
C ASN G 126 -39.22 -2.84 44.25
N ILE G 127 -39.01 -1.54 44.10
CA ILE G 127 -37.75 -1.04 43.54
C ILE G 127 -36.51 -1.30 44.42
N ASP G 128 -36.74 -1.62 45.70
CA ASP G 128 -35.68 -1.97 46.65
C ASP G 128 -34.92 -3.21 46.20
N CYS G 129 -35.56 -4.08 45.44
CA CYS G 129 -34.89 -5.27 44.91
C CYS G 129 -34.42 -5.11 43.48
N LEU G 130 -34.53 -3.90 42.93
CA LEU G 130 -34.03 -3.56 41.57
C LEU G 130 -34.72 -4.30 40.45
N VAL G 131 -35.98 -4.64 40.68
CA VAL G 131 -36.85 -5.17 39.65
C VAL G 131 -37.09 -4.09 38.60
N SER G 132 -37.28 -4.49 37.35
CA SER G 132 -37.71 -3.61 36.28
C SER G 132 -38.89 -2.76 36.71
N VAL G 133 -38.83 -1.47 36.40
CA VAL G 133 -39.95 -0.56 36.62
C VAL G 133 -40.24 0.13 35.32
N GLY G 134 -41.31 0.92 35.27
CA GLY G 134 -41.72 1.57 34.03
C GLY G 134 -42.67 2.73 34.20
N THR G 135 -42.95 3.39 33.10
CA THR G 135 -43.85 4.53 33.07
C THR G 135 -44.92 4.16 32.05
N ILE G 136 -46.19 4.34 32.39
CA ILE G 136 -47.30 3.99 31.50
C ILE G 136 -48.14 5.24 31.27
N PHE G 137 -48.58 5.44 30.03
CA PHE G 137 -49.31 6.67 29.70
C PHE G 137 -50.38 6.39 28.66
N GLY G 138 -51.49 7.12 28.80
CA GLY G 138 -52.57 7.18 27.80
C GLY G 138 -53.02 8.61 27.54
N ILE G 139 -53.21 8.93 26.26
CA ILE G 139 -53.49 10.28 25.80
C ILE G 139 -54.81 10.33 25.06
N TYR G 140 -55.70 11.20 25.54
CA TYR G 140 -57.03 11.39 24.99
C TYR G 140 -57.17 12.83 24.56
N ARG G 141 -58.00 13.06 23.55
CA ARG G 141 -58.44 14.41 23.21
C ARG G 141 -59.56 14.81 24.18
N LYS G 142 -59.52 16.03 24.68
CA LYS G 142 -60.62 16.55 25.48
C LYS G 142 -61.87 16.57 24.60
N LYS G 143 -62.92 15.91 25.07
CA LYS G 143 -64.12 15.65 24.30
C LYS G 143 -65.27 16.63 24.58
N SER G 144 -65.41 17.05 25.83
CA SER G 144 -66.50 17.93 26.20
C SER G 144 -66.03 19.36 25.97
N THR G 145 -66.99 20.28 25.87
CA THR G 145 -66.68 21.70 25.72
C THR G 145 -66.74 22.43 27.05
N ASP G 146 -66.99 21.71 28.13
CA ASP G 146 -67.03 22.35 29.44
C ASP G 146 -65.64 22.80 29.88
N GLU G 147 -65.62 23.57 30.95
CA GLU G 147 -64.37 23.94 31.62
C GLU G 147 -63.71 22.62 32.02
N PRO G 148 -62.37 22.53 31.95
CA PRO G 148 -61.80 21.19 32.16
C PRO G 148 -62.00 20.72 33.57
N SER G 149 -62.24 19.43 33.71
CA SER G 149 -62.43 18.82 35.00
C SER G 149 -62.06 17.33 34.94
N GLU G 150 -62.15 16.68 36.10
CA GLU G 150 -61.96 15.24 36.22
C GLU G 150 -62.75 14.43 35.20
N LYS G 151 -63.95 14.89 34.88
CA LYS G 151 -64.84 14.19 33.95
C LYS G 151 -64.20 13.93 32.60
N ASP G 152 -63.31 14.82 32.19
CA ASP G 152 -62.69 14.72 30.89
C ASP G 152 -61.77 13.53 30.75
N ALA G 153 -61.36 12.98 31.89
CA ALA G 153 -60.53 11.80 31.92
C ALA G 153 -61.33 10.50 31.94
N LEU G 154 -62.64 10.58 32.16
CA LEU G 154 -63.48 9.39 32.26
C LEU G 154 -63.97 8.98 30.88
N GLN G 155 -63.04 8.68 29.97
CA GLN G 155 -63.38 8.20 28.66
C GLN G 155 -63.04 6.74 28.57
N PRO G 156 -63.79 5.99 27.76
CA PRO G 156 -63.35 4.66 27.46
C PRO G 156 -62.02 4.64 26.71
N GLY G 157 -61.24 3.61 26.93
CA GLY G 157 -60.00 3.37 26.20
C GLY G 157 -60.07 3.45 24.69
N ARG G 158 -61.22 3.12 24.10
CA ARG G 158 -61.41 3.20 22.64
C ARG G 158 -61.09 4.57 22.12
N ASN G 159 -61.27 5.60 22.97
CA ASN G 159 -61.02 6.99 22.55
C ASN G 159 -59.54 7.41 22.53
N LEU G 160 -58.65 6.50 22.95
CA LEU G 160 -57.23 6.84 23.01
C LEU G 160 -56.68 7.26 21.67
N VAL G 161 -55.93 8.36 21.68
CA VAL G 161 -55.27 8.86 20.50
C VAL G 161 -53.86 8.25 20.43
N ALA G 162 -53.22 8.11 21.58
CA ALA G 162 -51.93 7.46 21.67
C ALA G 162 -51.74 6.89 23.05
N ALA G 163 -50.92 5.84 23.15
CA ALA G 163 -50.63 5.25 24.45
C ALA G 163 -49.34 4.47 24.38
N GLY G 164 -48.77 4.22 25.54
CA GLY G 164 -47.58 3.37 25.59
C GLY G 164 -46.89 3.33 26.92
N TYR G 165 -45.64 2.95 26.89
CA TYR G 165 -44.89 2.83 28.13
C TYR G 165 -43.40 2.92 27.88
N ALA G 166 -42.68 3.30 28.93
CA ALA G 166 -41.23 3.14 28.99
C ALA G 166 -40.93 2.06 29.99
N LEU G 167 -40.08 1.12 29.59
CA LEU G 167 -39.60 0.07 30.45
C LEU G 167 -38.17 0.41 30.83
N TYR G 168 -37.91 0.55 32.13
CA TYR G 168 -36.56 0.71 32.67
C TYR G 168 -36.05 -0.67 33.11
N GLY G 169 -35.59 -1.46 32.14
CA GLY G 169 -35.18 -2.82 32.37
C GLY G 169 -33.67 -2.94 32.27
N SER G 170 -33.20 -4.04 31.67
CA SER G 170 -31.78 -4.16 31.39
C SER G 170 -31.33 -3.00 30.52
N ALA G 171 -32.23 -2.52 29.66
CA ALA G 171 -32.05 -1.27 28.97
C ALA G 171 -33.38 -0.57 29.01
N THR G 172 -33.41 0.67 28.57
CA THR G 172 -34.62 1.48 28.61
C THR G 172 -35.24 1.53 27.22
N MET G 173 -36.50 1.12 27.12
CA MET G 173 -37.22 1.10 25.85
C MET G 173 -38.55 1.84 25.97
N LEU G 174 -38.88 2.61 24.94
CA LEU G 174 -40.19 3.27 24.87
C LEU G 174 -41.02 2.61 23.77
N VAL G 175 -42.21 2.19 24.14
CA VAL G 175 -43.12 1.54 23.24
C VAL G 175 -44.28 2.46 23.04
N LEU G 176 -44.53 2.81 21.78
CA LEU G 176 -45.53 3.79 21.42
C LEU G 176 -46.52 3.14 20.47
N ALA G 177 -47.78 3.16 20.87
CA ALA G 177 -48.88 2.75 20.01
C ALA G 177 -49.72 3.96 19.60
N MET G 178 -50.03 4.01 18.31
CA MET G 178 -50.97 4.99 17.76
C MET G 178 -51.77 4.28 16.66
N ASP G 179 -52.55 5.03 15.89
CA ASP G 179 -53.30 4.45 14.79
C ASP G 179 -52.43 3.70 13.79
N CYS G 180 -51.24 4.22 13.50
CA CYS G 180 -50.30 3.60 12.56
C CYS G 180 -49.66 2.29 13.04
N GLY G 181 -49.92 1.90 14.29
CA GLY G 181 -49.38 0.68 14.87
C GLY G 181 -48.49 0.91 16.10
N VAL G 182 -47.75 -0.14 16.46
CA VAL G 182 -46.87 -0.14 17.62
C VAL G 182 -45.42 -0.10 17.17
N ASN G 183 -44.67 0.85 17.72
CA ASN G 183 -43.23 1.05 17.41
C ASN G 183 -42.38 1.16 18.67
N CYS G 184 -41.23 0.50 18.64
CA CYS G 184 -40.37 0.34 19.80
C CYS G 184 -39.05 1.07 19.61
N PHE G 185 -38.71 1.90 20.60
CA PHE G 185 -37.54 2.74 20.57
C PHE G 185 -36.61 2.47 21.76
N MET G 186 -35.34 2.19 21.49
CA MET G 186 -34.37 1.95 22.54
C MET G 186 -33.64 3.27 22.91
N LEU G 187 -33.58 3.62 24.19
CA LEU G 187 -32.79 4.75 24.60
C LEU G 187 -31.28 4.41 24.54
N ASP G 188 -30.51 5.19 23.78
CA ASP G 188 -29.04 5.12 23.74
C ASP G 188 -28.53 6.14 24.75
N PRO G 189 -28.11 5.67 25.93
CA PRO G 189 -27.76 6.62 26.98
C PRO G 189 -26.50 7.40 26.67
N ALA G 190 -25.68 6.96 25.72
CA ALA G 190 -24.51 7.74 25.30
C ALA G 190 -24.87 9.10 24.67
N ILE G 191 -26.02 9.17 24.00
CA ILE G 191 -26.44 10.38 23.32
C ILE G 191 -27.82 10.91 23.75
N GLY G 192 -28.53 10.15 24.58
CA GLY G 192 -29.88 10.54 25.01
C GLY G 192 -30.87 10.65 23.88
N GLU G 193 -30.89 9.65 23.02
CA GLU G 193 -31.83 9.60 21.96
C GLU G 193 -32.52 8.25 21.91
N PHE G 194 -33.80 8.25 21.55
CA PHE G 194 -34.57 7.04 21.40
C PHE G 194 -34.47 6.58 19.94
N ILE G 195 -33.86 5.42 19.71
CA ILE G 195 -33.60 4.89 18.39
C ILE G 195 -34.67 3.87 18.04
N LEU G 196 -35.30 4.03 16.89
CA LEU G 196 -36.30 3.07 16.45
C LEU G 196 -35.66 1.74 16.09
N VAL G 197 -36.04 0.69 16.78
CA VAL G 197 -35.41 -0.61 16.58
C VAL G 197 -36.38 -1.72 16.19
N ASP G 198 -37.68 -1.53 16.40
CA ASP G 198 -38.69 -2.50 15.99
C ASP G 198 -39.89 -1.76 15.44
N LYS G 199 -40.18 -1.98 14.15
CA LYS G 199 -41.24 -1.24 13.45
C LYS G 199 -42.53 -2.04 13.33
N ASP G 200 -43.66 -1.39 13.59
CA ASP G 200 -44.97 -1.95 13.34
C ASP G 200 -45.06 -3.37 13.87
N VAL G 201 -44.86 -3.47 15.18
CA VAL G 201 -44.75 -4.72 15.85
C VAL G 201 -46.10 -5.43 15.98
N LYS G 202 -46.04 -6.75 15.83
CA LYS G 202 -47.22 -7.59 15.95
C LYS G 202 -46.96 -8.76 16.88
N ILE G 203 -47.90 -9.03 17.77
CA ILE G 203 -47.77 -10.10 18.75
C ILE G 203 -48.00 -11.45 18.08
N LYS G 204 -47.34 -12.49 18.57
CA LYS G 204 -47.61 -13.85 18.10
C LYS G 204 -49.08 -14.22 18.29
N LYS G 205 -49.61 -14.98 17.35
CA LYS G 205 -50.97 -15.50 17.39
C LYS G 205 -51.22 -16.32 18.66
N LYS G 206 -50.23 -17.11 19.03
CA LYS G 206 -50.27 -17.96 20.21
C LYS G 206 -48.88 -18.08 20.80
N GLY G 207 -48.80 -18.08 22.13
CA GLY G 207 -47.53 -18.15 22.84
C GLY G 207 -47.40 -19.37 23.74
N LYS G 208 -46.37 -19.38 24.59
CA LYS G 208 -46.03 -20.53 25.42
C LYS G 208 -45.70 -20.14 26.86
N ILE G 209 -46.14 -18.95 27.26
CA ILE G 209 -45.93 -18.48 28.62
C ILE G 209 -47.20 -17.91 29.19
N TYR G 210 -47.53 -18.25 30.42
CA TYR G 210 -48.63 -17.60 31.14
C TYR G 210 -48.03 -16.86 32.32
N SER G 211 -48.68 -15.77 32.72
CA SER G 211 -48.11 -14.89 33.72
C SER G 211 -49.16 -14.34 34.66
N LEU G 212 -49.14 -14.82 35.91
CA LEU G 212 -49.98 -14.26 36.97
C LEU G 212 -49.40 -14.67 38.32
N ASN G 213 -49.87 -13.98 39.37
CA ASN G 213 -49.54 -14.33 40.76
C ASN G 213 -50.40 -15.50 41.26
N GLU G 214 -49.85 -16.71 41.21
CA GLU G 214 -50.55 -17.93 41.64
C GLU G 214 -50.65 -18.05 43.17
N GLY G 215 -50.02 -17.14 43.90
CA GLY G 215 -50.19 -17.06 45.36
C GLY G 215 -51.61 -16.76 45.83
N TYR G 216 -52.42 -16.16 44.96
CA TYR G 216 -53.82 -15.93 45.26
C TYR G 216 -54.72 -17.06 44.73
N ALA G 217 -54.17 -18.25 44.52
CA ALA G 217 -54.94 -19.38 43.96
C ALA G 217 -56.21 -19.74 44.77
N ARG G 218 -56.14 -19.58 46.09
CA ARG G 218 -57.23 -19.89 46.94
C ARG G 218 -58.43 -18.98 46.68
N ASP G 219 -58.20 -17.82 46.09
CA ASP G 219 -59.28 -16.89 45.80
C ASP G 219 -59.69 -16.88 44.34
N PHE G 220 -59.04 -17.68 43.49
CA PHE G 220 -59.36 -17.69 42.07
C PHE G 220 -60.81 -18.01 41.79
N ASP G 221 -61.39 -17.28 40.85
CA ASP G 221 -62.65 -17.75 40.33
C ASP G 221 -62.36 -19.11 39.55
N PRO G 222 -63.35 -20.01 39.47
CA PRO G 222 -63.14 -21.33 38.89
C PRO G 222 -62.71 -21.34 37.43
N ALA G 223 -63.11 -20.34 36.67
CA ALA G 223 -62.62 -20.18 35.27
C ALA G 223 -61.10 -20.01 35.18
N VAL G 224 -60.55 -19.19 36.07
CA VAL G 224 -59.12 -18.98 36.14
C VAL G 224 -58.44 -20.29 36.57
N THR G 225 -58.97 -20.89 37.63
CA THR G 225 -58.41 -22.16 38.12
C THR G 225 -58.33 -23.16 36.98
N GLU G 226 -59.41 -23.29 36.22
CA GLU G 226 -59.42 -24.26 35.12
C GLU G 226 -58.46 -23.88 34.02
N TYR G 227 -58.42 -22.61 33.66
CA TYR G 227 -57.52 -22.17 32.58
C TYR G 227 -56.06 -22.45 32.90
N ILE G 228 -55.65 -22.12 34.11
CA ILE G 228 -54.28 -22.39 34.55
C ILE G 228 -53.98 -23.89 34.58
N GLN G 229 -54.94 -24.69 35.04
CA GLN G 229 -54.80 -26.16 35.05
C GLN G 229 -54.47 -26.65 33.65
N ARG G 230 -55.13 -26.09 32.65
CA ARG G 230 -54.91 -26.51 31.27
C ARG G 230 -53.56 -26.10 30.71
N LYS G 231 -52.95 -25.05 31.28
CA LYS G 231 -51.64 -24.62 30.85
C LYS G 231 -50.57 -25.55 31.38
N LYS G 232 -50.76 -26.04 32.62
CA LYS G 232 -49.85 -26.99 33.23
C LYS G 232 -50.08 -28.45 32.82
N PHE G 233 -51.34 -28.82 32.61
CA PHE G 233 -51.72 -30.20 32.32
C PHE G 233 -52.57 -30.20 31.06
N PRO G 234 -51.94 -29.99 29.91
CA PRO G 234 -52.74 -29.80 28.71
C PRO G 234 -53.50 -31.06 28.30
N PRO G 235 -54.82 -30.95 28.10
CA PRO G 235 -55.63 -32.11 27.74
C PRO G 235 -55.19 -32.75 26.43
N ASP G 236 -54.77 -31.94 25.46
CA ASP G 236 -54.43 -32.44 24.12
C ASP G 236 -53.00 -32.95 23.95
N ASN G 237 -52.32 -33.19 25.07
CA ASN G 237 -50.96 -33.71 25.01
C ASN G 237 -49.85 -32.86 24.32
N SER G 238 -50.09 -31.55 24.20
CA SER G 238 -49.03 -30.60 23.84
C SER G 238 -48.18 -30.30 25.07
N ALA G 239 -47.08 -29.57 24.86
CA ALA G 239 -46.15 -29.20 25.93
C ALA G 239 -46.77 -28.18 26.88
N PRO G 240 -46.48 -28.28 28.19
CA PRO G 240 -47.00 -27.31 29.12
C PRO G 240 -46.36 -25.94 28.90
N TYR G 241 -47.13 -24.90 29.19
CA TYR G 241 -46.62 -23.53 29.13
C TYR G 241 -45.60 -23.27 30.24
N GLY G 242 -44.68 -22.35 29.99
CA GLY G 242 -43.77 -21.85 31.02
C GLY G 242 -44.47 -20.77 31.81
N ALA G 243 -44.01 -20.55 33.05
CA ALA G 243 -44.56 -19.49 33.89
C ALA G 243 -43.52 -18.41 34.15
N ARG G 244 -43.93 -17.14 34.03
CA ARG G 244 -43.09 -16.00 34.40
C ARG G 244 -43.97 -14.97 35.06
N TYR G 245 -43.53 -14.45 36.20
CA TYR G 245 -44.24 -13.35 36.86
C TYR G 245 -43.26 -12.44 37.62
N VAL G 246 -42.92 -11.33 36.99
CA VAL G 246 -41.96 -10.37 37.51
C VAL G 246 -42.56 -9.62 38.68
N GLY G 247 -43.85 -9.32 38.57
CA GLY G 247 -44.54 -8.60 39.62
C GLY G 247 -44.53 -7.11 39.34
N SER G 248 -44.12 -6.75 38.13
CA SER G 248 -44.11 -5.39 37.68
C SER G 248 -44.76 -5.43 36.31
N MET G 249 -45.87 -4.75 36.18
CA MET G 249 -46.75 -4.91 35.03
C MET G 249 -46.11 -4.57 33.69
N VAL G 250 -45.32 -3.51 33.62
CA VAL G 250 -44.67 -3.10 32.38
C VAL G 250 -43.71 -4.18 31.89
N ALA G 251 -43.00 -4.82 32.81
CA ALA G 251 -42.06 -5.91 32.45
C ALA G 251 -42.77 -7.17 31.97
N ASP G 252 -43.85 -7.52 32.66
CA ASP G 252 -44.65 -8.71 32.29
C ASP G 252 -45.38 -8.50 30.97
N VAL G 253 -45.97 -7.33 30.79
CA VAL G 253 -46.67 -7.02 29.55
C VAL G 253 -45.70 -6.92 28.37
N HIS G 254 -44.53 -6.33 28.59
CA HIS G 254 -43.59 -6.20 27.49
C HIS G 254 -43.10 -7.56 27.04
N ARG G 255 -42.75 -8.43 27.99
CA ARG G 255 -42.38 -9.79 27.65
C ARG G 255 -43.52 -10.48 26.86
N THR G 256 -44.76 -10.22 27.25
CA THR G 256 -45.93 -10.80 26.59
C THR G 256 -45.99 -10.30 25.14
N LEU G 257 -45.75 -9.00 24.93
CA LEU G 257 -45.69 -8.46 23.57
C LEU G 257 -44.59 -9.09 22.73
N VAL G 258 -43.42 -9.23 23.32
CA VAL G 258 -42.25 -9.67 22.61
C VAL G 258 -42.21 -11.19 22.35
N TYR G 259 -42.54 -12.00 23.35
CA TYR G 259 -42.49 -13.45 23.22
C TYR G 259 -43.85 -14.08 22.98
N GLY G 260 -44.92 -13.34 23.21
CA GLY G 260 -46.27 -13.87 23.08
C GLY G 260 -46.66 -14.52 24.38
N GLY G 261 -47.91 -14.95 24.45
CA GLY G 261 -48.43 -15.57 25.65
C GLY G 261 -49.55 -14.78 26.26
N ILE G 262 -49.72 -14.92 27.56
CA ILE G 262 -50.88 -14.36 28.24
C ILE G 262 -50.51 -13.83 29.62
N PHE G 263 -51.11 -12.70 29.97
CA PHE G 263 -50.92 -12.09 31.25
C PHE G 263 -52.28 -11.89 31.90
N LEU G 264 -52.37 -12.21 33.19
CA LEU G 264 -53.64 -12.13 33.92
C LEU G 264 -53.48 -11.45 35.26
N TYR G 265 -54.33 -10.49 35.52
CA TYR G 265 -54.56 -10.01 36.90
C TYR G 265 -56.07 -9.96 37.12
N PRO G 266 -56.67 -11.09 37.58
CA PRO G 266 -58.12 -11.21 37.79
C PRO G 266 -58.53 -10.71 39.18
N ALA G 267 -59.82 -10.71 39.45
CA ALA G 267 -60.36 -10.38 40.79
C ALA G 267 -60.03 -11.47 41.83
N ASN G 268 -59.79 -11.04 43.07
CA ASN G 268 -59.62 -11.92 44.23
C ASN G 268 -60.47 -11.37 45.43
N LYS G 269 -60.27 -11.90 46.64
CA LYS G 269 -61.05 -11.45 47.81
C LYS G 269 -60.63 -10.05 48.24
N LYS G 270 -59.33 -9.82 48.25
CA LYS G 270 -58.75 -8.51 48.57
C LYS G 270 -59.09 -7.42 47.55
N SER G 271 -59.21 -7.80 46.28
CA SER G 271 -59.50 -6.88 45.18
C SER G 271 -60.68 -7.42 44.34
N PRO G 272 -61.92 -7.23 44.82
CA PRO G 272 -63.08 -7.79 44.11
C PRO G 272 -63.40 -7.11 42.75
N ASN G 273 -62.82 -5.94 42.52
CA ASN G 273 -62.89 -5.25 41.21
C ASN G 273 -61.61 -5.35 40.36
N GLY G 274 -60.73 -6.30 40.70
CA GLY G 274 -59.43 -6.48 40.05
C GLY G 274 -58.56 -5.51 40.82
N LYS G 275 -57.25 -5.56 40.60
CA LYS G 275 -56.31 -4.77 41.37
C LYS G 275 -55.70 -3.64 40.55
N LEU G 276 -55.49 -3.87 39.26
CA LEU G 276 -54.85 -2.86 38.43
C LEU G 276 -55.80 -1.72 38.06
N ARG G 277 -55.24 -0.54 37.81
CA ARG G 277 -56.04 0.66 37.61
C ARG G 277 -56.41 0.80 36.15
N LEU G 278 -57.67 1.15 35.89
CA LEU G 278 -58.16 1.11 34.51
C LEU G 278 -57.53 2.18 33.63
N LEU G 279 -57.45 3.39 34.16
CA LEU G 279 -57.13 4.53 33.31
C LEU G 279 -55.69 4.53 32.85
N TYR G 280 -54.80 4.24 33.77
CA TYR G 280 -53.39 4.48 33.54
C TYR G 280 -52.55 3.21 33.66
N GLU G 281 -53.21 2.06 33.78
CA GLU G 281 -52.51 0.78 33.67
C GLU G 281 -53.19 -0.07 32.63
N CYS G 282 -54.47 -0.41 32.84
CA CYS G 282 -55.14 -1.38 31.97
C CYS G 282 -55.41 -0.85 30.57
N ASN G 283 -55.94 0.37 30.47
CA ASN G 283 -56.24 0.95 29.15
C ASN G 283 -55.00 1.10 28.20
N PRO G 284 -53.89 1.75 28.67
CA PRO G 284 -52.76 1.90 27.76
C PRO G 284 -52.22 0.58 27.29
N MET G 285 -52.16 -0.42 28.18
CA MET G 285 -51.63 -1.71 27.80
C MET G 285 -52.57 -2.44 26.86
N ALA G 286 -53.88 -2.27 27.07
CA ALA G 286 -54.88 -2.85 26.18
C ALA G 286 -54.79 -2.22 24.80
N TYR G 287 -54.60 -0.91 24.76
CA TYR G 287 -54.46 -0.22 23.46
C TYR G 287 -53.24 -0.71 22.70
N VAL G 288 -52.09 -0.80 23.38
CA VAL G 288 -50.88 -1.34 22.77
C VAL G 288 -51.12 -2.77 22.24
N MET G 289 -51.70 -3.61 23.08
CA MET G 289 -52.00 -4.97 22.67
C MET G 289 -52.87 -5.00 21.41
N GLU G 290 -53.94 -4.21 21.40
CA GLU G 290 -54.87 -4.27 20.28
C GLU G 290 -54.24 -3.78 19.03
N LYS G 291 -53.43 -2.74 19.13
CA LYS G 291 -52.72 -2.26 17.94
C LYS G 291 -51.68 -3.23 17.44
N ALA G 292 -51.20 -4.11 18.32
CA ALA G 292 -50.25 -5.14 17.94
C ALA G 292 -50.95 -6.43 17.52
N GLY G 293 -52.28 -6.40 17.39
CA GLY G 293 -53.06 -7.57 16.98
C GLY G 293 -53.32 -8.55 18.08
N GLY G 294 -53.29 -8.08 19.33
CA GLY G 294 -53.54 -8.91 20.50
C GLY G 294 -54.90 -8.57 21.04
N MET G 295 -55.20 -9.07 22.23
CA MET G 295 -56.51 -8.83 22.86
C MET G 295 -56.34 -8.47 24.33
N ALA G 296 -57.38 -7.83 24.88
CA ALA G 296 -57.41 -7.49 26.29
C ALA G 296 -58.84 -7.43 26.79
N THR G 297 -59.17 -8.26 27.79
CA THR G 297 -60.53 -8.43 28.28
C THR G 297 -60.58 -8.35 29.78
N THR G 298 -61.73 -7.97 30.32
CA THR G 298 -61.99 -8.05 31.77
C THR G 298 -62.53 -9.42 32.12
N GLY G 299 -62.86 -10.23 31.10
CA GLY G 299 -63.70 -11.42 31.26
C GLY G 299 -65.10 -11.18 30.68
N LYS G 300 -65.71 -10.08 31.10
CA LYS G 300 -67.04 -9.70 30.60
C LYS G 300 -67.00 -8.88 29.34
N GLU G 301 -65.98 -8.04 29.18
CA GLU G 301 -65.92 -7.18 27.99
C GLU G 301 -64.48 -6.74 27.69
N ALA G 302 -64.28 -6.16 26.51
CA ALA G 302 -63.02 -5.56 26.17
C ALA G 302 -62.69 -4.43 27.16
N VAL G 303 -61.44 -4.38 27.60
CA VAL G 303 -60.99 -3.39 28.56
C VAL G 303 -61.25 -1.99 28.00
N LEU G 304 -60.99 -1.82 26.72
CA LEU G 304 -61.15 -0.55 26.06
C LEU G 304 -62.61 -0.09 25.96
N ASP G 305 -63.58 -0.97 26.20
CA ASP G 305 -65.00 -0.60 26.19
C ASP G 305 -65.57 -0.21 27.56
N VAL G 306 -64.79 -0.35 28.63
CA VAL G 306 -65.30 -0.01 29.94
C VAL G 306 -65.42 1.50 30.04
N ILE G 307 -66.59 1.98 30.44
CA ILE G 307 -66.78 3.39 30.67
C ILE G 307 -66.50 3.70 32.14
N PRO G 308 -65.44 4.46 32.42
CA PRO G 308 -65.05 4.67 33.81
C PRO G 308 -65.97 5.64 34.48
N THR G 309 -66.11 5.51 35.79
CA THR G 309 -66.86 6.47 36.61
C THR G 309 -66.01 7.11 37.71
N ASP G 310 -64.82 6.55 37.92
CA ASP G 310 -63.87 7.05 38.92
C ASP G 310 -62.46 6.91 38.34
N ILE G 311 -61.65 7.95 38.50
CA ILE G 311 -60.33 7.98 37.82
C ILE G 311 -59.32 6.98 38.35
N HIS G 312 -59.49 6.57 39.61
CA HIS G 312 -58.66 5.54 40.18
C HIS G 312 -59.35 4.18 40.27
N GLN G 313 -60.41 3.98 39.49
CA GLN G 313 -61.13 2.71 39.56
C GLN G 313 -60.28 1.53 39.01
N ARG G 314 -60.48 0.36 39.62
CA ARG G 314 -59.76 -0.84 39.25
C ARG G 314 -60.50 -1.64 38.19
N ALA G 315 -59.79 -2.54 37.57
CA ALA G 315 -60.37 -3.42 36.55
C ALA G 315 -59.61 -4.76 36.54
N PRO G 316 -60.34 -5.87 36.44
CA PRO G 316 -59.66 -7.09 36.04
C PRO G 316 -59.08 -7.03 34.63
N VAL G 317 -58.00 -7.75 34.38
CA VAL G 317 -57.41 -7.75 33.03
C VAL G 317 -56.76 -9.08 32.66
N ILE G 318 -57.03 -9.50 31.42
CA ILE G 318 -56.42 -10.67 30.81
C ILE G 318 -56.04 -10.26 29.41
N LEU G 319 -54.76 -10.31 29.08
CA LEU G 319 -54.30 -9.80 27.81
C LEU G 319 -53.18 -10.62 27.21
N GLY G 320 -52.96 -10.44 25.92
CA GLY G 320 -51.86 -11.09 25.23
C GLY G 320 -52.21 -11.57 23.84
N SER G 321 -51.61 -12.69 23.46
CA SER G 321 -51.84 -13.32 22.17
C SER G 321 -53.31 -13.64 22.01
N PRO G 322 -53.85 -13.44 20.80
CA PRO G 322 -55.28 -13.65 20.56
C PRO G 322 -55.77 -15.06 20.86
N ASP G 323 -55.07 -16.08 20.36
CA ASP G 323 -55.50 -17.46 20.61
C ASP G 323 -55.55 -17.79 22.11
N ASP G 324 -54.60 -17.27 22.88
CA ASP G 324 -54.56 -17.54 24.33
C ASP G 324 -55.70 -16.84 25.05
N VAL G 325 -55.95 -15.60 24.72
CA VAL G 325 -57.06 -14.87 25.36
C VAL G 325 -58.41 -15.48 24.98
N LEU G 326 -58.56 -15.89 23.71
CA LEU G 326 -59.80 -16.52 23.25
C LEU G 326 -60.05 -17.84 23.96
N GLU G 327 -58.99 -18.64 24.13
CA GLU G 327 -59.07 -19.87 24.91
C GLU G 327 -59.49 -19.58 26.36
N PHE G 328 -58.92 -18.55 26.96
CA PHE G 328 -59.37 -18.16 28.28
C PHE G 328 -60.87 -17.82 28.27
N LEU G 329 -61.31 -17.09 27.26
CA LEU G 329 -62.73 -16.66 27.19
C LEU G 329 -63.68 -17.84 26.97
N LYS G 330 -63.28 -18.82 26.15
CA LYS G 330 -64.00 -20.11 26.05
C LYS G 330 -64.25 -20.72 27.46
N VAL G 331 -63.20 -20.86 28.24
CA VAL G 331 -63.34 -21.39 29.62
C VAL G 331 -64.20 -20.46 30.48
N TYR G 332 -64.06 -19.16 30.31
CA TYR G 332 -64.84 -18.22 31.11
C TYR G 332 -66.34 -18.40 30.85
N GLU G 333 -66.70 -18.57 29.57
CA GLU G 333 -68.10 -18.76 29.11
C GLU G 333 -68.69 -20.06 29.68
N LYS G 334 -67.88 -21.11 29.68
CA LYS G 334 -68.27 -22.37 30.28
C LYS G 334 -68.69 -22.21 31.75
N HIS G 335 -68.08 -21.29 32.47
CA HIS G 335 -68.45 -21.03 33.87
C HIS G 335 -69.45 -19.89 34.00
N SER G 336 -70.04 -19.48 32.87
CA SER G 336 -71.13 -18.51 32.76
C SER G 336 -70.65 -17.09 32.50
N ASP H 10 -19.31 7.78 56.80
CA ASP H 10 -18.24 7.97 55.77
C ASP H 10 -18.48 7.19 54.46
N VAL H 11 -18.40 7.86 53.32
CA VAL H 11 -18.67 7.23 52.03
C VAL H 11 -17.63 6.15 51.75
N ASN H 12 -18.05 5.11 51.04
CA ASN H 12 -17.13 4.05 50.70
C ASN H 12 -17.46 3.49 49.33
N THR H 13 -16.42 3.07 48.65
CA THR H 13 -16.53 2.46 47.33
C THR H 13 -16.03 1.04 47.38
N LEU H 14 -16.32 0.29 46.33
CA LEU H 14 -15.92 -1.10 46.30
C LEU H 14 -14.40 -1.23 46.42
N THR H 15 -13.67 -0.45 45.63
CA THR H 15 -12.23 -0.60 45.57
C THR H 15 -11.59 -0.27 46.91
N ARG H 16 -12.08 0.78 47.54
CA ARG H 16 -11.55 1.21 48.81
C ARG H 16 -11.90 0.18 49.89
N PHE H 17 -13.12 -0.32 49.86
CA PHE H 17 -13.57 -1.33 50.81
C PHE H 17 -12.71 -2.60 50.73
N VAL H 18 -12.48 -3.09 49.52
CA VAL H 18 -11.66 -4.28 49.30
C VAL H 18 -10.21 -4.06 49.75
N MET H 19 -9.61 -2.93 49.39
CA MET H 19 -8.24 -2.59 49.82
C MET H 19 -8.13 -2.59 51.33
N GLU H 20 -9.13 -2.01 51.97
CA GLU H 20 -9.18 -1.87 53.41
C GLU H 20 -9.23 -3.24 54.10
N GLU H 21 -10.02 -4.16 53.58
CA GLU H 21 -10.11 -5.52 54.13
C GLU H 21 -8.83 -6.31 53.79
N GLY H 22 -8.26 -6.07 52.63
CA GLY H 22 -7.00 -6.67 52.25
C GLY H 22 -5.88 -6.32 53.20
N ARG H 23 -5.80 -5.04 53.58
CA ARG H 23 -4.78 -4.58 54.53
C ARG H 23 -4.98 -5.20 55.91
N LYS H 24 -6.21 -5.22 56.39
CA LYS H 24 -6.52 -5.92 57.64
C LYS H 24 -6.00 -7.34 57.63
N ALA H 25 -6.27 -8.07 56.55
CA ALA H 25 -5.89 -9.48 56.44
C ALA H 25 -4.41 -9.63 56.16
N ARG H 26 -3.76 -8.53 55.79
CA ARG H 26 -2.32 -8.53 55.52
C ARG H 26 -1.92 -9.42 54.35
N GLY H 27 -2.79 -9.53 53.32
CA GLY H 27 -2.50 -10.34 52.14
C GLY H 27 -1.56 -9.63 51.19
N THR H 28 -1.19 -10.31 50.13
CA THR H 28 -0.22 -9.78 49.17
C THR H 28 -0.83 -8.85 48.14
N GLY H 29 -2.16 -8.81 48.06
CA GLY H 29 -2.88 -7.87 47.16
C GLY H 29 -3.45 -8.49 45.89
N GLU H 30 -3.17 -9.77 45.68
CA GLU H 30 -3.61 -10.45 44.48
C GLU H 30 -5.15 -10.50 44.38
N LEU H 31 -5.84 -10.78 45.48
CA LEU H 31 -7.30 -10.83 45.46
C LEU H 31 -7.90 -9.45 45.16
N THR H 32 -7.26 -8.42 45.69
CA THR H 32 -7.69 -7.05 45.44
C THR H 32 -7.54 -6.70 43.97
N GLN H 33 -6.45 -7.12 43.35
CA GLN H 33 -6.23 -6.85 41.93
C GLN H 33 -7.29 -7.55 41.09
N LEU H 34 -7.63 -8.76 41.51
CA LEU H 34 -8.64 -9.58 40.83
C LEU H 34 -10.02 -8.90 40.96
N LEU H 35 -10.39 -8.51 42.17
CA LEU H 35 -11.70 -7.93 42.38
C LEU H 35 -11.85 -6.59 41.68
N ASN H 36 -10.79 -5.79 41.68
CA ASN H 36 -10.81 -4.55 40.94
C ASN H 36 -10.99 -4.80 39.44
N SER H 37 -10.27 -5.79 38.91
CA SER H 37 -10.37 -6.11 37.50
C SER H 37 -11.76 -6.58 37.10
N LEU H 38 -12.34 -7.43 37.94
CA LEU H 38 -13.70 -7.91 37.76
C LEU H 38 -14.72 -6.76 37.76
N CYS H 39 -14.55 -5.85 38.70
CA CYS H 39 -15.38 -4.69 38.80
C CYS H 39 -15.34 -3.82 37.52
N THR H 40 -14.16 -3.63 36.94
CA THR H 40 -14.03 -2.93 35.68
C THR H 40 -14.78 -3.64 34.55
N ALA H 41 -14.62 -4.96 34.44
CA ALA H 41 -15.42 -5.71 33.48
C ALA H 41 -16.96 -5.53 33.70
N VAL H 42 -17.39 -5.53 34.96
CA VAL H 42 -18.81 -5.45 35.27
C VAL H 42 -19.38 -4.11 34.77
N LYS H 43 -18.60 -3.04 34.94
CA LYS H 43 -19.01 -1.74 34.48
C LYS H 43 -19.15 -1.71 32.96
N ALA H 44 -18.28 -2.43 32.27
CA ALA H 44 -18.29 -2.47 30.82
C ALA H 44 -19.47 -3.28 30.32
N ILE H 45 -19.78 -4.37 31.03
CA ILE H 45 -20.96 -5.18 30.73
C ILE H 45 -22.20 -4.33 30.92
N SER H 46 -22.27 -3.60 32.02
CA SER H 46 -23.45 -2.80 32.34
C SER H 46 -23.69 -1.78 31.23
N SER H 47 -22.64 -1.12 30.79
CA SER H 47 -22.75 -0.15 29.72
C SER H 47 -23.30 -0.76 28.42
N ALA H 48 -22.79 -1.93 28.06
CA ALA H 48 -23.29 -2.62 26.89
C ALA H 48 -24.71 -3.13 27.05
N VAL H 49 -25.04 -3.57 28.25
CA VAL H 49 -26.37 -4.11 28.51
C VAL H 49 -27.42 -3.01 28.42
N ARG H 50 -27.07 -1.81 28.90
CA ARG H 50 -27.97 -0.66 28.83
C ARG H 50 -27.99 -0.04 27.43
N LYS H 51 -27.23 -0.64 26.52
CA LYS H 51 -27.25 -0.34 25.07
C LYS H 51 -26.59 0.99 24.67
N ALA H 52 -25.55 1.37 25.40
CA ALA H 52 -24.74 2.52 25.01
C ALA H 52 -24.14 2.26 23.63
N GLY H 53 -24.24 3.23 22.72
CA GLY H 53 -23.71 3.07 21.37
C GLY H 53 -24.56 2.29 20.39
N ILE H 54 -25.81 1.97 20.75
CA ILE H 54 -26.68 1.21 19.86
C ILE H 54 -27.04 2.01 18.60
N ALA H 55 -27.11 3.33 18.73
CA ALA H 55 -27.30 4.20 17.57
C ALA H 55 -26.32 3.87 16.44
N HIS H 56 -25.09 3.49 16.79
CA HIS H 56 -24.07 3.15 15.80
C HIS H 56 -24.38 1.83 15.10
N LEU H 57 -24.95 0.90 15.84
CA LEU H 57 -25.44 -0.32 15.26
C LEU H 57 -26.63 -0.12 14.29
N TYR H 58 -27.39 0.95 14.45
CA TYR H 58 -28.55 1.22 13.58
C TYR H 58 -28.30 2.34 12.55
N GLY H 59 -27.03 2.62 12.26
CA GLY H 59 -26.66 3.44 11.10
C GLY H 59 -26.68 4.93 11.30
N ILE H 60 -26.48 5.41 12.53
CA ILE H 60 -26.45 6.86 12.77
C ILE H 60 -25.30 7.57 12.01
N ALA H 61 -24.22 6.84 11.75
CA ALA H 61 -23.12 7.34 10.94
C ALA H 61 -23.07 6.73 9.52
N GLY H 62 -24.15 6.11 9.02
CA GLY H 62 -24.23 5.67 7.62
C GLY H 62 -24.46 4.22 7.30
N LYS H 73 -24.35 -11.96 20.72
CA LYS H 73 -23.14 -11.14 20.81
C LYS H 73 -22.94 -10.57 22.22
N LEU H 74 -23.99 -10.16 22.94
CA LEU H 74 -23.85 -9.58 24.30
C LEU H 74 -23.22 -10.54 25.28
N ASP H 75 -23.64 -11.79 25.24
CA ASP H 75 -23.06 -12.79 26.12
C ASP H 75 -21.61 -13.16 25.75
N VAL H 76 -21.29 -13.12 24.46
CA VAL H 76 -19.94 -13.33 23.97
C VAL H 76 -19.02 -12.18 24.44
N LEU H 77 -19.47 -10.94 24.27
CA LEU H 77 -18.71 -9.75 24.68
C LEU H 77 -18.51 -9.74 26.19
N SER H 78 -19.55 -10.15 26.91
CA SER H 78 -19.50 -10.18 28.38
C SER H 78 -18.43 -11.16 28.81
N ASN H 79 -18.38 -12.31 28.14
CA ASN H 79 -17.40 -13.29 28.44
C ASN H 79 -16.02 -12.81 28.10
N ASP H 80 -15.86 -12.23 26.92
CA ASP H 80 -14.56 -11.63 26.51
C ASP H 80 -14.05 -10.60 27.53
N LEU H 81 -14.95 -9.75 28.03
CA LEU H 81 -14.57 -8.74 29.00
C LEU H 81 -14.03 -9.34 30.30
N VAL H 82 -14.76 -10.32 30.84
CA VAL H 82 -14.37 -10.94 32.10
C VAL H 82 -13.06 -11.69 31.90
N MET H 83 -13.00 -12.55 30.88
CA MET H 83 -11.81 -13.31 30.55
C MET H 83 -10.60 -12.39 30.44
N ASN H 84 -10.72 -11.36 29.62
CA ASN H 84 -9.60 -10.49 29.40
C ASN H 84 -9.18 -9.72 30.66
N MET H 85 -10.14 -9.18 31.41
CA MET H 85 -9.78 -8.45 32.61
C MET H 85 -9.18 -9.36 33.66
N LEU H 86 -9.70 -10.58 33.81
CA LEU H 86 -9.10 -11.51 34.78
C LEU H 86 -7.70 -11.97 34.36
N LYS H 87 -7.52 -12.36 33.09
CA LYS H 87 -6.22 -12.79 32.62
C LYS H 87 -5.17 -11.74 32.89
N SER H 88 -5.45 -10.53 32.49
CA SER H 88 -4.49 -9.47 32.64
C SER H 88 -4.39 -8.92 34.10
N SER H 89 -5.11 -9.52 35.06
CA SER H 89 -5.00 -9.10 36.47
C SER H 89 -3.78 -9.70 37.15
N PHE H 90 -3.13 -10.66 36.49
CA PHE H 90 -2.01 -11.40 37.05
C PHE H 90 -2.36 -12.14 38.33
N ALA H 91 -3.65 -12.39 38.56
CA ALA H 91 -4.10 -12.97 39.82
C ALA H 91 -4.78 -14.32 39.65
N THR H 92 -4.88 -14.83 38.43
CA THR H 92 -5.65 -16.06 38.17
C THR H 92 -4.84 -17.09 37.40
N CYS H 93 -5.21 -18.35 37.50
CA CYS H 93 -4.55 -19.43 36.74
C CYS H 93 -5.54 -20.30 35.94
N VAL H 94 -6.76 -20.44 36.47
CA VAL H 94 -7.79 -21.23 35.83
C VAL H 94 -9.09 -20.43 35.84
N LEU H 95 -9.74 -20.39 34.68
CA LEU H 95 -11.00 -19.68 34.55
C LEU H 95 -12.05 -20.61 33.94
N VAL H 96 -13.17 -20.79 34.65
CA VAL H 96 -14.29 -21.57 34.16
C VAL H 96 -15.44 -20.63 33.87
N SER H 97 -15.96 -20.74 32.66
CA SER H 97 -17.08 -19.91 32.21
C SER H 97 -18.23 -20.76 31.68
N GLU H 98 -19.44 -20.32 31.94
CA GLU H 98 -20.63 -20.88 31.30
C GLU H 98 -20.45 -21.00 29.77
N GLU H 99 -19.79 -20.03 29.17
CA GLU H 99 -19.60 -19.97 27.73
C GLU H 99 -18.60 -20.94 27.16
N ASP H 100 -17.71 -21.49 27.98
CA ASP H 100 -16.61 -22.31 27.46
C ASP H 100 -16.70 -23.74 27.94
N LYS H 101 -16.59 -24.68 27.01
CA LYS H 101 -16.74 -26.05 27.40
C LYS H 101 -15.59 -26.56 28.30
N HIS H 102 -14.37 -26.09 28.07
CA HIS H 102 -13.23 -26.45 28.93
C HIS H 102 -12.86 -25.25 29.75
N ALA H 103 -12.19 -25.53 30.86
CA ALA H 103 -11.55 -24.50 31.63
C ALA H 103 -10.46 -23.84 30.79
N ILE H 104 -10.25 -22.56 31.04
CA ILE H 104 -9.20 -21.80 30.38
C ILE H 104 -8.05 -21.74 31.36
N ILE H 105 -6.88 -22.17 30.87
CA ILE H 105 -5.65 -22.12 31.64
C ILE H 105 -4.90 -20.86 31.22
N VAL H 106 -4.66 -19.98 32.17
CA VAL H 106 -3.95 -18.72 31.92
C VAL H 106 -2.46 -18.93 31.54
N GLU H 107 -1.98 -18.21 30.53
CA GLU H 107 -0.60 -18.33 30.08
C GLU H 107 0.35 -18.09 31.26
N PRO H 108 1.50 -18.79 31.28
CA PRO H 108 2.42 -18.80 32.43
C PRO H 108 2.82 -17.43 32.99
N GLU H 109 3.07 -16.46 32.12
CA GLU H 109 3.61 -15.17 32.58
C GLU H 109 2.50 -14.29 33.22
N LYS H 110 1.25 -14.72 33.12
CA LYS H 110 0.14 -13.98 33.73
C LYS H 110 -0.52 -14.73 34.88
N ARG H 111 0.09 -15.83 35.30
CA ARG H 111 -0.54 -16.73 36.24
C ARG H 111 -0.46 -16.21 37.66
N GLY H 112 -1.58 -16.26 38.39
CA GLY H 112 -1.62 -15.93 39.80
C GLY H 112 -2.31 -17.06 40.51
N LYS H 113 -2.63 -16.88 41.79
CA LYS H 113 -3.00 -18.01 42.65
C LYS H 113 -4.50 -18.37 42.71
N TYR H 114 -5.36 -17.67 42.01
CA TYR H 114 -6.82 -17.89 42.12
C TYR H 114 -7.47 -18.56 40.91
N VAL H 115 -8.52 -19.33 41.23
CA VAL H 115 -9.38 -19.97 40.26
C VAL H 115 -10.73 -19.24 40.29
N VAL H 116 -11.26 -18.90 39.13
CA VAL H 116 -12.52 -18.17 39.06
C VAL H 116 -13.52 -18.88 38.17
N CYS H 117 -14.72 -19.11 38.71
CA CYS H 117 -15.85 -19.70 37.98
C CYS H 117 -16.89 -18.63 37.85
N PHE H 118 -17.38 -18.41 36.62
CA PHE H 118 -18.37 -17.36 36.41
C PHE H 118 -19.38 -17.66 35.32
N ASP H 119 -20.54 -17.03 35.46
CA ASP H 119 -21.52 -16.91 34.37
C ASP H 119 -21.54 -15.42 33.97
N PRO H 120 -21.02 -15.07 32.79
CA PRO H 120 -20.79 -13.65 32.46
C PRO H 120 -22.09 -12.87 32.26
N LEU H 121 -23.10 -13.53 31.70
CA LEU H 121 -24.38 -12.87 31.53
C LEU H 121 -25.55 -13.84 31.70
N ASP H 122 -25.88 -14.10 32.95
CA ASP H 122 -26.95 -14.99 33.26
C ASP H 122 -28.29 -14.37 32.96
N GLY H 123 -29.20 -15.20 32.44
CA GLY H 123 -30.53 -14.79 32.06
C GLY H 123 -30.62 -14.26 30.64
N SER H 124 -29.52 -14.32 29.91
CA SER H 124 -29.37 -13.60 28.62
C SER H 124 -30.14 -14.23 27.48
N SER H 125 -30.55 -15.49 27.64
CA SER H 125 -31.42 -16.10 26.64
C SER H 125 -32.74 -15.29 26.46
N ASN H 126 -33.19 -14.62 27.53
CA ASN H 126 -34.41 -13.79 27.53
C ASN H 126 -34.16 -12.28 27.45
N ILE H 127 -32.95 -11.87 27.06
CA ILE H 127 -32.61 -10.45 27.03
C ILE H 127 -33.40 -9.63 25.98
N ASP H 128 -34.03 -10.34 25.03
CA ASP H 128 -34.86 -9.74 24.00
C ASP H 128 -36.05 -9.01 24.62
N CYS H 129 -36.48 -9.44 25.79
CA CYS H 129 -37.58 -8.78 26.46
C CYS H 129 -37.13 -7.81 27.55
N LEU H 130 -35.82 -7.59 27.65
CA LEU H 130 -35.23 -6.59 28.55
C LEU H 130 -35.44 -6.92 30.03
N VAL H 131 -35.55 -8.20 30.31
CA VAL H 131 -35.54 -8.73 31.66
C VAL H 131 -34.18 -8.42 32.29
N SER H 132 -34.17 -8.20 33.60
CA SER H 132 -32.94 -8.15 34.38
C SER H 132 -32.01 -9.31 34.04
N VAL H 133 -30.73 -8.99 33.85
CA VAL H 133 -29.69 -10.00 33.67
C VAL H 133 -28.60 -9.71 34.69
N GLY H 134 -27.61 -10.59 34.76
CA GLY H 134 -26.57 -10.47 35.78
C GLY H 134 -25.32 -11.30 35.50
N THR H 135 -24.30 -11.04 36.31
CA THR H 135 -23.03 -11.73 36.22
C THR H 135 -22.84 -12.40 37.56
N ILE H 136 -22.45 -13.68 37.56
CA ILE H 136 -22.25 -14.44 38.82
C ILE H 136 -20.80 -14.89 38.84
N PHE H 137 -20.16 -14.84 40.01
CA PHE H 137 -18.77 -15.28 40.12
C PHE H 137 -18.48 -15.94 41.46
N GLY H 138 -17.56 -16.90 41.41
CA GLY H 138 -17.01 -17.55 42.61
C GLY H 138 -15.50 -17.67 42.48
N ILE H 139 -14.80 -17.38 43.56
CA ILE H 139 -13.34 -17.31 43.58
C ILE H 139 -12.78 -18.28 44.59
N TYR H 140 -11.88 -19.14 44.12
CA TYR H 140 -11.21 -20.14 44.97
C TYR H 140 -9.72 -19.91 44.92
N ARG H 141 -9.02 -20.27 45.99
CA ARG H 141 -7.56 -20.38 45.95
C ARG H 141 -7.16 -21.71 45.30
N LYS H 142 -6.18 -21.68 44.41
CA LYS H 142 -5.63 -22.92 43.84
C LYS H 142 -4.98 -23.70 44.97
N LYS H 143 -5.35 -24.97 45.10
CA LYS H 143 -4.95 -25.80 46.28
C LYS H 143 -3.61 -26.52 46.16
N SER H 144 -3.25 -27.02 44.98
CA SER H 144 -1.99 -27.74 44.80
C SER H 144 -0.98 -26.87 44.04
N THR H 145 0.29 -27.34 43.98
CA THR H 145 1.33 -26.68 43.21
C THR H 145 1.49 -27.33 41.81
N ASP H 146 0.64 -28.30 41.47
CA ASP H 146 0.71 -28.93 40.15
C ASP H 146 0.43 -27.92 39.06
N GLU H 147 0.73 -28.32 37.83
CA GLU H 147 0.40 -27.53 36.68
C GLU H 147 -1.08 -27.26 36.75
N PRO H 148 -1.50 -26.01 36.47
CA PRO H 148 -2.93 -25.73 36.60
C PRO H 148 -3.74 -26.49 35.58
N SER H 149 -4.89 -26.98 36.01
CA SER H 149 -5.78 -27.72 35.13
C SER H 149 -7.23 -27.58 35.60
N GLU H 150 -8.16 -28.16 34.82
CA GLU H 150 -9.59 -28.16 35.17
C GLU H 150 -9.81 -28.65 36.60
N LYS H 151 -8.97 -29.57 37.07
CA LYS H 151 -9.11 -30.20 38.38
C LYS H 151 -9.10 -29.18 39.51
N ASP H 152 -8.40 -28.08 39.30
CA ASP H 152 -8.31 -27.04 40.31
C ASP H 152 -9.64 -26.31 40.56
N ALA H 153 -10.56 -26.41 39.61
CA ALA H 153 -11.89 -25.80 39.73
C ALA H 153 -12.93 -26.72 40.41
N LEU H 154 -12.60 -27.99 40.60
CA LEU H 154 -13.53 -28.96 41.19
C LEU H 154 -13.42 -28.97 42.71
N GLN H 155 -13.67 -27.83 43.32
CA GLN H 155 -13.66 -27.72 44.77
C GLN H 155 -15.08 -27.55 45.27
N PRO H 156 -15.37 -28.00 46.50
CA PRO H 156 -16.68 -27.72 47.07
C PRO H 156 -16.81 -26.24 47.39
N GLY H 157 -18.03 -25.74 47.32
CA GLY H 157 -18.32 -24.37 47.61
C GLY H 157 -17.81 -23.87 48.93
N ARG H 158 -17.69 -24.78 49.92
CA ARG H 158 -17.16 -24.42 51.23
C ARG H 158 -15.81 -23.74 51.12
N ASN H 159 -15.05 -24.08 50.08
CA ASN H 159 -13.70 -23.51 49.89
C ASN H 159 -13.66 -22.10 49.27
N LEU H 160 -14.82 -21.56 48.94
CA LEU H 160 -14.86 -20.23 48.37
C LEU H 160 -14.21 -19.18 49.28
N VAL H 161 -13.37 -18.36 48.66
CA VAL H 161 -12.73 -17.24 49.31
C VAL H 161 -13.58 -16.00 49.18
N ALA H 162 -14.22 -15.85 48.02
CA ALA H 162 -15.18 -14.75 47.79
C ALA H 162 -16.15 -15.13 46.68
N ALA H 163 -17.35 -14.57 46.74
CA ALA H 163 -18.34 -14.84 45.71
C ALA H 163 -19.34 -13.73 45.63
N GLY H 164 -20.05 -13.66 44.51
CA GLY H 164 -21.13 -12.71 44.41
C GLY H 164 -21.69 -12.52 43.03
N TYR H 165 -22.35 -11.39 42.82
CA TYR H 165 -23.01 -11.17 41.54
C TYR H 165 -23.21 -9.69 41.29
N ALA H 166 -23.29 -9.34 40.01
CA ALA H 166 -23.78 -8.05 39.58
C ALA H 166 -25.15 -8.25 38.97
N LEU H 167 -26.11 -7.46 39.42
CA LEU H 167 -27.45 -7.45 38.86
C LEU H 167 -27.62 -6.23 37.99
N TYR H 168 -27.92 -6.45 36.71
CA TYR H 168 -28.21 -5.36 35.78
C TYR H 168 -29.71 -5.24 35.71
N GLY H 169 -30.25 -4.55 36.72
CA GLY H 169 -31.70 -4.38 36.88
C GLY H 169 -32.13 -2.95 36.56
N SER H 170 -33.07 -2.44 37.33
CA SER H 170 -33.50 -1.04 37.20
C SER H 170 -32.33 -0.15 37.49
N ALA H 171 -31.43 -0.63 38.34
CA ALA H 171 -30.08 -0.07 38.45
C ALA H 171 -29.10 -1.25 38.52
N THR H 172 -27.81 -0.96 38.46
CA THR H 172 -26.76 -1.99 38.52
C THR H 172 -26.18 -2.07 39.96
N MET H 173 -26.26 -3.25 40.58
CA MET H 173 -25.75 -3.46 41.92
C MET H 173 -24.78 -4.64 41.92
N LEU H 174 -23.69 -4.49 42.67
CA LEU H 174 -22.76 -5.60 42.92
C LEU H 174 -22.89 -6.07 44.36
N VAL H 175 -23.11 -7.36 44.52
CA VAL H 175 -23.24 -7.99 45.83
C VAL H 175 -22.04 -8.89 46.03
N LEU H 176 -21.29 -8.62 47.10
CA LEU H 176 -20.02 -9.28 47.38
C LEU H 176 -20.08 -9.92 48.75
N ALA H 177 -19.87 -11.23 48.76
CA ALA H 177 -19.80 -12.00 50.00
C ALA H 177 -18.38 -12.49 50.20
N MET H 178 -17.91 -12.33 51.43
CA MET H 178 -16.61 -12.85 51.86
C MET H 178 -16.77 -13.28 53.30
N ASP H 179 -15.66 -13.65 53.95
CA ASP H 179 -15.71 -14.04 55.35
C ASP H 179 -16.34 -12.98 56.26
N CYS H 180 -16.06 -11.71 55.97
CA CYS H 180 -16.60 -10.59 56.76
C CYS H 180 -18.11 -10.34 56.60
N GLY H 181 -18.76 -11.06 55.68
CA GLY H 181 -20.20 -10.91 55.43
C GLY H 181 -20.55 -10.50 54.02
N VAL H 182 -21.81 -10.08 53.85
CA VAL H 182 -22.32 -9.69 52.55
C VAL H 182 -22.49 -8.17 52.50
N ASN H 183 -21.96 -7.59 51.42
CA ASN H 183 -22.03 -6.12 51.19
C ASN H 183 -22.49 -5.77 49.77
N CYS H 184 -23.36 -4.75 49.69
CA CYS H 184 -24.02 -4.38 48.46
C CYS H 184 -23.58 -3.00 47.99
N PHE H 185 -23.17 -2.92 46.71
CA PHE H 185 -22.63 -1.71 46.13
C PHE H 185 -23.43 -1.31 44.90
N MET H 186 -23.91 -0.06 44.86
CA MET H 186 -24.66 0.44 43.71
C MET H 186 -23.74 1.15 42.75
N LEU H 187 -23.82 0.82 41.46
CA LEU H 187 -23.05 1.54 40.45
C LEU H 187 -23.68 2.90 40.17
N ASP H 188 -22.90 3.95 40.34
CA ASP H 188 -23.31 5.32 39.99
C ASP H 188 -22.77 5.58 38.59
N PRO H 189 -23.65 5.51 37.57
CA PRO H 189 -23.17 5.58 36.21
C PRO H 189 -22.66 6.97 35.83
N ALA H 190 -23.00 8.00 36.59
CA ALA H 190 -22.43 9.34 36.37
C ALA H 190 -20.89 9.38 36.57
N ILE H 191 -20.37 8.54 37.46
CA ILE H 191 -18.94 8.56 37.78
C ILE H 191 -18.26 7.22 37.62
N GLY H 192 -19.04 6.17 37.37
CA GLY H 192 -18.49 4.83 37.25
C GLY H 192 -17.81 4.34 38.51
N GLU H 193 -18.46 4.53 39.65
CA GLU H 193 -18.02 3.95 40.93
C GLU H 193 -19.10 3.12 41.54
N PHE H 194 -18.68 2.07 42.23
CA PHE H 194 -19.57 1.28 43.03
C PHE H 194 -19.59 1.81 44.46
N ILE H 195 -20.74 2.31 44.89
CA ILE H 195 -20.91 2.97 46.19
C ILE H 195 -21.51 1.95 47.13
N LEU H 196 -20.88 1.78 48.31
CA LEU H 196 -21.43 0.92 49.34
C LEU H 196 -22.73 1.49 49.92
N VAL H 197 -23.83 0.78 49.76
CA VAL H 197 -25.13 1.25 50.20
C VAL H 197 -25.85 0.34 51.20
N ASP H 198 -25.44 -0.92 51.31
CA ASP H 198 -25.97 -1.84 52.33
C ASP H 198 -24.86 -2.68 52.94
N LYS H 199 -24.63 -2.50 54.23
CA LYS H 199 -23.50 -3.14 54.92
C LYS H 199 -23.91 -4.39 55.68
N ASP H 200 -23.11 -5.44 55.55
CA ASP H 200 -23.26 -6.63 56.38
C ASP H 200 -24.70 -7.09 56.42
N VAL H 201 -25.22 -7.36 55.24
CA VAL H 201 -26.66 -7.63 55.09
C VAL H 201 -27.04 -9.07 55.54
N LYS H 202 -28.23 -9.15 56.13
CA LYS H 202 -28.73 -10.38 56.66
C LYS H 202 -30.14 -10.62 56.15
N ILE H 203 -30.41 -11.86 55.75
CA ILE H 203 -31.72 -12.22 55.23
C ILE H 203 -32.75 -12.39 56.37
N LYS H 204 -34.01 -12.10 56.10
CA LYS H 204 -35.08 -12.39 57.07
C LYS H 204 -35.12 -13.86 57.44
N LYS H 205 -35.47 -14.12 58.69
CA LYS H 205 -35.66 -15.46 59.21
C LYS H 205 -36.71 -16.24 58.44
N LYS H 206 -37.79 -15.55 58.10
CA LYS H 206 -38.89 -16.10 57.33
C LYS H 206 -39.51 -15.03 56.43
N GLY H 207 -39.91 -15.42 55.22
CA GLY H 207 -40.46 -14.48 54.25
C GLY H 207 -41.89 -14.83 53.85
N LYS H 208 -42.37 -14.17 52.80
CA LYS H 208 -43.76 -14.32 52.34
C LYS H 208 -43.87 -14.50 50.82
N ILE H 209 -42.77 -14.90 50.17
CA ILE H 209 -42.74 -15.06 48.72
C ILE H 209 -42.03 -16.34 48.37
N TYR H 210 -42.61 -17.11 47.46
CA TYR H 210 -41.96 -18.28 46.93
C TYR H 210 -41.74 -18.04 45.45
N SER H 211 -40.69 -18.65 44.90
CA SER H 211 -40.25 -18.36 43.54
C SER H 211 -39.76 -19.60 42.84
N LEU H 212 -40.54 -20.05 41.88
CA LEU H 212 -40.13 -21.11 40.97
C LEU H 212 -41.02 -21.10 39.74
N ASN H 213 -40.59 -21.80 38.70
CA ASN H 213 -41.39 -21.97 37.49
C ASN H 213 -42.46 -23.05 37.68
N GLU H 214 -43.70 -22.62 37.97
CA GLU H 214 -44.82 -23.56 38.19
C GLU H 214 -45.39 -24.14 36.89
N GLY H 215 -44.89 -23.67 35.75
CA GLY H 215 -45.29 -24.24 34.48
C GLY H 215 -44.91 -25.70 34.32
N TYR H 216 -43.90 -26.14 35.06
CA TYR H 216 -43.46 -27.53 35.04
C TYR H 216 -44.02 -28.36 36.16
N ALA H 217 -45.19 -27.95 36.65
CA ALA H 217 -45.86 -28.60 37.76
C ALA H 217 -46.12 -30.08 37.50
N ARG H 218 -46.39 -30.43 36.26
CA ARG H 218 -46.66 -31.81 35.95
C ARG H 218 -45.45 -32.70 36.19
N ASP H 219 -44.26 -32.12 36.19
CA ASP H 219 -43.05 -32.89 36.41
C ASP H 219 -42.48 -32.77 37.81
N PHE H 220 -43.11 -31.99 38.69
CA PHE H 220 -42.63 -31.85 40.05
C PHE H 220 -42.51 -33.15 40.82
N ASP H 221 -41.44 -33.26 41.60
CA ASP H 221 -41.34 -34.21 42.69
C ASP H 221 -42.53 -33.97 43.64
N PRO H 222 -43.08 -35.02 44.24
CA PRO H 222 -44.24 -34.83 45.11
C PRO H 222 -43.98 -33.94 46.33
N ALA H 223 -42.73 -33.93 46.81
CA ALA H 223 -42.33 -33.02 47.88
C ALA H 223 -42.56 -31.55 47.49
N VAL H 224 -42.17 -31.23 46.26
CA VAL H 224 -42.26 -29.86 45.77
C VAL H 224 -43.75 -29.54 45.62
N THR H 225 -44.51 -30.46 45.03
CA THR H 225 -45.95 -30.28 44.87
C THR H 225 -46.59 -29.97 46.21
N GLU H 226 -46.28 -30.75 47.22
CA GLU H 226 -46.87 -30.52 48.53
C GLU H 226 -46.41 -29.19 49.14
N TYR H 227 -45.13 -28.87 49.02
CA TYR H 227 -44.62 -27.64 49.63
C TYR H 227 -45.35 -26.43 49.04
N ILE H 228 -45.46 -26.40 47.72
CA ILE H 228 -46.10 -25.29 47.04
C ILE H 228 -47.57 -25.20 47.39
N GLN H 229 -48.23 -26.35 47.48
CA GLN H 229 -49.61 -26.41 47.98
C GLN H 229 -49.79 -25.72 49.32
N ARG H 230 -48.85 -25.95 50.22
CA ARG H 230 -48.92 -25.33 51.54
C ARG H 230 -48.68 -23.82 51.53
N LYS H 231 -47.98 -23.33 50.51
CA LYS H 231 -47.75 -21.90 50.37
C LYS H 231 -49.02 -21.19 49.89
N LYS H 232 -49.76 -21.84 49.00
CA LYS H 232 -51.06 -21.33 48.49
C LYS H 232 -52.26 -21.59 49.40
N PHE H 233 -52.26 -22.75 50.08
CA PHE H 233 -53.39 -23.18 50.91
C PHE H 233 -52.86 -23.56 52.27
N PRO H 234 -52.51 -22.56 53.08
CA PRO H 234 -51.83 -22.87 54.32
C PRO H 234 -52.74 -23.62 55.28
N PRO H 235 -52.26 -24.76 55.79
CA PRO H 235 -53.06 -25.56 56.72
C PRO H 235 -53.48 -24.77 57.97
N ASP H 236 -52.59 -23.93 58.47
CA ASP H 236 -52.89 -23.18 59.70
C ASP H 236 -53.72 -21.95 59.33
N ASN H 237 -53.75 -20.90 60.16
CA ASN H 237 -54.69 -19.80 59.85
C ASN H 237 -54.10 -18.74 58.93
N SER H 238 -52.90 -18.95 58.38
CA SER H 238 -52.10 -17.80 57.94
C SER H 238 -52.30 -17.41 56.47
N ALA H 239 -51.80 -16.24 56.12
CA ALA H 239 -51.99 -15.71 54.77
C ALA H 239 -51.18 -16.52 53.79
N PRO H 240 -51.71 -16.73 52.57
CA PRO H 240 -50.89 -17.36 51.53
C PRO H 240 -49.70 -16.51 51.11
N TYR H 241 -48.63 -17.19 50.71
CA TYR H 241 -47.42 -16.52 50.16
C TYR H 241 -47.73 -15.90 48.79
N GLY H 242 -46.99 -14.85 48.43
CA GLY H 242 -47.05 -14.31 47.10
C GLY H 242 -46.13 -15.13 46.21
N ALA H 243 -46.36 -15.07 44.92
CA ALA H 243 -45.46 -15.71 43.96
C ALA H 243 -44.74 -14.68 43.06
N ARG H 244 -43.45 -14.87 42.83
CA ARG H 244 -42.66 -14.05 41.87
C ARG H 244 -41.64 -14.92 41.20
N TYR H 245 -41.56 -14.83 39.87
CA TYR H 245 -40.59 -15.61 39.11
C TYR H 245 -40.21 -14.86 37.86
N VAL H 246 -39.06 -14.19 37.94
CA VAL H 246 -38.54 -13.40 36.85
C VAL H 246 -38.03 -14.29 35.74
N GLY H 247 -37.40 -15.40 36.10
CA GLY H 247 -36.84 -16.32 35.13
C GLY H 247 -35.39 -16.05 34.89
N SER H 248 -34.85 -15.19 35.71
CA SER H 248 -33.45 -14.83 35.63
C SER H 248 -32.96 -14.95 37.06
N MET H 249 -32.04 -15.89 37.27
CA MET H 249 -31.69 -16.29 38.59
C MET H 249 -31.17 -15.17 39.52
N VAL H 250 -30.31 -14.31 38.98
CA VAL H 250 -29.74 -13.26 39.76
C VAL H 250 -30.84 -12.37 40.33
N ALA H 251 -31.87 -12.10 39.53
CA ALA H 251 -32.95 -11.20 39.93
C ALA H 251 -33.79 -11.85 40.97
N ASP H 252 -34.09 -13.12 40.78
CA ASP H 252 -34.89 -13.88 41.74
C ASP H 252 -34.17 -14.06 43.07
N VAL H 253 -32.88 -14.39 43.01
CA VAL H 253 -32.07 -14.56 44.20
C VAL H 253 -31.90 -13.25 44.95
N HIS H 254 -31.69 -12.16 44.22
CA HIS H 254 -31.49 -10.91 44.88
C HIS H 254 -32.76 -10.47 45.61
N ARG H 255 -33.90 -10.65 44.97
CA ARG H 255 -35.18 -10.32 45.63
C ARG H 255 -35.35 -11.18 46.91
N THR H 256 -34.93 -12.42 46.81
CA THR H 256 -35.00 -13.32 47.93
C THR H 256 -34.12 -12.78 49.07
N LEU H 257 -32.91 -12.33 48.76
CA LEU H 257 -32.04 -11.77 49.76
C LEU H 257 -32.66 -10.53 50.41
N VAL H 258 -33.22 -9.66 49.57
CA VAL H 258 -33.70 -8.38 50.02
C VAL H 258 -35.03 -8.46 50.78
N TYR H 259 -35.99 -9.23 50.26
CA TYR H 259 -37.35 -9.32 50.87
C TYR H 259 -37.54 -10.58 51.70
N GLY H 260 -36.64 -11.56 51.55
CA GLY H 260 -36.78 -12.85 52.21
C GLY H 260 -37.63 -13.77 51.37
N GLY H 261 -37.78 -15.00 51.83
CA GLY H 261 -38.61 -15.97 51.15
C GLY H 261 -37.80 -17.16 50.69
N ILE H 262 -38.25 -17.79 49.61
CA ILE H 262 -37.64 -18.99 49.10
C ILE H 262 -37.62 -19.05 47.57
N PHE H 263 -36.51 -19.57 47.05
CA PHE H 263 -36.33 -19.76 45.62
C PHE H 263 -35.99 -21.22 45.39
N LEU H 264 -36.61 -21.79 44.37
CA LEU H 264 -36.46 -23.19 44.07
C LEU H 264 -36.24 -23.44 42.59
N TYR H 265 -35.18 -24.19 42.27
CA TYR H 265 -35.04 -24.83 40.96
C TYR H 265 -34.66 -26.28 41.26
N PRO H 266 -35.69 -27.07 41.57
CA PRO H 266 -35.46 -28.37 42.16
C PRO H 266 -35.23 -29.48 41.15
N ALA H 267 -34.87 -30.65 41.69
CA ALA H 267 -34.77 -31.87 40.89
C ALA H 267 -36.15 -32.48 40.64
N ASN H 268 -36.32 -33.07 39.46
CA ASN H 268 -37.51 -33.90 39.14
C ASN H 268 -37.05 -35.24 38.55
N LYS H 269 -37.94 -36.01 37.97
CA LYS H 269 -37.50 -37.29 37.42
C LYS H 269 -36.77 -37.12 36.08
N LYS H 270 -37.24 -36.18 35.28
CA LYS H 270 -36.59 -35.81 34.03
C LYS H 270 -35.19 -35.15 34.19
N SER H 271 -35.02 -34.40 35.27
CA SER H 271 -33.75 -33.71 35.60
C SER H 271 -33.33 -34.06 37.04
N PRO H 272 -32.74 -35.24 37.25
CA PRO H 272 -32.47 -35.68 38.63
C PRO H 272 -31.38 -34.87 39.33
N ASN H 273 -30.60 -34.13 38.54
CA ASN H 273 -29.57 -33.27 39.09
C ASN H 273 -29.90 -31.79 38.94
N GLY H 274 -31.18 -31.47 38.73
CA GLY H 274 -31.57 -30.08 38.55
C GLY H 274 -31.14 -29.52 37.21
N LYS H 275 -31.31 -28.20 37.01
CA LYS H 275 -30.96 -27.51 35.74
C LYS H 275 -29.82 -26.51 35.91
N LEU H 276 -29.72 -25.87 37.07
CA LEU H 276 -28.71 -24.82 37.26
C LEU H 276 -27.33 -25.44 37.49
N ARG H 277 -26.29 -24.68 37.16
CA ARG H 277 -24.91 -25.18 37.18
C ARG H 277 -24.28 -24.97 38.51
N LEU H 278 -23.58 -25.99 39.01
CA LEU H 278 -23.12 -25.94 40.40
C LEU H 278 -22.03 -24.89 40.61
N LEU H 279 -21.04 -24.85 39.72
CA LEU H 279 -19.82 -24.09 40.00
C LEU H 279 -20.00 -22.59 39.94
N TYR H 280 -20.78 -22.14 38.96
CA TYR H 280 -20.89 -20.71 38.69
C TYR H 280 -22.32 -20.14 38.78
N GLU H 281 -23.26 -20.95 39.27
CA GLU H 281 -24.61 -20.44 39.56
C GLU H 281 -24.96 -20.82 41.01
N CYS H 282 -25.02 -22.12 41.32
CA CYS H 282 -25.49 -22.55 42.62
C CYS H 282 -24.54 -22.21 43.76
N ASN H 283 -23.26 -22.49 43.59
CA ASN H 283 -22.31 -22.25 44.66
C ASN H 283 -22.21 -20.79 45.07
N PRO H 284 -21.99 -19.88 44.10
CA PRO H 284 -21.86 -18.48 44.53
C PRO H 284 -23.11 -17.98 45.25
N MET H 285 -24.26 -18.38 44.78
CA MET H 285 -25.52 -17.92 45.42
C MET H 285 -25.73 -18.54 46.78
N ALA H 286 -25.31 -19.78 46.92
CA ALA H 286 -25.36 -20.47 48.21
C ALA H 286 -24.41 -19.82 49.20
N TYR H 287 -23.22 -19.47 48.74
CA TYR H 287 -22.26 -18.77 49.59
C TYR H 287 -22.83 -17.44 50.09
N VAL H 288 -23.37 -16.63 49.18
CA VAL H 288 -23.97 -15.35 49.53
C VAL H 288 -25.08 -15.54 50.53
N MET H 289 -25.97 -16.50 50.25
CA MET H 289 -27.04 -16.85 51.20
C MET H 289 -26.53 -17.22 52.58
N GLU H 290 -25.54 -18.12 52.64
CA GLU H 290 -25.05 -18.57 53.94
C GLU H 290 -24.38 -17.44 54.71
N LYS H 291 -23.63 -16.59 54.03
CA LYS H 291 -23.00 -15.46 54.71
C LYS H 291 -24.02 -14.44 55.19
N ALA H 292 -25.20 -14.44 54.58
CA ALA H 292 -26.29 -13.55 54.99
C ALA H 292 -27.19 -14.19 56.03
N GLY H 293 -26.82 -15.37 56.50
CA GLY H 293 -27.63 -16.11 57.48
C GLY H 293 -28.82 -16.85 56.88
N GLY H 294 -28.74 -17.21 55.61
CA GLY H 294 -29.76 -18.01 54.96
C GLY H 294 -29.30 -19.44 54.79
N MET H 295 -30.02 -20.20 53.98
CA MET H 295 -29.67 -21.59 53.69
C MET H 295 -29.78 -21.91 52.20
N ALA H 296 -29.09 -22.96 51.81
CA ALA H 296 -29.13 -23.44 50.42
C ALA H 296 -28.86 -24.93 50.37
N THR H 297 -29.85 -25.67 49.88
CA THR H 297 -29.83 -27.13 49.92
C THR H 297 -30.17 -27.70 48.56
N THR H 298 -29.67 -28.90 48.29
CA THR H 298 -30.06 -29.67 47.10
C THR H 298 -31.30 -30.49 47.40
N GLY H 299 -31.70 -30.51 48.68
CA GLY H 299 -32.66 -31.50 49.17
C GLY H 299 -31.94 -32.56 50.00
N LYS H 300 -30.89 -33.14 49.46
CA LYS H 300 -30.09 -34.15 50.14
C LYS H 300 -28.97 -33.57 50.98
N GLU H 301 -28.38 -32.45 50.57
CA GLU H 301 -27.28 -31.85 51.34
C GLU H 301 -27.13 -30.36 51.06
N ALA H 302 -26.32 -29.68 51.86
CA ALA H 302 -25.95 -28.29 51.58
C ALA H 302 -25.26 -28.22 50.22
N VAL H 303 -25.64 -27.22 49.43
CA VAL H 303 -25.06 -27.00 48.11
C VAL H 303 -23.56 -26.86 48.20
N LEU H 304 -23.11 -26.14 49.21
CA LEU H 304 -21.69 -25.89 49.41
C LEU H 304 -20.87 -27.14 49.79
N ASP H 305 -21.53 -28.24 50.17
CA ASP H 305 -20.85 -29.51 50.48
C ASP H 305 -20.74 -30.47 49.31
N VAL H 306 -21.36 -30.16 48.18
CA VAL H 306 -21.24 -31.04 47.03
C VAL H 306 -19.81 -30.97 46.47
N ILE H 307 -19.19 -32.13 46.28
CA ILE H 307 -17.87 -32.20 45.68
C ILE H 307 -18.08 -32.44 44.19
N PRO H 308 -17.78 -31.44 43.38
CA PRO H 308 -17.99 -31.61 41.96
C PRO H 308 -17.04 -32.61 41.32
N THR H 309 -17.49 -33.26 40.25
CA THR H 309 -16.62 -34.10 39.41
C THR H 309 -16.54 -33.63 37.95
N ASP H 310 -17.40 -32.68 37.57
CA ASP H 310 -17.42 -32.09 36.24
C ASP H 310 -17.71 -30.59 36.38
N ILE H 311 -16.99 -29.75 35.64
CA ILE H 311 -17.12 -28.28 35.80
C ILE H 311 -18.47 -27.70 35.39
N HIS H 312 -19.16 -28.36 34.48
CA HIS H 312 -20.48 -27.91 34.05
C HIS H 312 -21.60 -28.76 34.64
N GLN H 313 -21.30 -29.47 35.74
CA GLN H 313 -22.32 -30.32 36.35
C GLN H 313 -23.46 -29.49 36.98
N ARG H 314 -24.66 -30.06 36.94
CA ARG H 314 -25.84 -29.40 37.44
C ARG H 314 -26.09 -29.77 38.88
N ALA H 315 -26.95 -28.98 39.51
CA ALA H 315 -27.36 -29.24 40.89
C ALA H 315 -28.78 -28.68 41.16
N PRO H 316 -29.60 -29.44 41.89
CA PRO H 316 -30.87 -28.89 42.34
C PRO H 316 -30.57 -27.86 43.38
N VAL H 317 -31.44 -26.85 43.52
CA VAL H 317 -31.22 -25.82 44.52
C VAL H 317 -32.50 -25.26 45.09
N ILE H 318 -32.51 -25.14 46.40
CA ILE H 318 -33.57 -24.51 47.14
C ILE H 318 -32.89 -23.62 48.17
N LEU H 319 -33.17 -22.31 48.12
CA LEU H 319 -32.45 -21.38 48.96
C LEU H 319 -33.31 -20.24 49.39
N GLY H 320 -32.82 -19.54 50.41
CA GLY H 320 -33.51 -18.38 50.95
C GLY H 320 -33.49 -18.31 52.48
N SER H 321 -34.59 -17.78 53.03
CA SER H 321 -34.75 -17.60 54.45
C SER H 321 -34.67 -18.96 55.13
N PRO H 322 -34.02 -19.02 56.30
CA PRO H 322 -33.81 -20.31 56.98
C PRO H 322 -35.12 -21.05 57.34
N ASP H 323 -36.09 -20.38 57.91
CA ASP H 323 -37.34 -21.02 58.28
C ASP H 323 -38.05 -21.63 57.08
N ASP H 324 -37.99 -20.94 55.94
CA ASP H 324 -38.65 -21.44 54.73
C ASP H 324 -37.94 -22.66 54.16
N VAL H 325 -36.61 -22.61 54.11
CA VAL H 325 -35.84 -23.75 53.63
C VAL H 325 -35.99 -24.97 54.54
N LEU H 326 -35.99 -24.74 55.85
CA LEU H 326 -36.19 -25.81 56.82
C LEU H 326 -37.58 -26.47 56.67
N GLU H 327 -38.60 -25.64 56.47
CA GLU H 327 -39.95 -26.16 56.19
C GLU H 327 -39.98 -27.03 54.92
N PHE H 328 -39.30 -26.57 53.88
CA PHE H 328 -39.22 -27.35 52.66
C PHE H 328 -38.53 -28.69 52.96
N LEU H 329 -37.47 -28.67 53.77
CA LEU H 329 -36.76 -29.90 54.09
C LEU H 329 -37.61 -30.90 54.88
N LYS H 330 -38.37 -30.42 55.83
CA LYS H 330 -39.34 -31.23 56.50
C LYS H 330 -40.26 -31.97 55.56
N VAL H 331 -40.85 -31.27 54.61
CA VAL H 331 -41.69 -31.93 53.59
C VAL H 331 -40.89 -32.88 52.70
N TYR H 332 -39.67 -32.50 52.36
CA TYR H 332 -38.80 -33.37 51.55
C TYR H 332 -38.55 -34.69 52.26
N GLU H 333 -38.28 -34.65 53.57
CA GLU H 333 -38.01 -35.84 54.37
C GLU H 333 -39.23 -36.77 54.45
N LYS H 334 -40.40 -36.15 54.59
CA LYS H 334 -41.66 -36.89 54.62
C LYS H 334 -41.84 -37.73 53.35
N HIS H 335 -41.30 -37.28 52.22
CA HIS H 335 -41.37 -38.07 50.98
C HIS H 335 -40.10 -38.88 50.71
N SER H 336 -39.17 -38.96 51.66
CA SER H 336 -37.87 -39.69 51.32
C SER H 336 -37.96 -41.22 51.50
N3 2C1 I . 38.96 -32.25 -15.56
C5 2C1 I . 39.25 -31.71 -16.73
C6 2C1 I . 40.80 -32.07 -18.52
C7 2C1 I . 42.32 -32.90 -20.05
C8 2C1 I . 37.72 -29.26 -14.26
C10 2C1 I . 38.82 -28.88 -12.39
N12 2C1 I . 43.30 -33.76 -20.38
C13 2C1 I . 38.10 -28.39 -13.38
C15 2C1 I . 40.35 -31.10 -19.42
C28 2C1 I . 43.85 -36.02 -17.47
S1 2C1 I . 37.85 -31.78 -14.69
C2 2C1 I . 38.08 -30.43 -13.90
S4 2C1 I . 38.84 -30.50 -12.40
N9 2C1 I . 41.73 -32.95 -18.86
N11 2C1 I . 40.28 -32.30 -17.31
C14 2C1 I . 43.80 -34.74 -19.60
C16 2C1 I . 41.92 -31.94 -20.98
O17 2C1 I . 37.70 -32.82 -13.77
O18 2C1 I . 36.60 -31.84 -15.37
C19 2C1 I . 40.91 -30.99 -20.69
O20 2C1 I . 38.63 -30.76 -17.19
O21 2C1 I . 44.69 -35.41 -20.07
N22 2C1 I . 43.38 -34.99 -18.37
C23 2C1 I . 39.40 -28.11 -11.25
BR1 2C1 I . 40.37 -29.67 -22.00
C25 2C1 I . 37.75 -26.92 -13.39
O26 2C1 I . 38.73 -27.74 -9.00
C27 2C1 I . 38.25 -28.19 -10.24
C29 2C1 I . 37.80 -28.01 -7.94
N3 2C1 J . 6.05 17.86 -34.94
C5 2C1 J . 6.09 16.81 -35.73
C6 2C1 J . 5.41 16.28 -37.98
C7 2C1 J . 4.49 16.17 -40.12
C8 2C1 J . 6.17 16.10 -31.81
C10 2C1 J . 4.45 16.66 -30.62
N12 2C1 J . 3.76 16.69 -41.14
C13 2C1 J . 5.33 15.71 -30.92
C15 2C1 J . 5.99 15.00 -38.12
C28 2C1 J . 2.60 20.07 -40.18
S1 2C1 J . 6.65 17.97 -33.54
C2 2C1 J . 5.88 17.27 -32.33
S4 2C1 J . 4.60 18.00 -31.55
N9 2C1 J . 4.69 16.84 -38.97
N11 2C1 J . 5.56 17.05 -36.90
C14 2C1 J . 3.16 17.88 -41.23
C16 2C1 J . 5.04 14.90 -40.29
O17 2C1 J . 6.74 19.38 -33.35
O18 2C1 J . 8.02 17.50 -33.62
C19 2C1 J . 5.81 14.26 -39.30
O20 2C1 J . 6.60 15.76 -35.40
O21 2C1 J . 2.56 18.13 -42.26
N22 2C1 J . 3.20 18.75 -40.23
C23 2C1 J . 3.40 16.64 -29.55
BR1 2C1 J . 6.57 12.48 -39.55
C25 2C1 J . 5.34 14.32 -30.31
O26 2C1 J . 4.14 16.91 -27.34
C27 2C1 J . 3.76 17.67 -28.48
C29 2C1 J . 3.91 17.59 -26.10
N3 2C1 K . 42.01 -34.26 -26.54
C5 2C1 K . 41.11 -33.83 -25.65
C6 2C1 K . 40.19 -34.38 -23.48
C7 2C1 K . 39.77 -35.15 -21.30
C8 2C1 K . 40.52 -33.26 -29.60
C10 2C1 K . 40.50 -34.98 -30.94
N12 2C1 K . 40.06 -36.02 -20.29
C13 2C1 K . 40.00 -33.80 -30.61
C15 2C1 K . 39.16 -33.42 -23.34
C28 2C1 K . 42.85 -38.10 -21.55
S1 2C1 K . 42.41 -33.61 -27.86
C2 2C1 K . 41.49 -33.97 -29.12
S4 2C1 K . 41.76 -35.39 -29.99
N9 2C1 K . 40.45 -35.19 -22.46
N11 2C1 K . 41.01 -34.58 -24.55
C14 2C1 K . 41.02 -36.97 -20.30
C16 2C1 K . 38.75 -34.21 -21.13
O17 2C1 K . 43.73 -34.10 -28.05
O18 2C1 K . 42.71 -32.20 -27.67
C19 2C1 K . 38.40 -33.31 -22.15
O20 2C1 K . 40.45 -32.84 -25.91
O21 2C1 K . 41.19 -37.68 -19.34
N22 2C1 K . 41.79 -37.14 -21.37
C23 2C1 K . 40.09 -35.88 -32.07
BR1 2C1 K . 36.96 -32.03 -21.90
C25 2C1 K . 38.90 -33.17 -31.41
O26 2C1 K . 41.43 -36.10 -34.09
C27 2C1 K . 40.49 -35.27 -33.41
C29 2C1 K . 40.74 -37.07 -34.90
N3 2C1 L . 7.17 14.51 -45.93
C5 2C1 L . 7.67 14.57 -44.71
C6 2C1 L . 7.93 16.16 -42.90
C7 2C1 L . 7.75 17.96 -41.40
C8 2C1 L . 9.40 12.29 -47.38
C10 2C1 L . 10.27 13.35 -49.08
N12 2C1 L . 7.34 19.21 -41.09
C13 2C1 L . 10.40 12.43 -48.14
C15 2C1 L . 8.62 15.38 -41.94
C28 2C1 L . 5.57 20.57 -43.98
S1 2C1 L . 7.09 13.27 -46.84
C2 2C1 L . 8.44 13.08 -47.69
S4 2C1 L . 8.76 13.96 -49.09
N9 2C1 L . 7.50 17.39 -42.60
N11 2C1 L . 7.56 15.76 -44.14
C14 2C1 L . 6.67 20.05 -41.89
C16 2C1 L . 8.45 17.22 -40.43
O17 2C1 L . 5.91 13.50 -47.64
O18 2C1 L . 6.83 12.06 -46.10
C19 2C1 L . 8.92 15.90 -40.66
O20 2C1 L . 8.17 13.59 -44.17
O21 2C1 L . 6.35 21.16 -41.52
N22 2C1 L . 6.30 19.69 -43.11
C23 2C1 L . 11.30 13.85 -50.06
BR1 2C1 L . 9.87 14.95 -39.24
C25 2C1 L . 11.63 11.58 -48.02
O26 2C1 L . 10.47 13.20 -52.20
C27 2C1 L . 11.41 12.87 -51.21
C29 2C1 L . 10.58 12.33 -53.32
N3 2C1 M . -41.69 25.16 10.47
C5 2C1 M . -42.18 24.51 11.52
C6 2C1 M . -44.24 23.66 12.38
C7 2C1 M . -46.45 23.11 12.97
C8 2C1 M . -38.61 26.35 11.98
C10 2C1 M . -38.58 28.57 11.92
N12 2C1 M . -47.79 23.28 12.81
C13 2C1 M . -38.12 27.45 12.47
C15 2C1 M . -43.74 22.78 13.35
C28 2C1 M . -48.28 25.62 9.98
S1 2C1 M . -40.23 25.48 10.15
C2 2C1 M . -39.44 26.56 11.00
S4 2C1 M . -39.58 28.20 10.68
N9 2C1 M . -45.57 23.74 12.19
N11 2C1 M . -43.48 24.32 11.48
C14 2C1 M . -48.40 24.05 11.89
C16 2C1 M . -45.97 22.27 13.97
O17 2C1 M . -40.26 25.83 8.77
O18 2C1 M . -39.55 24.22 10.20
C19 2C1 M . -44.60 22.08 14.21
O20 2C1 M . -41.52 24.13 12.46
O21 2C1 M . -49.61 24.10 11.85
N22 2C1 M . -47.72 24.77 11.00
C23 2C1 M . -38.34 30.00 12.33
BR1 2C1 M . -43.94 20.90 15.62
C25 2C1 M . -37.12 27.49 13.60
O26 2C1 M . -36.54 30.48 10.90
C27 2C1 M . -37.90 30.80 11.13
C29 2C1 M . -35.73 31.53 11.41
N3 2C1 N . 2.20 0.64 48.35
C5 2C1 N . 1.33 -0.17 47.79
C6 2C1 N . 0.80 -2.57 47.89
C7 2C1 N . 0.61 -4.86 48.39
C8 2C1 N . 2.08 2.95 45.71
C10 2C1 N . 4.13 3.37 44.99
N12 2C1 N . 1.10 -5.99 49.00
C13 2C1 N . 2.80 3.35 44.74
C15 2C1 N . -0.39 -2.61 47.15
C28 2C1 N . 4.20 -5.01 50.77
S1 2C1 N . 2.26 2.15 48.15
C2 2C1 N . 2.79 2.65 46.74
S4 2C1 N . 4.45 2.84 46.48
N9 2C1 N . 1.24 -3.68 48.50
N11 2C1 N . 1.51 -1.44 48.15
C14 2C1 N . 2.22 -6.10 49.75
C16 2C1 N . -0.57 -4.93 47.63
O17 2C1 N . 3.17 2.58 49.17
O18 2C1 N . 0.95 2.63 48.52
C19 2C1 N . -1.11 -3.80 46.99
O20 2C1 N . 0.48 0.21 46.97
O21 2C1 N . 2.52 -7.17 50.21
N22 2C1 N . 2.99 -5.05 49.98
C23 2C1 N . 5.27 3.79 44.11
BR1 2C1 N . -2.73 -3.84 45.95
C25 2C1 N . 2.25 3.82 43.41
O26 2C1 N . 6.84 5.55 43.63
C27 2C1 N . 5.62 5.25 44.33
C29 2C1 N . 6.82 5.34 42.21
N3 2C1 O . -49.25 17.40 14.19
C5 2C1 O . -47.98 17.61 13.86
C6 2C1 O . -46.76 18.88 12.17
C7 2C1 O . -45.97 20.39 10.56
C8 2C1 O . -48.77 14.34 15.71
C10 2C1 O . -50.00 12.82 14.71
N12 2C1 O . -46.20 21.21 9.50
C13 2C1 O . -48.90 13.14 15.36
C15 2C1 O . -45.45 18.71 12.68
C28 2C1 O . -49.85 21.17 8.99
S1 2C1 O . -49.79 16.61 15.37
C2 2C1 O . -49.73 15.05 15.26
S4 2C1 O . -50.93 14.14 14.54
N9 2C1 O . -46.98 19.75 11.18
N11 2C1 O . -47.86 18.36 12.76
C14 2C1 O . -47.39 21.49 8.98
C16 2C1 O . -44.66 20.21 11.00
O17 2C1 O . -51.13 17.08 15.45
O18 2C1 O . -49.09 17.09 16.55
C19 2C1 O . -44.37 19.36 12.08
O20 2C1 O . -47.07 17.12 14.49
O21 2C1 O . -47.48 22.24 8.06
N22 2C1 O . -48.49 20.94 9.46
C23 2C1 O . -50.37 11.48 14.14
BR1 2C1 O . -42.56 19.09 12.72
C25 2C1 O . -47.86 12.10 15.65
O26 2C1 O . -51.85 10.65 15.87
C27 2C1 O . -51.79 11.09 14.52
C29 2C1 O . -52.96 9.78 15.98
N3 2C1 P . -4.48 -8.61 50.12
C5 2C1 P . -4.46 -7.34 49.87
C6 2C1 P . -3.05 -5.42 50.45
C7 2C1 P . -1.48 -3.95 51.36
C8 2C1 P . -7.95 -8.92 49.85
C10 2C1 P . -8.79 -9.75 51.65
N12 2C1 P . -0.38 -3.74 52.13
C13 2C1 P . -8.94 -8.99 50.63
C15 2C1 P . -3.72 -4.36 49.79
C28 2C1 P . 0.69 -7.06 53.45
S1 2C1 P . -5.50 -9.57 49.58
C2 2C1 P . -6.93 -9.53 50.28
S4 2C1 P . -7.29 -10.36 51.66
N9 2C1 P . -1.97 -5.18 51.21
N11 2C1 P . -3.41 -6.74 50.43
C14 2C1 P . 0.33 -4.67 52.80
C16 2C1 P . -2.11 -2.88 50.73
O17 2C1 P . -4.92 -10.87 49.78
O18 2C1 P . -5.63 -9.40 48.13
C19 2C1 P . -3.25 -3.04 49.91
O20 2C1 P . -5.33 -6.83 49.17
O21 2C1 P . 1.29 -4.33 53.44
N22 2C1 P . 0.01 -5.97 52.77
C23 2C1 P . -9.81 -10.10 52.70
BR1 2C1 P . -4.11 -1.53 49.02
C25 2C1 P . -10.21 -8.27 50.35
O26 2C1 P . -10.46 -12.46 52.86
C27 2C1 P . -10.67 -11.24 52.15
C29 2C1 P . -11.17 -13.53 52.22
#